data_6JO8
#
_entry.id   6JO8
#
_cell.length_a   208.790
_cell.length_b   208.790
_cell.length_c   299.739
_cell.angle_alpha   90.00
_cell.angle_beta   90.00
_cell.angle_gamma   120.00
#
_symmetry.space_group_name_H-M   'P 31 2 1'
#
loop_
_entity.id
_entity.type
_entity.pdbx_description
1 polymer Togavirin
2 polymer 'CHIKV E1'
3 polymer 'Matrix remodeling-associated protein 8'
4 branched 2-acetamido-2-deoxy-alpha-D-glucopyranose-(1-4)-2-acetamido-2-deoxy-beta-D-glucopyranose
5 non-polymer 2-acetamido-2-deoxy-beta-D-glucopyranose
#
loop_
_entity_poly.entity_id
_entity_poly.type
_entity_poly.pdbx_seq_one_letter_code
_entity_poly.pdbx_strand_id
1 'polypeptide(L)'
;MSLAIPVMCLLANTTFPCSQPPCTPCCYEKEPEETLRMLEDNVMRPGYYQLLQASLTCSPHRQRRSTKDNFNVYKATRPY
LAHCPDCGEGHSCHSPVALERIRNEATDGTLKIQVSLQIGIKTDDSHDWTKLRYMDNHMPADAERAGLFVRTSAPCTITG
TMGHFILARCPKGETLTVGFTDSRKISHSCTHPFHHDPPVIGREKFHSRPQHGKELPCSTYVQSTAATTEEIEVHMPPDT
PDRTLMSQQSGNVKITVNGQTVRYKCNCGGSNEGLTTTDKVINNCKVDQCHAAVTNHKKWQYNSPLVPRNAELGDRKGKI
HIPFPLANVTCRVPKARNPTVTYGKNQVIMLLYPDHPTLLSYRNMGEEPNYQEEWVMHKKEVVLTVPTEGLEVTWGNNEP
YKYWPQ
;
A,C,E
2 'polypeptide(L)'
;GGGGSGGGGSGGGGSGGGGSYEHVTVIPNTVGVPYKTLVNRPGYSPMVLEMELLSVTLEPTLSLDYITCEYKTVIPSPYV
KCCGTAECKDKNLPDYSCKVFTGVYPFMWGGAYCFCDAENTQLSEAHVEKSESCKTEFASAYRAHTASASAKLRVLYQGN
NITVTAYANGDHAVTVKDAKFIVGPMSSAWTPFDNKIVVYKGDVYNMDYPPFGAGRPGQFGDIQSRTPESKDVYANTQLV
LQRPAAGTVHVPYSQAPSGFKYWLKERGASLQHTAPFGCQIATNPVRAVNCAVGNMPISIDIPEAAFTRVVDAPSLTDMS
CEVPACTHSSDFGGVAIIKYAASKKGKCAVHSMTNAVTIREAEIEVEGNSQLQISFSTALASAEFRVQVCSTQVHCAAEC
HPPKDHIVNYPASHTTLGVQDISATAMSWVQK
;
B,D,F
3 'polypeptide(L)'
;MGSSVPAAAGSSVVSESAVSWEAGARAVLRCQSPRMVWTQDRLHDRQRVLHWDLRGPGGGPARRLLDLYSAGEQRVYEAR
DRGRLELSASAFDDGNFSLLIRAVEETDAGLYTCNLHHHYCHLYESLAVRLEVTDGPPATPAYWDGEKEVLAVARGAPAL
LTCVNRGHVWTDRHVEEAQQVVHWDRQPPGVPHDRADRLLDLYASGERRAYGPLFLRDRVAVGADAFERGDFSLRIEPLE
VADEGTYSCHLHHHYCGLHERRVFHLTVA
;
M,N,O
#
loop_
_chem_comp.id
_chem_comp.type
_chem_comp.name
_chem_comp.formula
NAG D-saccharide, beta linking 2-acetamido-2-deoxy-beta-D-glucopyranose 'C8 H15 N O6'
NDG D-saccharide, alpha linking 2-acetamido-2-deoxy-alpha-D-glucopyranose 'C8 H15 N O6'
#
# COMPACT_ATOMS: atom_id res chain seq x y z
N PRO A 6 36.09 11.29 43.94
CA PRO A 6 37.30 12.03 43.56
C PRO A 6 37.80 11.67 42.16
N VAL A 7 36.97 11.91 41.15
CA VAL A 7 37.29 11.59 39.76
C VAL A 7 37.83 12.84 39.09
N MET A 8 39.02 12.74 38.50
CA MET A 8 39.76 13.90 38.03
C MET A 8 39.74 13.97 36.51
N CYS A 9 39.69 15.20 35.99
CA CYS A 9 39.83 15.49 34.58
C CYS A 9 41.09 16.32 34.36
N LEU A 10 41.56 16.34 33.11
CA LEU A 10 42.82 16.97 32.75
C LEU A 10 42.58 18.13 31.79
N LEU A 11 43.33 19.24 31.97
CA LEU A 11 43.27 20.29 30.96
C LEU A 11 44.29 20.06 29.84
N ALA A 12 45.56 20.39 30.10
CA ALA A 12 46.68 20.01 29.24
C ALA A 12 47.93 19.79 30.08
N ASN A 13 47.91 20.31 31.31
CA ASN A 13 49.02 20.17 32.23
C ASN A 13 48.58 20.00 33.67
N THR A 14 47.27 19.97 33.94
CA THR A 14 46.75 20.04 35.30
C THR A 14 45.62 19.05 35.46
N THR A 15 45.29 18.75 36.72
CA THR A 15 44.18 17.89 37.08
C THR A 15 43.23 18.64 38.00
N PHE A 16 41.98 18.21 38.00
CA PHE A 16 40.92 18.85 38.79
C PHE A 16 39.70 17.94 38.75
N PRO A 17 38.80 18.08 39.73
CA PRO A 17 37.56 17.29 39.70
C PRO A 17 36.76 17.58 38.44
N CYS A 18 36.24 16.51 37.83
CA CYS A 18 35.52 16.65 36.57
C CYS A 18 34.23 17.45 36.74
N SER A 19 33.60 17.36 37.91
CA SER A 19 32.35 18.06 38.14
C SER A 19 32.53 19.53 38.53
N GLN A 20 33.77 20.01 38.63
CA GLN A 20 34.05 21.39 38.99
C GLN A 20 35.24 21.90 38.20
N PRO A 21 35.03 22.27 36.95
CA PRO A 21 36.13 22.82 36.13
C PRO A 21 36.47 24.24 36.56
N PRO A 22 37.60 24.79 36.09
CA PRO A 22 38.01 26.13 36.53
C PRO A 22 37.19 27.27 35.93
N CYS A 23 36.41 27.03 34.88
CA CYS A 23 35.65 28.08 34.22
C CYS A 23 34.27 28.32 34.84
N THR A 24 33.97 27.67 35.95
CA THR A 24 32.64 27.76 36.53
C THR A 24 32.38 29.17 37.07
N PRO A 25 31.13 29.66 36.97
CA PRO A 25 30.02 28.99 36.30
C PRO A 25 29.88 29.43 34.84
N CYS A 26 28.98 28.79 34.10
CA CYS A 26 28.68 29.16 32.71
C CYS A 26 29.95 29.11 31.85
N CYS A 27 30.53 27.91 31.75
CA CYS A 27 31.79 27.74 31.05
C CYS A 27 31.67 28.11 29.57
N TYR A 28 30.63 27.59 28.91
CA TYR A 28 30.48 27.82 27.48
C TYR A 28 30.34 29.31 27.17
N GLU A 29 29.45 30.00 27.88
CA GLU A 29 29.18 31.39 27.58
C GLU A 29 30.42 32.26 27.81
N LYS A 30 31.30 31.86 28.72
CA LYS A 30 32.53 32.61 28.94
C LYS A 30 33.47 32.48 27.75
N GLU A 31 33.93 31.26 27.47
CA GLU A 31 34.84 30.99 26.35
C GLU A 31 34.36 29.76 25.60
N PRO A 32 33.72 29.94 24.44
CA PRO A 32 33.21 28.80 23.69
C PRO A 32 34.28 27.84 23.22
N GLU A 33 35.27 28.38 22.48
CA GLU A 33 36.28 27.52 21.87
C GLU A 33 37.11 26.80 22.92
N GLU A 34 37.47 27.49 24.01
CA GLU A 34 38.25 26.86 25.06
C GLU A 34 37.47 25.75 25.75
N THR A 35 36.16 25.96 25.94
CA THR A 35 35.35 24.96 26.63
C THR A 35 35.20 23.69 25.82
N LEU A 36 35.05 23.82 24.50
CA LEU A 36 34.90 22.64 23.65
C LEU A 36 36.19 21.82 23.61
N ARG A 37 37.35 22.49 23.46
CA ARG A 37 38.62 21.78 23.49
C ARG A 37 38.80 21.03 24.80
N MET A 38 38.36 21.64 25.92
CA MET A 38 38.46 20.96 27.21
C MET A 38 37.65 19.68 27.22
N LEU A 39 36.43 19.72 26.67
CA LEU A 39 35.63 18.51 26.58
C LEU A 39 36.26 17.49 25.65
N GLU A 40 36.80 17.94 24.52
CA GLU A 40 37.40 17.03 23.56
C GLU A 40 38.58 16.28 24.15
N ASP A 41 39.45 16.99 24.88
CA ASP A 41 40.64 16.37 25.44
C ASP A 41 40.32 15.38 26.55
N ASN A 42 39.13 15.46 27.14
CA ASN A 42 38.73 14.57 28.22
C ASN A 42 37.67 13.57 27.77
N VAL A 43 37.57 13.30 26.47
CA VAL A 43 36.47 12.46 25.97
C VAL A 43 36.64 11.02 26.41
N MET A 44 37.88 10.56 26.61
CA MET A 44 38.13 9.18 27.00
C MET A 44 38.07 8.97 28.51
N ARG A 45 38.15 10.04 29.30
CA ARG A 45 38.14 9.90 30.74
C ARG A 45 36.75 9.50 31.23
N PRO A 46 36.67 8.81 32.38
CA PRO A 46 35.36 8.32 32.84
C PRO A 46 34.42 9.42 33.28
N GLY A 47 34.94 10.51 33.82
CA GLY A 47 34.09 11.59 34.31
C GLY A 47 33.78 12.62 33.25
N TYR A 48 33.88 12.24 31.97
CA TYR A 48 33.57 13.17 30.89
C TYR A 48 32.14 13.67 31.00
N TYR A 49 31.19 12.75 31.12
CA TYR A 49 29.79 13.15 31.22
C TYR A 49 29.52 13.97 32.48
N GLN A 50 30.35 13.85 33.51
CA GLN A 50 30.29 14.79 34.62
C GLN A 50 30.76 16.17 34.18
N LEU A 51 31.85 16.23 33.42
CA LEU A 51 32.35 17.51 32.92
C LEU A 51 31.34 18.16 31.99
N LEU A 52 30.63 17.34 31.19
CA LEU A 52 29.64 17.88 30.27
C LEU A 52 28.48 18.50 31.04
N GLN A 53 27.97 17.81 32.06
CA GLN A 53 26.84 18.33 32.82
C GLN A 53 27.22 19.59 33.60
N ALA A 54 28.50 19.74 33.93
CA ALA A 54 28.95 20.88 34.74
C ALA A 54 29.48 22.05 33.92
N SER A 55 29.97 21.79 32.71
CA SER A 55 30.56 22.84 31.88
C SER A 55 29.62 23.33 30.79
N LEU A 56 28.37 22.87 30.77
CA LEU A 56 27.37 23.38 29.83
C LEU A 56 26.15 23.98 30.50
N THR A 57 25.92 23.71 31.79
CA THR A 57 24.80 24.31 32.49
C THR A 57 25.16 25.71 32.97
N CYS A 58 24.15 26.56 33.07
CA CYS A 58 24.38 27.96 33.44
C CYS A 58 23.10 28.51 34.06
N SER A 59 23.07 28.59 35.39
CA SER A 59 21.89 29.06 36.11
C SER A 59 22.17 30.41 36.76
N PRO A 60 21.19 31.32 36.79
CA PRO A 60 21.32 32.61 37.46
C PRO A 60 20.89 32.58 38.93
N ASP A 69 17.47 21.62 36.36
CA ASP A 69 18.77 22.21 36.05
C ASP A 69 18.76 22.85 34.67
N ASN A 70 19.62 23.86 34.48
CA ASN A 70 19.72 24.58 33.21
C ASN A 70 20.70 23.92 32.25
N PHE A 71 21.00 22.63 32.44
CA PHE A 71 21.90 21.92 31.54
C PHE A 71 21.21 21.69 30.21
N ASN A 72 21.59 22.45 29.19
CA ASN A 72 21.00 22.37 27.86
C ASN A 72 22.12 22.11 26.85
N VAL A 73 22.34 20.85 26.52
CA VAL A 73 23.45 20.48 25.65
C VAL A 73 23.32 21.12 24.27
N TYR A 74 22.09 21.36 23.81
CA TYR A 74 21.86 21.83 22.45
C TYR A 74 22.38 23.24 22.20
N LYS A 75 22.98 23.90 23.20
CA LYS A 75 23.67 25.15 22.96
C LYS A 75 24.98 24.94 22.21
N ALA A 76 25.55 23.73 22.27
CA ALA A 76 26.81 23.43 21.61
C ALA A 76 26.64 22.74 20.26
N THR A 77 25.48 22.14 20.01
CA THR A 77 25.19 21.48 18.74
C THR A 77 24.40 22.40 17.82
N ARG A 78 24.19 21.95 16.58
CA ARG A 78 23.49 22.75 15.59
C ARG A 78 23.02 21.83 14.47
N PRO A 79 22.00 22.24 13.72
CA PRO A 79 21.64 21.48 12.52
C PRO A 79 22.64 21.73 11.40
N TYR A 80 22.48 20.96 10.33
CA TYR A 80 23.47 20.99 9.24
C TYR A 80 22.85 20.46 7.97
N LEU A 81 23.51 20.76 6.85
CA LEU A 81 23.14 20.26 5.54
C LEU A 81 23.99 19.04 5.21
N ALA A 82 23.39 18.06 4.55
CA ALA A 82 24.09 16.85 4.16
C ALA A 82 23.51 16.36 2.84
N HIS A 83 24.18 15.38 2.25
CA HIS A 83 23.74 14.83 0.98
C HIS A 83 22.52 13.95 1.17
N CYS A 84 21.55 14.08 0.25
CA CYS A 84 20.38 13.21 0.22
C CYS A 84 20.18 12.72 -1.21
N PRO A 85 20.01 11.41 -1.42
CA PRO A 85 19.90 10.89 -2.78
C PRO A 85 18.60 11.28 -3.48
N ASP A 86 17.46 11.12 -2.82
CA ASP A 86 16.17 11.41 -3.43
C ASP A 86 15.47 12.49 -2.61
N CYS A 87 15.59 13.74 -3.07
CA CYS A 87 14.91 14.87 -2.47
C CYS A 87 13.53 15.10 -3.07
N GLY A 88 12.94 14.08 -3.67
CA GLY A 88 11.74 14.28 -4.47
C GLY A 88 12.10 14.71 -5.88
N GLU A 89 11.32 14.26 -6.86
CA GLU A 89 11.59 14.51 -8.27
C GLU A 89 12.89 13.88 -8.73
N GLY A 90 13.31 12.81 -8.07
CA GLY A 90 14.44 12.02 -8.52
C GLY A 90 15.82 12.50 -8.13
N HIS A 91 16.17 13.73 -8.51
CA HIS A 91 17.54 14.19 -8.37
C HIS A 91 17.96 14.32 -6.91
N SER A 92 19.27 14.42 -6.70
CA SER A 92 19.87 14.52 -5.38
C SER A 92 20.17 15.98 -5.04
N CYS A 93 20.13 16.29 -3.75
CA CYS A 93 20.26 17.67 -3.30
C CYS A 93 20.92 17.70 -1.93
N HIS A 94 21.46 18.87 -1.58
CA HIS A 94 21.96 19.12 -0.23
C HIS A 94 20.77 19.45 0.66
N SER A 95 20.31 18.46 1.41
CA SER A 95 19.07 18.65 2.14
C SER A 95 19.33 19.01 3.59
N PRO A 96 18.53 19.93 4.16
CA PRO A 96 18.59 20.18 5.60
C PRO A 96 17.79 19.19 6.43
N VAL A 97 17.14 18.21 5.80
CA VAL A 97 16.43 17.15 6.47
C VAL A 97 17.04 15.79 6.10
N ALA A 98 18.30 15.80 5.71
CA ALA A 98 18.98 14.56 5.30
C ALA A 98 18.99 13.54 6.44
N LEU A 99 18.93 12.26 6.05
CA LEU A 99 18.94 11.16 7.01
C LEU A 99 20.35 10.69 7.30
N GLU A 100 20.54 10.14 8.49
CA GLU A 100 21.83 9.60 8.91
C GLU A 100 21.78 8.10 9.17
N ARG A 101 20.77 7.62 9.89
CA ARG A 101 20.59 6.19 10.08
C ARG A 101 19.17 5.92 10.56
N ILE A 102 18.64 4.77 10.14
CA ILE A 102 17.33 4.30 10.56
C ILE A 102 17.53 3.05 11.39
N ARG A 103 16.78 2.95 12.49
CA ARG A 103 16.92 1.83 13.42
C ARG A 103 15.60 1.10 13.53
N ASN A 104 15.64 -0.23 13.34
CA ASN A 104 14.45 -1.07 13.38
C ASN A 104 14.62 -2.22 14.38
N GLU A 105 15.38 -1.99 15.45
CA GLU A 105 15.62 -3.05 16.43
C GLU A 105 14.40 -3.31 17.31
N ALA A 106 13.45 -2.38 17.34
CA ALA A 106 12.26 -2.56 18.16
C ALA A 106 11.39 -3.68 17.57
N THR A 107 10.95 -4.58 18.45
CA THR A 107 10.15 -5.71 17.97
C THR A 107 8.75 -5.29 17.56
N ASP A 108 8.24 -4.20 18.11
CA ASP A 108 6.92 -3.70 17.72
C ASP A 108 6.96 -2.92 16.42
N GLY A 109 8.14 -2.62 15.89
CA GLY A 109 8.26 -1.93 14.63
C GLY A 109 8.47 -0.43 14.72
N THR A 110 8.62 0.11 15.94
CA THR A 110 8.88 1.54 16.08
C THR A 110 10.22 1.89 15.47
N LEU A 111 10.21 2.79 14.48
CA LEU A 111 11.44 3.23 13.83
C LEU A 111 12.03 4.41 14.59
N LYS A 112 13.35 4.38 14.76
CA LYS A 112 14.09 5.46 15.41
C LYS A 112 14.93 6.13 14.33
N ILE A 113 14.39 7.21 13.76
CA ILE A 113 15.01 7.90 12.63
C ILE A 113 15.87 9.04 13.16
N GLN A 114 17.03 9.23 12.53
CA GLN A 114 17.97 10.28 12.91
C GLN A 114 18.25 11.16 11.69
N VAL A 115 18.00 12.47 11.84
CA VAL A 115 18.09 13.40 10.73
C VAL A 115 19.02 14.55 11.09
N SER A 116 19.27 15.42 10.11
CA SER A 116 20.26 16.48 10.21
C SER A 116 19.68 17.79 10.74
N LEU A 117 18.39 17.85 11.06
CA LEU A 117 17.82 18.99 11.76
C LEU A 117 17.59 18.62 13.22
N GLN A 118 17.27 19.64 14.02
CA GLN A 118 17.07 19.46 15.45
C GLN A 118 15.65 19.88 15.80
N ILE A 119 14.88 18.95 16.34
CA ILE A 119 13.50 19.21 16.72
C ILE A 119 13.45 19.60 18.19
N GLY A 120 12.59 20.57 18.51
CA GLY A 120 12.41 21.00 19.88
C GLY A 120 13.35 22.09 20.35
N ILE A 121 14.21 22.59 19.47
CA ILE A 121 15.15 23.65 19.81
C ILE A 121 15.00 24.79 18.82
N LYS A 122 14.96 26.02 19.33
CA LYS A 122 14.99 27.21 18.48
C LYS A 122 16.45 27.62 18.24
N THR A 123 16.63 28.69 17.46
CA THR A 123 17.99 29.17 17.19
C THR A 123 18.66 29.71 18.46
N ASP A 124 17.89 30.29 19.37
CA ASP A 124 18.41 30.79 20.64
C ASP A 124 18.63 29.68 21.67
N ASP A 125 18.62 28.41 21.24
CA ASP A 125 18.91 27.23 22.05
C ASP A 125 17.85 26.95 23.10
N SER A 126 16.73 27.67 23.09
CA SER A 126 15.68 27.41 24.06
C SER A 126 14.85 26.19 23.62
N HIS A 127 14.15 25.60 24.58
CA HIS A 127 13.32 24.43 24.34
C HIS A 127 11.90 24.85 24.01
N ASP A 128 11.38 24.31 22.91
CA ASP A 128 10.01 24.59 22.48
C ASP A 128 9.60 23.48 21.52
N TRP A 129 8.51 22.78 21.84
CA TRP A 129 8.13 21.62 21.04
C TRP A 129 7.49 22.02 19.73
N THR A 130 6.83 23.18 19.66
CA THR A 130 6.19 23.60 18.42
C THR A 130 7.17 24.11 17.38
N LYS A 131 8.48 24.06 17.65
CA LYS A 131 9.48 24.60 16.74
C LYS A 131 10.61 23.60 16.56
N LEU A 132 11.31 23.73 15.44
CA LEU A 132 12.54 22.98 15.18
C LEU A 132 13.47 23.88 14.40
N ARG A 133 14.76 23.59 14.46
CA ARG A 133 15.76 24.40 13.78
C ARG A 133 16.50 23.58 12.73
N TYR A 134 16.51 24.11 11.50
CA TYR A 134 17.31 23.61 10.40
C TYR A 134 18.41 24.61 10.10
N MET A 135 19.17 24.35 9.04
CA MET A 135 20.27 25.22 8.62
C MET A 135 19.93 25.87 7.28
N ASP A 136 20.09 27.18 7.19
CA ASP A 136 19.84 27.90 5.94
C ASP A 136 21.13 28.60 5.51
N ASN A 137 22.03 27.82 4.92
CA ASN A 137 23.17 28.24 4.12
C ASN A 137 24.26 28.99 4.89
N HIS A 138 23.92 29.60 6.04
CA HIS A 138 24.94 29.92 7.02
C HIS A 138 24.36 29.92 8.43
N MET A 139 23.03 30.04 8.53
CA MET A 139 22.39 30.44 9.76
C MET A 139 21.23 29.49 10.08
N PRO A 140 21.19 28.93 11.28
CA PRO A 140 20.02 28.17 11.70
C PRO A 140 18.76 29.02 11.67
N ALA A 141 17.62 28.36 11.56
CA ALA A 141 16.34 29.05 11.44
C ALA A 141 15.24 28.17 12.01
N ASP A 142 14.28 28.81 12.67
CA ASP A 142 13.15 28.07 13.22
C ASP A 142 12.18 27.65 12.13
N ALA A 143 11.34 26.67 12.45
CA ALA A 143 10.26 26.25 11.58
C ALA A 143 9.21 25.53 12.41
N GLU A 144 8.00 25.45 11.87
CA GLU A 144 6.87 24.92 12.60
C GLU A 144 6.95 23.40 12.69
N ARG A 145 6.91 22.88 13.92
CA ARG A 145 6.93 21.43 14.12
C ARG A 145 5.70 20.76 13.51
N ALA A 146 4.56 21.43 13.53
CA ALA A 146 3.33 20.85 13.03
C ALA A 146 3.41 20.45 11.56
N GLY A 147 4.32 21.05 10.80
CA GLY A 147 4.47 20.75 9.39
C GLY A 147 5.39 19.59 9.07
N LEU A 148 5.91 18.91 10.08
CA LEU A 148 6.81 17.77 9.86
C LEU A 148 6.00 16.51 9.58
N PHE A 149 6.52 15.65 8.70
CA PHE A 149 5.82 14.43 8.34
C PHE A 149 6.83 13.35 7.97
N VAL A 150 6.44 12.09 8.25
CA VAL A 150 7.22 10.92 7.90
C VAL A 150 6.27 9.89 7.29
N ARG A 151 6.65 9.37 6.12
CA ARG A 151 5.77 8.43 5.42
C ARG A 151 6.58 7.45 4.60
N THR A 152 6.12 6.20 4.57
CA THR A 152 6.66 5.18 3.69
C THR A 152 5.78 4.99 2.45
N SER A 153 4.54 4.59 2.67
CA SER A 153 3.48 4.54 1.66
C SER A 153 2.26 5.33 2.11
N ALA A 154 1.93 5.28 3.39
CA ALA A 154 0.97 6.14 4.07
C ALA A 154 1.70 6.93 5.14
N PRO A 155 1.18 8.11 5.53
CA PRO A 155 1.86 8.88 6.56
C PRO A 155 1.99 8.09 7.86
N CYS A 156 3.18 8.14 8.45
CA CYS A 156 3.43 7.44 9.70
C CYS A 156 2.99 8.29 10.89
N THR A 157 2.46 7.63 11.91
CA THR A 157 2.08 8.29 13.14
C THR A 157 3.34 8.48 13.99
N ILE A 158 3.76 9.74 14.15
CA ILE A 158 4.94 10.04 14.93
C ILE A 158 4.61 9.94 16.41
N THR A 159 5.50 9.28 17.17
CA THR A 159 5.30 9.11 18.61
C THR A 159 6.25 9.92 19.46
N GLY A 160 7.32 10.48 18.88
CA GLY A 160 8.26 11.28 19.66
C GLY A 160 9.30 11.99 18.84
N THR A 161 9.60 13.24 19.21
CA THR A 161 10.61 14.05 18.54
C THR A 161 11.44 14.78 19.57
N MET A 162 12.76 14.70 19.45
CA MET A 162 13.67 15.45 20.30
C MET A 162 15.06 15.46 19.65
N GLY A 163 15.61 16.64 19.45
CA GLY A 163 16.94 16.73 18.86
C GLY A 163 16.93 16.25 17.43
N HIS A 164 17.86 15.34 17.11
CA HIS A 164 17.97 14.76 15.78
C HIS A 164 17.11 13.53 15.58
N PHE A 165 16.32 13.12 16.57
CA PHE A 165 15.75 11.79 16.61
C PHE A 165 14.23 11.84 16.55
N ILE A 166 13.65 10.98 15.71
CA ILE A 166 12.21 10.89 15.51
C ILE A 166 11.80 9.44 15.72
N LEU A 167 10.77 9.23 16.53
CA LEU A 167 10.12 7.92 16.64
C LEU A 167 8.83 7.94 15.83
N ALA A 168 8.60 6.90 15.05
CA ALA A 168 7.46 6.82 14.18
C ALA A 168 6.89 5.41 14.19
N ARG A 169 5.68 5.28 13.65
CA ARG A 169 5.02 3.98 13.45
C ARG A 169 4.69 3.88 11.97
N CYS A 170 5.61 3.31 11.21
CA CYS A 170 5.25 3.34 9.80
C CYS A 170 4.59 2.04 9.38
N PRO A 171 3.61 2.11 8.47
CA PRO A 171 3.03 0.89 7.91
C PRO A 171 4.00 0.21 6.96
N LYS A 172 3.62 -0.99 6.53
CA LYS A 172 4.43 -1.78 5.62
C LYS A 172 4.79 -0.98 4.38
N GLY A 173 6.09 -0.87 4.11
CA GLY A 173 6.55 -0.07 2.99
C GLY A 173 7.98 -0.40 2.62
N GLU A 174 8.37 0.00 1.41
CA GLU A 174 9.70 -0.25 0.89
C GLU A 174 10.55 0.99 0.79
N THR A 175 9.98 2.17 0.99
CA THR A 175 10.73 3.42 1.03
C THR A 175 10.47 4.11 2.36
N LEU A 176 11.01 5.32 2.52
CA LEU A 176 10.78 6.12 3.71
C LEU A 176 11.16 7.56 3.41
N THR A 177 10.24 8.48 3.67
CA THR A 177 10.42 9.89 3.38
C THR A 177 10.25 10.70 4.66
N VAL A 178 11.19 11.61 4.91
CA VAL A 178 11.12 12.53 6.03
C VAL A 178 11.25 13.95 5.48
N GLY A 179 10.33 14.83 5.90
CA GLY A 179 10.35 16.19 5.39
C GLY A 179 9.61 17.14 6.30
N PHE A 180 9.78 18.42 6.02
CA PHE A 180 9.17 19.49 6.80
C PHE A 180 8.90 20.67 5.87
N THR A 181 8.45 21.78 6.45
CA THR A 181 8.24 23.01 5.72
C THR A 181 9.00 24.13 6.42
N ASP A 182 9.89 24.78 5.68
CA ASP A 182 10.83 25.74 6.26
C ASP A 182 10.18 27.10 6.45
N SER A 183 11.00 28.12 6.67
CA SER A 183 10.50 29.47 6.91
C SER A 183 9.64 29.96 5.75
N ARG A 184 10.15 29.82 4.52
CA ARG A 184 9.54 30.42 3.36
C ARG A 184 8.43 29.57 2.74
N LYS A 185 7.83 28.67 3.51
CA LYS A 185 6.70 27.85 3.06
C LYS A 185 7.03 27.03 1.82
N ILE A 186 8.32 26.70 1.62
CA ILE A 186 8.74 25.80 0.56
C ILE A 186 9.15 24.47 1.20
N SER A 187 8.64 23.38 0.64
CA SER A 187 8.81 22.07 1.26
C SER A 187 10.21 21.51 0.99
N HIS A 188 10.74 20.82 2.00
CA HIS A 188 11.95 20.03 1.86
C HIS A 188 11.63 18.59 2.24
N SER A 189 12.23 17.65 1.52
CA SER A 189 11.98 16.23 1.78
C SER A 189 13.21 15.43 1.39
N CYS A 190 13.41 14.31 2.08
CA CYS A 190 14.48 13.38 1.77
C CYS A 190 13.93 11.97 1.85
N THR A 191 14.20 11.17 0.82
CA THR A 191 13.67 9.82 0.70
C THR A 191 14.81 8.83 0.53
N HIS A 192 14.79 7.78 1.33
CA HIS A 192 15.74 6.68 1.26
C HIS A 192 15.00 5.38 0.98
N PRO A 193 15.69 4.37 0.46
CA PRO A 193 15.11 3.03 0.43
C PRO A 193 15.17 2.39 1.81
N PHE A 194 14.07 1.74 2.20
CA PHE A 194 14.03 1.08 3.49
C PHE A 194 12.94 0.01 3.45
N HIS A 195 13.36 -1.25 3.51
CA HIS A 195 12.41 -2.37 3.54
C HIS A 195 11.80 -2.42 4.93
N HIS A 196 10.62 -1.82 5.09
CA HIS A 196 9.92 -1.79 6.37
C HIS A 196 8.81 -2.83 6.37
N ASP A 197 9.01 -3.88 7.16
CA ASP A 197 7.95 -4.85 7.46
C ASP A 197 8.30 -5.43 8.82
N PRO A 198 7.67 -4.95 9.89
CA PRO A 198 8.06 -5.37 11.22
C PRO A 198 7.79 -6.85 11.42
N PRO A 199 8.64 -7.53 12.18
CA PRO A 199 8.42 -8.96 12.42
C PRO A 199 7.14 -9.21 13.20
N VAL A 200 6.61 -10.42 13.02
CA VAL A 200 5.35 -10.81 13.64
C VAL A 200 5.62 -11.33 15.05
N ILE A 201 4.83 -10.86 16.00
CA ILE A 201 4.92 -11.31 17.38
C ILE A 201 4.00 -12.50 17.57
N GLY A 202 4.52 -13.56 18.19
CA GLY A 202 3.69 -14.70 18.52
C GLY A 202 3.54 -15.64 17.35
N ARG A 203 2.29 -15.99 17.04
CA ARG A 203 2.00 -17.01 16.04
C ARG A 203 0.90 -16.60 15.06
N GLU A 204 0.46 -15.35 15.09
CA GLU A 204 -0.55 -14.85 14.15
C GLU A 204 -0.13 -13.48 13.67
N LYS A 205 -0.40 -13.19 12.40
CA LYS A 205 -0.07 -11.89 11.79
C LYS A 205 -1.31 -11.01 11.84
N PHE A 206 -1.33 -10.09 12.81
CA PHE A 206 -2.42 -9.15 13.04
C PHE A 206 -1.97 -7.76 12.63
N HIS A 207 -2.87 -6.78 12.81
CA HIS A 207 -2.59 -5.42 12.39
C HIS A 207 -2.97 -4.33 13.40
N SER A 208 -3.88 -4.60 14.33
CA SER A 208 -4.20 -3.64 15.38
C SER A 208 -4.65 -4.43 16.61
N ARG A 209 -4.04 -4.11 17.75
CA ARG A 209 -4.18 -4.97 18.92
C ARG A 209 -5.65 -5.20 19.26
N PRO A 210 -6.08 -6.45 19.42
CA PRO A 210 -7.51 -6.74 19.65
C PRO A 210 -7.93 -6.65 21.11
N GLN A 211 -9.16 -7.10 21.39
CA GLN A 211 -9.76 -6.89 22.70
C GLN A 211 -9.19 -7.84 23.76
N HIS A 212 -9.43 -9.14 23.60
CA HIS A 212 -9.13 -10.09 24.68
C HIS A 212 -7.65 -10.50 24.67
N GLY A 213 -7.22 -11.18 23.62
CA GLY A 213 -5.84 -11.46 23.33
C GLY A 213 -4.95 -12.10 24.39
N LYS A 214 -3.63 -12.01 24.13
CA LYS A 214 -2.60 -12.60 24.97
C LYS A 214 -1.44 -11.62 25.05
N GLU A 215 -0.70 -11.67 26.16
CA GLU A 215 0.36 -10.71 26.47
C GLU A 215 1.71 -11.37 26.22
N LEU A 216 2.40 -10.91 25.18
CA LEU A 216 3.68 -11.48 24.79
C LEU A 216 4.79 -10.43 24.89
N PRO A 217 6.02 -10.85 25.19
CA PRO A 217 7.12 -9.90 25.29
C PRO A 217 7.51 -9.32 23.93
N CYS A 218 8.02 -8.09 23.97
CA CYS A 218 8.46 -7.38 22.78
C CYS A 218 9.38 -6.25 23.21
N SER A 219 9.92 -5.54 22.23
CA SER A 219 10.80 -4.40 22.50
C SER A 219 10.25 -3.18 21.76
N THR A 220 10.30 -2.04 22.43
CA THR A 220 9.87 -0.78 21.83
C THR A 220 10.81 0.33 22.26
N TYR A 221 10.63 1.50 21.65
CA TYR A 221 11.42 2.68 21.95
C TYR A 221 10.59 3.58 22.86
N VAL A 222 11.03 3.71 24.12
CA VAL A 222 10.28 4.48 25.10
C VAL A 222 10.19 5.94 24.66
N GLN A 223 9.03 6.55 24.86
CA GLN A 223 8.74 7.88 24.34
C GLN A 223 9.27 8.99 25.24
N SER A 224 10.08 8.67 26.23
CA SER A 224 10.68 9.68 27.08
C SER A 224 11.93 10.27 26.41
N THR A 225 12.23 11.52 26.75
CA THR A 225 13.42 12.19 26.25
C THR A 225 14.55 12.19 27.27
N ALA A 226 14.48 11.31 28.28
CA ALA A 226 15.54 11.21 29.27
C ALA A 226 16.78 10.62 28.64
N ALA A 227 17.89 11.35 28.71
CA ALA A 227 19.16 10.92 28.11
C ALA A 227 19.96 10.17 29.15
N THR A 228 20.00 8.83 29.04
CA THR A 228 20.65 8.00 30.04
C THR A 228 21.79 7.16 29.47
N THR A 229 21.56 6.37 28.42
CA THR A 229 22.46 5.29 28.06
C THR A 229 23.12 5.50 26.70
N GLU A 230 22.34 5.69 25.64
CA GLU A 230 22.91 5.74 24.30
C GLU A 230 23.66 7.05 24.08
N GLU A 231 24.49 7.08 23.04
CA GLU A 231 25.33 8.24 22.78
C GLU A 231 25.66 8.31 21.30
N ILE A 232 25.98 9.52 20.84
CA ILE A 232 26.52 9.75 19.50
C ILE A 232 27.81 10.55 19.64
N GLU A 233 28.59 10.57 18.57
CA GLU A 233 29.84 11.30 18.53
C GLU A 233 29.67 12.60 17.76
N VAL A 234 30.35 13.65 18.22
CA VAL A 234 30.28 14.96 17.60
C VAL A 234 31.67 15.59 17.59
N HIS A 235 31.92 16.40 16.56
CA HIS A 235 33.20 17.08 16.42
C HIS A 235 32.95 18.44 15.79
N MET A 236 34.01 19.24 15.72
CA MET A 236 33.91 20.55 15.10
C MET A 236 33.60 20.41 13.62
N PRO A 237 32.89 21.37 13.04
CA PRO A 237 32.53 21.29 11.62
C PRO A 237 33.74 21.53 10.75
N PRO A 238 33.67 21.17 9.47
CA PRO A 238 34.74 21.53 8.54
C PRO A 238 34.65 23.00 8.15
N ASP A 239 35.74 23.50 7.58
CA ASP A 239 35.71 24.84 7.02
C ASP A 239 34.68 24.87 5.90
N THR A 240 33.57 25.56 6.13
CA THR A 240 32.43 25.43 5.23
C THR A 240 32.53 26.45 4.11
N PRO A 241 32.46 26.03 2.86
CA PRO A 241 32.64 26.95 1.73
C PRO A 241 31.34 27.63 1.33
N ASP A 242 31.49 28.76 0.66
CA ASP A 242 30.37 29.54 0.15
C ASP A 242 30.91 30.48 -0.91
N ARG A 243 30.39 30.38 -2.13
CA ARG A 243 30.90 31.21 -3.23
C ARG A 243 30.47 32.67 -3.13
N THR A 244 29.48 32.98 -2.29
CA THR A 244 28.99 34.35 -2.19
C THR A 244 29.97 35.30 -1.51
N LEU A 245 31.04 34.78 -0.92
CA LEU A 245 31.94 35.62 -0.13
C LEU A 245 32.79 36.53 -1.01
N MET A 246 33.20 36.04 -2.17
CA MET A 246 34.14 36.77 -3.00
C MET A 246 33.42 37.81 -3.87
N SER A 247 34.04 38.97 -4.03
CA SER A 247 33.54 40.04 -4.87
C SER A 247 34.66 40.54 -5.78
N GLN A 248 34.29 41.31 -6.78
CA GLN A 248 35.21 41.79 -7.81
C GLN A 248 35.28 43.31 -7.76
N GLN A 249 36.36 43.85 -7.21
CA GLN A 249 36.55 45.30 -7.19
C GLN A 249 37.28 45.79 -8.44
N SER A 250 36.79 45.30 -9.59
CA SER A 250 37.09 45.80 -10.93
C SER A 250 38.51 45.51 -11.41
N GLY A 251 39.40 45.11 -10.49
CA GLY A 251 40.68 44.55 -10.89
C GLY A 251 41.19 43.54 -9.90
N ASN A 252 40.47 43.37 -8.80
CA ASN A 252 40.95 42.65 -7.64
C ASN A 252 39.78 41.90 -7.01
N VAL A 253 40.06 41.19 -5.92
CA VAL A 253 39.07 40.40 -5.21
C VAL A 253 38.88 40.99 -3.82
N LYS A 254 37.62 41.10 -3.40
CA LYS A 254 37.26 41.60 -2.08
C LYS A 254 36.33 40.59 -1.42
N ILE A 255 36.60 40.29 -0.14
CA ILE A 255 35.83 39.30 0.59
C ILE A 255 35.21 39.97 1.82
N THR A 256 34.04 39.46 2.22
CA THR A 256 33.28 39.99 3.35
C THR A 256 33.09 38.89 4.38
N VAL A 257 33.31 39.21 5.65
CA VAL A 257 33.28 38.19 6.70
C VAL A 257 31.85 37.90 7.15
N ASN A 258 31.02 38.93 7.27
CA ASN A 258 29.63 38.80 7.71
C ASN A 258 29.55 38.19 9.10
N GLY A 259 30.24 38.84 10.04
CA GLY A 259 30.21 38.43 11.44
C GLY A 259 30.96 37.17 11.78
N GLN A 260 31.60 36.53 10.80
CA GLN A 260 32.31 35.27 11.00
C GLN A 260 33.79 35.46 10.70
N THR A 261 34.52 34.35 10.70
CA THR A 261 35.91 34.30 10.30
C THR A 261 36.04 33.45 9.04
N VAL A 262 36.87 33.91 8.10
CA VAL A 262 36.94 33.32 6.78
C VAL A 262 38.39 32.93 6.49
N ARG A 263 38.58 31.70 6.01
CA ARG A 263 39.87 31.21 5.54
C ARG A 263 39.88 31.27 4.02
N TYR A 264 40.68 32.17 3.45
CA TYR A 264 40.72 32.36 2.02
C TYR A 264 42.03 31.84 1.44
N LYS A 265 41.99 31.53 0.15
CA LYS A 265 43.16 31.06 -0.59
C LYS A 265 43.05 31.57 -2.01
N CYS A 266 44.07 32.29 -2.47
CA CYS A 266 44.08 32.86 -3.81
C CYS A 266 45.24 32.29 -4.63
N ASN A 267 45.03 32.19 -5.93
CA ASN A 267 46.07 31.74 -6.86
C ASN A 267 46.73 32.94 -7.54
N CYS A 268 47.38 33.77 -6.74
CA CYS A 268 48.04 34.98 -7.23
C CYS A 268 49.25 35.26 -6.35
N GLY A 269 49.82 36.46 -6.51
CA GLY A 269 50.91 36.91 -5.68
C GLY A 269 50.41 37.56 -4.41
N GLY A 270 51.35 38.13 -3.66
CA GLY A 270 51.00 38.73 -2.40
C GLY A 270 50.58 37.69 -1.37
N SER A 271 49.80 38.14 -0.39
CA SER A 271 49.29 37.28 0.67
C SER A 271 48.13 36.44 0.13
N ASN A 272 48.50 35.49 -0.74
CA ASN A 272 47.51 34.69 -1.47
C ASN A 272 46.70 33.77 -0.58
N GLU A 273 46.89 33.80 0.74
CA GLU A 273 46.07 33.03 1.66
C GLU A 273 46.06 33.75 3.01
N GLY A 274 45.17 33.30 3.89
CA GLY A 274 45.11 33.87 5.21
C GLY A 274 43.77 33.62 5.87
N LEU A 275 43.75 33.85 7.17
CA LEU A 275 42.54 33.77 8.00
C LEU A 275 42.24 35.18 8.49
N THR A 276 41.25 35.81 7.88
CA THR A 276 40.92 37.20 8.17
C THR A 276 39.62 37.29 8.97
N THR A 277 39.64 38.06 10.05
CA THR A 277 38.44 38.32 10.83
C THR A 277 37.64 39.50 10.31
N THR A 278 38.25 40.34 9.48
CA THR A 278 37.62 41.50 8.86
C THR A 278 37.64 41.33 7.34
N ASP A 279 37.04 42.29 6.65
CA ASP A 279 37.05 42.28 5.20
C ASP A 279 38.45 42.62 4.68
N LYS A 280 38.95 41.81 3.75
CA LYS A 280 40.27 42.00 3.17
C LYS A 280 40.16 41.98 1.65
N VAL A 281 41.20 42.51 1.00
CA VAL A 281 41.26 42.60 -0.45
C VAL A 281 42.62 42.08 -0.92
N ILE A 282 42.59 41.20 -1.93
CA ILE A 282 43.80 40.70 -2.58
C ILE A 282 43.89 41.38 -3.95
N ASN A 283 45.02 42.03 -4.20
CA ASN A 283 45.23 42.77 -5.45
C ASN A 283 45.90 41.88 -6.49
N ASN A 284 45.84 42.33 -7.73
CA ASN A 284 46.42 41.62 -8.88
C ASN A 284 45.84 40.21 -8.99
N CYS A 285 44.51 40.11 -8.93
CA CYS A 285 43.87 38.81 -8.89
C CYS A 285 42.44 38.93 -9.40
N LYS A 286 41.87 37.77 -9.73
CA LYS A 286 40.48 37.64 -10.14
C LYS A 286 39.77 36.65 -9.21
N VAL A 287 38.45 36.57 -9.36
CA VAL A 287 37.64 35.78 -8.44
C VAL A 287 37.90 34.29 -8.61
N ASP A 288 38.01 33.82 -9.85
CA ASP A 288 38.11 32.38 -10.11
C ASP A 288 39.39 31.77 -9.55
N GLN A 289 40.41 32.58 -9.29
CA GLN A 289 41.64 32.07 -8.72
C GLN A 289 41.56 31.90 -7.20
N CYS A 290 40.58 32.51 -6.56
CA CYS A 290 40.44 32.48 -5.11
C CYS A 290 39.31 31.56 -4.68
N HIS A 291 39.37 31.12 -3.43
CA HIS A 291 38.39 30.21 -2.85
C HIS A 291 38.46 30.34 -1.34
N ALA A 292 37.31 30.60 -0.71
CA ALA A 292 37.28 30.89 0.71
C ALA A 292 36.15 30.14 1.39
N ALA A 293 36.37 29.81 2.67
CA ALA A 293 35.40 29.10 3.49
C ALA A 293 35.29 29.81 4.83
N VAL A 294 34.27 29.42 5.61
CA VAL A 294 33.96 30.06 6.89
C VAL A 294 34.29 29.06 8.00
N THR A 295 35.29 29.38 8.81
CA THR A 295 35.63 28.55 9.95
C THR A 295 34.72 28.90 11.13
N ASN A 296 34.33 27.87 11.88
CA ASN A 296 33.52 28.06 13.09
C ASN A 296 33.89 26.97 14.09
N HIS A 297 34.81 27.30 14.99
CA HIS A 297 35.21 26.40 16.06
C HIS A 297 34.37 26.60 17.32
N LYS A 298 33.15 27.13 17.19
CA LYS A 298 32.30 27.43 18.33
C LYS A 298 31.13 26.46 18.48
N LYS A 299 30.85 25.63 17.49
CA LYS A 299 29.73 24.70 17.55
C LYS A 299 30.23 23.28 17.31
N TRP A 300 29.37 22.32 17.61
CA TRP A 300 29.61 20.91 17.33
C TRP A 300 28.65 20.42 16.25
N GLN A 301 28.94 19.23 15.74
CA GLN A 301 28.17 18.66 14.65
C GLN A 301 28.34 17.15 14.69
N TYR A 302 27.30 16.45 14.23
CA TYR A 302 27.34 14.99 14.20
C TYR A 302 28.52 14.50 13.38
N ASN A 303 29.19 13.46 13.89
CA ASN A 303 30.27 12.80 13.16
C ASN A 303 29.64 11.99 12.04
N SER A 304 29.32 12.70 10.95
CA SER A 304 28.51 12.15 9.88
C SER A 304 29.36 11.77 8.67
N PRO A 305 29.10 10.59 8.09
CA PRO A 305 29.76 10.24 6.82
C PRO A 305 29.35 11.15 5.68
N LEU A 306 28.24 11.87 5.80
CA LEU A 306 27.79 12.77 4.75
C LEU A 306 28.40 14.16 4.85
N VAL A 307 29.25 14.39 5.86
CA VAL A 307 29.90 15.68 6.06
C VAL A 307 31.39 15.42 6.26
N PRO A 308 32.27 16.14 5.57
CA PRO A 308 33.71 15.91 5.74
C PRO A 308 34.19 16.29 7.13
N ARG A 309 35.41 15.90 7.42
CA ARG A 309 36.05 16.17 8.71
C ARG A 309 36.99 17.35 8.59
N ASN A 310 37.04 18.18 9.62
CA ASN A 310 37.93 19.34 9.62
C ASN A 310 39.38 18.86 9.54
N ALA A 311 40.09 19.34 8.51
CA ALA A 311 41.42 18.81 8.21
C ALA A 311 42.48 19.30 9.20
N GLU A 312 42.45 20.58 9.56
CA GLU A 312 43.51 21.15 10.38
C GLU A 312 43.58 20.47 11.74
N LEU A 313 42.47 20.46 12.48
CA LEU A 313 42.43 19.72 13.73
C LEU A 313 42.55 18.23 13.47
N GLY A 314 42.99 17.51 14.50
CA GLY A 314 43.20 16.09 14.36
C GLY A 314 41.92 15.29 14.50
N ASP A 315 41.93 14.26 15.34
CA ASP A 315 40.77 13.42 15.57
C ASP A 315 39.99 13.86 16.81
N ARG A 316 39.95 15.15 17.09
CA ARG A 316 39.22 15.67 18.23
C ARG A 316 37.75 15.28 18.14
N LYS A 317 37.21 14.76 19.24
CA LYS A 317 35.83 14.29 19.24
C LYS A 317 35.26 14.38 20.64
N GLY A 318 33.95 14.63 20.71
CA GLY A 318 33.23 14.57 21.96
C GLY A 318 31.95 13.76 21.78
N LYS A 319 31.37 13.35 22.90
CA LYS A 319 30.19 12.52 22.88
C LYS A 319 29.08 13.15 23.71
N ILE A 320 27.84 12.95 23.25
CA ILE A 320 26.65 13.45 23.93
C ILE A 320 25.60 12.37 23.93
N HIS A 321 24.82 12.29 25.00
CA HIS A 321 23.77 11.28 25.07
C HIS A 321 22.63 11.63 24.11
N ILE A 322 21.70 10.68 23.96
CA ILE A 322 20.60 10.82 23.02
C ILE A 322 19.34 10.23 23.64
N PRO A 323 18.17 10.69 23.18
CA PRO A 323 16.91 10.24 23.78
C PRO A 323 16.46 8.90 23.20
N PHE A 324 15.31 8.44 23.69
CA PHE A 324 14.58 7.27 23.21
C PHE A 324 15.42 6.00 23.24
N PRO A 325 15.76 5.48 24.42
CA PRO A 325 16.47 4.20 24.48
C PRO A 325 15.53 3.04 24.20
N LEU A 326 16.13 1.88 23.97
CA LEU A 326 15.37 0.65 23.76
C LEU A 326 15.04 0.03 25.11
N ALA A 327 13.82 -0.51 25.23
CA ALA A 327 13.38 -1.14 26.46
C ALA A 327 12.33 -2.19 26.15
N ASN A 328 12.41 -3.33 26.85
CA ASN A 328 11.46 -4.41 26.63
C ASN A 328 10.16 -4.17 27.39
N VAL A 329 9.04 -4.26 26.66
CA VAL A 329 7.70 -4.07 27.21
C VAL A 329 6.81 -5.21 26.71
N THR A 330 5.52 -5.13 27.01
CA THR A 330 4.56 -6.18 26.66
C THR A 330 3.66 -5.72 25.52
N CYS A 331 3.61 -6.53 24.46
CA CYS A 331 2.67 -6.35 23.37
C CYS A 331 1.52 -7.35 23.52
N ARG A 332 0.36 -7.00 22.98
CA ARG A 332 -0.83 -7.83 23.09
C ARG A 332 -1.27 -8.29 21.70
N VAL A 333 -1.49 -9.59 21.57
CA VAL A 333 -1.76 -10.24 20.29
C VAL A 333 -3.12 -10.91 20.40
N PRO A 334 -3.74 -11.27 19.28
CA PRO A 334 -5.04 -11.94 19.33
C PRO A 334 -4.92 -13.44 19.57
N LYS A 335 -5.93 -13.97 20.26
CA LYS A 335 -6.15 -15.42 20.34
C LYS A 335 -7.16 -15.81 19.28
N ALA A 336 -6.75 -16.71 18.37
CA ALA A 336 -7.62 -17.13 17.28
C ALA A 336 -8.84 -17.87 17.82
N ARG A 337 -9.96 -17.67 17.14
CA ARG A 337 -11.25 -18.19 17.61
C ARG A 337 -11.21 -19.71 17.72
N ASN A 338 -12.14 -20.25 18.50
CA ASN A 338 -12.22 -21.68 18.71
C ASN A 338 -12.61 -22.39 17.41
N PRO A 339 -11.84 -23.38 16.97
CA PRO A 339 -12.24 -24.14 15.78
C PRO A 339 -13.38 -25.10 16.11
N THR A 340 -14.02 -25.60 15.05
CA THR A 340 -15.08 -26.59 15.19
C THR A 340 -14.45 -27.98 15.22
N VAL A 341 -14.75 -28.75 16.28
CA VAL A 341 -14.12 -30.03 16.52
C VAL A 341 -15.14 -31.14 16.29
N THR A 342 -14.71 -32.19 15.58
CA THR A 342 -15.48 -33.41 15.44
C THR A 342 -14.52 -34.59 15.61
N TYR A 343 -15.06 -35.71 16.08
CA TYR A 343 -14.24 -36.85 16.48
C TYR A 343 -14.43 -38.02 15.53
N GLY A 344 -13.57 -39.02 15.70
CA GLY A 344 -13.59 -40.24 14.92
C GLY A 344 -12.56 -41.20 15.48
N LYS A 345 -12.59 -42.42 14.96
CA LYS A 345 -11.67 -43.45 15.44
C LYS A 345 -10.23 -43.06 15.10
N ASN A 346 -9.46 -42.69 16.14
CA ASN A 346 -8.08 -42.22 15.98
C ASN A 346 -8.00 -41.07 14.99
N GLN A 347 -9.03 -40.21 14.98
CA GLN A 347 -9.08 -39.08 14.07
C GLN A 347 -9.73 -37.89 14.78
N VAL A 348 -9.18 -36.71 14.55
CA VAL A 348 -9.78 -35.45 15.00
C VAL A 348 -9.90 -34.54 13.79
N ILE A 349 -11.13 -34.11 13.50
CA ILE A 349 -11.41 -33.26 12.35
C ILE A 349 -11.65 -31.86 12.88
N MET A 350 -10.75 -30.93 12.53
CA MET A 350 -10.84 -29.55 12.96
C MET A 350 -11.09 -28.65 11.76
N LEU A 351 -12.10 -27.81 11.86
CA LEU A 351 -12.39 -26.82 10.83
C LEU A 351 -11.99 -25.46 11.37
N LEU A 352 -10.96 -24.86 10.77
CA LEU A 352 -10.37 -23.62 11.26
C LEU A 352 -10.96 -22.44 10.51
N TYR A 353 -11.37 -21.41 11.25
CA TYR A 353 -11.83 -20.15 10.67
C TYR A 353 -10.83 -19.06 11.04
N PRO A 354 -9.82 -18.80 10.21
CA PRO A 354 -8.92 -17.68 10.48
C PRO A 354 -9.38 -16.40 9.82
N ASP A 355 -9.28 -15.30 10.58
CA ASP A 355 -9.53 -13.97 10.05
C ASP A 355 -8.25 -13.31 9.55
N HIS A 356 -7.12 -13.98 9.71
CA HIS A 356 -5.81 -13.49 9.32
C HIS A 356 -4.84 -14.66 9.37
N PRO A 357 -3.68 -14.55 8.68
CA PRO A 357 -2.73 -15.67 8.65
C PRO A 357 -2.41 -16.22 10.03
N THR A 358 -2.80 -17.46 10.27
CA THR A 358 -2.70 -18.10 11.58
C THR A 358 -1.87 -19.37 11.46
N LEU A 359 -0.91 -19.54 12.36
CA LEU A 359 -0.04 -20.71 12.35
C LEU A 359 -0.66 -21.86 13.12
N LEU A 360 -0.61 -23.05 12.54
CA LEU A 360 -1.16 -24.26 13.13
C LEU A 360 -0.05 -25.31 13.22
N SER A 361 0.13 -25.87 14.41
CA SER A 361 1.17 -26.88 14.63
C SER A 361 0.59 -28.01 15.46
N TYR A 362 1.07 -29.23 15.19
CA TYR A 362 0.68 -30.40 15.94
C TYR A 362 1.86 -31.36 16.04
N ARG A 363 2.06 -31.91 17.23
CA ARG A 363 3.14 -32.84 17.49
C ARG A 363 2.60 -34.07 18.22
N ASN A 364 3.00 -35.25 17.77
CA ASN A 364 2.71 -36.47 18.50
C ASN A 364 3.59 -36.54 19.73
N MET A 365 3.05 -37.14 20.80
CA MET A 365 3.78 -37.23 22.06
C MET A 365 4.65 -38.48 22.14
N GLY A 366 4.89 -39.16 21.02
CA GLY A 366 5.82 -40.26 20.98
C GLY A 366 7.25 -39.80 20.75
N GLU A 367 8.16 -40.77 20.70
CA GLU A 367 9.57 -40.43 20.54
C GLU A 367 9.83 -39.74 19.21
N GLU A 368 9.01 -40.03 18.20
CA GLU A 368 9.04 -39.31 16.93
C GLU A 368 7.80 -38.42 16.87
N PRO A 369 7.89 -37.16 17.29
CA PRO A 369 6.70 -36.30 17.26
C PRO A 369 6.20 -36.01 15.87
N ASN A 370 7.08 -35.95 14.88
CA ASN A 370 6.74 -35.57 13.50
C ASN A 370 5.99 -34.24 13.51
N TYR A 371 6.66 -33.22 14.05
CA TYR A 371 6.07 -31.90 14.17
C TYR A 371 5.75 -31.34 12.78
N GLN A 372 4.49 -30.96 12.58
CA GLN A 372 4.03 -30.39 11.32
C GLN A 372 3.40 -29.04 11.59
N GLU A 373 3.78 -28.04 10.81
CA GLU A 373 3.25 -26.69 10.94
C GLU A 373 2.91 -26.15 9.55
N GLU A 374 1.92 -25.25 9.53
CA GLU A 374 1.49 -24.64 8.28
C GLU A 374 0.76 -23.34 8.59
N TRP A 375 1.03 -22.31 7.78
CA TRP A 375 0.37 -21.01 7.92
C TRP A 375 -1.02 -21.13 7.33
N VAL A 376 -1.98 -21.51 8.18
CA VAL A 376 -3.37 -21.60 7.74
C VAL A 376 -3.87 -20.21 7.39
N MET A 377 -4.30 -20.04 6.14
CA MET A 377 -4.68 -18.73 5.63
C MET A 377 -6.20 -18.53 5.59
N HIS A 378 -6.94 -19.51 5.10
CA HIS A 378 -8.39 -19.39 4.93
C HIS A 378 -9.07 -20.55 5.66
N LYS A 379 -10.39 -20.61 5.52
CA LYS A 379 -11.17 -21.69 6.12
C LYS A 379 -10.76 -23.02 5.51
N LYS A 380 -10.36 -23.96 6.36
CA LYS A 380 -9.86 -25.25 5.89
C LYS A 380 -10.20 -26.33 6.90
N GLU A 381 -10.77 -27.43 6.40
CA GLU A 381 -11.07 -28.60 7.22
C GLU A 381 -9.89 -29.56 7.13
N VAL A 382 -9.18 -29.74 8.24
CA VAL A 382 -8.03 -30.62 8.28
C VAL A 382 -8.31 -31.79 9.21
N VAL A 383 -7.77 -32.95 8.85
CA VAL A 383 -7.97 -34.18 9.61
C VAL A 383 -6.62 -34.64 10.13
N LEU A 384 -6.57 -34.95 11.42
CA LEU A 384 -5.32 -35.31 12.10
C LEU A 384 -5.45 -36.69 12.73
N THR A 385 -4.40 -37.49 12.61
CA THR A 385 -4.35 -38.80 13.22
C THR A 385 -4.10 -38.68 14.71
N VAL A 386 -4.83 -39.45 15.50
CA VAL A 386 -4.69 -39.42 16.96
C VAL A 386 -4.07 -40.73 17.43
N PRO A 387 -2.75 -40.81 17.53
CA PRO A 387 -2.12 -42.05 18.00
C PRO A 387 -2.24 -42.21 19.50
N THR A 388 -2.04 -43.46 19.93
CA THR A 388 -2.16 -43.78 21.36
C THR A 388 -1.15 -43.00 22.19
N GLU A 389 0.00 -42.65 21.61
CA GLU A 389 1.03 -41.92 22.35
C GLU A 389 0.52 -40.56 22.79
N GLY A 390 -0.25 -39.87 21.94
CA GLY A 390 -0.77 -38.56 22.26
C GLY A 390 -0.55 -37.55 21.17
N LEU A 391 -1.36 -36.49 21.17
CA LEU A 391 -1.27 -35.44 20.15
C LEU A 391 -1.46 -34.09 20.83
N GLU A 392 -0.61 -33.14 20.46
CA GLU A 392 -0.68 -31.77 20.97
C GLU A 392 -0.85 -30.82 19.80
N VAL A 393 -1.94 -30.06 19.79
CA VAL A 393 -2.26 -29.16 18.70
C VAL A 393 -2.18 -27.73 19.20
N THR A 394 -1.25 -26.96 18.65
CA THR A 394 -1.11 -25.54 18.95
C THR A 394 -1.73 -24.74 17.82
N TRP A 395 -2.79 -24.00 18.13
CA TRP A 395 -3.59 -23.29 17.14
C TRP A 395 -3.50 -21.80 17.42
N GLY A 396 -2.71 -21.10 16.60
CA GLY A 396 -2.50 -19.67 16.84
C GLY A 396 -1.78 -19.47 18.16
N ASN A 397 -2.26 -18.50 18.94
CA ASN A 397 -1.72 -18.25 20.27
C ASN A 397 -2.56 -18.88 21.37
N ASN A 398 -3.55 -19.68 21.00
CA ASN A 398 -4.35 -20.39 22.00
C ASN A 398 -3.47 -21.41 22.73
N GLU A 399 -3.90 -21.76 23.94
CA GLU A 399 -3.17 -22.75 24.72
C GLU A 399 -3.23 -24.11 24.02
N PRO A 400 -2.22 -24.95 24.21
CA PRO A 400 -2.12 -26.18 23.41
C PRO A 400 -3.27 -27.13 23.69
N TYR A 401 -3.93 -27.57 22.62
CA TYR A 401 -4.92 -28.63 22.73
C TYR A 401 -4.21 -29.98 22.87
N LYS A 402 -4.77 -30.85 23.71
CA LYS A 402 -4.28 -32.21 23.87
C LYS A 402 -5.39 -33.18 23.48
N TYR A 403 -5.07 -34.14 22.62
CA TYR A 403 -6.04 -35.11 22.14
C TYR A 403 -5.44 -36.51 22.20
N TRP A 404 -6.18 -37.44 22.78
CA TRP A 404 -5.80 -38.83 22.95
C TRP A 404 -6.86 -39.74 22.37
N PRO A 405 -6.54 -41.00 22.10
CA PRO A 405 -7.58 -41.98 21.76
C PRO A 405 -8.19 -42.62 22.99
N GLN A 406 -9.42 -43.09 22.82
CA GLN A 406 -10.14 -43.76 23.89
C GLN A 406 -9.52 -45.11 24.22
N GLY B 19 9.26 -46.02 63.94
CA GLY B 19 9.67 -47.32 63.45
C GLY B 19 8.62 -47.97 62.57
N SER B 20 8.39 -47.39 61.40
CA SER B 20 7.38 -47.86 60.48
C SER B 20 7.90 -48.83 59.44
N TYR B 21 7.23 -48.86 58.29
CA TYR B 21 7.55 -49.77 57.21
C TYR B 21 7.80 -48.99 55.93
N GLU B 22 8.69 -49.51 55.09
CA GLU B 22 9.10 -48.86 53.85
C GLU B 22 8.48 -49.59 52.68
N HIS B 23 7.53 -48.94 52.00
CA HIS B 23 6.90 -49.46 50.81
C HIS B 23 7.55 -48.84 49.57
N VAL B 24 7.73 -49.66 48.54
CA VAL B 24 8.36 -49.24 47.29
C VAL B 24 7.43 -49.57 46.13
N THR B 25 7.29 -48.63 45.20
CA THR B 25 6.48 -48.85 44.01
C THR B 25 7.13 -48.13 42.83
N VAL B 26 6.61 -48.39 41.65
CA VAL B 26 7.11 -47.79 40.40
C VAL B 26 5.92 -47.35 39.57
N ILE B 27 5.91 -46.09 39.16
CA ILE B 27 4.82 -45.55 38.35
C ILE B 27 5.39 -44.89 37.10
N PRO B 28 4.67 -44.92 35.97
CA PRO B 28 5.15 -44.23 34.77
C PRO B 28 5.25 -42.73 35.02
N ASN B 29 6.30 -42.13 34.45
CA ASN B 29 6.55 -40.70 34.59
C ASN B 29 5.59 -39.93 33.68
N THR B 30 4.31 -40.03 34.00
CA THR B 30 3.25 -39.35 33.25
C THR B 30 2.44 -38.51 34.22
N VAL B 31 2.36 -37.22 33.93
CA VAL B 31 1.67 -36.28 34.82
C VAL B 31 0.17 -36.38 34.61
N GLY B 32 -0.57 -36.48 35.71
CA GLY B 32 -2.02 -36.47 35.65
C GLY B 32 -2.68 -37.83 35.59
N VAL B 33 -1.93 -38.91 35.80
CA VAL B 33 -2.46 -40.27 35.77
C VAL B 33 -2.45 -40.80 37.20
N PRO B 34 -3.62 -41.12 37.79
CA PRO B 34 -3.65 -41.59 39.17
C PRO B 34 -3.39 -43.10 39.24
N TYR B 35 -2.33 -43.47 39.94
CA TYR B 35 -1.93 -44.87 40.10
C TYR B 35 -2.17 -45.31 41.54
N LYS B 36 -2.81 -46.46 41.70
CA LYS B 36 -3.15 -47.00 43.01
C LYS B 36 -2.19 -48.12 43.38
N THR B 37 -1.69 -48.07 44.61
CA THR B 37 -0.89 -49.16 45.18
C THR B 37 -1.58 -49.66 46.45
N LEU B 38 -1.28 -50.91 46.80
CA LEU B 38 -1.91 -51.57 47.94
C LEU B 38 -0.88 -51.74 49.04
N VAL B 39 -1.00 -50.93 50.09
CA VAL B 39 -0.13 -51.06 51.25
C VAL B 39 -0.52 -52.31 52.03
N ASN B 40 0.45 -53.20 52.25
CA ASN B 40 0.21 -54.49 52.90
C ASN B 40 1.16 -54.62 54.10
N ARG B 41 0.66 -54.24 55.28
CA ARG B 41 1.54 -54.53 56.39
C ARG B 41 1.02 -55.74 57.17
N PRO B 42 1.91 -56.66 57.55
CA PRO B 42 1.47 -57.88 58.22
C PRO B 42 0.74 -57.59 59.52
N GLY B 43 -0.46 -58.15 59.65
CA GLY B 43 -1.28 -57.95 60.82
C GLY B 43 -2.03 -56.63 60.87
N TYR B 44 -2.04 -55.87 59.78
CA TYR B 44 -2.69 -54.58 59.74
C TYR B 44 -3.63 -54.52 58.55
N SER B 45 -4.61 -53.62 58.63
CA SER B 45 -5.61 -53.50 57.58
C SER B 45 -4.99 -52.92 56.32
N PRO B 46 -5.37 -53.42 55.14
CA PRO B 46 -4.78 -52.90 53.90
C PRO B 46 -5.18 -51.45 53.64
N MET B 47 -4.36 -50.78 52.83
CA MET B 47 -4.55 -49.38 52.50
C MET B 47 -4.40 -49.19 50.99
N VAL B 48 -5.15 -48.22 50.46
CA VAL B 48 -5.18 -47.94 49.03
C VAL B 48 -4.64 -46.53 48.83
N LEU B 49 -3.37 -46.42 48.46
CA LEU B 49 -2.73 -45.13 48.25
C LEU B 49 -2.88 -44.72 46.78
N GLU B 50 -3.49 -43.55 46.56
CA GLU B 50 -3.56 -42.95 45.24
C GLU B 50 -2.42 -41.95 45.09
N MET B 51 -1.76 -41.98 43.93
CA MET B 51 -0.64 -41.10 43.65
C MET B 51 -0.81 -40.47 42.27
N GLU B 52 -0.49 -39.18 42.19
CA GLU B 52 -0.66 -38.42 40.95
C GLU B 52 0.52 -37.46 40.83
N LEU B 53 1.42 -37.72 39.89
CA LEU B 53 2.54 -36.81 39.65
C LEU B 53 2.03 -35.49 39.10
N LEU B 54 2.48 -34.39 39.69
CA LEU B 54 2.01 -33.06 39.34
C LEU B 54 2.95 -32.31 38.42
N SER B 55 4.25 -32.39 38.67
CA SER B 55 5.24 -31.76 37.80
C SER B 55 6.56 -32.48 37.95
N VAL B 56 7.35 -32.47 36.88
CA VAL B 56 8.69 -33.05 36.87
C VAL B 56 9.62 -32.05 36.20
N THR B 57 10.58 -31.54 36.95
CA THR B 57 11.47 -30.49 36.50
C THR B 57 12.82 -31.07 36.12
N LEU B 58 13.25 -30.79 34.88
CA LEU B 58 14.58 -31.18 34.39
C LEU B 58 15.37 -29.91 34.17
N GLU B 59 16.29 -29.62 35.09
CA GLU B 59 17.02 -28.36 35.11
C GLU B 59 18.48 -28.58 34.73
N PRO B 60 18.86 -28.36 33.47
CA PRO B 60 20.23 -28.67 33.05
C PRO B 60 21.23 -27.62 33.52
N THR B 61 22.42 -28.09 33.89
CA THR B 61 23.52 -27.21 34.23
C THR B 61 24.07 -26.58 32.95
N LEU B 62 24.09 -25.24 32.90
CA LEU B 62 24.47 -24.52 31.70
C LEU B 62 25.80 -23.82 31.90
N SER B 63 26.41 -23.43 30.76
CA SER B 63 27.65 -22.68 30.75
C SER B 63 27.62 -21.76 29.54
N LEU B 64 27.90 -20.48 29.77
CA LEU B 64 27.80 -19.48 28.71
C LEU B 64 29.05 -19.48 27.84
N ASP B 65 28.84 -19.61 26.53
CA ASP B 65 29.93 -19.44 25.57
C ASP B 65 30.02 -17.99 25.10
N TYR B 66 28.93 -17.48 24.53
CA TYR B 66 28.89 -16.10 24.04
C TYR B 66 27.44 -15.74 23.75
N ILE B 67 27.22 -14.45 23.50
CA ILE B 67 25.93 -13.96 23.01
C ILE B 67 26.17 -13.29 21.67
N THR B 68 25.08 -13.14 20.92
CA THR B 68 25.13 -12.45 19.63
C THR B 68 23.98 -11.45 19.57
N CYS B 69 24.17 -10.42 18.74
CA CYS B 69 23.17 -9.37 18.60
C CYS B 69 23.39 -8.69 17.26
N GLU B 70 22.45 -7.82 16.91
CA GLU B 70 22.61 -6.99 15.72
C GLU B 70 23.87 -6.14 15.84
N TYR B 71 24.59 -5.99 14.73
CA TYR B 71 25.84 -5.24 14.74
C TYR B 71 25.61 -3.81 14.27
N LYS B 72 26.58 -2.96 14.59
CA LYS B 72 26.54 -1.54 14.24
C LYS B 72 27.79 -1.21 13.44
N THR B 73 27.59 -0.66 12.24
CA THR B 73 28.70 -0.23 11.39
C THR B 73 29.01 1.23 11.70
N VAL B 74 30.18 1.48 12.27
CA VAL B 74 30.61 2.81 12.63
C VAL B 74 31.42 3.41 11.49
N ILE B 75 31.00 4.58 11.01
CA ILE B 75 31.73 5.27 9.96
C ILE B 75 31.96 6.72 10.36
N PRO B 76 33.11 7.06 10.93
CA PRO B 76 33.41 8.47 11.20
C PRO B 76 33.48 9.27 9.91
N SER B 77 33.38 10.59 10.06
CA SER B 77 33.42 11.47 8.90
C SER B 77 34.71 11.26 8.12
N PRO B 78 34.64 11.20 6.79
CA PRO B 78 35.84 10.93 6.00
C PRO B 78 36.84 12.07 6.07
N TYR B 79 38.11 11.72 5.87
CA TYR B 79 39.20 12.70 5.84
C TYR B 79 39.43 13.06 4.37
N VAL B 80 38.88 14.19 3.94
CA VAL B 80 39.07 14.68 2.58
C VAL B 80 40.25 15.65 2.61
N LYS B 81 41.42 15.15 2.23
CA LYS B 81 42.65 15.94 2.21
C LYS B 81 42.77 16.61 0.86
N CYS B 82 42.70 17.94 0.85
CA CYS B 82 42.77 18.71 -0.39
C CYS B 82 44.23 19.01 -0.74
N CYS B 83 44.53 18.98 -2.05
CA CYS B 83 45.86 19.28 -2.56
C CYS B 83 46.92 18.36 -1.95
N GLY B 84 46.52 17.15 -1.55
CA GLY B 84 47.43 16.22 -0.92
C GLY B 84 46.90 14.81 -0.98
N THR B 85 47.67 13.89 -0.41
CA THR B 85 47.34 12.47 -0.40
C THR B 85 47.35 11.96 1.03
N ALA B 86 46.27 11.29 1.43
CA ALA B 86 46.17 10.69 2.75
C ALA B 86 46.66 9.25 2.71
N GLU B 87 47.07 8.76 3.89
CA GLU B 87 47.56 7.39 4.02
C GLU B 87 46.82 6.70 5.16
N CYS B 88 46.53 5.41 4.96
CA CYS B 88 45.81 4.63 5.95
C CYS B 88 46.74 4.17 7.07
N LYS B 89 46.13 3.84 8.20
CA LYS B 89 46.83 3.25 9.34
C LYS B 89 45.92 2.19 9.94
N ASP B 90 46.26 0.93 9.75
CA ASP B 90 45.42 -0.19 10.20
C ASP B 90 45.43 -0.23 11.72
N LYS B 91 44.35 0.22 12.34
CA LYS B 91 44.20 0.16 13.79
C LYS B 91 43.54 -1.15 14.19
N ASN B 92 43.57 -1.42 15.50
CA ASN B 92 42.98 -2.64 16.05
C ASN B 92 41.54 -2.35 16.45
N LEU B 93 40.67 -2.29 15.45
CA LEU B 93 39.24 -2.22 15.68
C LEU B 93 38.57 -3.35 14.91
N PRO B 94 37.54 -3.99 15.48
CA PRO B 94 36.88 -5.11 14.81
C PRO B 94 36.44 -4.77 13.39
N ASP B 95 37.03 -5.46 12.41
CA ASP B 95 36.72 -5.27 10.99
C ASP B 95 37.08 -3.86 10.51
N TYR B 96 38.18 -3.31 11.03
CA TYR B 96 38.65 -2.01 10.56
C TYR B 96 38.88 -2.06 9.05
N SER B 97 38.27 -1.11 8.34
CA SER B 97 38.33 -1.06 6.89
C SER B 97 38.71 0.36 6.47
N CYS B 98 39.97 0.55 6.12
CA CYS B 98 40.48 1.83 5.64
C CYS B 98 40.82 1.71 4.16
N LYS B 99 40.63 2.82 3.44
CA LYS B 99 41.03 2.89 2.04
C LYS B 99 41.15 4.35 1.65
N VAL B 100 42.13 4.66 0.81
CA VAL B 100 42.28 6.00 0.24
C VAL B 100 41.77 5.98 -1.18
N PHE B 101 41.19 7.10 -1.61
CA PHE B 101 40.61 7.23 -2.94
C PHE B 101 41.20 8.47 -3.60
N THR B 102 41.52 8.35 -4.88
CA THR B 102 42.05 9.47 -5.65
C THR B 102 40.99 9.99 -6.62
N GLY B 103 41.26 11.16 -7.18
CA GLY B 103 40.40 11.76 -8.18
C GLY B 103 39.00 12.08 -7.68
N VAL B 104 38.91 12.97 -6.69
CA VAL B 104 37.63 13.39 -6.14
C VAL B 104 37.52 14.90 -6.25
N TYR B 105 36.30 15.38 -6.38
CA TYR B 105 36.00 16.82 -6.31
C TYR B 105 34.75 16.99 -5.48
N PRO B 106 34.88 16.89 -4.16
CA PRO B 106 33.68 16.91 -3.30
C PRO B 106 32.95 18.23 -3.37
N PHE B 107 31.62 18.15 -3.38
CA PHE B 107 30.74 19.30 -3.56
C PHE B 107 29.85 19.46 -2.34
N MET B 108 30.08 20.51 -1.57
CA MET B 108 29.12 21.01 -0.60
C MET B 108 28.33 22.14 -1.26
N TRP B 109 27.16 22.45 -0.68
CA TRP B 109 26.26 23.39 -1.33
C TRP B 109 26.91 24.74 -1.57
N GLY B 110 27.85 25.13 -0.72
CA GLY B 110 28.57 26.37 -0.91
C GLY B 110 29.66 26.34 -1.96
N GLY B 111 29.89 25.18 -2.58
CA GLY B 111 30.91 25.07 -3.59
C GLY B 111 31.90 23.95 -3.34
N ALA B 112 33.10 24.11 -3.88
CA ALA B 112 34.11 23.06 -3.77
C ALA B 112 34.81 23.11 -2.42
N TYR B 113 34.87 21.97 -1.73
CA TYR B 113 35.65 21.87 -0.51
C TYR B 113 37.14 22.01 -0.83
N CYS B 114 37.60 21.33 -1.86
CA CYS B 114 39.00 21.34 -2.25
C CYS B 114 39.24 22.42 -3.30
N PHE B 115 40.28 23.24 -3.07
CA PHE B 115 40.60 24.32 -3.99
C PHE B 115 41.31 23.80 -5.23
N CYS B 116 42.26 22.88 -5.06
CA CYS B 116 43.00 22.35 -6.19
C CYS B 116 42.10 21.49 -7.09
N ASP B 117 42.43 21.46 -8.38
CA ASP B 117 41.67 20.65 -9.32
C ASP B 117 42.14 19.20 -9.32
N ALA B 118 43.40 18.96 -9.05
CA ALA B 118 43.96 17.61 -8.95
C ALA B 118 44.53 17.39 -7.56
N GLU B 119 45.02 16.17 -7.32
CA GLU B 119 45.62 15.77 -6.05
C GLU B 119 44.63 15.90 -4.90
N ASN B 120 43.40 15.43 -5.11
CA ASN B 120 42.38 15.38 -4.07
C ASN B 120 42.15 13.94 -3.66
N THR B 121 42.20 13.69 -2.35
CA THR B 121 42.08 12.33 -1.82
C THR B 121 41.05 12.31 -0.70
N GLN B 122 40.29 11.20 -0.64
CA GLN B 122 39.34 10.95 0.43
C GLN B 122 39.74 9.68 1.16
N LEU B 123 39.97 9.78 2.46
CA LEU B 123 40.30 8.63 3.30
C LEU B 123 39.05 8.18 4.02
N SER B 124 38.59 6.97 3.71
CA SER B 124 37.37 6.43 4.30
C SER B 124 37.72 5.35 5.31
N GLU B 125 37.19 5.46 6.52
CA GLU B 125 37.36 4.47 7.56
C GLU B 125 36.00 3.92 7.97
N ALA B 126 36.01 2.71 8.53
CA ALA B 126 34.80 2.09 9.07
C ALA B 126 35.23 0.92 9.93
N HIS B 127 34.34 0.52 10.83
CA HIS B 127 34.55 -0.66 11.66
C HIS B 127 33.21 -1.12 12.20
N VAL B 128 33.24 -2.22 12.94
CA VAL B 128 32.03 -2.87 13.45
C VAL B 128 32.15 -3.02 14.95
N GLU B 129 31.08 -2.69 15.67
CA GLU B 129 30.99 -2.92 17.10
C GLU B 129 29.56 -3.35 17.44
N LYS B 130 29.36 -3.74 18.69
CA LYS B 130 28.02 -4.12 19.13
C LYS B 130 27.08 -2.92 19.02
N SER B 131 25.81 -3.21 18.72
CA SER B 131 24.81 -2.16 18.62
C SER B 131 24.40 -1.68 20.01
N GLU B 132 23.77 -0.50 20.05
CA GLU B 132 23.17 -0.03 21.28
C GLU B 132 22.01 -0.91 21.71
N SER B 133 21.47 -1.71 20.80
CA SER B 133 20.37 -2.62 21.09
C SER B 133 20.83 -3.97 21.62
N CYS B 134 22.14 -4.18 21.76
CA CYS B 134 22.67 -5.46 22.23
C CYS B 134 22.36 -5.74 23.70
N LYS B 135 21.67 -4.83 24.39
CA LYS B 135 21.32 -5.04 25.79
C LYS B 135 19.94 -5.68 25.97
N THR B 136 19.05 -5.51 25.00
CA THR B 136 17.70 -6.07 25.07
C THR B 136 17.46 -7.15 24.02
N GLU B 137 17.82 -6.90 22.77
CA GLU B 137 17.66 -7.88 21.70
C GLU B 137 18.98 -8.62 21.53
N PHE B 138 19.03 -9.86 22.02
CA PHE B 138 20.25 -10.63 22.08
C PHE B 138 19.89 -12.10 22.13
N ALA B 139 20.88 -12.96 21.88
CA ALA B 139 20.68 -14.40 21.90
C ALA B 139 21.86 -15.05 22.62
N SER B 140 21.56 -15.90 23.60
CA SER B 140 22.57 -16.51 24.45
C SER B 140 22.87 -17.93 23.98
N ALA B 141 24.14 -18.23 23.77
CA ALA B 141 24.60 -19.54 23.34
C ALA B 141 25.25 -20.25 24.52
N TYR B 142 24.67 -21.38 24.92
CA TYR B 142 25.04 -22.07 26.15
C TYR B 142 25.54 -23.48 25.87
N ARG B 143 26.24 -24.04 26.85
CA ARG B 143 26.71 -25.42 26.83
C ARG B 143 25.95 -26.18 27.92
N ALA B 144 25.00 -27.02 27.51
CA ALA B 144 24.16 -27.76 28.43
C ALA B 144 24.69 -29.18 28.60
N HIS B 145 24.81 -29.62 29.84
CA HIS B 145 25.32 -30.96 30.12
C HIS B 145 24.91 -31.39 31.52
N THR B 146 24.64 -32.68 31.66
CA THR B 146 24.39 -33.33 32.95
C THR B 146 23.26 -32.63 33.72
N ALA B 147 22.07 -32.74 33.15
CA ALA B 147 20.88 -32.13 33.73
C ALA B 147 20.62 -32.64 35.15
N SER B 148 19.84 -31.85 35.90
CA SER B 148 19.46 -32.18 37.26
C SER B 148 17.94 -32.18 37.37
N ALA B 149 17.40 -33.13 38.13
CA ALA B 149 15.98 -33.39 38.16
C ALA B 149 15.34 -32.91 39.47
N SER B 150 14.01 -32.82 39.43
CA SER B 150 13.17 -32.42 40.54
C SER B 150 11.72 -32.70 40.15
N ALA B 151 10.90 -33.06 41.13
CA ALA B 151 9.53 -33.45 40.84
C ALA B 151 8.62 -33.09 42.00
N LYS B 152 7.32 -33.14 41.72
CA LYS B 152 6.28 -32.78 42.69
C LYS B 152 5.11 -33.75 42.52
N LEU B 153 4.63 -34.29 43.63
CA LEU B 153 3.69 -35.40 43.61
C LEU B 153 2.59 -35.23 44.65
N ARG B 154 1.38 -35.66 44.30
CA ARG B 154 0.25 -35.68 45.22
C ARG B 154 0.02 -37.11 45.72
N VAL B 155 -0.21 -37.24 47.02
CA VAL B 155 -0.42 -38.54 47.67
C VAL B 155 -1.75 -38.49 48.41
N LEU B 156 -2.55 -39.55 48.27
CA LEU B 156 -3.82 -39.69 48.96
C LEU B 156 -3.62 -40.66 50.12
N TYR B 157 -3.16 -40.13 51.25
CA TYR B 157 -2.88 -40.91 52.44
C TYR B 157 -3.65 -40.32 53.62
N GLN B 158 -4.21 -41.20 54.45
CA GLN B 158 -5.14 -40.81 55.51
C GLN B 158 -6.38 -40.13 54.95
N GLY B 159 -6.70 -40.37 53.69
CA GLY B 159 -7.75 -39.62 53.02
C GLY B 159 -7.38 -38.18 52.71
N ASN B 160 -6.13 -37.79 52.93
CA ASN B 160 -5.67 -36.42 52.73
C ASN B 160 -4.84 -36.33 51.46
N ASN B 161 -5.13 -35.32 50.65
CA ASN B 161 -4.31 -34.98 49.49
C ASN B 161 -3.11 -34.17 49.98
N ILE B 162 -1.95 -34.81 50.11
CA ILE B 162 -0.75 -34.13 50.56
C ILE B 162 0.20 -33.96 49.37
N THR B 163 1.12 -33.00 49.50
CA THR B 163 2.01 -32.62 48.43
C THR B 163 3.46 -32.80 48.87
N VAL B 164 4.29 -33.30 47.96
CA VAL B 164 5.71 -33.55 48.22
C VAL B 164 6.54 -32.92 47.11
N THR B 165 7.72 -32.43 47.47
CA THR B 165 8.67 -31.86 46.51
C THR B 165 10.08 -32.22 46.94
N ALA B 166 10.85 -32.81 46.03
CA ALA B 166 12.20 -33.26 46.34
C ALA B 166 12.99 -33.44 45.05
N TYR B 167 14.25 -33.82 45.21
CA TYR B 167 15.06 -34.23 44.07
C TYR B 167 14.64 -35.61 43.62
N ALA B 168 14.41 -35.77 42.32
CA ALA B 168 13.98 -37.06 41.78
C ALA B 168 15.17 -37.95 41.49
N ASN B 169 16.03 -38.15 42.49
CA ASN B 169 17.19 -39.02 42.37
C ASN B 169 17.33 -40.03 43.49
N GLY B 170 16.48 -39.97 44.52
CA GLY B 170 16.52 -40.94 45.59
C GLY B 170 17.60 -40.73 46.62
N ASP B 171 18.16 -39.52 46.71
CA ASP B 171 19.21 -39.23 47.67
C ASP B 171 18.76 -38.37 48.84
N HIS B 172 17.75 -37.54 48.66
CA HIS B 172 17.24 -36.68 49.71
C HIS B 172 15.77 -37.00 49.97
N ALA B 173 15.42 -37.09 51.25
CA ALA B 173 14.08 -37.50 51.68
C ALA B 173 13.30 -36.30 52.20
N VAL B 174 11.97 -36.43 52.14
CA VAL B 174 11.05 -35.41 52.63
C VAL B 174 10.31 -35.98 53.83
N THR B 175 10.47 -35.34 54.99
CA THR B 175 9.82 -35.78 56.22
C THR B 175 8.53 -34.98 56.37
N VAL B 176 7.44 -35.56 55.86
CA VAL B 176 6.13 -34.91 55.87
C VAL B 176 5.23 -35.68 56.84
N LYS B 177 4.95 -35.06 57.99
CA LYS B 177 4.08 -35.65 59.02
C LYS B 177 4.60 -37.02 59.46
N ASP B 178 5.88 -37.07 59.80
CA ASP B 178 6.58 -38.29 60.22
C ASP B 178 6.51 -39.39 59.16
N ALA B 179 6.15 -39.05 57.93
CA ALA B 179 6.13 -39.99 56.82
C ALA B 179 7.27 -39.60 55.87
N LYS B 180 8.29 -40.45 55.79
CA LYS B 180 9.44 -40.17 54.95
C LYS B 180 9.16 -40.57 53.51
N PHE B 181 9.55 -39.70 52.57
CA PHE B 181 9.30 -39.91 51.16
C PHE B 181 10.62 -39.80 50.40
N ILE B 182 10.90 -40.79 49.56
CA ILE B 182 12.09 -40.81 48.71
C ILE B 182 11.65 -41.03 47.27
N VAL B 183 12.22 -40.26 46.35
CA VAL B 183 11.86 -40.31 44.95
C VAL B 183 13.13 -40.33 44.11
N GLY B 184 13.26 -41.33 43.25
CA GLY B 184 14.38 -41.41 42.34
C GLY B 184 15.19 -42.68 42.50
N PRO B 185 16.19 -42.88 41.61
CA PRO B 185 16.51 -41.95 40.53
C PRO B 185 15.61 -42.08 39.31
N MET B 186 15.72 -41.14 38.38
CA MET B 186 14.97 -41.22 37.14
C MET B 186 15.37 -42.46 36.36
N SER B 187 14.38 -43.22 35.90
CA SER B 187 14.67 -44.37 35.05
C SER B 187 15.33 -43.96 33.73
N SER B 188 15.19 -42.70 33.35
CA SER B 188 15.74 -42.19 32.10
C SER B 188 16.62 -40.98 32.39
N ALA B 189 17.77 -40.92 31.71
CA ALA B 189 18.66 -39.76 31.76
C ALA B 189 18.47 -38.85 30.55
N TRP B 190 17.24 -38.75 30.03
CA TRP B 190 16.98 -38.00 28.82
C TRP B 190 16.86 -36.50 29.11
N THR B 191 17.19 -35.71 28.10
CA THR B 191 17.00 -34.27 28.10
C THR B 191 16.89 -33.80 26.65
N PRO B 192 15.77 -33.17 26.27
CA PRO B 192 15.64 -32.68 24.89
C PRO B 192 16.62 -31.56 24.53
N PHE B 193 17.49 -31.17 25.45
CA PHE B 193 18.53 -30.19 25.17
C PHE B 193 19.81 -30.91 24.76
N ASP B 194 20.39 -30.50 23.64
CA ASP B 194 21.65 -31.06 23.20
C ASP B 194 22.79 -30.56 24.08
N ASN B 195 24.01 -30.96 23.73
CA ASN B 195 25.19 -30.48 24.45
C ASN B 195 25.43 -29.00 24.22
N LYS B 196 24.92 -28.45 23.13
CA LYS B 196 25.04 -27.03 22.81
C LYS B 196 23.68 -26.50 22.40
N ILE B 197 23.24 -25.42 23.06
CA ILE B 197 21.92 -24.85 22.84
C ILE B 197 22.03 -23.34 22.73
N VAL B 198 20.96 -22.73 22.22
CA VAL B 198 20.84 -21.29 22.13
C VAL B 198 19.48 -20.87 22.67
N VAL B 199 19.44 -19.71 23.33
CA VAL B 199 18.23 -19.22 23.98
C VAL B 199 18.02 -17.77 23.56
N TYR B 200 16.80 -17.44 23.13
CA TYR B 200 16.42 -16.06 22.79
C TYR B 200 15.16 -15.70 23.57
N LYS B 201 15.34 -15.33 24.83
CA LYS B 201 14.46 -14.47 25.59
C LYS B 201 13.09 -15.07 25.89
N GLY B 202 12.68 -16.09 25.14
CA GLY B 202 11.48 -16.81 25.48
C GLY B 202 11.47 -18.24 24.95
N ASP B 203 12.58 -18.65 24.36
CA ASP B 203 12.60 -19.87 23.56
C ASP B 203 13.97 -20.53 23.66
N VAL B 204 13.97 -21.85 23.56
CA VAL B 204 15.19 -22.65 23.56
C VAL B 204 15.30 -23.35 22.21
N TYR B 205 16.51 -23.34 21.65
CA TYR B 205 16.78 -24.02 20.39
C TYR B 205 17.98 -24.93 20.56
N ASN B 206 17.91 -26.10 19.94
CA ASN B 206 19.08 -26.96 19.79
C ASN B 206 19.88 -26.49 18.59
N MET B 207 21.16 -26.24 18.79
CA MET B 207 22.01 -25.73 17.71
C MET B 207 23.46 -25.98 18.06
N ASP B 208 24.22 -26.52 17.09
CA ASP B 208 25.67 -26.61 17.21
C ASP B 208 26.25 -25.29 16.72
N TYR B 209 26.14 -24.28 17.57
CA TYR B 209 26.51 -22.93 17.18
C TYR B 209 28.01 -22.83 16.93
N PRO B 210 28.42 -21.98 16.00
CA PRO B 210 29.85 -21.76 15.74
C PRO B 210 30.55 -21.27 16.99
N PRO B 211 31.71 -21.83 17.31
CA PRO B 211 32.41 -21.45 18.55
C PRO B 211 32.93 -20.02 18.47
N PHE B 212 33.36 -19.54 19.64
CA PHE B 212 33.92 -18.20 19.76
C PHE B 212 35.14 -18.06 18.87
N GLY B 213 35.05 -17.19 17.88
CA GLY B 213 36.11 -17.01 16.91
C GLY B 213 35.92 -17.75 15.60
N ALA B 214 34.69 -18.20 15.30
CA ALA B 214 34.43 -18.93 14.06
C ALA B 214 33.16 -18.44 13.36
N GLY B 215 32.69 -17.25 13.68
CA GLY B 215 31.47 -16.76 13.04
C GLY B 215 31.69 -16.42 11.59
N ARG B 216 30.71 -16.76 10.76
CA ARG B 216 30.81 -16.45 9.36
C ARG B 216 29.77 -15.40 8.96
N PRO B 217 30.06 -14.56 7.97
CA PRO B 217 29.12 -13.50 7.59
C PRO B 217 27.79 -14.06 7.14
N GLY B 218 26.72 -13.31 7.45
CA GLY B 218 25.37 -13.71 7.13
C GLY B 218 24.82 -14.83 7.99
N GLN B 219 25.66 -15.52 8.75
CA GLN B 219 25.23 -16.66 9.56
C GLN B 219 25.01 -16.21 11.00
N PHE B 220 24.56 -17.14 11.83
CA PHE B 220 24.39 -16.88 13.25
C PHE B 220 25.69 -16.42 13.86
N GLY B 221 25.65 -15.24 14.51
CA GLY B 221 26.82 -14.74 15.19
C GLY B 221 27.91 -14.24 14.27
N ASP B 222 27.54 -13.42 13.27
CA ASP B 222 28.56 -12.69 12.51
C ASP B 222 29.37 -11.78 13.42
N ILE B 223 28.83 -11.43 14.58
CA ILE B 223 29.55 -10.75 15.65
C ILE B 223 29.29 -11.52 16.94
N GLN B 224 30.32 -11.66 17.78
CA GLN B 224 30.21 -12.44 19.00
C GLN B 224 30.89 -11.73 20.15
N SER B 225 30.36 -11.97 21.36
CA SER B 225 30.90 -11.39 22.58
C SER B 225 30.64 -12.34 23.74
N ARG B 226 31.67 -12.60 24.54
CA ARG B 226 31.53 -13.52 25.66
C ARG B 226 30.48 -13.03 26.65
N THR B 227 30.51 -11.73 26.96
CA THR B 227 29.52 -11.09 27.81
C THR B 227 28.94 -9.89 27.09
N PRO B 228 27.71 -9.48 27.43
CA PRO B 228 27.16 -8.27 26.80
C PRO B 228 27.95 -7.02 27.09
N GLU B 229 28.83 -7.03 28.10
CA GLU B 229 29.57 -5.83 28.48
C GLU B 229 31.02 -5.84 28.01
N SER B 230 31.61 -7.02 27.78
CA SER B 230 33.00 -7.13 27.36
C SER B 230 33.29 -6.19 26.20
N LYS B 231 34.20 -5.24 26.44
CA LYS B 231 34.40 -4.15 25.48
C LYS B 231 34.90 -4.66 24.14
N ASP B 232 35.80 -5.63 24.13
CA ASP B 232 36.31 -6.20 22.91
C ASP B 232 35.41 -7.34 22.44
N VAL B 233 35.11 -7.35 21.15
CA VAL B 233 34.25 -8.37 20.55
C VAL B 233 34.93 -8.91 19.29
N TYR B 234 34.43 -10.05 18.84
CA TYR B 234 34.91 -10.71 17.62
C TYR B 234 33.84 -10.60 16.55
N ALA B 235 34.24 -10.23 15.34
CA ALA B 235 33.29 -10.08 14.24
C ALA B 235 34.04 -10.02 12.93
N ASN B 236 33.47 -10.67 11.91
CA ASN B 236 33.87 -10.45 10.52
C ASN B 236 32.59 -10.46 9.69
N THR B 237 32.32 -9.35 9.01
CA THR B 237 31.09 -9.18 8.25
C THR B 237 31.37 -8.85 6.78
N GLN B 238 32.59 -9.10 6.32
CA GLN B 238 33.00 -8.80 4.95
C GLN B 238 32.72 -7.35 4.59
N LEU B 239 33.34 -6.47 5.37
CA LEU B 239 33.17 -5.03 5.20
C LEU B 239 34.17 -4.51 4.17
N VAL B 240 33.67 -4.03 3.05
CA VAL B 240 34.50 -3.47 1.98
C VAL B 240 33.88 -2.15 1.54
N LEU B 241 34.71 -1.12 1.43
CA LEU B 241 34.24 0.22 1.09
C LEU B 241 34.22 0.42 -0.42
N GLN B 242 33.09 0.90 -0.93
CA GLN B 242 32.96 1.19 -2.35
C GLN B 242 33.56 2.56 -2.65
N ARG B 243 33.48 2.96 -3.91
CA ARG B 243 34.00 4.29 -4.21
C ARG B 243 32.88 5.33 -4.12
N PRO B 244 33.16 6.50 -3.52
CA PRO B 244 32.14 7.54 -3.48
C PRO B 244 31.86 8.10 -4.87
N ALA B 245 30.58 8.38 -5.12
CA ALA B 245 30.19 9.02 -6.37
C ALA B 245 30.86 10.38 -6.50
N ALA B 246 31.06 10.81 -7.74
CA ALA B 246 31.78 12.05 -7.99
C ALA B 246 31.02 13.25 -7.44
N GLY B 247 31.76 14.21 -6.90
CA GLY B 247 31.14 15.41 -6.34
C GLY B 247 30.22 15.14 -5.18
N THR B 248 30.57 14.19 -4.32
CA THR B 248 29.70 13.77 -3.24
C THR B 248 30.54 13.32 -2.05
N VAL B 249 30.14 13.74 -0.86
CA VAL B 249 30.83 13.37 0.37
C VAL B 249 29.98 12.30 1.05
N HIS B 250 30.34 11.04 0.85
CA HIS B 250 29.69 9.94 1.55
C HIS B 250 30.65 8.76 1.59
N VAL B 251 30.35 7.81 2.46
CA VAL B 251 31.18 6.62 2.60
C VAL B 251 30.32 5.39 2.32
N PRO B 252 30.23 4.95 1.06
CA PRO B 252 29.46 3.73 0.76
C PRO B 252 30.25 2.48 1.10
N TYR B 253 29.52 1.43 1.43
CA TYR B 253 30.14 0.16 1.82
C TYR B 253 29.43 -1.00 1.16
N SER B 254 30.08 -2.15 1.21
CA SER B 254 29.45 -3.45 1.00
C SER B 254 29.70 -4.28 2.24
N GLN B 255 28.68 -4.98 2.71
CA GLN B 255 28.78 -5.63 4.02
C GLN B 255 27.68 -6.66 4.17
N ALA B 256 28.04 -7.83 4.68
CA ALA B 256 27.04 -8.84 4.99
C ALA B 256 26.11 -8.30 6.08
N PRO B 257 24.79 -8.36 5.89
CA PRO B 257 23.89 -7.86 6.93
C PRO B 257 23.93 -8.70 8.20
N SER B 258 23.22 -8.25 9.23
CA SER B 258 23.24 -8.94 10.52
C SER B 258 22.73 -10.36 10.40
N GLY B 259 23.56 -11.31 10.83
CA GLY B 259 23.10 -12.68 10.95
C GLY B 259 22.04 -12.86 12.03
N PHE B 260 21.98 -11.92 12.99
CA PHE B 260 20.96 -11.98 14.02
C PHE B 260 19.57 -11.81 13.41
N LYS B 261 19.31 -10.66 12.78
CA LYS B 261 17.99 -10.41 12.20
C LYS B 261 17.63 -11.45 11.16
N TYR B 262 18.62 -11.93 10.40
CA TYR B 262 18.38 -13.06 9.50
C TYR B 262 17.91 -14.27 10.29
N TRP B 263 18.58 -14.58 11.40
CA TRP B 263 18.17 -15.72 12.21
C TRP B 263 16.82 -15.50 12.86
N LEU B 264 16.46 -14.24 13.15
CA LEU B 264 15.18 -13.95 13.78
C LEU B 264 14.02 -14.35 12.87
N LYS B 265 14.18 -14.17 11.56
CA LYS B 265 13.17 -14.64 10.63
C LYS B 265 13.30 -16.13 10.34
N GLU B 266 14.53 -16.66 10.39
CA GLU B 266 14.86 -17.96 9.85
C GLU B 266 15.00 -19.04 10.91
N ARG B 267 14.50 -18.80 12.13
CA ARG B 267 14.82 -19.70 13.23
C ARG B 267 13.93 -20.94 13.22
N GLY B 268 12.62 -20.77 13.03
CA GLY B 268 11.70 -21.88 13.14
C GLY B 268 11.24 -22.11 14.57
N ALA B 269 10.30 -23.04 14.72
CA ALA B 269 9.68 -23.30 16.02
C ALA B 269 10.72 -23.78 17.03
N SER B 270 10.45 -23.46 18.30
CA SER B 270 11.36 -23.80 19.39
C SER B 270 11.06 -25.20 19.91
N LEU B 271 11.72 -25.59 20.99
CA LEU B 271 11.48 -26.90 21.60
C LEU B 271 10.13 -26.97 22.27
N GLN B 272 9.52 -25.84 22.59
CA GLN B 272 8.19 -25.84 23.18
C GLN B 272 7.16 -26.45 22.23
N HIS B 273 7.45 -26.46 20.93
CA HIS B 273 6.52 -26.98 19.94
C HIS B 273 6.98 -28.27 19.27
N THR B 274 8.26 -28.63 19.37
CA THR B 274 8.81 -29.72 18.59
C THR B 274 9.49 -30.82 19.40
N ALA B 275 9.80 -30.57 20.68
CA ALA B 275 10.52 -31.56 21.46
C ALA B 275 9.67 -32.83 21.62
N PRO B 276 10.29 -34.01 21.63
CA PRO B 276 9.52 -35.26 21.75
C PRO B 276 9.01 -35.49 23.16
N PHE B 277 8.07 -36.43 23.27
CA PHE B 277 7.47 -36.84 24.55
C PHE B 277 6.70 -35.72 25.23
N GLY B 278 6.24 -34.74 24.45
CA GLY B 278 5.40 -33.69 25.00
C GLY B 278 6.03 -32.87 26.10
N CYS B 279 7.35 -32.70 26.06
CA CYS B 279 8.02 -31.87 27.05
C CYS B 279 7.51 -30.44 26.99
N GLN B 280 7.57 -29.77 28.14
CA GLN B 280 7.31 -28.33 28.22
C GLN B 280 8.63 -27.61 28.40
N ILE B 281 8.83 -26.54 27.63
CA ILE B 281 10.09 -25.79 27.62
C ILE B 281 9.85 -24.41 28.19
N ALA B 282 10.63 -24.04 29.20
CA ALA B 282 10.55 -22.72 29.82
C ALA B 282 11.95 -22.19 30.04
N THR B 283 12.11 -20.88 29.89
CA THR B 283 13.40 -20.22 30.06
C THR B 283 13.47 -19.54 31.42
N ASN B 284 14.70 -19.20 31.82
CA ASN B 284 14.99 -18.49 33.05
C ASN B 284 14.33 -19.14 34.26
N PRO B 285 14.83 -20.29 34.73
CA PRO B 285 15.98 -20.98 34.15
C PRO B 285 15.57 -21.86 32.98
N VAL B 286 16.51 -22.22 32.12
CA VAL B 286 16.23 -23.18 31.06
C VAL B 286 15.83 -24.50 31.72
N ARG B 287 14.61 -24.95 31.46
CA ARG B 287 14.09 -26.12 32.14
C ARG B 287 13.07 -26.83 31.25
N ALA B 288 12.97 -28.14 31.45
CA ALA B 288 11.99 -28.98 30.77
C ALA B 288 11.07 -29.60 31.80
N VAL B 289 9.76 -29.53 31.58
CA VAL B 289 8.76 -29.93 32.56
C VAL B 289 7.81 -30.94 31.94
N ASN B 290 7.44 -31.96 32.74
CA ASN B 290 6.42 -32.94 32.38
C ASN B 290 6.82 -33.79 31.17
N CYS B 291 8.11 -34.06 31.03
CA CYS B 291 8.58 -34.98 30.00
C CYS B 291 8.13 -36.40 30.37
N ALA B 292 7.24 -36.97 29.56
CA ALA B 292 6.73 -38.32 29.80
C ALA B 292 7.71 -39.33 29.23
N VAL B 293 8.77 -39.60 30.00
CA VAL B 293 9.83 -40.51 29.60
C VAL B 293 10.15 -41.44 30.76
N GLY B 294 10.28 -42.73 30.47
CA GLY B 294 10.63 -43.70 31.48
C GLY B 294 9.59 -43.80 32.58
N ASN B 295 10.05 -44.15 33.78
CA ASN B 295 9.22 -44.25 34.96
C ASN B 295 9.99 -43.71 36.15
N MET B 296 9.36 -43.76 37.33
CA MET B 296 10.01 -43.20 38.50
C MET B 296 9.64 -44.00 39.75
N PRO B 297 10.61 -44.34 40.58
CA PRO B 297 10.31 -45.05 41.83
C PRO B 297 9.87 -44.10 42.94
N ILE B 298 9.12 -44.67 43.89
CA ILE B 298 8.58 -43.92 45.01
C ILE B 298 8.75 -44.77 46.27
N SER B 299 9.44 -44.21 47.26
CA SER B 299 9.66 -44.87 48.54
C SER B 299 8.91 -44.11 49.62
N ILE B 300 8.00 -44.81 50.32
CA ILE B 300 7.16 -44.22 51.36
C ILE B 300 7.42 -44.97 52.65
N ASP B 301 8.09 -44.29 53.60
CA ASP B 301 8.30 -44.85 54.93
C ASP B 301 7.17 -44.35 55.82
N ILE B 302 6.09 -45.11 55.87
CA ILE B 302 4.93 -44.71 56.68
C ILE B 302 5.27 -44.89 58.16
N PRO B 303 4.95 -43.92 59.02
CA PRO B 303 5.18 -44.13 60.45
C PRO B 303 4.28 -45.22 61.01
N GLU B 304 4.78 -45.89 62.05
CA GLU B 304 4.05 -47.01 62.63
C GLU B 304 2.81 -46.58 63.41
N ALA B 305 2.73 -45.30 63.81
CA ALA B 305 1.63 -44.86 64.66
C ALA B 305 0.30 -44.95 63.94
N ALA B 306 0.21 -44.40 62.72
CA ALA B 306 -1.05 -44.38 62.00
C ALA B 306 -1.54 -45.77 61.59
N PHE B 307 -0.72 -46.80 61.74
CA PHE B 307 -1.17 -48.16 61.47
C PHE B 307 -2.07 -48.66 62.59
N THR B 308 -3.01 -49.54 62.22
CA THR B 308 -4.01 -50.05 63.15
C THR B 308 -4.23 -51.53 62.86
N ARG B 309 -4.16 -52.35 63.92
CA ARG B 309 -4.23 -53.79 63.76
C ARG B 309 -5.63 -54.22 63.32
N VAL B 310 -5.77 -55.53 63.09
CA VAL B 310 -7.05 -56.08 62.63
C VAL B 310 -8.09 -56.05 63.74
N VAL B 311 -7.65 -56.17 65.00
CA VAL B 311 -8.60 -56.20 66.11
C VAL B 311 -9.35 -54.88 66.20
N ASP B 312 -8.63 -53.76 66.14
CA ASP B 312 -9.25 -52.44 66.19
C ASP B 312 -9.90 -52.05 64.86
N ALA B 313 -9.68 -52.83 63.80
CA ALA B 313 -10.16 -52.48 62.46
C ALA B 313 -11.55 -53.04 62.21
N PRO B 314 -12.42 -52.26 61.56
CA PRO B 314 -13.74 -52.77 61.17
C PRO B 314 -13.61 -53.85 60.11
N SER B 315 -14.10 -55.04 60.41
CA SER B 315 -14.07 -56.18 59.50
C SER B 315 -15.47 -56.38 58.93
N LEU B 316 -15.62 -56.20 57.62
CA LEU B 316 -16.92 -56.34 56.98
C LEU B 316 -17.19 -57.79 56.63
N THR B 317 -18.45 -58.20 56.77
CA THR B 317 -18.85 -59.58 56.53
C THR B 317 -20.17 -59.60 55.77
N ASP B 318 -20.37 -60.67 55.00
CA ASP B 318 -21.58 -60.88 54.21
C ASP B 318 -21.86 -59.68 53.31
N MET B 319 -20.93 -59.42 52.40
CA MET B 319 -21.04 -58.31 51.48
C MET B 319 -21.56 -58.77 50.12
N SER B 320 -22.30 -57.89 49.45
N SER B 320 -22.29 -57.89 49.45
CA SER B 320 -22.85 -58.16 48.13
CA SER B 320 -22.85 -58.17 48.14
C SER B 320 -22.51 -57.01 47.20
C SER B 320 -22.53 -57.01 47.20
N CYS B 321 -22.46 -57.32 45.91
CA CYS B 321 -22.12 -56.33 44.89
C CYS B 321 -23.22 -56.27 43.83
N GLU B 322 -23.44 -55.08 43.30
CA GLU B 322 -24.48 -54.87 42.29
C GLU B 322 -24.10 -53.67 41.43
N VAL B 323 -24.23 -53.84 40.12
CA VAL B 323 -23.88 -52.80 39.16
C VAL B 323 -25.08 -52.54 38.24
N PRO B 324 -25.74 -51.39 38.34
CA PRO B 324 -26.92 -51.15 37.49
C PRO B 324 -26.56 -50.77 36.06
N ALA B 325 -25.46 -50.03 35.89
CA ALA B 325 -25.05 -49.59 34.56
C ALA B 325 -23.54 -49.39 34.54
N CYS B 326 -22.95 -49.61 33.36
CA CYS B 326 -21.52 -49.45 33.20
C CYS B 326 -21.23 -49.15 31.73
N THR B 327 -20.07 -48.55 31.50
CA THR B 327 -19.63 -48.21 30.14
C THR B 327 -18.11 -48.21 30.11
N HIS B 328 -17.54 -49.02 29.22
CA HIS B 328 -16.09 -49.17 29.13
C HIS B 328 -15.48 -47.98 28.41
N SER B 329 -14.54 -47.30 29.06
CA SER B 329 -13.87 -46.13 28.50
C SER B 329 -12.63 -45.84 29.36
N SER B 330 -11.99 -44.70 29.09
CA SER B 330 -10.81 -44.32 29.86
C SER B 330 -11.19 -43.83 31.26
N ASP B 331 -12.37 -43.24 31.41
CA ASP B 331 -12.83 -42.74 32.69
C ASP B 331 -13.59 -43.82 33.45
N PHE B 332 -13.96 -43.49 34.69
CA PHE B 332 -14.68 -44.43 35.55
C PHE B 332 -16.15 -44.48 35.09
N GLY B 333 -16.36 -45.20 33.99
CA GLY B 333 -17.67 -45.27 33.37
C GLY B 333 -18.60 -46.30 33.97
N GLY B 334 -18.33 -46.73 35.18
CA GLY B 334 -19.17 -47.70 35.86
C GLY B 334 -19.44 -47.29 37.29
N VAL B 335 -20.66 -47.57 37.75
CA VAL B 335 -21.07 -47.26 39.11
C VAL B 335 -21.44 -48.56 39.80
N ALA B 336 -20.89 -48.79 40.99
CA ALA B 336 -21.12 -49.98 41.77
C ALA B 336 -21.64 -49.62 43.16
N ILE B 337 -22.42 -50.53 43.74
CA ILE B 337 -22.98 -50.36 45.07
C ILE B 337 -22.76 -51.66 45.84
N ILE B 338 -22.24 -51.54 47.06
CA ILE B 338 -21.90 -52.70 47.89
C ILE B 338 -22.70 -52.65 49.18
N LYS B 339 -23.57 -53.62 49.39
CA LYS B 339 -24.18 -53.83 50.69
C LYS B 339 -23.22 -54.63 51.58
N TYR B 340 -23.13 -54.24 52.84
CA TYR B 340 -22.15 -54.85 53.74
C TYR B 340 -22.72 -54.91 55.14
N ALA B 341 -22.03 -55.66 56.00
CA ALA B 341 -22.31 -55.73 57.44
C ALA B 341 -20.99 -55.51 58.15
N ALA B 342 -20.63 -54.25 58.37
CA ALA B 342 -19.39 -53.93 59.04
C ALA B 342 -19.48 -54.28 60.52
N SER B 343 -18.31 -54.42 61.15
CA SER B 343 -18.29 -54.77 62.56
C SER B 343 -18.56 -53.58 63.47
N LYS B 344 -18.20 -52.38 63.05
CA LYS B 344 -18.37 -51.18 63.85
C LYS B 344 -18.20 -49.96 62.95
N LYS B 345 -18.26 -48.78 63.56
CA LYS B 345 -18.11 -47.52 62.84
C LYS B 345 -16.64 -47.15 62.71
N GLY B 346 -16.24 -46.73 61.52
CA GLY B 346 -14.89 -46.32 61.29
C GLY B 346 -14.55 -46.31 59.81
N LYS B 347 -13.36 -45.81 59.52
CA LYS B 347 -12.87 -45.75 58.15
C LYS B 347 -12.40 -47.13 57.70
N CYS B 348 -12.42 -47.32 56.38
CA CYS B 348 -11.93 -48.54 55.75
C CYS B 348 -11.63 -48.28 54.28
N ALA B 349 -10.86 -49.21 53.69
CA ALA B 349 -10.29 -49.05 52.36
C ALA B 349 -11.06 -49.86 51.32
N VAL B 350 -10.83 -49.53 50.06
CA VAL B 350 -11.47 -50.17 48.91
C VAL B 350 -10.41 -50.31 47.84
N HIS B 351 -10.03 -51.55 47.53
CA HIS B 351 -8.96 -51.83 46.59
C HIS B 351 -9.44 -52.76 45.48
N SER B 352 -8.77 -52.69 44.33
CA SER B 352 -9.05 -53.54 43.19
C SER B 352 -7.84 -54.45 42.96
N MET B 353 -8.05 -55.76 43.13
CA MET B 353 -6.93 -56.71 43.06
C MET B 353 -6.40 -56.87 41.64
N THR B 354 -7.22 -56.62 40.63
CA THR B 354 -6.88 -56.92 39.24
C THR B 354 -6.29 -55.70 38.54
N ASN B 355 -5.47 -55.97 37.53
CA ASN B 355 -4.80 -54.90 36.79
C ASN B 355 -5.74 -54.22 35.80
N ALA B 356 -6.45 -55.01 34.99
CA ALA B 356 -7.29 -54.46 33.93
C ALA B 356 -8.48 -53.67 34.45
N VAL B 357 -8.75 -53.72 35.76
CA VAL B 357 -9.86 -52.99 36.37
C VAL B 357 -9.29 -52.03 37.40
N THR B 358 -9.78 -50.79 37.39
CA THR B 358 -9.36 -49.77 38.34
C THR B 358 -10.58 -49.18 39.02
N ILE B 359 -10.38 -48.69 40.24
CA ILE B 359 -11.45 -48.13 41.06
C ILE B 359 -11.10 -46.69 41.39
N ARG B 360 -12.07 -45.78 41.21
CA ARG B 360 -11.87 -44.39 41.59
C ARG B 360 -11.73 -44.24 43.09
N GLU B 361 -12.54 -44.98 43.86
CA GLU B 361 -12.53 -44.86 45.30
C GLU B 361 -11.38 -45.66 45.91
N ALA B 362 -10.93 -45.21 47.08
CA ALA B 362 -9.88 -45.88 47.81
C ALA B 362 -10.29 -46.14 49.26
N GLU B 363 -11.08 -45.22 49.82
CA GLU B 363 -11.45 -45.28 51.23
C GLU B 363 -12.88 -44.76 51.40
N ILE B 364 -13.71 -45.54 52.08
CA ILE B 364 -15.07 -45.14 52.43
C ILE B 364 -15.30 -45.45 53.91
N GLU B 365 -16.39 -44.92 54.44
CA GLU B 365 -16.73 -45.06 55.85
C GLU B 365 -17.78 -46.16 56.03
N VAL B 366 -17.49 -47.10 56.94
CA VAL B 366 -18.37 -48.23 57.20
C VAL B 366 -18.93 -48.11 58.62
N GLU B 367 -20.19 -48.52 58.78
CA GLU B 367 -20.81 -48.54 60.11
C GLU B 367 -21.97 -49.53 60.07
N GLY B 368 -21.78 -50.68 60.72
CA GLY B 368 -22.86 -51.66 60.80
C GLY B 368 -23.25 -52.16 59.43
N ASN B 369 -24.55 -52.15 59.16
CA ASN B 369 -25.11 -52.57 57.88
C ASN B 369 -25.56 -51.33 57.11
N SER B 370 -25.05 -51.19 55.90
CA SER B 370 -25.39 -50.07 55.01
C SER B 370 -24.97 -50.46 53.60
N GLN B 371 -25.00 -49.48 52.69
CA GLN B 371 -24.49 -49.70 51.34
C GLN B 371 -23.68 -48.48 50.92
N LEU B 372 -22.64 -48.74 50.13
CA LEU B 372 -21.70 -47.73 49.68
C LEU B 372 -21.75 -47.62 48.16
N GLN B 373 -21.34 -46.46 47.64
CA GLN B 373 -21.40 -46.17 46.21
C GLN B 373 -20.00 -45.81 45.73
N ILE B 374 -19.51 -46.54 44.72
CA ILE B 374 -18.17 -46.36 44.20
C ILE B 374 -18.23 -46.34 42.67
N SER B 375 -17.07 -46.16 42.06
CA SER B 375 -16.92 -46.14 40.61
C SER B 375 -15.77 -47.05 40.20
N PHE B 376 -15.81 -47.48 38.94
CA PHE B 376 -14.78 -48.38 38.41
C PHE B 376 -14.62 -48.14 36.92
N SER B 377 -13.49 -48.59 36.37
CA SER B 377 -13.16 -48.34 34.99
C SER B 377 -12.36 -49.50 34.41
N THR B 378 -12.63 -49.82 33.15
CA THR B 378 -11.87 -50.80 32.38
C THR B 378 -12.11 -50.52 30.90
N ALA B 379 -11.74 -51.46 30.04
CA ALA B 379 -11.90 -51.30 28.60
C ALA B 379 -12.76 -52.36 27.94
N LEU B 380 -12.97 -53.52 28.57
CA LEU B 380 -13.73 -54.60 27.96
C LEU B 380 -15.22 -54.44 28.24
N ALA B 381 -16.03 -55.24 27.54
CA ALA B 381 -17.47 -55.15 27.65
C ALA B 381 -17.99 -55.94 28.86
N SER B 382 -17.56 -57.19 28.99
CA SER B 382 -17.97 -58.05 30.10
C SER B 382 -16.88 -58.02 31.16
N ALA B 383 -17.18 -57.40 32.30
CA ALA B 383 -16.21 -57.20 33.37
C ALA B 383 -16.47 -58.20 34.49
N GLU B 384 -15.45 -59.00 34.81
CA GLU B 384 -15.48 -59.90 35.95
C GLU B 384 -14.20 -59.70 36.75
N PHE B 385 -14.35 -59.29 38.01
CA PHE B 385 -13.19 -59.00 38.85
C PHE B 385 -13.64 -59.02 40.30
N ARG B 386 -12.67 -58.99 41.21
CA ARG B 386 -12.91 -59.04 42.64
C ARG B 386 -12.48 -57.73 43.29
N VAL B 387 -13.25 -57.30 44.29
CA VAL B 387 -12.96 -56.08 45.03
C VAL B 387 -12.96 -56.43 46.52
N GLN B 388 -11.94 -55.95 47.23
CA GLN B 388 -11.76 -56.25 48.65
C GLN B 388 -12.00 -54.98 49.46
N VAL B 389 -12.85 -55.09 50.49
CA VAL B 389 -13.14 -53.94 51.33
C VAL B 389 -12.53 -54.11 52.72
N CYS B 390 -11.28 -53.66 52.88
CA CYS B 390 -10.64 -53.40 54.15
C CYS B 390 -10.34 -54.63 55.00
N SER B 391 -11.00 -55.76 54.73
CA SER B 391 -10.56 -57.02 55.31
C SER B 391 -10.87 -58.24 54.44
N THR B 392 -11.79 -58.09 53.50
CA THR B 392 -12.43 -59.24 52.87
C THR B 392 -12.83 -58.90 51.44
N GLN B 393 -12.85 -59.93 50.59
CA GLN B 393 -13.10 -59.78 49.17
C GLN B 393 -14.54 -60.14 48.82
N VAL B 394 -14.96 -59.70 47.63
CA VAL B 394 -16.26 -60.05 47.07
C VAL B 394 -16.16 -59.84 45.57
N HIS B 395 -17.07 -60.47 44.83
CA HIS B 395 -17.03 -60.45 43.37
C HIS B 395 -18.07 -59.47 42.80
N CYS B 396 -17.73 -58.90 41.64
CA CYS B 396 -18.63 -58.01 40.92
C CYS B 396 -18.56 -58.35 39.43
N ALA B 397 -19.72 -58.47 38.79
CA ALA B 397 -19.80 -58.79 37.37
C ALA B 397 -20.93 -58.01 36.73
N ALA B 398 -20.71 -57.52 35.52
CA ALA B 398 -21.70 -56.74 34.78
C ALA B 398 -21.24 -56.61 33.34
N GLU B 399 -22.06 -55.93 32.54
CA GLU B 399 -21.77 -55.64 31.14
C GLU B 399 -21.68 -54.13 30.96
N CYS B 400 -20.70 -53.69 30.18
CA CYS B 400 -20.44 -52.26 29.98
C CYS B 400 -20.60 -51.91 28.51
N HIS B 401 -21.31 -50.82 28.24
CA HIS B 401 -21.53 -50.33 26.89
C HIS B 401 -20.32 -49.53 26.41
N PRO B 402 -20.25 -49.21 25.11
CA PRO B 402 -19.23 -48.27 24.63
C PRO B 402 -19.66 -46.84 24.88
N PRO B 403 -18.71 -45.90 24.96
CA PRO B 403 -19.08 -44.48 25.12
C PRO B 403 -19.42 -43.82 23.79
N LYS B 404 -19.65 -42.51 23.81
CA LYS B 404 -19.94 -41.77 22.59
C LYS B 404 -18.70 -41.14 21.97
N ASP B 405 -17.58 -41.10 22.69
CA ASP B 405 -16.38 -40.42 22.23
C ASP B 405 -15.32 -41.45 21.83
N HIS B 406 -14.85 -41.37 20.59
CA HIS B 406 -13.67 -42.13 20.20
C HIS B 406 -12.39 -41.42 20.60
N ILE B 407 -12.42 -40.10 20.68
CA ILE B 407 -11.26 -39.28 21.02
C ILE B 407 -11.50 -38.64 22.38
N VAL B 408 -10.45 -38.60 23.19
CA VAL B 408 -10.52 -38.12 24.57
C VAL B 408 -9.35 -37.18 24.82
N ASN B 409 -9.61 -36.09 25.53
CA ASN B 409 -8.60 -35.05 25.79
C ASN B 409 -8.05 -35.14 27.21
N TYR B 410 -7.87 -36.35 27.73
CA TYR B 410 -7.25 -36.57 29.03
C TYR B 410 -6.62 -37.95 29.04
N PRO B 411 -5.51 -38.15 29.77
CA PRO B 411 -4.77 -39.41 29.75
C PRO B 411 -5.59 -40.63 30.15
N ASP C 69 6.90 34.36 -24.88
CA ASP C 69 7.53 33.09 -24.57
C ASP C 69 6.68 31.92 -25.05
N ASN C 70 5.37 32.13 -25.11
CA ASN C 70 4.42 31.13 -25.59
C ASN C 70 3.52 31.61 -26.70
N PHE C 71 3.39 32.92 -26.91
CA PHE C 71 2.58 33.53 -27.97
C PHE C 71 1.11 33.14 -27.87
N ASN C 72 0.66 32.77 -26.67
CA ASN C 72 -0.77 32.62 -26.37
C ASN C 72 -1.46 31.67 -27.35
N VAL C 73 -0.87 30.49 -27.53
CA VAL C 73 -1.43 29.51 -28.45
C VAL C 73 -2.82 29.07 -27.98
N TYR C 74 -3.04 29.04 -26.66
CA TYR C 74 -4.31 28.61 -26.10
C TYR C 74 -5.37 29.70 -26.08
N LYS C 75 -5.02 30.95 -26.42
CA LYS C 75 -5.89 32.07 -26.11
C LYS C 75 -7.23 31.99 -26.83
N ALA C 76 -7.28 31.35 -27.99
CA ALA C 76 -8.53 31.19 -28.71
C ALA C 76 -9.30 29.95 -28.28
N THR C 77 -8.72 29.11 -27.43
CA THR C 77 -9.35 27.88 -27.01
C THR C 77 -10.13 28.10 -25.70
N ARG C 78 -10.71 27.02 -25.19
CA ARG C 78 -11.53 27.09 -23.99
C ARG C 78 -11.53 25.72 -23.32
N PRO C 79 -11.63 25.65 -21.99
CA PRO C 79 -11.89 24.37 -21.34
C PRO C 79 -13.29 23.86 -21.69
N TYR C 80 -13.57 22.64 -21.27
CA TYR C 80 -14.84 22.03 -21.64
C TYR C 80 -15.21 20.95 -20.63
N LEU C 81 -16.45 20.49 -20.73
CA LEU C 81 -16.95 19.36 -19.97
C LEU C 81 -16.92 18.11 -20.83
N ALA C 82 -16.79 16.96 -20.17
CA ALA C 82 -16.73 15.69 -20.86
C ALA C 82 -17.16 14.59 -19.91
N HIS C 83 -17.44 13.42 -20.46
CA HIS C 83 -17.88 12.31 -19.64
C HIS C 83 -16.73 11.77 -18.79
N CYS C 84 -17.05 11.32 -17.59
CA CYS C 84 -16.12 10.63 -16.73
C CYS C 84 -16.89 9.49 -16.08
N PRO C 85 -16.38 8.26 -16.14
CA PRO C 85 -17.16 7.11 -15.64
C PRO C 85 -17.24 7.05 -14.13
N ASP C 86 -16.34 7.73 -13.40
CA ASP C 86 -16.35 7.70 -11.94
C ASP C 86 -15.88 9.06 -11.45
N CYS C 87 -16.84 9.91 -11.07
CA CYS C 87 -16.55 11.21 -10.49
C CYS C 87 -16.52 11.18 -8.96
N GLY C 88 -16.17 10.06 -8.38
CA GLY C 88 -16.33 9.88 -6.94
C GLY C 88 -17.65 9.27 -6.58
N GLU C 89 -17.64 8.44 -5.54
CA GLU C 89 -18.79 7.68 -5.04
C GLU C 89 -19.22 6.58 -6.01
N GLY C 90 -18.58 6.43 -7.16
CA GLY C 90 -18.85 5.32 -8.04
C GLY C 90 -19.93 5.55 -9.09
N HIS C 91 -20.12 6.80 -9.53
CA HIS C 91 -21.13 7.09 -10.54
C HIS C 91 -20.59 8.11 -11.53
N SER C 92 -21.00 7.97 -12.78
CA SER C 92 -20.51 8.81 -13.85
C SER C 92 -21.10 10.21 -13.76
N CYS C 93 -20.41 11.17 -14.37
CA CYS C 93 -20.85 12.56 -14.37
C CYS C 93 -20.18 13.28 -15.53
N HIS C 94 -20.67 14.50 -15.79
CA HIS C 94 -20.11 15.35 -16.85
C HIS C 94 -19.10 16.29 -16.19
N SER C 95 -17.90 15.78 -16.02
CA SER C 95 -16.87 16.45 -15.23
C SER C 95 -16.09 17.47 -16.06
N PRO C 96 -15.57 18.52 -15.43
CA PRO C 96 -14.59 19.39 -16.09
C PRO C 96 -13.15 18.95 -15.93
N VAL C 97 -12.92 17.79 -15.30
CA VAL C 97 -11.57 17.28 -15.07
C VAL C 97 -11.48 15.87 -15.65
N ALA C 98 -12.30 15.60 -16.66
CA ALA C 98 -12.33 14.29 -17.29
C ALA C 98 -10.98 13.97 -17.92
N LEU C 99 -10.72 12.67 -18.09
CA LEU C 99 -9.47 12.17 -18.63
C LEU C 99 -9.64 11.82 -20.10
N GLU C 100 -8.72 12.33 -20.93
CA GLU C 100 -8.76 12.04 -22.37
C GLU C 100 -7.86 10.85 -22.73
N ARG C 101 -6.57 10.96 -22.45
CA ARG C 101 -5.60 9.95 -22.86
C ARG C 101 -4.39 9.98 -21.95
N ILE C 102 -4.03 8.81 -21.43
CA ILE C 102 -2.84 8.65 -20.58
C ILE C 102 -1.74 8.03 -21.41
N ARG C 103 -0.53 8.62 -21.32
CA ARG C 103 0.62 8.15 -22.08
C ARG C 103 1.71 7.74 -21.11
N ASN C 104 2.11 6.48 -21.17
CA ASN C 104 3.13 5.90 -20.29
C ASN C 104 4.33 5.43 -21.09
N GLU C 105 4.74 6.22 -22.08
CA GLU C 105 5.80 5.78 -22.99
C GLU C 105 7.18 5.82 -22.31
N ALA C 106 7.41 6.78 -21.42
CA ALA C 106 8.73 6.93 -20.82
C ALA C 106 9.08 5.71 -19.96
N THR C 107 10.37 5.33 -19.99
CA THR C 107 10.82 4.15 -19.28
C THR C 107 11.00 4.39 -17.79
N ASP C 108 11.27 5.64 -17.39
CA ASP C 108 11.46 5.95 -15.97
C ASP C 108 10.16 5.82 -15.18
N GLY C 109 9.01 5.81 -15.85
CA GLY C 109 7.72 5.74 -15.19
C GLY C 109 6.95 7.04 -15.19
N THR C 110 7.54 8.12 -15.72
CA THR C 110 6.84 9.39 -15.79
C THR C 110 5.60 9.27 -16.65
N LEU C 111 4.49 9.83 -16.17
CA LEU C 111 3.22 9.78 -16.88
C LEU C 111 2.90 11.16 -17.44
N LYS C 112 2.32 11.19 -18.64
CA LYS C 112 1.92 12.41 -19.33
C LYS C 112 0.40 12.35 -19.50
N ILE C 113 -0.32 12.82 -18.49
CA ILE C 113 -1.78 12.72 -18.42
C ILE C 113 -2.39 13.90 -19.17
N GLN C 114 -3.50 13.64 -19.86
CA GLN C 114 -4.25 14.66 -20.57
C GLN C 114 -5.65 14.76 -19.96
N VAL C 115 -5.98 15.91 -19.42
CA VAL C 115 -7.27 16.15 -18.78
C VAL C 115 -8.08 17.12 -19.63
N SER C 116 -9.35 17.28 -19.26
CA SER C 116 -10.27 18.04 -20.09
C SER C 116 -10.21 19.55 -19.84
N LEU C 117 -9.63 19.98 -18.73
CA LEU C 117 -9.51 21.40 -18.44
C LEU C 117 -8.16 21.92 -18.96
N GLN C 118 -7.82 23.16 -18.61
CA GLN C 118 -6.56 23.76 -19.01
C GLN C 118 -5.88 24.34 -17.78
N ILE C 119 -4.56 24.52 -17.89
CA ILE C 119 -3.73 24.95 -16.76
C ILE C 119 -2.86 26.13 -17.20
N GLY C 120 -2.73 27.12 -16.32
CA GLY C 120 -1.79 28.19 -16.50
C GLY C 120 -2.29 29.38 -17.29
N ILE C 121 -3.48 29.29 -17.89
CA ILE C 121 -4.05 30.37 -18.67
C ILE C 121 -5.36 30.77 -18.02
N LYS C 122 -5.43 32.01 -17.52
CA LYS C 122 -6.68 32.52 -16.98
C LYS C 122 -7.67 32.78 -18.11
N THR C 123 -8.88 33.20 -17.74
CA THR C 123 -9.91 33.48 -18.74
C THR C 123 -9.54 34.67 -19.63
N ASP C 124 -8.63 35.54 -19.17
CA ASP C 124 -8.16 36.66 -19.98
C ASP C 124 -6.81 36.38 -20.64
N ASP C 125 -6.53 35.10 -20.93
CA ASP C 125 -5.39 34.69 -21.77
C ASP C 125 -4.05 35.11 -21.19
N SER C 126 -3.96 35.22 -19.87
CA SER C 126 -2.72 35.57 -19.20
C SER C 126 -2.00 34.31 -18.71
N HIS C 127 -0.71 34.46 -18.44
CA HIS C 127 0.13 33.36 -17.97
C HIS C 127 0.34 33.52 -16.46
N ASP C 128 -0.20 32.56 -15.69
CA ASP C 128 -0.03 32.54 -14.24
C ASP C 128 -0.14 31.09 -13.80
N TRP C 129 0.99 30.51 -13.38
CA TRP C 129 1.03 29.10 -13.05
C TRP C 129 0.16 28.75 -11.84
N THR C 130 -0.16 29.73 -11.00
CA THR C 130 -0.96 29.47 -9.81
C THR C 130 -2.45 29.36 -10.11
N LYS C 131 -2.87 29.59 -11.34
CA LYS C 131 -4.28 29.56 -11.70
C LYS C 131 -4.50 28.62 -12.89
N LEU C 132 -5.71 28.07 -12.95
CA LEU C 132 -6.14 27.24 -14.07
C LEU C 132 -7.63 27.50 -14.29
N ARG C 133 -8.11 27.19 -15.50
CA ARG C 133 -9.49 27.47 -15.87
C ARG C 133 -10.24 26.18 -16.13
N TYR C 134 -11.44 26.08 -15.58
CA TYR C 134 -12.35 24.95 -15.80
C TYR C 134 -13.69 25.49 -16.30
N MET C 135 -14.57 24.57 -16.67
CA MET C 135 -15.84 24.92 -17.30
C MET C 135 -16.94 24.94 -16.24
N ASP C 136 -17.46 26.14 -15.95
CA ASP C 136 -18.56 26.30 -15.00
C ASP C 136 -19.92 26.21 -15.70
N ASN C 137 -20.08 25.13 -16.46
CA ASN C 137 -21.32 24.71 -17.13
C ASN C 137 -21.68 25.60 -18.31
N HIS C 138 -21.14 26.82 -18.38
CA HIS C 138 -21.15 27.55 -19.64
C HIS C 138 -19.90 28.42 -19.78
N MET C 139 -19.29 28.76 -18.64
CA MET C 139 -18.30 29.83 -18.62
C MET C 139 -17.02 29.37 -17.96
N PRO C 140 -15.87 29.75 -18.51
CA PRO C 140 -14.60 29.46 -17.84
C PRO C 140 -14.48 30.21 -16.53
N ALA C 141 -13.90 29.55 -15.53
CA ALA C 141 -13.69 30.14 -14.21
C ALA C 141 -12.33 29.71 -13.70
N ASP C 142 -11.72 30.56 -12.87
CA ASP C 142 -10.39 30.33 -12.38
C ASP C 142 -10.41 29.63 -11.03
N ALA C 143 -9.39 28.82 -10.79
CA ALA C 143 -9.19 28.16 -9.51
C ALA C 143 -7.70 28.14 -9.20
N GLU C 144 -7.37 27.92 -7.93
CA GLU C 144 -5.97 27.88 -7.53
C GLU C 144 -5.30 26.60 -8.02
N ARG C 145 -4.06 26.75 -8.49
CA ARG C 145 -3.31 25.60 -8.98
C ARG C 145 -3.08 24.57 -7.88
N ALA C 146 -2.89 25.04 -6.64
CA ALA C 146 -2.63 24.12 -5.54
C ALA C 146 -3.77 23.14 -5.31
N GLY C 147 -4.96 23.40 -5.85
CA GLY C 147 -6.07 22.47 -5.71
C GLY C 147 -5.89 21.20 -6.51
N LEU C 148 -5.00 21.20 -7.50
CA LEU C 148 -4.82 20.06 -8.38
C LEU C 148 -4.06 18.95 -7.67
N PHE C 149 -4.56 17.72 -7.76
CA PHE C 149 -3.92 16.58 -7.15
C PHE C 149 -4.12 15.35 -8.03
N VAL C 150 -3.13 14.47 -8.00
CA VAL C 150 -3.17 13.20 -8.73
C VAL C 150 -2.86 12.09 -7.75
N ARG C 151 -3.60 10.98 -7.85
CA ARG C 151 -3.40 9.84 -6.96
C ARG C 151 -3.84 8.57 -7.65
N THR C 152 -2.98 7.55 -7.60
CA THR C 152 -3.33 6.20 -8.08
C THR C 152 -3.72 5.30 -6.92
N SER C 153 -2.80 5.09 -5.98
CA SER C 153 -3.10 4.51 -4.68
C SER C 153 -2.55 5.35 -3.54
N ALA C 154 -1.57 6.20 -3.79
CA ALA C 154 -1.06 7.21 -2.88
C ALA C 154 -0.97 8.51 -3.68
N PRO C 155 -0.82 9.65 -3.00
CA PRO C 155 -0.67 10.91 -3.74
C PRO C 155 0.50 10.87 -4.70
N CYS C 156 0.28 11.38 -5.90
CA CYS C 156 1.31 11.47 -6.92
C CYS C 156 2.07 12.79 -6.80
N THR C 157 3.22 12.85 -7.47
CA THR C 157 4.08 14.02 -7.48
C THR C 157 4.03 14.67 -8.86
N ILE C 158 3.50 15.88 -8.91
CA ILE C 158 3.36 16.61 -10.18
C ILE C 158 4.68 17.33 -10.47
N THR C 159 5.20 17.14 -11.68
CA THR C 159 6.48 17.71 -12.08
C THR C 159 6.38 18.73 -13.21
N GLY C 160 5.21 18.89 -13.83
CA GLY C 160 5.06 19.84 -14.92
C GLY C 160 3.62 19.99 -15.36
N THR C 161 3.21 21.22 -15.66
CA THR C 161 1.83 21.51 -16.04
C THR C 161 1.81 22.53 -17.17
N MET C 162 1.03 22.24 -18.21
CA MET C 162 0.83 23.18 -19.31
C MET C 162 -0.39 22.74 -20.10
N GLY C 163 -1.39 23.62 -20.19
CA GLY C 163 -2.57 23.31 -20.97
C GLY C 163 -3.31 22.11 -20.39
N HIS C 164 -3.67 21.17 -21.26
CA HIS C 164 -4.36 19.95 -20.85
C HIS C 164 -3.41 18.86 -20.38
N PHE C 165 -2.13 19.17 -20.14
CA PHE C 165 -1.11 18.15 -19.95
C PHE C 165 -0.46 18.30 -18.59
N ILE C 166 -0.28 17.18 -17.90
CA ILE C 166 0.26 17.13 -16.54
C ILE C 166 1.29 16.02 -16.49
N LEU C 167 2.50 16.34 -16.05
CA LEU C 167 3.57 15.36 -15.86
C LEU C 167 3.61 14.98 -14.39
N ALA C 168 3.28 13.72 -14.09
CA ALA C 168 3.14 13.25 -12.72
C ALA C 168 3.89 11.95 -12.53
N ARG C 169 4.50 11.80 -11.35
CA ARG C 169 5.10 10.55 -10.92
C ARG C 169 4.15 9.89 -9.93
N CYS C 170 3.81 8.62 -10.18
CA CYS C 170 2.84 7.92 -9.36
C CYS C 170 3.39 6.59 -8.90
N PRO C 171 2.97 6.10 -7.74
CA PRO C 171 3.44 4.81 -7.24
C PRO C 171 2.69 3.66 -7.90
N LYS C 172 3.01 2.45 -7.44
CA LYS C 172 2.35 1.25 -7.96
C LYS C 172 0.86 1.30 -7.66
N GLY C 173 0.05 1.32 -8.71
CA GLY C 173 -1.39 1.36 -8.57
C GLY C 173 -2.05 0.91 -9.86
N GLU C 174 -3.33 0.55 -9.74
CA GLU C 174 -4.10 0.08 -10.87
C GLU C 174 -5.26 0.98 -11.26
N THR C 175 -5.54 2.02 -10.48
CA THR C 175 -6.43 3.10 -10.89
C THR C 175 -5.61 4.37 -11.12
N LEU C 176 -6.30 5.46 -11.41
CA LEU C 176 -5.66 6.77 -11.48
C LEU C 176 -6.75 7.83 -11.41
N THR C 177 -6.55 8.82 -10.55
CA THR C 177 -7.51 9.89 -10.36
C THR C 177 -6.80 11.23 -10.43
N VAL C 178 -7.35 12.15 -11.20
CA VAL C 178 -6.91 13.54 -11.24
C VAL C 178 -8.08 14.42 -10.81
N GLY C 179 -7.84 15.31 -9.86
CA GLY C 179 -8.90 16.15 -9.33
C GLY C 179 -8.39 17.51 -8.92
N PHE C 180 -9.35 18.39 -8.62
CA PHE C 180 -9.04 19.75 -8.19
C PHE C 180 -10.24 20.28 -7.43
N THR C 181 -10.11 21.53 -6.95
CA THR C 181 -11.17 22.21 -6.23
C THR C 181 -11.61 23.42 -7.05
N ASP C 182 -12.92 23.51 -7.31
CA ASP C 182 -13.45 24.50 -8.23
C ASP C 182 -13.43 25.89 -7.60
N SER C 183 -13.99 26.87 -8.32
CA SER C 183 -14.06 28.24 -7.80
C SER C 183 -15.11 28.40 -6.70
N ARG C 184 -15.95 27.41 -6.48
CA ARG C 184 -16.94 27.43 -5.41
C ARG C 184 -16.49 26.59 -4.21
N LYS C 185 -15.22 26.19 -4.18
CA LYS C 185 -14.66 25.37 -3.11
C LYS C 185 -15.38 24.02 -2.99
N ILE C 186 -15.53 23.36 -4.14
CA ILE C 186 -16.15 22.05 -4.22
C ILE C 186 -15.20 21.13 -4.97
N SER C 187 -15.12 19.87 -4.53
CA SER C 187 -14.20 18.92 -5.13
C SER C 187 -14.72 18.43 -6.48
N HIS C 188 -13.79 18.01 -7.33
CA HIS C 188 -14.11 17.45 -8.64
C HIS C 188 -12.98 16.52 -9.04
N SER C 189 -13.29 15.23 -9.19
CA SER C 189 -12.29 14.22 -9.52
C SER C 189 -12.80 13.34 -10.64
N CYS C 190 -11.86 12.69 -11.33
CA CYS C 190 -12.18 11.75 -12.40
C CYS C 190 -11.25 10.55 -12.29
N THR C 191 -11.81 9.35 -12.39
CA THR C 191 -11.07 8.12 -12.18
C THR C 191 -11.15 7.23 -13.41
N HIS C 192 -9.99 6.83 -13.93
CA HIS C 192 -9.89 5.85 -15.00
C HIS C 192 -9.00 4.69 -14.56
N PRO C 193 -9.36 3.46 -14.87
CA PRO C 193 -8.47 2.34 -14.55
C PRO C 193 -7.19 2.40 -15.39
N PHE C 194 -6.06 2.17 -14.73
CA PHE C 194 -4.76 2.28 -15.39
C PHE C 194 -3.76 1.47 -14.59
N HIS C 195 -3.31 0.35 -15.16
CA HIS C 195 -2.35 -0.53 -14.49
C HIS C 195 -0.98 0.13 -14.52
N HIS C 196 -0.60 0.76 -13.41
CA HIS C 196 0.68 1.46 -13.32
C HIS C 196 1.66 0.54 -12.59
N ASP C 197 2.57 -0.05 -13.36
CA ASP C 197 3.65 -0.88 -12.81
C ASP C 197 4.86 -0.68 -13.71
N PRO C 198 5.64 0.37 -13.48
CA PRO C 198 6.59 0.81 -14.49
C PRO C 198 7.63 -0.26 -14.75
N PRO C 199 8.16 -0.33 -15.97
CA PRO C 199 9.10 -1.40 -16.32
C PRO C 199 10.38 -1.29 -15.51
N VAL C 200 10.94 -2.45 -15.16
CA VAL C 200 12.14 -2.49 -14.34
C VAL C 200 13.34 -2.09 -15.21
N ILE C 201 13.91 -0.92 -14.91
CA ILE C 201 15.12 -0.46 -15.61
C ILE C 201 16.32 -1.22 -15.03
N GLY C 202 17.02 -1.94 -15.88
CA GLY C 202 18.17 -2.70 -15.43
C GLY C 202 17.82 -4.08 -14.92
N ARG C 203 18.57 -4.56 -13.92
CA ARG C 203 18.42 -5.91 -13.42
C ARG C 203 18.00 -5.96 -11.95
N GLU C 204 17.89 -4.82 -11.28
CA GLU C 204 17.39 -4.74 -9.92
C GLU C 204 16.16 -3.84 -9.93
N LYS C 205 15.06 -4.34 -9.39
CA LYS C 205 13.84 -3.53 -9.27
C LYS C 205 13.96 -2.67 -8.00
N PHE C 206 14.62 -1.53 -8.16
CA PHE C 206 14.81 -0.57 -7.09
C PHE C 206 13.59 0.34 -6.96
N HIS C 207 13.49 1.01 -5.82
CA HIS C 207 12.32 1.83 -5.49
C HIS C 207 12.63 3.32 -5.47
N SER C 208 13.69 3.73 -4.79
CA SER C 208 14.11 5.12 -4.78
C SER C 208 15.53 5.22 -5.32
N ARG C 209 15.88 6.41 -5.79
CA ARG C 209 17.23 6.67 -6.28
C ARG C 209 18.25 6.41 -5.18
N PRO C 210 19.15 5.45 -5.36
CA PRO C 210 20.15 5.16 -4.33
C PRO C 210 21.44 5.95 -4.55
N GLN C 211 22.24 5.99 -3.50
CA GLN C 211 23.44 6.83 -3.51
C GLN C 211 24.44 6.37 -4.56
N HIS C 212 24.90 5.13 -4.45
CA HIS C 212 25.93 4.59 -5.32
C HIS C 212 25.35 3.56 -6.28
N GLY C 213 25.72 3.66 -7.54
CA GLY C 213 25.23 2.71 -8.53
C GLY C 213 25.79 2.99 -9.91
N LYS C 214 25.05 2.56 -10.92
CA LYS C 214 25.46 2.67 -12.31
C LYS C 214 24.48 3.56 -13.07
N GLU C 215 24.92 4.04 -14.23
CA GLU C 215 24.13 4.93 -15.08
C GLU C 215 23.67 4.16 -16.32
N LEU C 216 22.36 4.06 -16.48
CA LEU C 216 21.74 3.32 -17.58
C LEU C 216 20.93 4.27 -18.45
N PRO C 217 20.72 3.92 -19.73
CA PRO C 217 19.87 4.74 -20.59
C PRO C 217 18.40 4.54 -20.25
N CYS C 218 17.63 5.63 -20.38
CA CYS C 218 16.21 5.59 -20.09
C CYS C 218 15.55 6.76 -20.83
N SER C 219 14.23 6.83 -20.72
CA SER C 219 13.44 7.86 -21.40
C SER C 219 12.54 8.56 -20.41
N THR C 220 12.33 9.86 -20.61
CA THR C 220 11.50 10.66 -19.72
C THR C 220 10.89 11.80 -20.51
N TYR C 221 9.74 12.28 -20.02
CA TYR C 221 9.14 13.50 -20.53
C TYR C 221 9.81 14.68 -19.86
N VAL C 222 10.55 15.47 -20.63
CA VAL C 222 11.33 16.57 -20.06
C VAL C 222 10.40 17.61 -19.47
N GLN C 223 10.88 18.29 -18.41
CA GLN C 223 10.12 19.37 -17.79
C GLN C 223 10.10 20.64 -18.64
N SER C 224 10.70 20.61 -19.84
CA SER C 224 10.71 21.78 -20.70
C SER C 224 9.30 22.11 -21.17
N THR C 225 8.86 23.33 -20.88
CA THR C 225 7.52 23.77 -21.25
C THR C 225 7.38 24.07 -22.74
N ALA C 226 8.41 23.82 -23.54
CA ALA C 226 8.34 24.10 -24.97
C ALA C 226 7.31 23.21 -25.64
N ALA C 227 6.42 23.82 -26.41
CA ALA C 227 5.37 23.13 -27.16
C ALA C 227 5.63 23.37 -28.63
N THR C 228 6.46 22.51 -29.23
CA THR C 228 6.93 22.74 -30.60
C THR C 228 6.97 21.51 -31.49
N THR C 229 6.62 20.31 -30.99
CA THR C 229 6.91 19.08 -31.71
C THR C 229 5.66 18.35 -32.19
N GLU C 230 4.76 17.99 -31.27
CA GLU C 230 3.64 17.12 -31.62
C GLU C 230 2.40 17.95 -31.95
N GLU C 231 1.36 17.27 -32.44
CA GLU C 231 0.14 17.91 -32.90
C GLU C 231 -1.08 17.25 -32.29
N ILE C 232 -2.09 18.06 -31.95
CA ILE C 232 -3.42 17.58 -31.62
C ILE C 232 -4.43 18.51 -32.29
N GLU C 233 -5.57 17.95 -32.66
CA GLU C 233 -6.55 18.64 -33.49
C GLU C 233 -7.59 19.36 -32.65
N VAL C 234 -8.07 20.48 -33.18
CA VAL C 234 -9.08 21.31 -32.52
C VAL C 234 -9.95 21.94 -33.59
N HIS C 235 -11.19 22.24 -33.23
CA HIS C 235 -12.13 22.86 -34.17
C HIS C 235 -13.24 23.54 -33.37
N MET C 236 -14.22 24.08 -34.10
CA MET C 236 -15.31 24.80 -33.48
C MET C 236 -16.16 23.85 -32.63
N PRO C 237 -16.55 24.26 -31.43
CA PRO C 237 -17.38 23.39 -30.59
C PRO C 237 -18.74 23.18 -31.21
N PRO C 238 -19.46 22.14 -30.79
CA PRO C 238 -20.82 21.93 -31.28
C PRO C 238 -21.78 22.91 -30.63
N ASP C 239 -23.07 22.74 -30.94
CA ASP C 239 -24.09 23.48 -30.20
C ASP C 239 -24.08 23.06 -28.73
N THR C 240 -24.40 24.02 -27.86
CA THR C 240 -24.28 23.84 -26.42
C THR C 240 -25.67 23.75 -25.79
N PRO C 241 -26.21 22.53 -25.59
CA PRO C 241 -27.54 22.41 -24.98
C PRO C 241 -27.51 22.89 -23.54
N ASP C 242 -28.49 23.75 -23.20
CA ASP C 242 -28.63 24.29 -21.85
C ASP C 242 -30.09 24.66 -21.68
N ARG C 243 -30.83 23.83 -20.93
CA ARG C 243 -32.29 23.96 -20.87
C ARG C 243 -32.76 25.19 -20.11
N THR C 244 -31.87 25.91 -19.44
CA THR C 244 -32.25 27.10 -18.67
C THR C 244 -32.12 28.39 -19.47
N LEU C 245 -32.27 28.33 -20.79
CA LEU C 245 -32.07 29.50 -21.65
C LEU C 245 -33.36 30.21 -22.02
N MET C 246 -34.34 29.49 -22.57
CA MET C 246 -35.51 30.11 -23.16
C MET C 246 -36.47 30.61 -22.08
N SER C 247 -37.63 31.10 -22.51
CA SER C 247 -38.67 31.58 -21.62
C SER C 247 -40.01 31.29 -22.25
N GLN C 248 -40.99 30.97 -21.41
CA GLN C 248 -42.36 30.70 -21.86
C GLN C 248 -43.24 31.86 -21.43
N GLN C 249 -43.92 32.48 -22.40
CA GLN C 249 -44.90 33.52 -22.09
C GLN C 249 -46.27 32.91 -21.79
N SER C 250 -46.24 31.86 -20.96
CA SER C 250 -47.39 31.18 -20.39
C SER C 250 -48.25 30.47 -21.43
N GLY C 251 -48.03 30.76 -22.71
CA GLY C 251 -48.62 29.98 -23.77
C GLY C 251 -47.77 29.97 -25.03
N ASN C 252 -46.59 30.58 -24.96
CA ASN C 252 -45.76 30.84 -26.12
C ASN C 252 -44.30 30.75 -25.70
N VAL C 253 -43.41 31.22 -26.58
CA VAL C 253 -41.98 31.15 -26.36
C VAL C 253 -41.39 32.55 -26.50
N LYS C 254 -40.28 32.78 -25.80
CA LYS C 254 -39.54 34.03 -25.89
C LYS C 254 -38.05 33.73 -25.79
N ILE C 255 -37.31 34.07 -26.83
CA ILE C 255 -35.86 33.89 -26.86
C ILE C 255 -35.20 35.17 -26.36
N THR C 256 -34.19 35.01 -25.51
CA THR C 256 -33.38 36.13 -25.05
C THR C 256 -31.92 35.75 -25.21
N VAL C 257 -31.19 36.52 -26.03
CA VAL C 257 -29.83 36.15 -26.40
C VAL C 257 -28.87 36.15 -25.22
N ASN C 258 -29.18 36.90 -24.16
CA ASN C 258 -28.30 37.08 -22.99
C ASN C 258 -26.84 37.20 -23.40
N GLY C 259 -26.59 38.07 -24.38
CA GLY C 259 -25.25 38.30 -24.87
C GLY C 259 -24.65 37.18 -25.69
N GLN C 260 -25.45 36.18 -26.09
CA GLN C 260 -24.96 35.02 -26.82
C GLN C 260 -25.82 34.76 -28.05
N THR C 261 -25.17 34.42 -29.15
CA THR C 261 -25.90 33.96 -30.33
C THR C 261 -26.49 32.59 -30.05
N VAL C 262 -27.82 32.51 -30.03
CA VAL C 262 -28.54 31.33 -29.59
C VAL C 262 -29.39 30.78 -30.72
N ARG C 263 -29.39 29.47 -30.88
CA ARG C 263 -30.21 28.78 -31.87
C ARG C 263 -31.44 28.16 -31.21
N TYR C 264 -32.58 28.24 -31.89
CA TYR C 264 -33.83 27.72 -31.36
C TYR C 264 -34.45 26.76 -32.37
N LYS C 265 -35.33 25.89 -31.87
CA LYS C 265 -36.04 24.92 -32.70
C LYS C 265 -37.27 24.45 -31.95
N CYS C 266 -38.43 24.54 -32.58
CA CYS C 266 -39.70 24.21 -31.95
C CYS C 266 -40.47 23.21 -32.79
N ASN C 267 -41.35 22.46 -32.12
CA ASN C 267 -42.25 21.53 -32.79
C ASN C 267 -43.62 22.19 -33.01
N CYS C 268 -43.58 23.32 -33.75
CA CYS C 268 -44.78 24.09 -34.04
C CYS C 268 -44.68 24.59 -35.48
N GLY C 269 -45.59 25.50 -35.85
CA GLY C 269 -45.61 26.07 -37.19
C GLY C 269 -44.89 27.41 -37.24
N GLY C 270 -44.87 27.97 -38.45
CA GLY C 270 -44.21 29.25 -38.65
C GLY C 270 -42.70 29.12 -38.58
N SER C 271 -42.07 30.07 -37.88
CA SER C 271 -40.61 30.07 -37.71
C SER C 271 -40.28 29.19 -36.52
N ASN C 272 -40.15 27.88 -36.77
CA ASN C 272 -39.82 26.95 -35.70
C ASN C 272 -38.31 26.92 -35.45
N GLU C 273 -37.51 26.76 -36.51
CA GLU C 273 -36.07 26.75 -36.42
C GLU C 273 -35.49 28.12 -36.74
N GLY C 274 -34.31 28.40 -36.19
CA GLY C 274 -33.66 29.67 -36.46
C GLY C 274 -32.42 29.93 -35.63
N LEU C 275 -31.43 30.56 -36.28
CA LEU C 275 -30.21 31.01 -35.60
C LEU C 275 -30.36 32.52 -35.42
N THR C 276 -30.87 32.92 -34.26
CA THR C 276 -31.19 34.32 -34.00
C THR C 276 -30.05 35.02 -33.28
N THR C 277 -29.59 36.13 -33.85
CA THR C 277 -28.65 37.00 -33.17
C THR C 277 -29.34 37.92 -32.17
N THR C 278 -30.67 37.97 -32.18
CA THR C 278 -31.44 38.84 -31.31
C THR C 278 -32.53 38.06 -30.59
N ASP C 279 -33.41 38.77 -29.89
CA ASP C 279 -34.54 38.12 -29.23
C ASP C 279 -35.66 37.85 -30.23
N LYS C 280 -36.52 36.89 -29.87
CA LYS C 280 -37.62 36.48 -30.74
C LYS C 280 -38.80 36.05 -29.89
N VAL C 281 -39.97 35.99 -30.52
CA VAL C 281 -41.19 35.51 -29.88
C VAL C 281 -41.86 34.53 -30.81
N ILE C 282 -42.08 33.31 -30.34
CA ILE C 282 -42.73 32.25 -31.11
C ILE C 282 -44.13 32.07 -30.57
N ASN C 283 -45.12 32.17 -31.45
CA ASN C 283 -46.52 32.08 -31.07
C ASN C 283 -47.05 30.67 -31.25
N ASN C 284 -47.99 30.29 -30.38
CA ASN C 284 -48.63 28.98 -30.41
C ASN C 284 -47.61 27.86 -30.28
N CYS C 285 -46.86 27.89 -29.17
CA CYS C 285 -45.88 26.86 -28.92
C CYS C 285 -45.64 26.77 -27.41
N LYS C 286 -44.96 25.70 -27.01
CA LYS C 286 -44.79 25.36 -25.60
C LYS C 286 -43.30 25.36 -25.24
N VAL C 287 -43.01 25.02 -23.99
CA VAL C 287 -41.63 24.92 -23.54
C VAL C 287 -41.03 23.58 -23.89
N ASP C 288 -41.82 22.50 -23.80
CA ASP C 288 -41.34 21.16 -24.09
C ASP C 288 -41.40 20.81 -25.56
N GLN C 289 -42.17 21.54 -26.36
CA GLN C 289 -42.19 21.37 -27.80
C GLN C 289 -41.01 22.03 -28.49
N CYS C 290 -40.07 22.60 -27.73
CA CYS C 290 -38.93 23.31 -28.29
C CYS C 290 -37.64 22.79 -27.66
N HIS C 291 -36.52 23.31 -28.17
CA HIS C 291 -35.20 23.03 -27.64
C HIS C 291 -34.23 24.05 -28.23
N ALA C 292 -33.31 24.53 -27.40
CA ALA C 292 -32.38 25.58 -27.82
C ALA C 292 -30.97 25.24 -27.34
N ALA C 293 -30.01 25.93 -27.92
CA ALA C 293 -28.60 25.77 -27.59
C ALA C 293 -27.86 27.04 -28.01
N VAL C 294 -26.53 27.01 -27.94
CA VAL C 294 -25.70 28.16 -28.26
C VAL C 294 -24.83 27.83 -29.46
N THR C 295 -24.61 28.82 -30.33
CA THR C 295 -23.71 28.69 -31.48
C THR C 295 -22.46 29.50 -31.16
N ASN C 296 -21.52 28.88 -30.47
CA ASN C 296 -20.27 29.53 -30.06
C ASN C 296 -19.17 29.06 -31.01
N HIS C 297 -19.01 29.79 -32.11
CA HIS C 297 -18.02 29.46 -33.12
C HIS C 297 -16.80 30.37 -33.09
N LYS C 298 -16.68 31.20 -32.05
CA LYS C 298 -15.49 32.02 -31.84
C LYS C 298 -14.56 31.42 -30.79
N LYS C 299 -14.54 30.10 -30.68
CA LYS C 299 -13.63 29.39 -29.78
C LYS C 299 -13.18 28.10 -30.45
N TRP C 300 -12.09 27.54 -29.94
CA TRP C 300 -11.62 26.24 -30.37
C TRP C 300 -11.66 25.26 -29.19
N GLN C 301 -11.70 23.97 -29.52
CA GLN C 301 -11.89 22.95 -28.51
C GLN C 301 -11.30 21.64 -29.02
N TYR C 302 -10.77 20.85 -28.08
CA TYR C 302 -10.12 19.59 -28.45
C TYR C 302 -11.07 18.67 -29.19
N ASN C 303 -10.53 17.99 -30.21
CA ASN C 303 -11.30 17.03 -31.00
C ASN C 303 -11.51 15.77 -30.18
N SER C 304 -12.31 15.87 -29.12
CA SER C 304 -12.48 14.83 -28.11
C SER C 304 -13.53 13.81 -28.56
N PRO C 305 -13.25 12.52 -28.37
CA PRO C 305 -14.30 11.50 -28.56
C PRO C 305 -15.43 11.61 -27.54
N LEU C 306 -15.29 12.48 -26.54
CA LEU C 306 -16.31 12.66 -25.52
C LEU C 306 -17.25 13.82 -25.81
N VAL C 307 -16.94 14.66 -26.80
CA VAL C 307 -17.79 15.77 -27.21
C VAL C 307 -18.13 15.57 -28.68
N PRO C 308 -19.41 15.55 -29.04
CA PRO C 308 -19.76 15.31 -30.45
C PRO C 308 -19.31 16.46 -31.34
N ARG C 309 -18.94 16.11 -32.57
CA ARG C 309 -18.42 17.08 -33.51
C ARG C 309 -19.53 18.02 -33.98
N ASN C 310 -19.12 19.18 -34.49
CA ASN C 310 -20.07 20.15 -35.00
C ASN C 310 -20.81 19.59 -36.21
N ALA C 311 -22.12 19.84 -36.27
CA ALA C 311 -22.96 19.20 -37.27
C ALA C 311 -22.91 19.93 -38.61
N GLU C 312 -22.90 21.26 -38.60
CA GLU C 312 -22.90 22.01 -39.85
C GLU C 312 -21.59 21.82 -40.61
N LEU C 313 -20.46 21.93 -39.93
CA LEU C 313 -19.18 21.69 -40.58
C LEU C 313 -18.87 20.19 -40.60
N GLY C 314 -18.00 19.80 -41.52
CA GLY C 314 -17.59 18.43 -41.63
C GLY C 314 -16.24 18.17 -40.99
N ASP C 315 -15.19 18.12 -41.81
CA ASP C 315 -13.83 17.90 -41.33
C ASP C 315 -13.05 19.20 -41.18
N ARG C 316 -13.74 20.31 -40.94
CA ARG C 316 -13.08 21.60 -40.75
C ARG C 316 -12.47 21.67 -39.36
N LYS C 317 -11.16 21.84 -39.28
CA LYS C 317 -10.45 21.77 -38.01
C LYS C 317 -9.11 22.49 -38.13
N GLY C 318 -8.41 22.58 -37.00
CA GLY C 318 -7.04 23.04 -36.96
C GLY C 318 -6.26 22.20 -35.96
N LYS C 319 -5.01 22.61 -35.73
CA LYS C 319 -4.13 21.88 -34.83
C LYS C 319 -3.26 22.85 -34.04
N ILE C 320 -2.82 22.40 -32.87
CA ILE C 320 -1.92 23.14 -32.01
C ILE C 320 -0.78 22.21 -31.57
N HIS C 321 0.33 22.83 -31.18
CA HIS C 321 1.52 22.09 -30.74
C HIS C 321 1.41 21.76 -29.25
N ILE C 322 1.80 20.55 -28.91
CA ILE C 322 1.68 20.07 -27.53
C ILE C 322 3.06 20.01 -26.89
N PRO C 323 3.18 20.39 -25.61
CA PRO C 323 4.49 20.41 -24.95
C PRO C 323 4.92 19.07 -24.37
N PHE C 324 6.03 19.09 -23.63
CA PHE C 324 6.59 17.97 -22.89
C PHE C 324 7.00 16.83 -23.81
N PRO C 325 8.02 17.01 -24.64
CA PRO C 325 8.47 15.94 -25.52
C PRO C 325 9.21 14.86 -24.75
N LEU C 326 9.20 13.65 -25.32
CA LEU C 326 9.89 12.51 -24.74
C LEU C 326 11.32 12.47 -25.27
N ALA C 327 12.29 12.49 -24.36
CA ALA C 327 13.70 12.50 -24.72
C ALA C 327 14.43 11.38 -24.00
N ASN C 328 15.52 10.91 -24.61
CA ASN C 328 16.32 9.82 -24.06
C ASN C 328 17.42 10.40 -23.17
N VAL C 329 17.40 10.03 -21.90
CA VAL C 329 18.34 10.54 -20.90
C VAL C 329 18.86 9.38 -20.05
N THR C 330 19.61 9.69 -19.01
CA THR C 330 20.30 8.69 -18.20
C THR C 330 19.68 8.62 -16.81
N CYS C 331 19.41 7.40 -16.35
CA CYS C 331 18.92 7.12 -15.02
C CYS C 331 20.06 6.57 -14.15
N ARG C 332 19.75 6.24 -12.90
CA ARG C 332 20.73 5.69 -11.99
C ARG C 332 20.10 4.57 -11.15
N VAL C 333 20.74 3.41 -11.16
CA VAL C 333 20.23 2.21 -10.48
C VAL C 333 21.32 1.69 -9.55
N PRO C 334 20.94 0.91 -8.54
CA PRO C 334 21.92 0.48 -7.54
C PRO C 334 22.73 -0.73 -7.98
N LYS C 335 23.95 -0.82 -7.45
CA LYS C 335 24.75 -2.04 -7.50
C LYS C 335 24.42 -2.88 -6.27
N ALA C 336 23.96 -4.11 -6.49
CA ALA C 336 23.66 -4.98 -5.38
C ALA C 336 24.92 -5.29 -4.57
N ARG C 337 24.71 -5.69 -3.32
CA ARG C 337 25.82 -5.87 -2.38
C ARG C 337 26.63 -7.12 -2.71
N ASN C 338 27.90 -7.10 -2.35
CA ASN C 338 28.82 -8.17 -2.70
C ASN C 338 28.38 -9.49 -2.06
N PRO C 339 28.23 -10.56 -2.82
CA PRO C 339 27.90 -11.85 -2.23
C PRO C 339 29.11 -12.46 -1.52
N THR C 340 28.82 -13.34 -0.57
CA THR C 340 29.85 -14.05 0.17
C THR C 340 30.22 -15.32 -0.60
N VAL C 341 31.49 -15.41 -1.02
CA VAL C 341 31.94 -16.44 -1.94
C VAL C 341 32.77 -17.47 -1.18
N THR C 342 32.64 -18.74 -1.58
CA THR C 342 33.51 -19.81 -1.10
C THR C 342 33.80 -20.74 -2.26
N TYR C 343 35.03 -21.26 -2.32
CA TYR C 343 35.49 -22.07 -3.42
C TYR C 343 35.56 -23.54 -3.03
N GLY C 344 35.50 -24.40 -4.06
CA GLY C 344 35.62 -25.83 -3.88
C GLY C 344 36.11 -26.47 -5.15
N LYS C 345 36.18 -27.80 -5.13
CA LYS C 345 36.61 -28.56 -6.30
C LYS C 345 35.59 -28.41 -7.42
N ASN C 346 35.94 -27.62 -8.44
CA ASN C 346 35.06 -27.37 -9.59
C ASN C 346 33.69 -26.88 -9.15
N GLN C 347 33.68 -26.03 -8.12
CA GLN C 347 32.43 -25.65 -7.47
C GLN C 347 32.62 -24.30 -6.79
N VAL C 348 31.62 -23.43 -6.94
CA VAL C 348 31.63 -22.12 -6.30
C VAL C 348 30.29 -21.94 -5.58
N ILE C 349 30.36 -21.51 -4.33
CA ILE C 349 29.17 -21.30 -3.50
C ILE C 349 29.04 -19.81 -3.23
N MET C 350 27.88 -19.25 -3.54
CA MET C 350 27.61 -17.84 -3.34
C MET C 350 26.44 -17.66 -2.39
N LEU C 351 26.64 -16.90 -1.32
CA LEU C 351 25.59 -16.50 -0.40
C LEU C 351 25.10 -15.11 -0.79
N LEU C 352 23.82 -15.01 -1.15
CA LEU C 352 23.26 -13.82 -1.77
C LEU C 352 22.48 -12.99 -0.76
N TYR C 353 22.69 -11.68 -0.78
CA TYR C 353 22.07 -10.74 0.15
C TYR C 353 21.32 -9.67 -0.61
N PRO C 354 20.06 -9.92 -0.96
CA PRO C 354 19.28 -8.88 -1.66
C PRO C 354 18.53 -7.97 -0.70
N ASP C 355 18.70 -6.66 -0.86
CA ASP C 355 17.84 -5.69 -0.18
C ASP C 355 16.51 -5.53 -0.90
N HIS C 356 16.38 -6.11 -2.09
CA HIS C 356 15.21 -5.99 -2.96
C HIS C 356 15.42 -6.94 -4.13
N PRO C 357 14.32 -7.37 -4.80
CA PRO C 357 14.45 -8.43 -5.81
C PRO C 357 15.54 -8.14 -6.85
N THR C 358 16.53 -9.02 -6.91
CA THR C 358 17.71 -8.86 -7.73
C THR C 358 17.84 -10.05 -8.66
N LEU C 359 18.37 -9.81 -9.86
CA LEU C 359 18.46 -10.83 -10.89
C LEU C 359 19.83 -11.51 -10.86
N LEU C 360 19.83 -12.84 -10.91
CA LEU C 360 21.05 -13.64 -10.94
C LEU C 360 21.05 -14.46 -12.23
N SER C 361 22.04 -14.24 -13.08
CA SER C 361 22.14 -14.91 -14.37
C SER C 361 23.56 -15.40 -14.57
N TYR C 362 23.71 -16.70 -14.83
CA TYR C 362 25.02 -17.29 -15.08
C TYR C 362 24.96 -18.14 -16.34
N ARG C 363 26.02 -18.06 -17.14
CA ARG C 363 26.16 -18.83 -18.37
C ARG C 363 27.52 -19.48 -18.41
N ASN C 364 27.58 -20.69 -18.97
CA ASN C 364 28.86 -21.34 -19.21
C ASN C 364 29.55 -20.72 -20.41
N MET C 365 30.87 -20.57 -20.32
CA MET C 365 31.65 -19.99 -21.41
C MET C 365 32.18 -21.04 -22.37
N GLY C 366 31.49 -22.19 -22.49
CA GLY C 366 31.82 -23.21 -23.44
C GLY C 366 30.81 -23.32 -24.57
N GLU C 367 30.78 -24.49 -25.20
CA GLU C 367 29.84 -24.72 -26.29
C GLU C 367 28.41 -24.76 -25.77
N GLU C 368 28.20 -25.34 -24.59
CA GLU C 368 26.89 -25.42 -23.97
C GLU C 368 26.80 -24.36 -22.87
N PRO C 369 26.26 -23.18 -23.16
CA PRO C 369 26.21 -22.14 -22.11
C PRO C 369 25.22 -22.47 -21.01
N ASN C 370 24.07 -23.05 -21.37
CA ASN C 370 23.03 -23.41 -20.40
C ASN C 370 22.67 -22.22 -19.52
N TYR C 371 22.29 -21.13 -20.17
CA TYR C 371 21.98 -19.89 -19.46
C TYR C 371 20.84 -20.12 -18.47
N GLN C 372 21.08 -19.75 -17.21
CA GLN C 372 20.09 -19.91 -16.15
C GLN C 372 19.92 -18.58 -15.42
N GLU C 373 18.68 -18.26 -15.06
CA GLU C 373 18.37 -17.02 -14.38
C GLU C 373 17.29 -17.27 -13.35
N GLU C 374 17.34 -16.48 -12.27
CA GLU C 374 16.27 -16.49 -11.27
C GLU C 374 16.32 -15.17 -10.52
N TRP C 375 15.14 -14.65 -10.19
CA TRP C 375 15.02 -13.43 -9.39
C TRP C 375 15.12 -13.83 -7.93
N VAL C 376 16.33 -13.76 -7.39
CA VAL C 376 16.54 -14.13 -6.00
C VAL C 376 15.87 -13.11 -5.09
N MET C 377 14.86 -13.57 -4.36
CA MET C 377 14.29 -12.84 -3.24
C MET C 377 15.21 -13.06 -2.04
N HIS C 378 14.68 -12.86 -0.84
CA HIS C 378 15.42 -12.90 0.42
C HIS C 378 16.42 -14.05 0.50
N LYS C 379 17.45 -13.88 1.34
CA LYS C 379 18.76 -14.53 1.22
C LYS C 379 18.67 -15.97 0.74
N LYS C 380 19.62 -16.33 -0.12
CA LYS C 380 19.65 -17.63 -0.78
C LYS C 380 21.10 -18.04 -1.00
N GLU C 381 21.35 -19.33 -0.96
CA GLU C 381 22.66 -19.90 -1.24
C GLU C 381 22.59 -20.67 -2.55
N VAL C 382 23.45 -20.32 -3.50
CA VAL C 382 23.49 -20.96 -4.81
C VAL C 382 24.80 -21.70 -4.95
N VAL C 383 24.72 -22.95 -5.41
CA VAL C 383 25.88 -23.75 -5.77
C VAL C 383 25.97 -23.80 -7.28
N LEU C 384 27.15 -23.50 -7.82
CA LEU C 384 27.35 -23.46 -9.26
C LEU C 384 28.58 -24.27 -9.61
N THR C 385 28.43 -25.24 -10.52
CA THR C 385 29.55 -26.02 -10.99
C THR C 385 30.42 -25.17 -11.91
N VAL C 386 31.73 -25.20 -11.67
CA VAL C 386 32.68 -24.40 -12.43
C VAL C 386 33.33 -25.31 -13.47
N PRO C 387 32.98 -25.20 -14.75
CA PRO C 387 33.62 -26.03 -15.78
C PRO C 387 34.92 -25.41 -16.26
N THR C 388 35.79 -26.27 -16.79
CA THR C 388 37.09 -25.81 -17.28
C THR C 388 36.93 -24.84 -18.45
N GLU C 389 35.77 -24.81 -19.09
CA GLU C 389 35.53 -23.86 -20.17
C GLU C 389 35.45 -22.44 -19.63
N GLY C 390 34.63 -22.22 -18.62
CA GLY C 390 34.47 -20.92 -18.02
C GLY C 390 33.04 -20.68 -17.57
N LEU C 391 32.90 -19.87 -16.52
CA LEU C 391 31.60 -19.53 -15.96
C LEU C 391 31.53 -18.02 -15.74
N GLU C 392 30.51 -17.39 -16.31
CA GLU C 392 30.28 -15.96 -16.18
C GLU C 392 28.98 -15.75 -15.41
N VAL C 393 29.09 -15.17 -14.22
CA VAL C 393 27.96 -14.96 -13.33
C VAL C 393 27.69 -13.46 -13.23
N THR C 394 26.49 -13.05 -13.63
CA THR C 394 26.05 -11.67 -13.51
C THR C 394 25.05 -11.58 -12.37
N TRP C 395 25.30 -10.66 -11.44
CA TRP C 395 24.54 -10.52 -10.20
C TRP C 395 24.03 -9.09 -10.10
N GLY C 396 22.77 -8.87 -10.44
CA GLY C 396 22.23 -7.53 -10.47
C GLY C 396 22.92 -6.69 -11.51
N ASN C 397 22.92 -5.37 -11.30
CA ASN C 397 23.60 -4.45 -12.20
C ASN C 397 25.10 -4.40 -11.97
N ASN C 398 25.63 -5.28 -11.12
CA ASN C 398 27.07 -5.36 -10.91
C ASN C 398 27.77 -5.84 -12.17
N GLU C 399 29.07 -5.55 -12.25
CA GLU C 399 29.87 -6.09 -13.33
C GLU C 399 29.98 -7.61 -13.18
N PRO C 400 30.12 -8.34 -14.28
CA PRO C 400 30.02 -9.80 -14.22
C PRO C 400 31.26 -10.46 -13.63
N TYR C 401 31.03 -11.56 -12.92
CA TYR C 401 32.08 -12.35 -12.29
C TYR C 401 32.44 -13.53 -13.19
N LYS C 402 33.74 -13.78 -13.34
CA LYS C 402 34.23 -14.85 -14.20
C LYS C 402 35.08 -15.82 -13.40
N TYR C 403 34.81 -17.11 -13.53
CA TYR C 403 35.45 -18.15 -12.73
C TYR C 403 36.03 -19.22 -13.64
N TRP C 404 37.19 -19.75 -13.25
CA TRP C 404 37.86 -20.84 -13.93
C TRP C 404 38.51 -21.75 -12.90
N PRO C 405 38.52 -23.06 -13.13
CA PRO C 405 39.25 -23.97 -12.24
C PRO C 405 40.75 -23.71 -12.32
N GLN C 406 41.49 -24.39 -11.45
CA GLN C 406 42.93 -24.18 -11.36
C GLN C 406 43.68 -24.91 -12.48
N GLY D 19 65.28 -11.21 -48.29
CA GLY D 19 63.98 -11.42 -47.69
C GLY D 19 64.03 -11.81 -46.23
N SER D 20 63.03 -11.38 -45.46
CA SER D 20 62.97 -11.67 -44.05
C SER D 20 62.54 -13.10 -43.76
N TYR D 21 62.09 -13.33 -42.53
CA TYR D 21 61.65 -14.65 -42.08
C TYR D 21 60.14 -14.61 -41.89
N GLU D 22 59.43 -15.45 -42.65
CA GLU D 22 57.99 -15.61 -42.50
C GLU D 22 57.74 -16.72 -41.48
N HIS D 23 57.50 -16.33 -40.24
CA HIS D 23 57.19 -17.27 -39.16
C HIS D 23 55.69 -17.34 -38.96
N VAL D 24 55.18 -18.56 -38.82
CA VAL D 24 53.75 -18.81 -38.65
C VAL D 24 53.55 -19.55 -37.34
N THR D 25 52.57 -19.12 -36.55
CA THR D 25 52.26 -19.72 -35.27
C THR D 25 50.74 -19.78 -35.09
N VAL D 26 50.31 -20.64 -34.17
CA VAL D 26 48.89 -20.86 -33.89
C VAL D 26 48.64 -20.58 -32.41
N ILE D 27 47.80 -19.59 -32.14
CA ILE D 27 47.36 -19.30 -30.77
C ILE D 27 45.85 -19.47 -30.70
N PRO D 28 45.30 -19.96 -29.59
CA PRO D 28 43.85 -20.06 -29.49
C PRO D 28 43.20 -18.69 -29.46
N ASN D 29 41.95 -18.64 -29.91
CA ASN D 29 41.19 -17.39 -29.92
C ASN D 29 40.69 -17.07 -28.51
N THR D 30 41.64 -16.89 -27.60
CA THR D 30 41.36 -16.58 -26.21
C THR D 30 42.06 -15.26 -25.88
N VAL D 31 41.27 -14.25 -25.56
CA VAL D 31 41.77 -12.89 -25.37
C VAL D 31 42.36 -12.75 -23.97
N GLY D 32 43.42 -11.97 -23.87
CA GLY D 32 44.01 -11.64 -22.59
C GLY D 32 44.95 -12.69 -22.01
N VAL D 33 45.31 -13.71 -22.78
CA VAL D 33 46.23 -14.73 -22.34
C VAL D 33 47.53 -14.58 -23.13
N PRO D 34 48.65 -14.26 -22.49
CA PRO D 34 49.92 -14.15 -23.23
C PRO D 34 50.45 -15.51 -23.64
N TYR D 35 50.39 -15.80 -24.94
CA TYR D 35 50.99 -17.00 -25.51
C TYR D 35 52.33 -16.64 -26.15
N LYS D 36 53.31 -17.51 -25.96
CA LYS D 36 54.67 -17.26 -26.44
C LYS D 36 55.02 -18.25 -27.54
N THR D 37 55.72 -17.76 -28.56
CA THR D 37 56.20 -18.58 -29.66
C THR D 37 57.72 -18.56 -29.69
N LEU D 38 58.30 -19.51 -30.43
CA LEU D 38 59.76 -19.68 -30.50
C LEU D 38 60.19 -19.57 -31.96
N VAL D 39 60.80 -18.44 -32.30
CA VAL D 39 61.39 -18.25 -33.62
C VAL D 39 62.80 -18.83 -33.60
N ASN D 40 63.06 -19.82 -34.46
CA ASN D 40 64.34 -20.51 -34.52
C ASN D 40 64.84 -20.46 -35.97
N ARG D 41 65.55 -19.39 -36.31
CA ARG D 41 66.17 -19.28 -37.62
C ARG D 41 67.51 -19.99 -37.60
N PRO D 42 67.72 -21.03 -38.42
CA PRO D 42 68.99 -21.78 -38.35
C PRO D 42 70.19 -20.89 -38.58
N GLY D 43 71.24 -21.11 -37.80
CA GLY D 43 72.43 -20.31 -37.87
C GLY D 43 72.37 -18.99 -37.13
N TYR D 44 71.40 -18.83 -36.22
CA TYR D 44 71.24 -17.60 -35.46
C TYR D 44 70.85 -17.95 -34.03
N SER D 45 70.97 -16.96 -33.14
CA SER D 45 70.51 -17.14 -31.77
C SER D 45 68.99 -17.27 -31.73
N PRO D 46 68.45 -18.04 -30.79
CA PRO D 46 67.00 -18.17 -30.68
C PRO D 46 66.34 -16.84 -30.35
N MET D 47 65.10 -16.70 -30.80
CA MET D 47 64.29 -15.50 -30.57
C MET D 47 62.95 -15.93 -30.00
N VAL D 48 62.58 -15.34 -28.86
CA VAL D 48 61.35 -15.67 -28.15
C VAL D 48 60.44 -14.44 -28.18
N LEU D 49 59.18 -14.65 -28.57
CA LEU D 49 58.21 -13.57 -28.68
C LEU D 49 57.01 -13.88 -27.81
N GLU D 50 56.44 -12.84 -27.21
CA GLU D 50 55.21 -12.93 -26.43
C GLU D 50 54.09 -12.23 -27.22
N MET D 51 52.97 -12.93 -27.38
CA MET D 51 51.83 -12.39 -28.09
C MET D 51 50.60 -12.50 -27.20
N GLU D 52 49.77 -11.45 -27.22
CA GLU D 52 48.57 -11.39 -26.40
C GLU D 52 47.46 -10.73 -27.21
N LEU D 53 46.33 -11.42 -27.32
CA LEU D 53 45.16 -10.85 -28.00
C LEU D 53 44.44 -9.88 -27.07
N LEU D 54 43.94 -8.79 -27.65
CA LEU D 54 43.28 -7.73 -26.90
C LEU D 54 41.81 -7.60 -27.22
N SER D 55 41.41 -7.81 -28.47
CA SER D 55 40.00 -7.75 -28.84
C SER D 55 39.80 -8.48 -30.16
N VAL D 56 38.81 -9.35 -30.21
CA VAL D 56 38.44 -10.06 -31.43
C VAL D 56 37.01 -9.63 -31.75
N THR D 57 36.87 -8.60 -32.59
CA THR D 57 35.59 -7.98 -32.87
C THR D 57 35.01 -8.53 -34.17
N LEU D 58 33.95 -9.33 -34.07
CA LEU D 58 33.23 -9.82 -35.23
C LEU D 58 32.09 -8.84 -35.52
N GLU D 59 32.37 -7.87 -36.38
CA GLU D 59 31.37 -6.88 -36.75
C GLU D 59 30.57 -7.39 -37.95
N PRO D 60 29.29 -7.73 -37.79
CA PRO D 60 28.51 -8.22 -38.94
C PRO D 60 27.96 -7.07 -39.76
N THR D 61 27.57 -7.42 -40.99
CA THR D 61 26.90 -6.49 -41.89
C THR D 61 25.41 -6.80 -41.86
N LEU D 62 24.61 -5.77 -41.60
CA LEU D 62 23.18 -5.92 -41.34
C LEU D 62 22.36 -5.40 -42.52
N SER D 63 21.20 -6.03 -42.72
CA SER D 63 20.24 -5.62 -43.74
C SER D 63 19.05 -4.97 -43.02
N LEU D 64 18.94 -3.65 -43.13
CA LEU D 64 17.85 -2.92 -42.50
C LEU D 64 16.53 -3.31 -43.16
N ASP D 65 15.69 -4.04 -42.42
CA ASP D 65 14.39 -4.43 -42.93
C ASP D 65 13.32 -3.40 -42.58
N TYR D 66 13.12 -3.17 -41.29
CA TYR D 66 12.13 -2.20 -40.83
C TYR D 66 12.35 -1.96 -39.34
N ILE D 67 11.56 -1.05 -38.77
CA ILE D 67 11.53 -0.79 -37.34
C ILE D 67 10.11 -1.01 -36.84
N THR D 68 9.96 -0.98 -35.52
CA THR D 68 8.66 -1.10 -34.89
C THR D 68 8.64 -0.23 -33.65
N CYS D 69 7.44 0.16 -33.24
CA CYS D 69 7.28 1.03 -32.09
C CYS D 69 5.84 0.96 -31.61
N GLU D 70 5.55 1.68 -30.53
CA GLU D 70 4.18 1.83 -30.06
C GLU D 70 3.39 2.70 -31.05
N TYR D 71 2.10 2.40 -31.18
CA TYR D 71 1.26 3.10 -32.12
C TYR D 71 0.41 4.15 -31.40
N LYS D 72 -0.35 4.91 -32.18
CA LYS D 72 -1.31 5.88 -31.66
C LYS D 72 -2.66 5.61 -32.29
N THR D 73 -3.68 5.40 -31.45
CA THR D 73 -5.04 5.15 -31.92
C THR D 73 -5.76 6.49 -32.02
N VAL D 74 -5.65 7.12 -33.18
CA VAL D 74 -6.22 8.45 -33.40
C VAL D 74 -7.73 8.32 -33.59
N ILE D 75 -8.49 8.99 -32.73
CA ILE D 75 -9.95 9.01 -32.83
C ILE D 75 -10.44 10.45 -32.75
N PRO D 76 -11.03 11.00 -33.80
CA PRO D 76 -11.64 12.33 -33.70
C PRO D 76 -13.03 12.24 -33.08
N SER D 77 -13.62 13.41 -32.87
CA SER D 77 -14.94 13.48 -32.26
C SER D 77 -15.97 12.77 -33.14
N PRO D 78 -16.85 11.97 -32.56
CA PRO D 78 -17.85 11.27 -33.38
C PRO D 78 -18.78 12.25 -34.06
N TYR D 79 -19.17 11.92 -35.29
CA TYR D 79 -20.07 12.77 -36.07
C TYR D 79 -21.49 12.38 -35.70
N VAL D 80 -22.04 13.09 -34.72
CA VAL D 80 -23.41 12.87 -34.26
C VAL D 80 -24.28 13.91 -34.95
N LYS D 81 -24.88 13.51 -36.07
CA LYS D 81 -25.76 14.39 -36.83
C LYS D 81 -27.21 14.06 -36.51
N CYS D 82 -28.04 15.09 -36.44
CA CYS D 82 -29.43 14.97 -36.00
C CYS D 82 -30.36 14.86 -37.20
N CYS D 83 -31.48 14.16 -36.98
CA CYS D 83 -32.57 14.06 -37.95
C CYS D 83 -32.10 13.48 -39.28
N GLY D 84 -31.05 12.67 -39.27
CA GLY D 84 -30.52 12.10 -40.49
C GLY D 84 -29.44 11.09 -40.20
N THR D 85 -29.10 10.31 -41.22
CA THR D 85 -28.09 9.26 -41.13
C THR D 85 -26.89 9.63 -41.99
N ALA D 86 -25.72 9.19 -41.54
CA ALA D 86 -24.46 9.43 -42.25
C ALA D 86 -23.98 8.12 -42.88
N GLU D 87 -23.00 8.26 -43.77
CA GLU D 87 -22.42 7.13 -44.50
C GLU D 87 -20.93 7.05 -44.27
N CYS D 88 -20.42 5.83 -44.11
CA CYS D 88 -19.00 5.60 -43.90
C CYS D 88 -18.30 5.48 -45.24
N LYS D 89 -17.35 6.37 -45.50
CA LYS D 89 -16.51 6.32 -46.70
C LYS D 89 -15.10 5.91 -46.28
N ASP D 90 -14.71 4.69 -46.64
CA ASP D 90 -13.40 4.19 -46.25
C ASP D 90 -12.29 4.93 -46.99
N LYS D 91 -11.24 5.28 -46.26
CA LYS D 91 -10.06 5.91 -46.82
C LYS D 91 -8.84 5.04 -46.53
N ASN D 92 -7.81 5.17 -47.37
CA ASN D 92 -6.61 4.37 -47.21
C ASN D 92 -5.74 4.97 -46.10
N LEU D 93 -6.23 4.79 -44.87
CA LEU D 93 -5.49 5.13 -43.67
C LEU D 93 -5.48 3.90 -42.76
N PRO D 94 -4.34 3.62 -42.11
CA PRO D 94 -4.11 2.28 -41.54
C PRO D 94 -5.20 1.80 -40.59
N ASP D 95 -5.82 0.68 -40.96
CA ASP D 95 -6.84 0.02 -40.15
C ASP D 95 -8.02 0.94 -39.88
N TYR D 96 -8.39 1.74 -40.88
CA TYR D 96 -9.57 2.61 -40.78
C TYR D 96 -10.81 1.76 -40.53
N SER D 97 -11.45 2.00 -39.38
CA SER D 97 -12.67 1.31 -39.01
C SER D 97 -13.78 2.33 -38.79
N CYS D 98 -14.89 2.17 -39.50
CA CYS D 98 -16.00 3.11 -39.43
C CYS D 98 -17.30 2.35 -39.26
N LYS D 99 -18.20 2.91 -38.44
CA LYS D 99 -19.50 2.31 -38.21
C LYS D 99 -20.43 3.37 -37.65
N VAL D 100 -21.70 3.30 -38.03
CA VAL D 100 -22.70 4.29 -37.64
C VAL D 100 -23.74 3.60 -36.75
N PHE D 101 -24.12 4.27 -35.66
CA PHE D 101 -25.14 3.79 -34.75
C PHE D 101 -26.33 4.73 -34.79
N THR D 102 -27.54 4.18 -34.91
CA THR D 102 -28.74 4.95 -35.10
C THR D 102 -29.56 5.00 -33.81
N GLY D 103 -30.49 5.96 -33.76
CA GLY D 103 -31.47 6.07 -32.70
C GLY D 103 -30.92 6.38 -31.32
N VAL D 104 -29.61 6.43 -31.15
CA VAL D 104 -29.04 6.74 -29.85
C VAL D 104 -29.39 8.17 -29.45
N TYR D 105 -29.55 8.39 -28.15
CA TYR D 105 -29.87 9.70 -27.59
C TYR D 105 -28.72 10.15 -26.70
N PRO D 106 -27.71 10.80 -27.27
CA PRO D 106 -26.59 11.30 -26.45
C PRO D 106 -27.05 12.43 -25.55
N PHE D 107 -26.23 12.71 -24.53
CA PHE D 107 -26.57 13.72 -23.54
C PHE D 107 -25.33 14.49 -23.12
N MET D 108 -25.35 15.80 -23.34
CA MET D 108 -24.43 16.70 -22.68
C MET D 108 -25.05 17.09 -21.34
N TRP D 109 -24.49 18.10 -20.66
CA TRP D 109 -24.99 18.42 -19.33
C TRP D 109 -26.34 19.11 -19.38
N GLY D 110 -26.53 20.03 -20.32
CA GLY D 110 -27.74 20.83 -20.35
C GLY D 110 -28.81 20.33 -21.29
N GLY D 111 -28.87 19.02 -21.49
CA GLY D 111 -29.88 18.41 -22.33
C GLY D 111 -29.28 17.63 -23.47
N ALA D 112 -30.17 17.05 -24.28
CA ALA D 112 -29.75 16.27 -25.42
C ALA D 112 -29.16 17.16 -26.52
N TYR D 113 -28.19 16.61 -27.24
CA TYR D 113 -27.54 17.38 -28.30
C TYR D 113 -28.46 17.56 -29.50
N CYS D 114 -29.35 16.61 -29.75
CA CYS D 114 -30.21 16.63 -30.93
C CYS D 114 -31.62 17.07 -30.58
N PHE D 115 -32.20 17.89 -31.46
CA PHE D 115 -33.60 18.29 -31.31
C PHE D 115 -34.53 17.13 -31.61
N CYS D 116 -34.31 16.45 -32.73
CA CYS D 116 -35.18 15.35 -33.13
C CYS D 116 -35.10 14.19 -32.13
N ASP D 117 -36.18 13.43 -32.05
CA ASP D 117 -36.25 12.25 -31.21
C ASP D 117 -36.03 10.96 -31.98
N ALA D 118 -35.98 11.04 -33.31
CA ALA D 118 -35.68 9.90 -34.17
C ALA D 118 -34.66 10.32 -35.21
N GLU D 119 -34.16 9.34 -35.97
CA GLU D 119 -33.16 9.55 -37.01
C GLU D 119 -31.91 10.24 -36.46
N ASN D 120 -31.55 9.94 -35.21
CA ASN D 120 -30.30 10.43 -34.63
C ASN D 120 -29.21 9.38 -34.83
N THR D 121 -28.05 9.81 -35.30
CA THR D 121 -26.99 8.90 -35.69
C THR D 121 -25.65 9.37 -35.14
N GLN D 122 -24.76 8.41 -34.88
CA GLN D 122 -23.40 8.70 -34.44
C GLN D 122 -22.43 7.89 -35.28
N LEU D 123 -21.59 8.59 -36.04
CA LEU D 123 -20.56 7.95 -36.86
C LEU D 123 -19.26 7.91 -36.07
N SER D 124 -18.70 6.71 -35.92
CA SER D 124 -17.45 6.50 -35.19
C SER D 124 -16.38 6.08 -36.18
N GLU D 125 -15.45 6.97 -36.49
CA GLU D 125 -14.32 6.65 -37.35
C GLU D 125 -13.05 6.60 -36.51
N ALA D 126 -12.18 5.64 -36.82
CA ALA D 126 -10.97 5.43 -36.04
C ALA D 126 -9.90 4.84 -36.94
N HIS D 127 -8.69 5.40 -36.88
CA HIS D 127 -7.55 4.89 -37.62
C HIS D 127 -6.34 4.82 -36.69
N VAL D 128 -5.33 4.08 -37.14
CA VAL D 128 -4.10 3.88 -36.38
C VAL D 128 -2.95 4.46 -37.19
N GLU D 129 -1.97 5.05 -36.49
CA GLU D 129 -0.75 5.51 -37.14
C GLU D 129 0.36 5.52 -36.10
N LYS D 130 1.56 5.91 -36.54
CA LYS D 130 2.72 5.90 -35.66
C LYS D 130 2.56 6.90 -34.52
N SER D 131 2.90 6.46 -33.32
CA SER D 131 2.96 7.36 -32.18
C SER D 131 4.16 8.30 -32.30
N GLU D 132 4.14 9.36 -31.50
CA GLU D 132 5.28 10.26 -31.45
C GLU D 132 6.48 9.63 -30.75
N SER D 133 6.26 8.53 -30.02
CA SER D 133 7.34 7.83 -29.33
C SER D 133 8.20 6.98 -30.25
N CYS D 134 7.87 6.91 -31.54
CA CYS D 134 8.67 6.13 -32.47
C CYS D 134 10.03 6.76 -32.73
N LYS D 135 10.19 8.07 -32.46
CA LYS D 135 11.47 8.71 -32.69
C LYS D 135 12.51 8.30 -31.65
N THR D 136 12.08 7.88 -30.47
CA THR D 136 13.00 7.49 -29.40
C THR D 136 12.86 6.04 -29.00
N GLU D 137 11.64 5.57 -28.74
CA GLU D 137 11.43 4.19 -28.28
C GLU D 137 10.98 3.35 -29.46
N PHE D 138 11.94 2.70 -30.11
CA PHE D 138 11.68 1.79 -31.22
C PHE D 138 12.45 0.50 -31.02
N ALA D 139 12.28 -0.43 -31.95
CA ALA D 139 13.05 -1.66 -32.01
C ALA D 139 13.31 -1.98 -33.47
N SER D 140 14.59 -2.11 -33.83
CA SER D 140 14.99 -2.29 -35.22
C SER D 140 15.16 -3.77 -35.55
N ALA D 141 14.69 -4.16 -36.73
CA ALA D 141 14.76 -5.55 -37.18
C ALA D 141 15.71 -5.64 -38.37
N TYR D 142 16.66 -6.56 -38.30
CA TYR D 142 17.72 -6.68 -39.29
C TYR D 142 17.86 -8.11 -39.78
N ARG D 143 18.45 -8.25 -40.96
CA ARG D 143 19.01 -9.51 -41.43
C ARG D 143 20.53 -9.45 -41.27
N ALA D 144 21.09 -10.44 -40.59
CA ALA D 144 22.51 -10.45 -40.27
C ALA D 144 23.21 -11.62 -40.96
N HIS D 145 24.32 -11.33 -41.63
CA HIS D 145 25.11 -12.34 -42.31
C HIS D 145 26.44 -11.73 -42.73
N THR D 146 27.40 -12.61 -43.03
CA THR D 146 28.69 -12.25 -43.63
C THR D 146 29.42 -11.21 -42.76
N ALA D 147 29.79 -11.65 -41.56
CA ALA D 147 30.49 -10.79 -40.62
C ALA D 147 31.93 -10.54 -41.08
N SER D 148 32.44 -9.37 -40.73
CA SER D 148 33.81 -8.97 -41.03
C SER D 148 34.61 -8.94 -39.73
N ALA D 149 35.70 -9.70 -39.69
CA ALA D 149 36.46 -9.89 -38.45
C ALA D 149 37.56 -8.85 -38.32
N SER D 150 37.78 -8.41 -37.08
CA SER D 150 38.84 -7.46 -36.74
C SER D 150 39.48 -7.90 -35.43
N ALA D 151 40.73 -7.48 -35.23
CA ALA D 151 41.46 -7.91 -34.04
C ALA D 151 42.51 -6.87 -33.67
N LYS D 152 42.83 -6.83 -32.37
CA LYS D 152 43.88 -5.98 -31.82
C LYS D 152 44.86 -6.87 -31.09
N LEU D 153 46.16 -6.68 -31.36
CA LEU D 153 47.18 -7.62 -30.91
C LEU D 153 48.36 -6.90 -30.27
N ARG D 154 48.83 -7.45 -29.16
CA ARG D 154 50.04 -6.98 -28.49
C ARG D 154 51.16 -7.98 -28.73
N VAL D 155 52.34 -7.48 -29.12
CA VAL D 155 53.51 -8.31 -29.39
C VAL D 155 54.70 -7.70 -28.66
N LEU D 156 55.45 -8.54 -27.93
CA LEU D 156 56.66 -8.11 -27.25
C LEU D 156 57.83 -8.39 -28.18
N TYR D 157 58.34 -7.34 -28.82
CA TYR D 157 59.37 -7.45 -29.84
C TYR D 157 60.53 -6.53 -29.49
N GLN D 158 61.74 -7.10 -29.42
CA GLN D 158 62.97 -6.37 -29.11
C GLN D 158 62.80 -5.54 -27.85
N GLY D 159 62.26 -6.19 -26.81
CA GLY D 159 62.08 -5.53 -25.52
C GLY D 159 61.10 -4.38 -25.52
N ASN D 160 60.16 -4.36 -26.47
CA ASN D 160 59.19 -3.27 -26.55
C ASN D 160 57.81 -3.85 -26.82
N ASN D 161 56.85 -3.52 -25.96
CA ASN D 161 55.45 -3.78 -26.24
C ASN D 161 55.01 -3.00 -27.48
N ILE D 162 54.44 -3.69 -28.46
CA ILE D 162 53.90 -3.03 -29.65
C ILE D 162 52.48 -3.51 -29.88
N THR D 163 51.68 -2.65 -30.52
CA THR D 163 50.26 -2.85 -30.69
C THR D 163 49.90 -2.84 -32.17
N VAL D 164 49.11 -3.82 -32.60
CA VAL D 164 48.69 -3.96 -33.99
C VAL D 164 47.17 -4.04 -34.04
N THR D 165 46.59 -3.47 -35.09
CA THR D 165 45.15 -3.54 -35.34
C THR D 165 44.94 -3.89 -36.81
N ALA D 166 44.37 -5.07 -37.05
CA ALA D 166 44.22 -5.57 -38.41
C ALA D 166 42.94 -6.38 -38.53
N TYR D 167 42.62 -6.76 -39.76
CA TYR D 167 41.47 -7.60 -40.07
C TYR D 167 41.92 -9.05 -40.12
N ALA D 168 41.29 -9.90 -39.29
CA ALA D 168 41.70 -11.30 -39.16
C ALA D 168 41.11 -12.11 -40.32
N ASN D 169 41.69 -11.89 -41.50
CA ASN D 169 41.26 -12.58 -42.71
C ASN D 169 42.33 -13.47 -43.33
N GLY D 170 43.57 -13.39 -42.87
CA GLY D 170 44.66 -14.09 -43.54
C GLY D 170 45.04 -13.50 -44.88
N ASP D 171 44.55 -12.32 -45.21
CA ASP D 171 44.82 -11.68 -46.50
C ASP D 171 45.28 -10.24 -46.40
N HIS D 172 45.11 -9.58 -45.25
CA HIS D 172 45.48 -8.18 -45.08
C HIS D 172 46.73 -8.10 -44.22
N ALA D 173 47.65 -7.20 -44.59
CA ALA D 173 48.95 -7.08 -43.95
C ALA D 173 49.08 -5.74 -43.25
N VAL D 174 49.84 -5.73 -42.16
CA VAL D 174 50.16 -4.52 -41.40
C VAL D 174 51.63 -4.58 -41.02
N THR D 175 52.36 -3.50 -41.31
CA THR D 175 53.80 -3.46 -41.11
C THR D 175 54.16 -2.36 -40.12
N VAL D 176 54.82 -2.75 -39.03
CA VAL D 176 55.30 -1.82 -38.01
C VAL D 176 56.67 -2.27 -37.55
N LYS D 177 57.60 -1.32 -37.41
CA LYS D 177 58.96 -1.58 -36.94
C LYS D 177 59.68 -2.60 -37.81
N ASP D 178 59.60 -2.40 -39.13
CA ASP D 178 60.23 -3.26 -40.13
C ASP D 178 59.75 -4.70 -40.04
N ALA D 179 58.60 -4.93 -39.41
CA ALA D 179 58.02 -6.26 -39.26
C ALA D 179 56.64 -6.28 -39.87
N LYS D 180 56.38 -7.26 -40.73
CA LYS D 180 55.09 -7.41 -41.39
C LYS D 180 54.23 -8.42 -40.64
N PHE D 181 52.92 -8.17 -40.60
CA PHE D 181 52.01 -8.96 -39.79
C PHE D 181 50.81 -9.38 -40.62
N ILE D 182 50.61 -10.69 -40.75
CA ILE D 182 49.43 -11.27 -41.38
C ILE D 182 48.60 -11.95 -40.29
N VAL D 183 47.33 -11.58 -40.19
CA VAL D 183 46.46 -12.04 -39.13
C VAL D 183 45.34 -12.88 -39.75
N GLY D 184 45.10 -14.06 -39.17
CA GLY D 184 44.06 -14.93 -39.65
C GLY D 184 44.55 -15.95 -40.64
N PRO D 185 43.62 -16.63 -41.33
CA PRO D 185 42.18 -16.47 -41.17
C PRO D 185 41.62 -17.20 -39.95
N MET D 186 40.42 -16.83 -39.53
CA MET D 186 39.81 -17.43 -38.36
C MET D 186 39.61 -18.94 -38.56
N SER D 187 39.91 -19.72 -37.53
CA SER D 187 39.66 -21.15 -37.57
C SER D 187 38.18 -21.49 -37.55
N SER D 188 37.33 -20.54 -37.17
CA SER D 188 35.88 -20.76 -37.19
C SER D 188 35.21 -19.41 -37.31
N ALA D 189 34.49 -19.19 -38.42
CA ALA D 189 33.73 -17.96 -38.63
C ALA D 189 32.40 -17.98 -37.92
N TRP D 190 32.22 -18.89 -36.96
CA TRP D 190 30.98 -18.99 -36.20
C TRP D 190 30.70 -17.67 -35.47
N THR D 191 29.41 -17.40 -35.28
CA THR D 191 28.97 -16.19 -34.61
C THR D 191 27.68 -16.51 -33.86
N PRO D 192 27.41 -15.83 -32.75
CA PRO D 192 26.17 -16.09 -32.00
C PRO D 192 24.91 -15.51 -32.63
N PHE D 193 25.05 -14.74 -33.71
CA PHE D 193 23.90 -14.14 -34.36
C PHE D 193 23.25 -15.11 -35.32
N ASP D 194 21.92 -15.15 -35.28
CA ASP D 194 21.15 -15.89 -36.27
C ASP D 194 21.06 -15.06 -37.54
N ASN D 195 20.20 -15.48 -38.47
CA ASN D 195 20.02 -14.71 -39.71
C ASN D 195 19.18 -13.46 -39.46
N LYS D 196 18.31 -13.49 -38.45
CA LYS D 196 17.39 -12.39 -38.18
C LYS D 196 17.54 -11.95 -36.73
N ILE D 197 17.90 -10.67 -36.53
CA ILE D 197 18.15 -10.12 -35.20
C ILE D 197 17.31 -8.87 -35.01
N VAL D 198 17.16 -8.48 -33.74
CA VAL D 198 16.44 -7.28 -33.35
C VAL D 198 17.30 -6.47 -32.40
N VAL D 199 17.29 -5.14 -32.57
CA VAL D 199 18.14 -4.23 -31.80
C VAL D 199 17.25 -3.23 -31.06
N TYR D 200 17.44 -3.11 -29.74
CA TYR D 200 16.74 -2.11 -28.93
C TYR D 200 17.77 -1.33 -28.09
N LYS D 201 18.43 -0.37 -28.73
CA LYS D 201 19.18 0.73 -28.13
C LYS D 201 20.43 0.32 -27.36
N GLY D 202 20.50 -0.93 -26.91
CA GLY D 202 21.74 -1.45 -26.37
C GLY D 202 21.83 -2.95 -26.44
N ASP D 203 20.80 -3.58 -27.01
CA ASP D 203 20.59 -5.01 -26.87
C ASP D 203 20.27 -5.63 -28.22
N VAL D 204 20.79 -6.83 -28.43
CA VAL D 204 20.56 -7.58 -29.66
C VAL D 204 19.87 -8.89 -29.30
N TYR D 205 18.85 -9.24 -30.07
CA TYR D 205 18.04 -10.42 -29.81
C TYR D 205 17.98 -11.30 -31.06
N ASN D 206 18.08 -12.60 -30.87
CA ASN D 206 17.86 -13.56 -31.95
C ASN D 206 16.37 -13.88 -32.00
N MET D 207 15.74 -13.57 -33.14
CA MET D 207 14.30 -13.74 -33.26
C MET D 207 13.93 -13.92 -34.72
N ASP D 208 13.15 -14.96 -35.01
CA ASP D 208 12.57 -15.14 -36.35
C ASP D 208 11.37 -14.19 -36.47
N TYR D 209 11.70 -12.90 -36.56
CA TYR D 209 10.66 -11.88 -36.54
C TYR D 209 9.84 -11.94 -37.83
N PRO D 210 8.53 -11.77 -37.74
CA PRO D 210 7.67 -11.84 -38.92
C PRO D 210 8.04 -10.75 -39.92
N PRO D 211 7.98 -11.06 -41.22
CA PRO D 211 8.39 -10.07 -42.23
C PRO D 211 7.43 -8.91 -42.36
N PHE D 212 7.74 -7.99 -43.28
CA PHE D 212 6.92 -6.80 -43.48
C PHE D 212 5.54 -7.19 -43.98
N GLY D 213 4.51 -6.79 -43.23
CA GLY D 213 3.14 -6.99 -43.66
C GLY D 213 2.50 -8.29 -43.24
N ALA D 214 3.01 -8.92 -42.17
CA ALA D 214 2.39 -10.16 -41.70
C ALA D 214 2.25 -10.19 -40.19
N GLY D 215 2.41 -9.06 -39.51
CA GLY D 215 2.35 -9.05 -38.06
C GLY D 215 0.97 -9.38 -37.54
N ARG D 216 0.93 -10.12 -36.44
CA ARG D 216 -0.31 -10.46 -35.77
C ARG D 216 -0.52 -9.56 -34.55
N PRO D 217 -1.77 -9.30 -34.17
CA PRO D 217 -2.02 -8.41 -33.04
C PRO D 217 -1.49 -8.99 -31.73
N GLY D 218 -0.95 -8.12 -30.89
CA GLY D 218 -0.46 -8.52 -29.58
C GLY D 218 0.95 -9.05 -29.58
N GLN D 219 1.35 -9.71 -30.65
CA GLN D 219 2.72 -10.19 -30.79
C GLN D 219 3.60 -9.09 -31.39
N PHE D 220 4.91 -9.36 -31.42
CA PHE D 220 5.86 -8.39 -31.95
C PHE D 220 5.51 -8.02 -33.38
N GLY D 221 5.76 -6.76 -33.72
CA GLY D 221 5.55 -6.31 -35.09
C GLY D 221 4.10 -6.24 -35.52
N ASP D 222 3.17 -6.06 -34.58
CA ASP D 222 1.78 -5.83 -34.95
C ASP D 222 1.64 -4.58 -35.80
N ILE D 223 2.56 -3.63 -35.65
CA ILE D 223 2.67 -2.46 -36.50
C ILE D 223 4.12 -2.37 -36.99
N GLN D 224 4.29 -2.03 -38.27
CA GLN D 224 5.62 -2.02 -38.88
C GLN D 224 5.79 -0.80 -39.76
N SER D 225 6.98 -0.20 -39.70
CA SER D 225 7.31 0.97 -40.50
C SER D 225 8.70 0.79 -41.08
N ARG D 226 8.90 1.31 -42.29
CA ARG D 226 10.18 1.17 -42.97
C ARG D 226 11.29 1.88 -42.20
N THR D 227 11.19 3.19 -42.08
CA THR D 227 12.14 4.02 -41.35
C THR D 227 11.39 4.84 -40.32
N PRO D 228 12.07 5.30 -39.27
CA PRO D 228 11.41 6.23 -38.34
C PRO D 228 10.92 7.50 -39.01
N GLU D 229 11.56 7.90 -40.10
CA GLU D 229 11.17 9.10 -40.83
C GLU D 229 10.05 8.85 -41.83
N SER D 230 9.87 7.61 -42.27
CA SER D 230 8.94 7.30 -43.34
C SER D 230 7.49 7.52 -42.91
N LYS D 231 6.65 7.86 -43.88
CA LYS D 231 5.23 8.11 -43.63
C LYS D 231 4.40 6.84 -43.72
N ASP D 232 4.67 5.99 -44.71
CA ASP D 232 3.91 4.76 -44.89
C ASP D 232 4.15 3.81 -43.72
N VAL D 233 3.06 3.32 -43.13
CA VAL D 233 3.11 2.36 -42.04
C VAL D 233 2.08 1.26 -42.30
N TYR D 234 2.28 0.14 -41.62
CA TYR D 234 1.37 -1.00 -41.68
C TYR D 234 0.91 -1.35 -40.27
N ALA D 235 -0.36 -1.70 -40.13
CA ALA D 235 -0.91 -1.99 -38.80
C ALA D 235 -2.03 -3.01 -38.92
N ASN D 236 -1.87 -4.13 -38.23
CA ASN D 236 -2.91 -5.15 -38.07
C ASN D 236 -3.18 -5.23 -36.57
N THR D 237 -4.06 -4.36 -36.07
CA THR D 237 -4.26 -4.17 -34.65
C THR D 237 -5.60 -4.69 -34.15
N GLN D 238 -6.43 -5.26 -35.03
CA GLN D 238 -7.72 -5.83 -34.64
C GLN D 238 -8.63 -4.76 -34.03
N LEU D 239 -8.60 -3.56 -34.60
CA LEU D 239 -9.41 -2.45 -34.11
C LEU D 239 -10.88 -2.72 -34.39
N VAL D 240 -11.63 -3.03 -33.33
CA VAL D 240 -13.06 -3.32 -33.43
C VAL D 240 -13.81 -2.23 -32.67
N LEU D 241 -14.77 -1.59 -33.33
CA LEU D 241 -15.58 -0.56 -32.72
C LEU D 241 -16.83 -1.16 -32.10
N GLN D 242 -17.25 -0.58 -30.98
CA GLN D 242 -18.39 -1.07 -30.23
C GLN D 242 -19.45 0.02 -30.10
N ARG D 243 -20.65 -0.40 -29.71
CA ARG D 243 -21.75 0.54 -29.56
C ARG D 243 -21.52 1.41 -28.32
N PRO D 244 -21.69 2.73 -28.43
CA PRO D 244 -21.60 3.57 -27.24
C PRO D 244 -22.71 3.23 -26.25
N ALA D 245 -22.42 3.45 -24.97
CA ALA D 245 -23.37 3.12 -23.92
C ALA D 245 -24.56 4.07 -23.97
N ALA D 246 -25.50 3.88 -23.05
CA ALA D 246 -26.74 4.65 -23.06
C ALA D 246 -26.46 6.11 -22.71
N GLY D 247 -26.96 7.02 -23.54
CA GLY D 247 -26.87 8.44 -23.30
C GLY D 247 -25.49 8.96 -23.01
N THR D 248 -24.51 8.57 -23.83
CA THR D 248 -23.12 8.95 -23.62
C THR D 248 -22.47 9.26 -24.95
N VAL D 249 -21.48 10.14 -24.91
CA VAL D 249 -20.66 10.47 -26.08
C VAL D 249 -19.26 9.94 -25.83
N HIS D 250 -18.92 8.84 -26.50
CA HIS D 250 -17.59 8.24 -26.41
C HIS D 250 -17.46 7.24 -27.54
N VAL D 251 -16.22 6.79 -27.78
CA VAL D 251 -15.94 5.81 -28.82
C VAL D 251 -15.34 4.57 -28.17
N PRO D 252 -16.14 3.70 -27.56
CA PRO D 252 -15.59 2.48 -26.95
C PRO D 252 -15.22 1.46 -28.02
N TYR D 253 -14.05 0.85 -27.87
CA TYR D 253 -13.53 -0.06 -28.86
C TYR D 253 -12.81 -1.22 -28.18
N SER D 254 -12.48 -2.23 -28.98
CA SER D 254 -11.59 -3.31 -28.59
C SER D 254 -10.42 -3.34 -29.55
N GLN D 255 -9.21 -3.45 -29.00
CA GLN D 255 -8.01 -3.41 -29.83
C GLN D 255 -6.86 -4.03 -29.07
N ALA D 256 -6.15 -4.95 -29.71
CA ALA D 256 -5.01 -5.58 -29.06
C ALA D 256 -3.92 -4.54 -28.79
N PRO D 257 -3.32 -4.53 -27.61
CA PRO D 257 -2.26 -3.58 -27.32
C PRO D 257 -1.04 -3.83 -28.19
N SER D 258 -0.12 -2.87 -28.17
CA SER D 258 1.08 -2.96 -29.00
C SER D 258 1.91 -4.15 -28.58
N GLY D 259 2.23 -5.02 -29.54
CA GLY D 259 3.18 -6.08 -29.29
C GLY D 259 4.55 -5.57 -28.90
N PHE D 260 4.86 -4.32 -29.25
CA PHE D 260 6.12 -3.72 -28.85
C PHE D 260 6.23 -3.65 -27.33
N LYS D 261 5.21 -3.12 -26.66
CA LYS D 261 5.22 -3.07 -25.21
C LYS D 261 4.96 -4.43 -24.60
N TYR D 262 4.23 -5.30 -25.30
CA TYR D 262 4.02 -6.66 -24.81
C TYR D 262 5.32 -7.46 -24.87
N TRP D 263 6.21 -7.12 -25.78
CA TRP D 263 7.51 -7.77 -25.91
C TRP D 263 8.55 -7.16 -24.98
N LEU D 264 8.45 -5.85 -24.70
CA LEU D 264 9.46 -5.17 -23.90
C LEU D 264 9.50 -5.67 -22.46
N LYS D 265 8.47 -6.37 -22.00
CA LYS D 265 8.46 -6.92 -20.65
C LYS D 265 8.65 -8.42 -20.60
N GLU D 266 8.46 -9.13 -21.72
CA GLU D 266 8.63 -10.57 -21.77
C GLU D 266 9.68 -11.00 -22.79
N ARG D 267 10.60 -10.11 -23.17
CA ARG D 267 11.54 -10.43 -24.23
C ARG D 267 12.63 -11.40 -23.78
N GLY D 268 12.85 -11.56 -22.49
CA GLY D 268 13.92 -12.40 -22.01
C GLY D 268 15.27 -11.70 -22.12
N ALA D 269 16.29 -12.38 -21.63
CA ALA D 269 17.62 -11.79 -21.56
C ALA D 269 18.17 -11.51 -22.96
N SER D 270 19.08 -10.54 -23.02
CA SER D 270 19.73 -10.19 -24.28
C SER D 270 20.72 -11.28 -24.69
N LEU D 271 21.39 -11.06 -25.83
CA LEU D 271 22.34 -12.05 -26.32
C LEU D 271 23.60 -12.08 -25.45
N GLN D 272 24.00 -10.94 -24.88
CA GLN D 272 25.19 -10.93 -24.05
C GLN D 272 25.05 -11.83 -22.83
N HIS D 273 23.83 -12.12 -22.41
CA HIS D 273 23.60 -13.03 -21.30
C HIS D 273 23.33 -14.46 -21.76
N THR D 274 23.15 -14.69 -23.06
CA THR D 274 22.85 -16.01 -23.58
C THR D 274 23.87 -16.52 -24.60
N ALA D 275 24.75 -15.67 -25.12
CA ALA D 275 25.67 -16.10 -26.16
C ALA D 275 26.66 -17.12 -25.60
N PRO D 276 26.86 -18.25 -26.28
CA PRO D 276 27.87 -19.21 -25.82
C PRO D 276 29.28 -18.70 -26.05
N PHE D 277 30.28 -19.47 -25.62
CA PHE D 277 31.69 -19.15 -25.82
C PHE D 277 32.07 -17.80 -25.21
N GLY D 278 31.30 -17.33 -24.24
CA GLY D 278 31.63 -16.08 -23.56
C GLY D 278 31.68 -14.86 -24.45
N CYS D 279 30.86 -14.82 -25.51
CA CYS D 279 30.82 -13.67 -26.38
C CYS D 279 30.33 -12.43 -25.64
N GLN D 280 30.68 -11.27 -26.19
CA GLN D 280 30.22 -9.98 -25.67
C GLN D 280 29.49 -9.24 -26.79
N ILE D 281 28.41 -8.56 -26.44
CA ILE D 281 27.53 -7.90 -27.39
C ILE D 281 27.63 -6.40 -27.19
N ALA D 282 27.80 -5.66 -28.29
CA ALA D 282 27.82 -4.21 -28.27
C ALA D 282 26.94 -3.71 -29.41
N THR D 283 26.50 -2.45 -29.29
CA THR D 283 25.65 -1.83 -30.28
C THR D 283 26.26 -0.50 -30.71
N ASN D 284 25.78 -0.01 -31.86
CA ASN D 284 26.23 1.26 -32.45
C ASN D 284 27.75 1.31 -32.56
N PRO D 285 28.35 0.55 -33.50
CA PRO D 285 27.70 -0.38 -34.42
C PRO D 285 27.48 -1.76 -33.80
N VAL D 286 26.49 -2.50 -34.32
CA VAL D 286 26.23 -3.85 -33.82
C VAL D 286 27.44 -4.72 -34.07
N ARG D 287 27.94 -5.36 -33.01
CA ARG D 287 29.18 -6.11 -33.12
C ARG D 287 29.30 -7.07 -31.95
N ALA D 288 29.93 -8.22 -32.21
CA ALA D 288 30.32 -9.16 -31.17
C ALA D 288 31.80 -8.98 -30.87
N VAL D 289 32.14 -9.04 -29.59
CA VAL D 289 33.49 -8.73 -29.12
C VAL D 289 34.01 -9.90 -28.30
N ASN D 290 35.25 -10.30 -28.57
CA ASN D 290 35.97 -11.29 -27.77
C ASN D 290 35.27 -12.64 -27.73
N CYS D 291 34.61 -13.02 -28.83
CA CYS D 291 34.04 -14.36 -28.94
C CYS D 291 35.16 -15.38 -28.90
N ALA D 292 35.23 -16.17 -27.83
CA ALA D 292 36.32 -17.13 -27.63
C ALA D 292 35.93 -18.43 -28.32
N VAL D 293 36.37 -18.58 -29.57
CA VAL D 293 36.05 -19.76 -30.35
C VAL D 293 37.20 -20.13 -31.27
N GLY D 294 37.68 -21.37 -31.18
CA GLY D 294 38.72 -21.87 -32.03
C GLY D 294 40.07 -21.23 -31.75
N ASN D 295 40.96 -21.42 -32.73
CA ASN D 295 42.30 -20.83 -32.71
C ASN D 295 42.43 -19.80 -33.82
N MET D 296 43.60 -19.18 -33.91
CA MET D 296 43.84 -18.18 -34.94
C MET D 296 45.32 -18.07 -35.25
N PRO D 297 45.72 -18.22 -36.51
CA PRO D 297 47.14 -18.15 -36.86
C PRO D 297 47.63 -16.72 -37.02
N ILE D 298 48.93 -16.55 -36.84
CA ILE D 298 49.58 -15.25 -36.93
C ILE D 298 50.90 -15.42 -37.69
N SER D 299 51.10 -14.61 -38.72
CA SER D 299 52.31 -14.63 -39.53
C SER D 299 53.08 -13.33 -39.33
N ILE D 300 54.38 -13.44 -39.07
CA ILE D 300 55.24 -12.29 -38.82
C ILE D 300 56.44 -12.38 -39.75
N ASP D 301 56.64 -11.35 -40.57
CA ASP D 301 57.83 -11.25 -41.41
C ASP D 301 58.87 -10.42 -40.65
N ILE D 302 59.96 -11.06 -40.25
CA ILE D 302 60.94 -10.47 -39.34
C ILE D 302 62.15 -9.98 -40.13
N PRO D 303 62.67 -8.78 -39.84
CA PRO D 303 63.85 -8.31 -40.57
C PRO D 303 65.13 -9.05 -40.19
N GLU D 304 66.22 -8.74 -40.88
CA GLU D 304 67.50 -9.40 -40.63
C GLU D 304 68.22 -8.80 -39.44
N ALA D 305 68.23 -7.45 -39.34
CA ALA D 305 69.02 -6.79 -38.32
C ALA D 305 68.58 -7.15 -36.91
N ALA D 306 67.28 -7.42 -36.72
CA ALA D 306 66.79 -7.82 -35.40
C ALA D 306 67.39 -9.14 -34.94
N PHE D 307 67.89 -9.96 -35.86
CA PHE D 307 68.52 -11.22 -35.51
C PHE D 307 69.94 -10.99 -35.01
N THR D 308 70.52 -12.05 -34.43
CA THR D 308 71.89 -12.02 -33.96
C THR D 308 72.54 -13.36 -34.31
N ARG D 309 73.69 -13.30 -35.00
CA ARG D 309 74.38 -14.51 -35.38
C ARG D 309 74.92 -15.24 -34.15
N VAL D 310 75.14 -16.54 -34.31
CA VAL D 310 75.64 -17.35 -33.20
C VAL D 310 77.03 -16.92 -32.77
N VAL D 311 77.79 -16.28 -33.66
CA VAL D 311 79.12 -15.81 -33.29
C VAL D 311 79.02 -14.66 -32.30
N ASP D 312 78.22 -13.64 -32.63
CA ASP D 312 78.00 -12.54 -31.69
C ASP D 312 77.19 -12.96 -30.48
N ALA D 313 76.53 -14.11 -30.53
CA ALA D 313 75.74 -14.58 -29.40
C ALA D 313 76.66 -15.08 -28.29
N PRO D 314 76.51 -14.59 -27.07
CA PRO D 314 77.38 -15.05 -25.98
C PRO D 314 77.11 -16.50 -25.62
N SER D 315 78.18 -17.23 -25.33
CA SER D 315 78.10 -18.62 -24.89
C SER D 315 78.23 -18.65 -23.38
N LEU D 316 77.22 -19.21 -22.71
CA LEU D 316 77.12 -19.19 -21.25
C LEU D 316 77.58 -20.52 -20.68
N THR D 317 78.58 -20.47 -19.80
CA THR D 317 79.13 -21.65 -19.15
C THR D 317 78.85 -21.59 -17.65
N ASP D 318 79.03 -22.74 -17.00
CA ASP D 318 78.87 -22.88 -15.55
C ASP D 318 77.50 -22.38 -15.10
N MET D 319 76.46 -23.06 -15.59
CA MET D 319 75.09 -22.72 -15.25
C MET D 319 74.58 -23.63 -14.14
N SER D 320 73.78 -23.07 -13.25
N SER D 320 73.78 -23.07 -13.25
CA SER D 320 73.19 -23.81 -12.14
CA SER D 320 73.19 -23.82 -12.15
C SER D 320 71.84 -23.19 -11.81
C SER D 320 71.84 -23.20 -11.82
N CYS D 321 70.88 -24.05 -11.45
CA CYS D 321 69.52 -23.61 -11.17
C CYS D 321 69.09 -24.08 -9.79
N GLU D 322 68.28 -23.25 -9.13
CA GLU D 322 67.63 -23.62 -7.88
C GLU D 322 66.33 -22.85 -7.76
N VAL D 323 65.46 -23.34 -6.89
CA VAL D 323 64.14 -22.73 -6.70
C VAL D 323 63.91 -22.45 -5.22
N PRO D 324 63.84 -21.18 -4.81
CA PRO D 324 63.56 -20.90 -3.40
C PRO D 324 62.16 -21.31 -2.97
N ALA D 325 61.16 -21.11 -3.82
CA ALA D 325 59.79 -21.50 -3.49
C ALA D 325 58.99 -21.64 -4.78
N CYS D 326 58.18 -22.69 -4.85
CA CYS D 326 57.27 -22.91 -5.96
C CYS D 326 55.87 -23.17 -5.42
N THR D 327 54.86 -22.77 -6.20
CA THR D 327 53.47 -23.00 -5.84
C THR D 327 52.69 -23.21 -7.12
N HIS D 328 52.24 -24.44 -7.36
CA HIS D 328 51.58 -24.76 -8.61
C HIS D 328 50.17 -24.19 -8.62
N SER D 329 49.93 -23.25 -9.54
CA SER D 329 48.63 -22.60 -9.66
C SER D 329 48.58 -21.94 -11.03
N SER D 330 47.38 -21.46 -11.38
CA SER D 330 47.18 -20.87 -12.70
C SER D 330 48.05 -19.63 -12.91
N ASP D 331 48.39 -18.92 -11.84
CA ASP D 331 49.27 -17.78 -11.98
C ASP D 331 50.73 -18.22 -11.94
N PHE D 332 51.62 -17.27 -12.23
CA PHE D 332 53.06 -17.53 -12.26
C PHE D 332 53.58 -17.61 -10.81
N GLY D 333 53.17 -18.66 -10.12
CA GLY D 333 53.49 -18.83 -8.72
C GLY D 333 54.75 -19.62 -8.46
N GLY D 334 55.81 -19.33 -9.21
CA GLY D 334 57.09 -20.00 -9.01
C GLY D 334 58.25 -19.16 -9.48
N VAL D 335 59.29 -19.04 -8.65
CA VAL D 335 60.47 -18.24 -8.95
C VAL D 335 61.69 -19.14 -8.89
N ALA D 336 62.55 -19.04 -9.90
CA ALA D 336 63.81 -19.78 -9.95
C ALA D 336 64.95 -18.81 -10.24
N ILE D 337 66.11 -19.09 -9.64
CA ILE D 337 67.30 -18.27 -9.81
C ILE D 337 68.36 -19.12 -10.48
N ILE D 338 69.01 -18.56 -11.51
CA ILE D 338 69.97 -19.30 -12.34
C ILE D 338 71.29 -18.54 -12.31
N LYS D 339 72.30 -19.15 -11.69
CA LYS D 339 73.66 -18.62 -11.72
C LYS D 339 74.32 -18.98 -13.05
N TYR D 340 74.93 -18.00 -13.70
CA TYR D 340 75.49 -18.20 -15.03
C TYR D 340 76.84 -17.49 -15.11
N ALA D 341 77.50 -17.68 -16.26
CA ALA D 341 78.77 -17.01 -16.54
C ALA D 341 78.82 -16.79 -18.05
N ALA D 342 78.73 -15.53 -18.47
CA ALA D 342 78.61 -15.18 -19.88
C ALA D 342 79.97 -14.89 -20.50
N SER D 343 80.09 -15.18 -21.79
CA SER D 343 81.32 -14.87 -22.52
C SER D 343 81.51 -13.36 -22.65
N LYS D 344 80.43 -12.63 -22.96
CA LYS D 344 80.50 -11.19 -23.10
C LYS D 344 79.11 -10.61 -22.86
N LYS D 345 79.05 -9.29 -22.75
CA LYS D 345 77.80 -8.60 -22.52
C LYS D 345 76.93 -8.63 -23.77
N GLY D 346 75.68 -9.02 -23.61
CA GLY D 346 74.77 -9.07 -24.74
C GLY D 346 73.41 -9.63 -24.32
N LYS D 347 72.41 -9.31 -25.12
CA LYS D 347 71.07 -9.82 -24.89
C LYS D 347 70.97 -11.28 -25.32
N CYS D 348 70.14 -12.03 -24.58
CA CYS D 348 69.97 -13.44 -24.85
C CYS D 348 68.55 -13.88 -24.50
N ALA D 349 68.00 -14.77 -25.33
CA ALA D 349 66.63 -15.23 -25.17
C ALA D 349 66.54 -16.32 -24.10
N VAL D 350 65.34 -16.48 -23.55
CA VAL D 350 65.05 -17.44 -22.50
C VAL D 350 63.76 -18.15 -22.85
N HIS D 351 63.78 -19.49 -22.79
CA HIS D 351 62.66 -20.29 -23.29
C HIS D 351 62.59 -21.59 -22.52
N SER D 352 61.39 -21.94 -22.05
CA SER D 352 61.19 -23.21 -21.37
C SER D 352 61.25 -24.36 -22.38
N MET D 353 61.87 -25.46 -21.96
CA MET D 353 62.08 -26.60 -22.84
C MET D 353 61.13 -27.76 -22.56
N THR D 354 60.12 -27.54 -21.71
CA THR D 354 59.11 -28.56 -21.44
C THR D 354 57.74 -27.91 -21.54
N ASN D 355 56.87 -28.51 -22.35
CA ASN D 355 55.54 -27.97 -22.59
C ASN D 355 54.64 -28.01 -21.36
N ALA D 356 55.11 -28.56 -20.25
CA ALA D 356 54.33 -28.64 -19.02
C ALA D 356 54.55 -27.47 -18.07
N VAL D 357 55.60 -26.66 -18.31
CA VAL D 357 55.91 -25.51 -17.48
C VAL D 357 56.18 -24.33 -18.40
N THR D 358 55.48 -23.22 -18.16
CA THR D 358 55.61 -22.01 -18.97
C THR D 358 56.26 -20.90 -18.15
N ILE D 359 57.09 -20.10 -18.81
CA ILE D 359 57.86 -19.03 -18.17
C ILE D 359 57.32 -17.69 -18.65
N ARG D 360 57.28 -16.70 -17.75
CA ARG D 360 56.81 -15.38 -18.12
C ARG D 360 57.85 -14.64 -18.97
N GLU D 361 59.10 -14.61 -18.52
CA GLU D 361 60.13 -13.83 -19.20
C GLU D 361 60.48 -14.46 -20.55
N ALA D 362 60.99 -13.62 -21.45
CA ALA D 362 61.42 -14.06 -22.77
C ALA D 362 62.89 -13.77 -23.04
N GLU D 363 63.36 -12.56 -22.76
CA GLU D 363 64.71 -12.14 -23.13
C GLU D 363 65.33 -11.35 -21.99
N ILE D 364 66.61 -11.63 -21.71
CA ILE D 364 67.34 -10.97 -20.63
C ILE D 364 68.77 -10.73 -21.06
N GLU D 365 69.33 -9.60 -20.65
CA GLU D 365 70.73 -9.29 -20.89
C GLU D 365 71.62 -10.02 -19.89
N VAL D 366 72.74 -10.55 -20.38
CA VAL D 366 73.67 -11.34 -19.57
C VAL D 366 75.01 -10.61 -19.51
N GLU D 367 75.74 -10.86 -18.43
CA GLU D 367 77.00 -10.15 -18.22
C GLU D 367 77.81 -10.85 -17.14
N GLY D 368 79.01 -11.28 -17.47
CA GLY D 368 79.98 -11.86 -16.55
C GLY D 368 79.41 -13.01 -15.75
N ASN D 369 80.00 -13.23 -14.57
CA ASN D 369 79.52 -14.24 -13.64
C ASN D 369 78.44 -13.59 -12.78
N SER D 370 77.18 -13.90 -13.08
CA SER D 370 76.06 -13.29 -12.38
C SER D 370 74.98 -14.35 -12.21
N GLN D 371 73.79 -13.90 -11.82
CA GLN D 371 72.62 -14.75 -11.70
C GLN D 371 71.40 -13.98 -12.16
N LEU D 372 70.41 -14.71 -12.69
CA LEU D 372 69.18 -14.12 -13.16
C LEU D 372 67.99 -14.76 -12.47
N GLN D 373 66.91 -14.01 -12.36
CA GLN D 373 65.67 -14.46 -11.74
C GLN D 373 64.57 -14.56 -12.78
N ILE D 374 63.87 -15.68 -12.79
CA ILE D 374 62.75 -15.89 -13.71
C ILE D 374 61.51 -16.25 -12.90
N SER D 375 60.35 -16.00 -13.50
CA SER D 375 59.07 -16.37 -12.93
C SER D 375 58.41 -17.39 -13.85
N PHE D 376 58.09 -18.55 -13.31
CA PHE D 376 57.48 -19.63 -14.08
C PHE D 376 56.16 -20.05 -13.45
N SER D 377 55.37 -20.77 -14.25
CA SER D 377 54.08 -21.28 -13.81
C SER D 377 53.97 -22.76 -14.17
N THR D 378 53.23 -23.49 -13.35
CA THR D 378 53.06 -24.92 -13.56
C THR D 378 51.83 -25.40 -12.78
N ALA D 379 51.45 -26.64 -13.06
CA ALA D 379 50.43 -27.33 -12.28
C ALA D 379 50.95 -28.62 -11.68
N LEU D 380 52.21 -28.97 -11.93
CA LEU D 380 52.79 -30.21 -11.43
C LEU D 380 53.21 -30.05 -9.97
N ALA D 381 53.23 -31.18 -9.26
CA ALA D 381 53.73 -31.18 -7.89
C ALA D 381 55.25 -31.28 -7.85
N SER D 382 55.82 -32.12 -8.72
CA SER D 382 57.27 -32.27 -8.87
C SER D 382 57.67 -31.71 -10.23
N ALA D 383 58.33 -30.56 -10.23
CA ALA D 383 58.68 -29.85 -11.46
C ALA D 383 60.14 -30.12 -11.78
N GLU D 384 60.38 -31.02 -12.74
CA GLU D 384 61.71 -31.29 -13.28
C GLU D 384 61.70 -30.86 -14.74
N PHE D 385 62.02 -29.59 -14.98
CA PHE D 385 62.03 -29.03 -16.31
C PHE D 385 63.44 -28.55 -16.66
N ARG D 386 63.59 -28.03 -17.87
CA ARG D 386 64.87 -27.55 -18.38
C ARG D 386 64.66 -26.18 -19.01
N VAL D 387 65.55 -25.25 -18.70
CA VAL D 387 65.48 -23.87 -19.21
C VAL D 387 66.58 -23.70 -20.25
N GLN D 388 66.20 -23.21 -21.43
CA GLN D 388 67.13 -22.89 -22.49
C GLN D 388 67.44 -21.40 -22.45
N VAL D 389 68.71 -21.05 -22.26
CA VAL D 389 69.10 -19.65 -22.31
C VAL D 389 70.01 -19.41 -23.50
N CYS D 390 69.40 -19.09 -24.64
CA CYS D 390 70.03 -18.42 -25.77
C CYS D 390 71.05 -19.27 -26.52
N SER D 391 71.59 -20.32 -25.90
CA SER D 391 72.16 -21.45 -26.64
C SER D 391 72.09 -22.72 -25.81
N THR D 392 71.90 -22.56 -24.51
CA THR D 392 72.41 -23.52 -23.52
C THR D 392 71.31 -23.96 -22.58
N GLN D 393 71.37 -25.23 -22.17
CA GLN D 393 70.41 -25.82 -21.26
C GLN D 393 70.92 -25.79 -19.84
N VAL D 394 69.99 -25.73 -18.89
CA VAL D 394 70.28 -25.84 -17.46
C VAL D 394 69.08 -26.50 -16.78
N HIS D 395 69.35 -27.56 -16.04
CA HIS D 395 68.29 -28.34 -15.41
C HIS D 395 67.79 -27.66 -14.14
N CYS D 396 66.47 -27.59 -13.99
CA CYS D 396 65.84 -27.05 -12.79
C CYS D 396 64.98 -28.14 -12.15
N ALA D 397 65.08 -28.25 -10.83
CA ALA D 397 64.27 -29.18 -10.06
C ALA D 397 63.60 -28.42 -8.92
N ALA D 398 62.34 -28.76 -8.65
CA ALA D 398 61.57 -28.05 -7.64
C ALA D 398 60.41 -28.91 -7.18
N GLU D 399 60.18 -28.92 -5.87
CA GLU D 399 59.00 -29.54 -5.26
C GLU D 399 58.03 -28.43 -4.92
N CYS D 400 56.91 -28.38 -5.62
CA CYS D 400 56.01 -27.24 -5.55
C CYS D 400 54.94 -27.43 -4.46
N HIS D 401 54.44 -26.29 -3.93
CA HIS D 401 53.42 -26.19 -2.90
C HIS D 401 52.04 -26.03 -3.53
N PRO D 402 51.01 -26.58 -2.89
CA PRO D 402 49.65 -26.52 -3.46
C PRO D 402 49.08 -25.12 -3.35
N PRO D 403 48.07 -24.80 -4.16
CA PRO D 403 47.40 -23.51 -4.02
C PRO D 403 46.32 -23.56 -2.95
N LYS D 404 45.95 -22.37 -2.47
CA LYS D 404 44.93 -22.29 -1.43
C LYS D 404 43.52 -22.41 -2.01
N ASP D 405 43.22 -21.64 -3.04
CA ASP D 405 41.90 -21.63 -3.65
C ASP D 405 41.86 -22.58 -4.84
N HIS D 406 40.83 -23.43 -4.89
CA HIS D 406 40.66 -24.34 -6.01
C HIS D 406 40.08 -23.66 -7.24
N ILE D 407 39.53 -22.45 -7.10
CA ILE D 407 39.04 -21.67 -8.21
C ILE D 407 39.81 -20.35 -8.23
N VAL D 408 39.92 -19.74 -9.41
CA VAL D 408 40.61 -18.49 -9.59
C VAL D 408 39.90 -17.69 -10.69
N ASN D 409 40.22 -16.41 -10.78
CA ASN D 409 39.55 -15.47 -11.68
C ASN D 409 40.48 -14.94 -12.76
N TYR D 410 41.41 -15.77 -13.23
CA TYR D 410 42.23 -15.44 -14.39
C TYR D 410 42.66 -16.73 -15.06
N PRO D 411 42.88 -16.73 -16.38
CA PRO D 411 43.23 -17.95 -17.12
C PRO D 411 44.59 -18.52 -16.72
N ASP E 69 -37.93 15.51 6.37
CA ASP E 69 -36.53 15.10 6.37
C ASP E 69 -36.05 14.74 7.77
N ASN E 70 -35.95 15.75 8.62
CA ASN E 70 -35.39 15.57 9.96
C ASN E 70 -36.18 14.53 10.74
N PHE E 71 -35.50 13.42 11.08
CA PHE E 71 -36.09 12.37 11.90
C PHE E 71 -35.56 12.54 13.31
N ASN E 72 -36.30 13.29 14.12
CA ASN E 72 -35.91 13.58 15.50
C ASN E 72 -36.31 12.40 16.38
N VAL E 73 -35.34 11.55 16.69
CA VAL E 73 -35.53 10.49 17.69
C VAL E 73 -34.34 10.55 18.64
N TYR E 74 -33.32 11.30 18.26
CA TYR E 74 -32.09 11.41 19.03
C TYR E 74 -32.14 12.47 20.12
N LYS E 75 -33.22 13.26 20.19
CA LYS E 75 -33.25 14.36 21.14
C LYS E 75 -33.26 13.86 22.58
N ALA E 76 -33.80 12.67 22.82
CA ALA E 76 -33.81 12.07 24.15
C ALA E 76 -32.55 11.26 24.43
N THR E 77 -31.54 11.36 23.57
CA THR E 77 -30.33 10.54 23.66
C THR E 77 -29.09 11.43 23.75
N ARG E 78 -27.92 10.79 23.73
CA ARG E 78 -26.65 11.50 23.81
C ARG E 78 -25.55 10.56 23.33
N PRO E 79 -24.44 11.10 22.81
CA PRO E 79 -23.27 10.26 22.53
C PRO E 79 -22.63 9.75 23.81
N TYR E 80 -21.56 8.96 23.70
CA TYR E 80 -20.99 8.33 24.88
C TYR E 80 -19.53 8.00 24.62
N LEU E 81 -18.81 7.70 25.70
CA LEU E 81 -17.46 7.18 25.64
C LEU E 81 -17.49 5.66 25.72
N ALA E 82 -16.57 5.03 25.00
CA ALA E 82 -16.47 3.57 25.00
C ALA E 82 -15.03 3.18 24.75
N HIS E 83 -14.74 1.91 25.00
CA HIS E 83 -13.37 1.41 24.89
C HIS E 83 -13.01 1.16 23.44
N CYS E 84 -11.83 1.64 23.03
CA CYS E 84 -11.25 1.37 21.74
C CYS E 84 -9.88 0.77 21.94
N PRO E 85 -9.55 -0.35 21.27
CA PRO E 85 -8.26 -1.01 21.53
C PRO E 85 -7.07 -0.28 20.96
N ASP E 86 -7.25 0.58 19.96
CA ASP E 86 -6.13 1.32 19.38
C ASP E 86 -6.63 2.72 19.02
N CYS E 87 -6.33 3.69 19.88
CA CYS E 87 -6.67 5.08 19.64
C CYS E 87 -5.56 5.81 18.90
N GLY E 88 -4.76 5.09 18.13
CA GLY E 88 -3.51 5.65 17.63
C GLY E 88 -2.39 5.45 18.62
N GLU E 89 -1.18 5.34 18.09
CA GLU E 89 0.02 5.09 18.90
C GLU E 89 -0.06 3.76 19.65
N GLY E 90 -0.82 2.82 19.11
CA GLY E 90 -0.86 1.47 19.67
C GLY E 90 -1.69 1.20 20.91
N HIS E 91 -1.61 2.05 21.92
CA HIS E 91 -2.23 1.77 23.20
C HIS E 91 -3.74 2.02 23.15
N SER E 92 -4.47 1.29 23.99
CA SER E 92 -5.92 1.38 24.05
C SER E 92 -6.37 2.50 24.97
N CYS E 93 -7.52 3.09 24.66
CA CYS E 93 -8.05 4.21 25.40
C CYS E 93 -9.58 4.20 25.34
N HIS E 94 -10.20 5.10 26.10
CA HIS E 94 -11.64 5.31 26.07
C HIS E 94 -11.92 6.45 25.09
N SER E 95 -12.39 6.11 23.91
CA SER E 95 -12.56 7.12 22.88
C SER E 95 -14.02 7.55 22.77
N PRO E 96 -14.26 8.80 22.36
CA PRO E 96 -15.63 9.23 22.05
C PRO E 96 -16.11 8.79 20.67
N VAL E 97 -15.26 8.13 19.89
CA VAL E 97 -15.60 7.73 18.53
C VAL E 97 -15.37 6.22 18.40
N ALA E 98 -15.51 5.51 19.51
CA ALA E 98 -15.27 4.07 19.52
C ALA E 98 -16.18 3.36 18.52
N LEU E 99 -15.72 2.21 18.03
CA LEU E 99 -16.44 1.43 17.02
C LEU E 99 -17.21 0.32 17.71
N GLU E 100 -18.52 0.27 17.47
CA GLU E 100 -19.38 -0.75 18.04
C GLU E 100 -19.43 -2.02 17.20
N ARG E 101 -19.67 -1.87 15.89
CA ARG E 101 -19.87 -3.02 15.02
C ARG E 101 -19.77 -2.58 13.57
N ILE E 102 -18.93 -3.26 12.80
CA ILE E 102 -18.77 -3.01 11.37
C ILE E 102 -19.59 -4.04 10.61
N ARG E 103 -20.27 -3.58 9.55
CA ARG E 103 -21.14 -4.43 8.75
C ARG E 103 -20.81 -4.24 7.27
N ASN E 104 -20.56 -5.35 6.58
CA ASN E 104 -20.14 -5.35 5.19
C ASN E 104 -21.09 -6.16 4.32
N GLU E 105 -22.36 -6.22 4.69
CA GLU E 105 -23.33 -7.06 3.98
C GLU E 105 -23.58 -6.61 2.55
N ALA E 106 -23.17 -5.40 2.18
CA ALA E 106 -23.33 -4.91 0.81
C ALA E 106 -22.31 -5.55 -0.10
N THR E 107 -22.72 -5.83 -1.35
CA THR E 107 -21.85 -6.48 -2.32
C THR E 107 -21.05 -5.50 -3.16
N ASP E 108 -21.51 -4.25 -3.27
CA ASP E 108 -20.81 -3.23 -4.05
C ASP E 108 -19.73 -2.52 -3.24
N GLY E 109 -19.35 -3.07 -2.08
CA GLY E 109 -18.27 -2.53 -1.29
C GLY E 109 -18.65 -1.42 -0.31
N THR E 110 -19.90 -0.98 -0.33
CA THR E 110 -20.34 0.09 0.56
C THR E 110 -20.31 -0.40 2.01
N LEU E 111 -19.62 0.35 2.87
CA LEU E 111 -19.41 -0.04 4.26
C LEU E 111 -20.36 0.70 5.19
N LYS E 112 -20.87 -0.04 6.18
CA LYS E 112 -21.82 0.49 7.16
C LYS E 112 -21.18 0.34 8.54
N ILE E 113 -20.79 1.46 9.15
CA ILE E 113 -20.05 1.46 10.41
C ILE E 113 -20.90 2.12 11.49
N GLN E 114 -20.84 1.56 12.69
CA GLN E 114 -21.58 2.07 13.84
C GLN E 114 -20.59 2.59 14.87
N VAL E 115 -20.72 3.86 15.23
CA VAL E 115 -19.77 4.52 16.13
C VAL E 115 -20.47 4.94 17.41
N SER E 116 -19.72 5.53 18.33
CA SER E 116 -20.23 5.91 19.65
C SER E 116 -20.79 7.33 19.69
N LEU E 117 -20.32 8.22 18.82
CA LEU E 117 -20.82 9.59 18.80
C LEU E 117 -22.08 9.66 17.94
N GLN E 118 -22.58 10.88 17.71
CA GLN E 118 -23.77 11.11 16.90
C GLN E 118 -23.50 12.24 15.93
N ILE E 119 -23.93 12.06 14.69
CA ILE E 119 -23.65 13.00 13.60
C ILE E 119 -24.94 13.71 13.22
N GLY E 120 -24.84 15.01 12.98
CA GLY E 120 -25.95 15.81 12.52
C GLY E 120 -26.80 16.44 13.61
N ILE E 121 -26.50 16.21 14.88
CA ILE E 121 -27.27 16.71 16.00
C ILE E 121 -26.39 17.61 16.84
N LYS E 122 -26.78 18.87 17.00
CA LYS E 122 -26.11 19.76 17.93
C LYS E 122 -26.45 19.34 19.36
N THR E 123 -25.83 20.02 20.33
CA THR E 123 -26.12 19.72 21.72
C THR E 123 -27.58 20.04 22.06
N ASP E 124 -28.18 21.00 21.35
CA ASP E 124 -29.56 21.39 21.59
C ASP E 124 -30.56 20.62 20.73
N ASP E 125 -30.18 19.46 20.20
CA ASP E 125 -31.07 18.51 19.53
C ASP E 125 -31.68 19.08 18.25
N SER E 126 -31.13 20.16 17.70
CA SER E 126 -31.57 20.65 16.41
C SER E 126 -30.72 20.02 15.32
N HIS E 127 -31.37 19.54 14.26
CA HIS E 127 -30.64 18.86 13.19
C HIS E 127 -29.81 19.85 12.39
N ASP E 128 -28.56 19.49 12.13
CA ASP E 128 -27.66 20.32 11.34
C ASP E 128 -26.54 19.43 10.84
N TRP E 129 -26.41 19.30 9.52
CA TRP E 129 -25.42 18.38 8.97
C TRP E 129 -23.99 18.85 9.19
N THR E 130 -23.77 20.15 9.39
CA THR E 130 -22.42 20.67 9.54
C THR E 130 -21.83 20.40 10.92
N LYS E 131 -22.56 19.75 11.81
CA LYS E 131 -22.10 19.56 13.18
C LYS E 131 -22.37 18.12 13.63
N LEU E 132 -21.65 17.72 14.68
CA LEU E 132 -21.83 16.43 15.32
C LEU E 132 -21.47 16.57 16.78
N ARG E 133 -22.04 15.69 17.60
CA ARG E 133 -21.89 15.79 19.06
C ARG E 133 -21.19 14.56 19.61
N TYR E 134 -20.29 14.80 20.57
CA TYR E 134 -19.53 13.77 21.26
C TYR E 134 -19.55 14.05 22.75
N MET E 135 -19.35 13.02 23.55
CA MET E 135 -19.33 13.18 25.00
C MET E 135 -17.95 13.66 25.46
N ASP E 136 -17.91 14.84 26.06
CA ASP E 136 -16.65 15.39 26.58
C ASP E 136 -16.56 15.18 28.08
N ASN E 137 -16.49 13.91 28.46
CA ASN E 137 -16.20 13.41 29.80
C ASN E 137 -17.34 13.62 30.80
N HIS E 138 -18.26 14.53 30.50
CA HIS E 138 -19.57 14.47 31.13
C HIS E 138 -20.66 15.08 30.25
N MET E 139 -20.25 15.87 29.26
CA MET E 139 -21.14 16.80 28.60
C MET E 139 -21.03 16.67 27.10
N PRO E 140 -22.11 16.34 26.40
CA PRO E 140 -22.10 16.40 24.94
C PRO E 140 -21.68 17.78 24.45
N ALA E 141 -20.90 17.80 23.37
CA ALA E 141 -20.36 19.04 22.84
C ALA E 141 -20.44 19.01 21.31
N ASP E 142 -20.56 20.20 20.72
CA ASP E 142 -20.55 20.29 19.27
C ASP E 142 -19.16 20.02 18.71
N ALA E 143 -19.13 19.66 17.43
CA ALA E 143 -17.88 19.40 16.72
C ALA E 143 -18.12 19.61 15.23
N GLU E 144 -17.12 20.17 14.55
CA GLU E 144 -17.27 20.47 13.14
C GLU E 144 -17.30 19.19 12.31
N ARG E 145 -18.11 19.19 11.25
CA ARG E 145 -18.33 17.99 10.46
C ARG E 145 -17.11 17.65 9.61
N ALA E 146 -16.40 18.66 9.10
CA ALA E 146 -15.32 18.42 8.16
C ALA E 146 -14.22 17.55 8.76
N GLY E 147 -13.96 17.73 10.06
CA GLY E 147 -12.90 16.97 10.73
C GLY E 147 -13.15 15.48 10.80
N LEU E 148 -14.35 15.02 10.51
CA LEU E 148 -14.65 13.59 10.52
C LEU E 148 -14.02 12.91 9.31
N PHE E 149 -13.22 11.87 9.55
CA PHE E 149 -12.57 11.15 8.47
C PHE E 149 -12.55 9.65 8.78
N VAL E 150 -12.56 8.86 7.71
CA VAL E 150 -12.51 7.40 7.80
C VAL E 150 -11.44 6.90 6.85
N ARG E 151 -10.65 5.92 7.30
CA ARG E 151 -9.63 5.35 6.44
C ARG E 151 -9.31 3.93 6.91
N THR E 152 -9.11 3.04 5.93
CA THR E 152 -8.61 1.69 6.18
C THR E 152 -7.10 1.61 5.91
N SER E 153 -6.70 1.91 4.68
CA SER E 153 -5.32 2.12 4.33
C SER E 153 -5.12 3.37 3.49
N ALA E 154 -6.19 3.94 2.96
CA ALA E 154 -6.20 5.18 2.20
C ALA E 154 -7.45 5.95 2.60
N PRO E 155 -7.48 7.26 2.33
CA PRO E 155 -8.68 8.04 2.68
C PRO E 155 -9.91 7.55 1.96
N CYS E 156 -10.90 7.09 2.73
CA CYS E 156 -12.19 6.73 2.15
C CYS E 156 -12.98 7.98 1.77
N THR E 157 -14.06 7.77 1.03
CA THR E 157 -14.95 8.86 0.62
C THR E 157 -16.28 8.67 1.33
N ILE E 158 -16.60 9.58 2.23
CA ILE E 158 -17.80 9.46 3.05
C ILE E 158 -19.03 9.79 2.19
N THR E 159 -19.99 8.89 2.18
CA THR E 159 -21.20 9.04 1.37
C THR E 159 -22.41 9.48 2.19
N GLY E 160 -22.68 8.80 3.28
CA GLY E 160 -23.85 9.11 4.10
C GLY E 160 -23.52 9.07 5.57
N THR E 161 -24.10 10.02 6.31
CA THR E 161 -23.93 10.13 7.76
C THR E 161 -25.29 10.35 8.41
N MET E 162 -25.54 9.63 9.50
CA MET E 162 -26.79 9.79 10.23
C MET E 162 -26.57 9.25 11.65
N GLY E 163 -26.54 10.15 12.63
CA GLY E 163 -26.40 9.77 14.02
C GLY E 163 -25.17 8.94 14.31
N HIS E 164 -25.38 7.69 14.71
CA HIS E 164 -24.30 6.78 15.06
C HIS E 164 -23.71 6.04 13.86
N PHE E 165 -24.28 6.20 12.67
CA PHE E 165 -23.93 5.34 11.55
C PHE E 165 -23.35 6.14 10.40
N ILE E 166 -22.36 5.55 9.72
CA ILE E 166 -21.64 6.19 8.63
C ILE E 166 -21.59 5.23 7.45
N LEU E 167 -21.80 5.76 6.24
CA LEU E 167 -21.64 5.01 5.01
C LEU E 167 -20.48 5.60 4.22
N ALA E 168 -19.53 4.76 3.86
CA ALA E 168 -18.33 5.24 3.15
C ALA E 168 -17.82 4.16 2.22
N ARG E 169 -16.94 4.58 1.31
CA ARG E 169 -16.34 3.71 0.30
C ARG E 169 -14.86 3.57 0.64
N CYS E 170 -14.51 2.46 1.29
CA CYS E 170 -13.10 2.34 1.66
C CYS E 170 -12.38 1.37 0.72
N PRO E 171 -11.16 1.72 0.30
CA PRO E 171 -10.34 0.77 -0.45
C PRO E 171 -9.95 -0.42 0.40
N LYS E 172 -9.35 -1.40 -0.26
CA LYS E 172 -8.98 -2.65 0.40
C LYS E 172 -7.99 -2.40 1.53
N GLY E 173 -8.18 -3.12 2.64
CA GLY E 173 -7.29 -2.96 3.78
C GLY E 173 -7.58 -4.00 4.83
N GLU E 174 -6.79 -3.93 5.91
CA GLU E 174 -6.89 -4.86 7.02
C GLU E 174 -7.45 -4.25 8.30
N THR E 175 -7.34 -2.94 8.47
CA THR E 175 -7.89 -2.24 9.62
C THR E 175 -8.93 -1.22 9.15
N LEU E 176 -9.63 -0.65 10.13
CA LEU E 176 -10.59 0.42 9.87
C LEU E 176 -10.40 1.48 10.95
N THR E 177 -10.29 2.73 10.52
CA THR E 177 -10.09 3.84 11.44
C THR E 177 -11.14 4.91 11.18
N VAL E 178 -11.81 5.34 12.25
CA VAL E 178 -12.76 6.44 12.22
C VAL E 178 -12.30 7.48 13.23
N GLY E 179 -12.23 8.74 12.79
CA GLY E 179 -11.80 9.80 13.68
C GLY E 179 -12.40 11.13 13.31
N PHE E 180 -12.15 12.12 14.17
CA PHE E 180 -12.69 13.46 14.01
C PHE E 180 -11.89 14.42 14.88
N THR E 181 -12.30 15.68 14.89
CA THR E 181 -11.68 16.73 15.69
C THR E 181 -12.70 17.27 16.68
N ASP E 182 -12.32 17.31 17.95
CA ASP E 182 -13.24 17.66 19.03
C ASP E 182 -13.42 19.17 19.12
N SER E 183 -14.05 19.63 20.20
CA SER E 183 -14.34 21.05 20.41
C SER E 183 -13.20 21.80 21.07
N ARG E 184 -12.06 21.16 21.31
CA ARG E 184 -10.87 21.83 21.81
C ARG E 184 -9.74 21.85 20.78
N LYS E 185 -10.04 21.50 19.52
CA LYS E 185 -9.05 21.45 18.46
C LYS E 185 -7.91 20.49 18.81
N ILE E 186 -8.30 19.24 19.04
CA ILE E 186 -7.35 18.13 19.16
C ILE E 186 -7.99 16.87 18.58
N SER E 187 -7.21 16.13 17.81
CA SER E 187 -7.74 15.00 17.05
C SER E 187 -8.08 13.82 17.96
N HIS E 188 -9.02 13.00 17.48
CA HIS E 188 -9.40 11.73 18.10
C HIS E 188 -9.52 10.69 17.01
N SER E 189 -9.31 9.42 17.38
CA SER E 189 -9.40 8.35 16.40
C SER E 189 -9.59 7.01 17.11
N CYS E 190 -10.19 6.06 16.39
CA CYS E 190 -10.36 4.70 16.86
C CYS E 190 -10.11 3.74 15.70
N THR E 191 -9.42 2.64 15.98
CA THR E 191 -9.04 1.68 14.96
C THR E 191 -9.40 0.27 15.38
N HIS E 192 -10.07 -0.46 14.49
CA HIS E 192 -10.43 -1.85 14.70
C HIS E 192 -9.88 -2.72 13.58
N PRO E 193 -9.54 -3.97 13.88
CA PRO E 193 -9.16 -4.90 12.82
C PRO E 193 -10.37 -5.30 11.99
N PHE E 194 -10.28 -5.09 10.68
CA PHE E 194 -11.39 -5.41 9.79
C PHE E 194 -10.86 -5.69 8.39
N HIS E 195 -10.93 -6.94 7.97
CA HIS E 195 -10.46 -7.35 6.65
C HIS E 195 -11.47 -6.91 5.60
N HIS E 196 -11.22 -5.73 5.02
CA HIS E 196 -12.10 -5.16 4.01
C HIS E 196 -11.55 -5.51 2.63
N ASP E 197 -12.26 -6.37 1.92
CA ASP E 197 -11.94 -6.71 0.54
C ASP E 197 -13.26 -6.90 -0.21
N PRO E 198 -13.64 -5.97 -1.08
CA PRO E 198 -14.92 -6.07 -1.79
C PRO E 198 -14.95 -7.31 -2.66
N PRO E 199 -15.88 -8.23 -2.40
CA PRO E 199 -15.96 -9.45 -3.22
C PRO E 199 -16.25 -9.09 -4.68
N VAL E 200 -15.45 -9.67 -5.57
CA VAL E 200 -15.56 -9.34 -6.99
C VAL E 200 -16.94 -9.71 -7.50
N ILE E 201 -17.61 -8.76 -8.14
CA ILE E 201 -18.92 -8.98 -8.72
C ILE E 201 -18.75 -9.37 -10.18
N GLY E 202 -19.27 -10.53 -10.55
CA GLY E 202 -19.22 -10.99 -11.92
C GLY E 202 -18.05 -11.95 -12.15
N ARG E 203 -17.24 -11.65 -13.16
CA ARG E 203 -16.18 -12.56 -13.56
C ARG E 203 -14.85 -11.86 -13.83
N GLU E 204 -14.77 -10.54 -13.69
CA GLU E 204 -13.54 -9.80 -13.93
C GLU E 204 -13.30 -8.87 -12.76
N LYS E 205 -12.16 -9.05 -12.08
CA LYS E 205 -11.80 -8.20 -10.95
C LYS E 205 -11.46 -6.82 -11.50
N PHE E 206 -12.40 -5.88 -11.35
CA PHE E 206 -12.24 -4.51 -11.83
C PHE E 206 -11.92 -3.59 -10.66
N HIS E 207 -11.54 -2.36 -11.00
CA HIS E 207 -11.21 -1.36 -9.99
C HIS E 207 -12.06 -0.11 -10.10
N SER E 208 -12.20 0.46 -11.29
CA SER E 208 -12.97 1.68 -11.50
C SER E 208 -14.24 1.37 -12.30
N ARG E 209 -15.19 2.30 -12.22
CA ARG E 209 -16.36 2.22 -13.07
C ARG E 209 -15.92 2.35 -14.53
N PRO E 210 -16.25 1.38 -15.39
CA PRO E 210 -15.90 1.49 -16.80
C PRO E 210 -16.96 2.22 -17.61
N GLN E 211 -16.50 2.91 -18.65
CA GLN E 211 -17.44 3.58 -19.54
C GLN E 211 -18.23 2.58 -20.37
N HIS E 212 -17.58 1.51 -20.83
CA HIS E 212 -18.24 0.43 -21.55
C HIS E 212 -18.29 -0.81 -20.65
N GLY E 213 -19.49 -1.36 -20.49
CA GLY E 213 -19.63 -2.56 -19.68
C GLY E 213 -21.07 -3.03 -19.66
N LYS E 214 -21.33 -4.01 -18.80
CA LYS E 214 -22.65 -4.60 -18.66
C LYS E 214 -23.13 -4.44 -17.22
N GLU E 215 -24.39 -4.80 -17.00
CA GLU E 215 -25.04 -4.70 -15.70
C GLU E 215 -25.01 -6.03 -14.96
N LEU E 216 -25.16 -5.95 -13.63
CA LEU E 216 -25.12 -7.13 -12.79
C LEU E 216 -25.90 -6.84 -11.51
N PRO E 217 -26.49 -7.85 -10.88
CA PRO E 217 -27.24 -7.62 -9.63
C PRO E 217 -26.28 -7.48 -8.45
N CYS E 218 -26.49 -6.42 -7.67
CA CYS E 218 -25.66 -6.15 -6.50
C CYS E 218 -26.50 -5.48 -5.43
N SER E 219 -25.98 -5.50 -4.20
CA SER E 219 -26.67 -4.95 -3.05
C SER E 219 -25.87 -3.79 -2.47
N THR E 220 -26.51 -2.64 -2.33
CA THR E 220 -25.88 -1.44 -1.78
C THR E 220 -26.71 -0.91 -0.62
N TYR E 221 -26.08 -0.04 0.16
CA TYR E 221 -26.78 0.68 1.22
C TYR E 221 -27.28 2.01 0.67
N VAL E 222 -28.56 2.27 0.83
CA VAL E 222 -29.19 3.47 0.29
C VAL E 222 -28.82 4.67 1.16
N GLN E 223 -28.70 5.83 0.50
CA GLN E 223 -28.39 7.09 1.18
C GLN E 223 -29.62 7.76 1.79
N SER E 224 -30.72 7.02 1.96
CA SER E 224 -31.92 7.59 2.56
C SER E 224 -31.68 7.84 4.04
N THR E 225 -31.78 9.10 4.45
CA THR E 225 -31.53 9.47 5.85
C THR E 225 -32.61 8.90 6.76
N ALA E 226 -33.86 9.25 6.51
CA ALA E 226 -34.97 8.76 7.33
C ALA E 226 -35.34 7.34 6.90
N ALA E 227 -35.47 6.45 7.88
CA ALA E 227 -35.83 5.06 7.61
C ALA E 227 -36.49 4.48 8.86
N THR E 228 -37.28 3.41 8.65
CA THR E 228 -37.92 2.69 9.76
C THR E 228 -37.75 1.19 9.52
N THR E 229 -36.60 0.64 9.90
CA THR E 229 -36.40 -0.79 9.71
C THR E 229 -35.93 -1.57 10.94
N GLU E 230 -34.85 -1.13 11.58
CA GLU E 230 -33.95 -2.07 12.27
C GLU E 230 -34.12 -2.14 13.78
N GLU E 231 -34.51 -1.05 14.45
CA GLU E 231 -34.85 -1.07 15.88
C GLU E 231 -33.65 -1.49 16.76
N ILE E 232 -32.68 -0.57 16.85
CA ILE E 232 -31.65 -0.65 17.88
C ILE E 232 -32.24 -0.20 19.22
N GLU E 233 -31.87 -0.88 20.29
CA GLU E 233 -32.45 -0.65 21.62
C GLU E 233 -31.62 0.38 22.40
N VAL E 234 -32.31 1.11 23.27
CA VAL E 234 -31.74 2.24 24.01
C VAL E 234 -32.41 2.32 25.37
N HIS E 235 -31.62 2.61 26.41
CA HIS E 235 -32.18 2.80 27.74
C HIS E 235 -31.21 3.62 28.60
N MET E 236 -31.46 3.63 29.91
CA MET E 236 -30.77 4.52 30.82
C MET E 236 -29.29 4.18 30.92
N PRO E 237 -28.42 5.18 31.00
CA PRO E 237 -27.01 4.92 31.29
C PRO E 237 -26.85 4.51 32.74
N PRO E 238 -25.78 3.79 33.09
CA PRO E 238 -25.57 3.39 34.48
C PRO E 238 -25.06 4.58 35.29
N ASP E 239 -24.81 4.32 36.57
CA ASP E 239 -24.05 5.27 37.36
C ASP E 239 -22.70 5.47 36.70
N THR E 240 -22.33 6.74 36.52
CA THR E 240 -21.14 7.09 35.75
C THR E 240 -20.00 7.48 36.68
N PRO E 241 -19.13 6.54 37.05
CA PRO E 241 -18.08 6.84 38.03
C PRO E 241 -17.12 7.89 37.50
N ASP E 242 -17.01 8.99 38.22
CA ASP E 242 -16.15 10.10 37.84
C ASP E 242 -15.11 10.32 38.93
N ARG E 243 -13.84 10.45 38.51
CA ARG E 243 -12.77 10.75 39.44
C ARG E 243 -12.61 12.25 39.70
N THR E 244 -12.98 13.08 38.73
CA THR E 244 -12.90 14.52 38.94
C THR E 244 -13.93 15.03 39.94
N LEU E 245 -14.84 14.16 40.40
CA LEU E 245 -15.87 14.58 41.35
C LEU E 245 -15.27 14.82 42.73
N MET E 246 -14.43 13.90 43.19
CA MET E 246 -13.85 14.01 44.52
C MET E 246 -12.85 15.16 44.59
N SER E 247 -12.53 15.56 45.82
CA SER E 247 -11.54 16.58 46.09
C SER E 247 -11.19 16.49 47.57
N GLN E 248 -9.91 16.39 47.89
CA GLN E 248 -9.46 16.18 49.26
C GLN E 248 -8.93 17.50 49.83
N GLN E 249 -9.75 18.12 50.69
CA GLN E 249 -9.21 19.14 51.59
C GLN E 249 -8.19 18.50 52.52
N SER E 250 -7.25 19.31 53.00
CA SER E 250 -6.22 18.74 53.87
C SER E 250 -6.87 18.26 55.16
N GLY E 251 -7.02 16.94 55.29
CA GLY E 251 -7.69 16.37 56.43
C GLY E 251 -9.20 16.33 56.34
N ASN E 252 -9.74 16.07 55.14
CA ASN E 252 -11.17 15.94 54.85
C ASN E 252 -11.28 15.57 53.39
N VAL E 253 -12.50 15.28 52.92
CA VAL E 253 -12.77 15.14 51.49
C VAL E 253 -13.97 16.01 51.14
N LYS E 254 -13.90 16.69 50.01
CA LYS E 254 -14.90 17.66 49.58
C LYS E 254 -15.49 17.19 48.25
N ILE E 255 -16.68 16.61 48.30
CA ILE E 255 -17.40 16.22 47.10
C ILE E 255 -18.01 17.47 46.47
N THR E 256 -17.75 17.67 45.19
CA THR E 256 -18.42 18.71 44.41
C THR E 256 -19.52 18.05 43.57
N VAL E 257 -20.35 18.89 42.95
CA VAL E 257 -21.48 18.37 42.20
C VAL E 257 -21.48 18.90 40.77
N ASN E 258 -21.35 20.21 40.59
CA ASN E 258 -21.55 20.87 39.31
C ASN E 258 -22.91 20.49 38.74
N GLY E 259 -23.93 20.59 39.59
CA GLY E 259 -25.29 20.27 39.22
C GLY E 259 -25.45 18.84 38.75
N GLN E 260 -25.15 17.88 39.63
CA GLN E 260 -25.25 16.46 39.27
C GLN E 260 -25.61 15.68 40.53
N THR E 261 -26.69 14.91 40.45
CA THR E 261 -27.10 14.06 41.57
C THR E 261 -26.06 12.95 41.72
N VAL E 262 -25.19 13.10 42.70
CA VAL E 262 -24.00 12.26 42.84
C VAL E 262 -24.26 11.17 43.87
N ARG E 263 -23.80 9.97 43.57
CA ARG E 263 -23.94 8.80 44.44
C ARG E 263 -22.56 8.48 45.01
N TYR E 264 -22.32 8.87 46.26
CA TYR E 264 -21.02 8.70 46.87
C TYR E 264 -21.03 7.59 47.91
N LYS E 265 -19.86 6.98 48.12
CA LYS E 265 -19.71 5.91 49.09
C LYS E 265 -18.24 5.90 49.52
N CYS E 266 -17.96 6.40 50.72
CA CYS E 266 -16.61 6.45 51.24
C CYS E 266 -16.36 5.31 52.21
N ASN E 267 -15.11 4.87 52.29
CA ASN E 267 -14.70 3.82 53.23
C ASN E 267 -14.34 4.43 54.58
N CYS E 268 -15.26 5.23 55.11
CA CYS E 268 -15.12 5.86 56.41
C CYS E 268 -16.39 5.64 57.21
N GLY E 269 -16.56 6.37 58.31
CA GLY E 269 -17.77 6.18 59.11
C GLY E 269 -18.52 7.45 59.44
N GLY E 270 -18.14 8.56 58.81
CA GLY E 270 -18.88 9.80 59.01
C GLY E 270 -20.25 9.76 58.35
N SER E 271 -20.24 9.72 57.02
CA SER E 271 -21.46 9.68 56.22
C SER E 271 -21.31 8.65 55.11
N ASN E 272 -20.95 7.41 55.47
CA ASN E 272 -20.41 6.48 54.49
C ASN E 272 -21.46 5.90 53.56
N GLU E 273 -22.23 6.78 52.93
CA GLU E 273 -23.08 6.54 51.76
C GLU E 273 -23.86 7.83 51.57
N GLY E 274 -24.51 7.95 50.41
CA GLY E 274 -25.36 9.10 50.20
C GLY E 274 -25.65 9.49 48.77
N LEU E 275 -26.85 10.02 48.56
CA LEU E 275 -27.28 10.61 47.29
C LEU E 275 -27.40 12.11 47.54
N THR E 276 -26.30 12.82 47.40
CA THR E 276 -26.28 14.26 47.65
C THR E 276 -26.66 15.01 46.37
N THR E 277 -27.60 15.93 46.50
CA THR E 277 -27.97 16.81 45.40
C THR E 277 -27.11 18.07 45.33
N THR E 278 -26.38 18.37 46.40
CA THR E 278 -25.52 19.55 46.46
C THR E 278 -24.19 19.12 47.06
N ASP E 279 -23.31 20.09 47.28
CA ASP E 279 -22.00 19.81 47.85
C ASP E 279 -22.14 19.25 49.27
N LYS E 280 -21.23 18.32 49.61
CA LYS E 280 -21.17 17.75 50.95
C LYS E 280 -19.70 17.64 51.34
N VAL E 281 -19.46 17.11 52.54
CA VAL E 281 -18.10 16.94 53.05
C VAL E 281 -18.08 15.71 53.96
N ILE E 282 -16.98 14.97 53.91
CA ILE E 282 -16.78 13.79 54.76
C ILE E 282 -15.56 14.06 55.62
N ASN E 283 -15.74 14.00 56.93
CA ASN E 283 -14.70 14.39 57.87
C ASN E 283 -13.77 13.21 58.17
N ASN E 284 -12.48 13.52 58.27
CA ASN E 284 -11.44 12.55 58.64
C ASN E 284 -11.44 11.35 57.70
N CYS E 285 -11.15 11.62 56.44
CA CYS E 285 -11.23 10.61 55.39
C CYS E 285 -10.26 10.97 54.29
N LYS E 286 -9.68 9.95 53.67
CA LYS E 286 -8.88 10.14 52.47
C LYS E 286 -9.76 10.02 51.22
N VAL E 287 -9.25 10.54 50.11
CA VAL E 287 -9.97 10.40 48.85
C VAL E 287 -9.80 9.00 48.30
N ASP E 288 -8.65 8.36 48.55
CA ASP E 288 -8.42 6.99 48.09
C ASP E 288 -9.51 6.05 48.56
N GLN E 289 -9.94 6.21 49.82
CA GLN E 289 -10.97 5.34 50.40
C GLN E 289 -12.37 5.90 50.15
N CYS E 290 -12.66 6.23 48.89
CA CYS E 290 -13.95 6.77 48.51
C CYS E 290 -14.26 6.36 47.07
N HIS E 291 -15.51 6.56 46.69
CA HIS E 291 -15.96 6.24 45.34
C HIS E 291 -17.17 7.11 45.02
N ALA E 292 -17.14 7.77 43.87
CA ALA E 292 -18.20 8.69 43.47
C ALA E 292 -18.69 8.36 42.07
N ALA E 293 -19.96 8.65 41.82
CA ALA E 293 -20.59 8.39 40.54
C ALA E 293 -21.72 9.39 40.34
N VAL E 294 -22.31 9.35 39.15
CA VAL E 294 -23.38 10.26 38.76
C VAL E 294 -24.56 9.44 38.28
N THR E 295 -25.70 9.57 38.96
CA THR E 295 -26.94 8.90 38.54
C THR E 295 -27.69 9.84 37.61
N ASN E 296 -27.37 9.75 36.32
CA ASN E 296 -27.89 10.68 35.32
C ASN E 296 -29.24 10.18 34.82
N HIS E 297 -30.26 10.38 35.65
CA HIS E 297 -31.63 10.13 35.23
C HIS E 297 -32.06 11.23 34.27
N LYS E 298 -31.54 11.17 33.05
CA LYS E 298 -31.71 12.22 32.06
C LYS E 298 -31.70 11.56 30.69
N LYS E 299 -31.39 12.35 29.64
CA LYS E 299 -31.29 11.86 28.26
C LYS E 299 -30.64 10.48 28.21
N TRP E 300 -31.29 9.56 27.50
CA TRP E 300 -30.96 8.14 27.56
C TRP E 300 -29.80 7.83 26.60
N GLN E 301 -29.48 6.56 26.45
CA GLN E 301 -28.23 6.16 25.80
C GLN E 301 -28.39 4.78 25.17
N TYR E 302 -27.42 4.43 24.32
CA TYR E 302 -27.44 3.16 23.60
C TYR E 302 -27.02 2.00 24.51
N ASN E 303 -27.71 0.88 24.37
CA ASN E 303 -27.35 -0.36 25.06
C ASN E 303 -26.10 -0.95 24.45
N SER E 304 -24.95 -0.61 24.97
CA SER E 304 -23.76 -1.10 24.31
C SER E 304 -23.12 -2.24 25.10
N PRO E 305 -22.54 -3.22 24.39
CA PRO E 305 -21.74 -4.24 25.08
C PRO E 305 -20.43 -3.69 25.65
N LEU E 306 -20.05 -2.48 25.27
CA LEU E 306 -18.85 -1.84 25.79
C LEU E 306 -19.12 -0.97 27.02
N VAL E 307 -20.38 -0.73 27.35
CA VAL E 307 -20.77 0.09 28.49
C VAL E 307 -21.65 -0.75 29.39
N PRO E 308 -21.41 -0.79 30.70
CA PRO E 308 -22.21 -1.65 31.58
C PRO E 308 -23.67 -1.21 31.62
N ARG E 309 -24.47 -2.03 32.30
CA ARG E 309 -25.91 -1.84 32.38
C ARG E 309 -26.31 -1.28 33.74
N ASN E 310 -27.57 -0.87 33.85
CA ASN E 310 -28.09 -0.32 35.09
C ASN E 310 -28.19 -1.37 36.19
N GLY E 314 -31.57 -5.39 34.94
CA GLY E 314 -32.54 -4.35 34.66
C GLY E 314 -32.39 -3.77 33.26
N ASP E 315 -33.29 -2.86 32.88
CA ASP E 315 -33.28 -2.26 31.55
C ASP E 315 -34.31 -1.13 31.52
N ARG E 316 -34.49 -0.54 30.34
CA ARG E 316 -35.51 0.46 30.03
C ARG E 316 -35.71 0.44 28.50
N LYS E 317 -36.34 1.48 27.96
CA LYS E 317 -36.70 1.47 26.54
C LYS E 317 -36.39 2.83 25.90
N GLY E 318 -36.82 3.01 24.65
CA GLY E 318 -36.53 4.20 23.85
C GLY E 318 -36.40 4.04 22.34
N LYS E 319 -35.97 2.87 21.84
CA LYS E 319 -36.31 2.37 20.49
C LYS E 319 -35.85 3.32 19.36
N ILE E 320 -34.53 3.36 19.14
CA ILE E 320 -33.95 3.98 17.94
C ILE E 320 -34.02 3.00 16.75
N HIS E 321 -33.70 3.45 15.53
CA HIS E 321 -34.16 2.79 14.31
C HIS E 321 -33.09 2.24 13.36
N ILE E 322 -31.84 2.75 13.37
CA ILE E 322 -30.79 2.29 12.46
C ILE E 322 -31.13 2.48 10.98
N PRO E 323 -30.92 3.67 10.42
CA PRO E 323 -31.18 3.88 8.99
C PRO E 323 -30.26 3.08 8.08
N PHE E 324 -30.36 3.33 6.76
CA PHE E 324 -29.53 2.74 5.72
C PHE E 324 -29.71 1.23 5.58
N PRO E 325 -30.86 0.76 5.11
CA PRO E 325 -31.06 -0.68 4.90
C PRO E 325 -30.52 -1.14 3.56
N LEU E 326 -30.57 -2.46 3.36
CA LEU E 326 -30.12 -3.06 2.12
C LEU E 326 -31.05 -2.68 0.96
N ALA E 327 -30.51 -2.79 -0.25
CA ALA E 327 -31.28 -2.51 -1.46
C ALA E 327 -30.59 -3.16 -2.65
N ASN E 328 -31.32 -3.97 -3.41
CA ASN E 328 -30.77 -4.68 -4.56
C ASN E 328 -30.90 -3.79 -5.80
N VAL E 329 -29.75 -3.36 -6.33
CA VAL E 329 -29.71 -2.48 -7.49
C VAL E 329 -28.68 -2.98 -8.48
N THR E 330 -28.43 -2.21 -9.54
CA THR E 330 -27.58 -2.62 -10.64
C THR E 330 -26.20 -1.98 -10.54
N CYS E 331 -25.16 -2.79 -10.69
CA CYS E 331 -23.79 -2.35 -10.80
C CYS E 331 -23.32 -2.48 -12.25
N ARG E 332 -22.20 -1.83 -12.56
CA ARG E 332 -21.62 -1.89 -13.90
C ARG E 332 -20.22 -2.50 -13.81
N VAL E 333 -20.00 -3.57 -14.56
CA VAL E 333 -18.70 -4.23 -14.65
C VAL E 333 -18.20 -4.10 -16.08
N PRO E 334 -16.90 -4.13 -16.32
CA PRO E 334 -16.38 -4.03 -17.69
C PRO E 334 -16.36 -5.39 -18.39
N LYS E 335 -16.16 -5.33 -19.70
CA LYS E 335 -16.01 -6.52 -20.52
C LYS E 335 -14.60 -6.56 -21.08
N ALA E 336 -13.90 -7.67 -20.86
CA ALA E 336 -12.56 -7.83 -21.40
C ALA E 336 -12.59 -7.77 -22.93
N ARG E 337 -11.60 -7.11 -23.51
CA ARG E 337 -11.59 -6.84 -24.93
C ARG E 337 -11.54 -8.13 -25.75
N ASN E 338 -11.94 -8.01 -27.02
CA ASN E 338 -12.04 -9.16 -27.90
C ASN E 338 -10.68 -9.79 -28.14
N PRO E 339 -10.51 -11.09 -27.85
CA PRO E 339 -9.21 -11.74 -28.10
C PRO E 339 -8.95 -11.94 -29.58
N THR E 340 -7.77 -12.45 -29.92
CA THR E 340 -7.41 -12.79 -31.29
C THR E 340 -7.70 -14.27 -31.50
N VAL E 341 -8.50 -14.58 -32.51
CA VAL E 341 -8.99 -15.93 -32.76
C VAL E 341 -8.32 -16.50 -34.00
N THR E 342 -7.90 -17.76 -33.90
CA THR E 342 -7.43 -18.54 -35.03
C THR E 342 -7.88 -19.98 -34.84
N TYR E 343 -7.90 -20.74 -35.94
CA TYR E 343 -8.50 -22.07 -35.94
C TYR E 343 -7.52 -23.11 -36.45
N GLY E 344 -7.88 -24.37 -36.22
CA GLY E 344 -7.12 -25.50 -36.72
C GLY E 344 -7.99 -26.74 -36.69
N LYS E 345 -7.38 -27.88 -37.01
CA LYS E 345 -8.08 -29.15 -36.98
C LYS E 345 -8.41 -29.52 -35.54
N ASN E 346 -9.69 -29.47 -35.18
CA ASN E 346 -10.16 -29.78 -33.83
C ASN E 346 -9.45 -28.91 -32.79
N GLN E 347 -9.19 -27.65 -33.14
CA GLN E 347 -8.30 -26.81 -32.35
C GLN E 347 -8.63 -25.35 -32.59
N VAL E 348 -8.70 -24.58 -31.50
CA VAL E 348 -8.92 -23.14 -31.57
C VAL E 348 -7.83 -22.46 -30.73
N ILE E 349 -7.13 -21.50 -31.34
CA ILE E 349 -6.12 -20.71 -30.66
C ILE E 349 -6.73 -19.38 -30.27
N MET E 350 -6.59 -19.01 -29.01
CA MET E 350 -7.09 -17.74 -28.49
C MET E 350 -5.94 -17.00 -27.82
N LEU E 351 -5.54 -15.87 -28.40
CA LEU E 351 -4.58 -14.97 -27.79
C LEU E 351 -5.35 -13.95 -26.96
N LEU E 352 -5.27 -14.07 -25.65
CA LEU E 352 -6.02 -13.23 -24.74
C LEU E 352 -5.25 -11.95 -24.41
N TYR E 353 -6.00 -10.86 -24.21
CA TYR E 353 -5.43 -9.57 -23.85
C TYR E 353 -6.20 -9.01 -22.66
N PRO E 354 -5.88 -9.43 -21.45
CA PRO E 354 -6.54 -8.88 -20.27
C PRO E 354 -5.85 -7.62 -19.76
N ASP E 355 -6.67 -6.73 -19.21
CA ASP E 355 -6.17 -5.53 -18.54
C ASP E 355 -6.35 -5.61 -17.04
N HIS E 356 -6.92 -6.69 -16.53
CA HIS E 356 -7.16 -6.94 -15.12
C HIS E 356 -7.52 -8.41 -14.97
N PRO E 357 -7.54 -8.98 -13.76
CA PRO E 357 -7.89 -10.40 -13.61
C PRO E 357 -9.21 -10.73 -14.30
N THR E 358 -9.15 -11.73 -15.19
CA THR E 358 -10.28 -12.10 -16.03
C THR E 358 -10.47 -13.62 -15.95
N LEU E 359 -11.70 -14.05 -15.67
CA LEU E 359 -11.99 -15.47 -15.62
C LEU E 359 -12.14 -16.04 -17.02
N LEU E 360 -11.65 -17.26 -17.21
CA LEU E 360 -11.82 -17.99 -18.47
C LEU E 360 -12.36 -19.38 -18.14
N SER E 361 -13.60 -19.64 -18.54
CA SER E 361 -14.29 -20.87 -18.22
C SER E 361 -14.88 -21.46 -19.49
N TYR E 362 -14.62 -22.75 -19.74
CA TYR E 362 -15.15 -23.43 -20.92
C TYR E 362 -15.62 -24.83 -20.54
N ARG E 363 -16.52 -25.35 -21.37
CA ARG E 363 -17.12 -26.65 -21.15
C ARG E 363 -17.53 -27.25 -22.49
N ASN E 364 -17.96 -28.49 -22.46
CA ASN E 364 -18.46 -29.19 -23.64
C ASN E 364 -19.98 -29.20 -23.65
N MET E 365 -20.54 -29.38 -24.85
CA MET E 365 -21.99 -29.46 -25.03
C MET E 365 -22.48 -30.89 -25.20
N GLY E 366 -21.80 -31.85 -24.57
CA GLY E 366 -22.19 -33.24 -24.64
C GLY E 366 -22.43 -33.85 -23.27
N GLU E 367 -22.37 -35.17 -23.18
CA GLU E 367 -22.59 -35.84 -21.89
C GLU E 367 -21.46 -35.52 -20.91
N GLU E 368 -20.22 -35.56 -21.38
CA GLU E 368 -19.09 -35.17 -20.55
C GLU E 368 -18.79 -33.70 -20.78
N PRO E 369 -19.06 -32.82 -19.81
CA PRO E 369 -18.85 -31.38 -20.04
C PRO E 369 -17.39 -30.98 -19.96
N ASN E 370 -16.64 -31.65 -19.10
CA ASN E 370 -15.22 -31.38 -18.88
C ASN E 370 -15.00 -29.90 -18.53
N TYR E 371 -15.60 -29.49 -17.42
CA TYR E 371 -15.54 -28.10 -17.00
C TYR E 371 -14.11 -27.71 -16.63
N GLN E 372 -13.66 -26.56 -17.13
CA GLN E 372 -12.36 -26.03 -16.80
C GLN E 372 -12.46 -24.52 -16.64
N GLU E 373 -11.75 -23.99 -15.64
CA GLU E 373 -11.69 -22.55 -15.43
C GLU E 373 -10.33 -22.18 -14.87
N GLU E 374 -9.85 -21.00 -15.27
CA GLU E 374 -8.58 -20.48 -14.76
C GLU E 374 -8.62 -18.97 -14.83
N TRP E 375 -8.01 -18.32 -13.84
CA TRP E 375 -8.01 -16.87 -13.74
C TRP E 375 -6.86 -16.32 -14.58
N VAL E 376 -7.18 -15.85 -15.79
CA VAL E 376 -6.19 -15.25 -16.66
C VAL E 376 -5.70 -13.96 -16.05
N MET E 377 -4.38 -13.81 -15.93
CA MET E 377 -3.77 -12.68 -15.25
C MET E 377 -3.01 -11.73 -16.17
N HIS E 378 -2.35 -12.25 -17.21
CA HIS E 378 -1.61 -11.42 -18.14
C HIS E 378 -1.85 -11.94 -19.55
N LYS E 379 -1.06 -11.44 -20.50
CA LYS E 379 -1.12 -11.93 -21.88
C LYS E 379 -0.88 -13.44 -21.90
N LYS E 380 -1.66 -14.14 -22.72
CA LYS E 380 -1.56 -15.58 -22.77
C LYS E 380 -2.09 -16.10 -24.10
N GLU E 381 -1.51 -17.19 -24.57
CA GLU E 381 -2.00 -17.93 -25.71
C GLU E 381 -2.48 -19.29 -25.23
N VAL E 382 -3.70 -19.66 -25.61
CA VAL E 382 -4.29 -20.92 -25.20
C VAL E 382 -4.73 -21.70 -26.43
N VAL E 383 -4.66 -23.02 -26.33
CA VAL E 383 -5.05 -23.94 -27.39
C VAL E 383 -6.09 -24.89 -26.79
N LEU E 384 -7.33 -24.77 -27.25
CA LEU E 384 -8.44 -25.53 -26.71
C LEU E 384 -8.95 -26.50 -27.76
N THR E 385 -9.17 -27.75 -27.35
CA THR E 385 -9.66 -28.78 -28.26
C THR E 385 -11.14 -28.57 -28.54
N VAL E 386 -11.50 -28.60 -29.82
CA VAL E 386 -12.90 -28.44 -30.24
C VAL E 386 -13.46 -29.83 -30.54
N PRO E 387 -14.27 -30.39 -29.65
CA PRO E 387 -14.77 -31.76 -29.84
C PRO E 387 -15.95 -31.79 -30.80
N THR E 388 -16.45 -33.01 -31.03
CA THR E 388 -17.58 -33.21 -31.93
C THR E 388 -18.84 -32.54 -31.38
N GLU E 389 -19.07 -32.65 -30.06
CA GLU E 389 -20.26 -32.08 -29.46
C GLU E 389 -20.28 -30.56 -29.57
N GLY E 390 -19.16 -29.93 -29.26
CA GLY E 390 -19.08 -28.49 -29.28
C GLY E 390 -18.42 -27.91 -28.05
N LEU E 391 -17.95 -26.66 -28.14
CA LEU E 391 -17.24 -26.03 -27.04
C LEU E 391 -17.86 -24.68 -26.76
N GLU E 392 -18.13 -24.41 -25.49
CA GLU E 392 -18.65 -23.13 -25.03
C GLU E 392 -17.58 -22.47 -24.17
N VAL E 393 -17.04 -21.34 -24.64
CA VAL E 393 -15.97 -20.64 -23.96
C VAL E 393 -16.52 -19.30 -23.47
N THR E 394 -16.48 -19.10 -22.16
CA THR E 394 -16.93 -17.86 -21.54
C THR E 394 -15.69 -17.02 -21.20
N TRP E 395 -15.61 -15.83 -21.77
CA TRP E 395 -14.44 -14.96 -21.65
C TRP E 395 -14.85 -13.67 -20.93
N GLY E 396 -14.56 -13.60 -19.64
CA GLY E 396 -14.92 -12.43 -18.87
C GLY E 396 -16.43 -12.25 -18.82
N ASN E 397 -16.87 -11.01 -19.05
CA ASN E 397 -18.29 -10.70 -19.08
C ASN E 397 -18.85 -10.66 -20.50
N ASN E 398 -18.01 -10.86 -21.52
CA ASN E 398 -18.50 -10.94 -22.88
C ASN E 398 -19.43 -12.15 -23.03
N GLU E 399 -20.26 -12.10 -24.07
CA GLU E 399 -21.15 -13.21 -24.34
C GLU E 399 -20.34 -14.47 -24.64
N PRO E 400 -20.75 -15.64 -24.13
CA PRO E 400 -19.95 -16.84 -24.32
C PRO E 400 -19.83 -17.22 -25.78
N TYR E 401 -18.69 -17.79 -26.13
CA TYR E 401 -18.37 -18.17 -27.51
C TYR E 401 -18.65 -19.65 -27.71
N LYS E 402 -19.37 -19.98 -28.78
CA LYS E 402 -19.65 -21.35 -29.16
C LYS E 402 -18.79 -21.73 -30.36
N TYR E 403 -18.30 -22.97 -30.36
CA TYR E 403 -17.43 -23.45 -31.43
C TYR E 403 -17.76 -24.89 -31.78
N TRP E 404 -17.79 -25.17 -33.07
CA TRP E 404 -18.11 -26.49 -33.61
C TRP E 404 -17.18 -26.81 -34.76
N PRO E 405 -16.86 -28.09 -34.98
CA PRO E 405 -16.08 -28.46 -36.17
C PRO E 405 -16.90 -28.28 -37.44
N GLN E 406 -16.17 -28.19 -38.56
CA GLN E 406 -16.80 -27.94 -39.86
C GLN E 406 -17.51 -29.18 -40.39
N GLY F 19 -61.71 -32.90 -42.97
CA GLY F 19 -60.70 -33.78 -42.38
C GLY F 19 -59.32 -33.56 -42.95
N SER F 20 -58.35 -33.32 -42.07
CA SER F 20 -56.98 -33.09 -42.46
C SER F 20 -56.17 -34.36 -42.54
N TYR F 21 -54.85 -34.22 -42.42
CA TYR F 21 -53.92 -35.33 -42.50
C TYR F 21 -52.78 -35.09 -41.53
N GLU F 22 -52.51 -36.09 -40.68
CA GLU F 22 -51.47 -35.99 -39.67
C GLU F 22 -50.15 -36.53 -40.22
N HIS F 23 -49.08 -35.77 -40.01
CA HIS F 23 -47.72 -36.21 -40.34
C HIS F 23 -46.89 -36.22 -39.06
N VAL F 24 -46.30 -37.37 -38.77
CA VAL F 24 -45.48 -37.55 -37.56
C VAL F 24 -44.02 -37.53 -37.96
N THR F 25 -43.21 -36.77 -37.23
CA THR F 25 -41.78 -36.67 -37.49
C THR F 25 -41.05 -36.58 -36.15
N VAL F 26 -39.73 -36.79 -36.21
CA VAL F 26 -38.88 -36.75 -35.04
C VAL F 26 -37.75 -35.76 -35.28
N ILE F 27 -37.59 -34.81 -34.38
CA ILE F 27 -36.53 -33.81 -34.46
C ILE F 27 -35.57 -34.04 -33.31
N PRO F 28 -34.26 -34.12 -33.57
CA PRO F 28 -33.30 -34.16 -32.46
C PRO F 28 -33.39 -32.87 -31.65
N ASN F 29 -33.22 -33.00 -30.34
CA ASN F 29 -33.36 -31.85 -29.45
C ASN F 29 -32.14 -30.95 -29.58
N THR F 30 -32.03 -30.25 -30.71
CA THR F 30 -30.94 -29.31 -30.96
C THR F 30 -31.55 -28.02 -31.48
N VAL F 31 -31.24 -26.93 -30.81
CA VAL F 31 -31.90 -25.65 -31.07
C VAL F 31 -31.15 -24.90 -32.18
N GLY F 32 -31.89 -24.08 -32.90
CA GLY F 32 -31.29 -23.23 -33.93
C GLY F 32 -30.77 -23.97 -35.14
N VAL F 33 -31.39 -25.09 -35.49
CA VAL F 33 -30.97 -25.91 -36.61
C VAL F 33 -32.12 -25.98 -37.61
N PRO F 34 -31.92 -25.50 -38.86
CA PRO F 34 -32.98 -25.64 -39.87
C PRO F 34 -33.15 -27.09 -40.30
N TYR F 35 -34.29 -27.69 -39.99
CA TYR F 35 -34.56 -29.09 -40.30
C TYR F 35 -35.46 -29.20 -41.52
N LYS F 36 -35.27 -30.29 -42.28
CA LYS F 36 -36.06 -30.58 -43.46
C LYS F 36 -36.72 -31.95 -43.28
N THR F 37 -38.05 -31.97 -43.29
CA THR F 37 -38.82 -33.20 -43.30
C THR F 37 -39.74 -33.21 -44.51
N LEU F 38 -40.14 -34.40 -44.93
CA LEU F 38 -40.92 -34.58 -46.15
C LEU F 38 -42.27 -35.20 -45.80
N VAL F 39 -43.33 -34.41 -45.95
CA VAL F 39 -44.70 -34.90 -45.78
C VAL F 39 -45.19 -35.40 -47.12
N ASN F 40 -45.68 -36.64 -47.16
CA ASN F 40 -46.14 -37.25 -48.39
C ASN F 40 -47.52 -37.87 -48.15
N ARG F 41 -48.55 -37.23 -48.70
CA ARG F 41 -49.91 -37.75 -48.69
C ARG F 41 -50.24 -38.33 -50.05
N PRO F 42 -50.73 -39.57 -50.13
CA PRO F 42 -50.96 -40.20 -51.44
C PRO F 42 -52.01 -39.44 -52.24
N GLY F 43 -51.81 -39.43 -53.56
CA GLY F 43 -52.68 -38.72 -54.46
C GLY F 43 -52.44 -37.23 -54.55
N TYR F 44 -51.70 -36.65 -53.61
CA TYR F 44 -51.42 -35.22 -53.58
C TYR F 44 -49.93 -34.99 -53.77
N SER F 45 -49.59 -33.80 -54.27
CA SER F 45 -48.19 -33.46 -54.43
C SER F 45 -47.50 -33.36 -53.07
N PRO F 46 -46.30 -33.90 -52.93
CA PRO F 46 -45.62 -33.87 -51.63
C PRO F 46 -45.26 -32.45 -51.22
N MET F 47 -45.06 -32.29 -49.91
CA MET F 47 -44.76 -30.98 -49.32
C MET F 47 -43.49 -31.11 -48.49
N VAL F 48 -42.74 -30.01 -48.42
CA VAL F 48 -41.46 -29.96 -47.72
C VAL F 48 -41.62 -29.00 -46.55
N LEU F 49 -41.77 -29.54 -45.35
CA LEU F 49 -41.89 -28.73 -44.14
C LEU F 49 -40.53 -28.46 -43.55
N GLU F 50 -40.26 -27.20 -43.21
CA GLU F 50 -39.04 -26.78 -42.54
C GLU F 50 -39.37 -26.39 -41.11
N MET F 51 -38.66 -27.01 -40.16
CA MET F 51 -38.91 -26.80 -38.74
C MET F 51 -37.60 -26.47 -38.04
N GLU F 52 -37.66 -25.52 -37.10
CA GLU F 52 -36.49 -25.10 -36.35
C GLU F 52 -36.92 -24.75 -34.93
N LEU F 53 -36.30 -25.39 -33.94
CA LEU F 53 -36.59 -25.09 -32.55
C LEU F 53 -36.00 -23.74 -32.16
N LEU F 54 -36.58 -23.15 -31.12
CA LEU F 54 -36.12 -21.85 -30.64
C LEU F 54 -35.89 -21.87 -29.12
N SER F 55 -36.60 -22.75 -28.42
CA SER F 55 -36.52 -22.80 -26.96
C SER F 55 -37.00 -24.16 -26.48
N VAL F 56 -36.28 -24.71 -25.50
CA VAL F 56 -36.64 -25.96 -24.83
C VAL F 56 -36.46 -25.73 -23.34
N THR F 57 -37.55 -25.49 -22.63
CA THR F 57 -37.53 -25.10 -21.22
C THR F 57 -38.00 -26.28 -20.36
N LEU F 58 -37.08 -26.84 -19.59
CA LEU F 58 -37.40 -27.85 -18.59
C LEU F 58 -37.75 -27.14 -17.28
N GLU F 59 -39.04 -27.11 -16.95
CA GLU F 59 -39.50 -26.35 -15.80
C GLU F 59 -39.78 -27.28 -14.64
N PRO F 60 -38.93 -27.33 -13.62
CA PRO F 60 -39.15 -28.26 -12.51
C PRO F 60 -40.19 -27.75 -11.53
N THR F 61 -40.61 -28.64 -10.63
CA THR F 61 -41.49 -28.29 -9.54
C THR F 61 -40.65 -27.99 -8.30
N LEU F 62 -40.98 -26.89 -7.62
CA LEU F 62 -40.18 -26.39 -6.51
C LEU F 62 -41.01 -26.42 -5.23
N SER F 63 -40.47 -27.05 -4.19
CA SER F 63 -41.09 -27.10 -2.87
C SER F 63 -40.07 -26.56 -1.87
N LEU F 64 -40.26 -25.31 -1.45
CA LEU F 64 -39.30 -24.64 -0.60
C LEU F 64 -39.18 -25.34 0.75
N ASP F 65 -37.97 -25.79 1.08
CA ASP F 65 -37.71 -26.46 2.35
C ASP F 65 -37.29 -25.45 3.42
N TYR F 66 -36.20 -24.73 3.18
CA TYR F 66 -35.77 -23.67 4.08
C TYR F 66 -34.86 -22.71 3.32
N ILE F 67 -34.60 -21.56 3.93
CA ILE F 67 -33.72 -20.54 3.40
C ILE F 67 -32.74 -20.13 4.48
N THR F 68 -31.56 -19.69 4.06
CA THR F 68 -30.51 -19.28 5.00
C THR F 68 -29.97 -17.92 4.58
N CYS F 69 -29.30 -17.27 5.53
CA CYS F 69 -28.72 -15.95 5.30
C CYS F 69 -27.66 -15.70 6.38
N GLU F 70 -27.07 -14.51 6.35
CA GLU F 70 -26.08 -14.13 7.33
C GLU F 70 -26.74 -13.86 8.68
N TYR F 71 -26.22 -14.50 9.73
CA TYR F 71 -26.79 -14.34 11.06
C TYR F 71 -26.40 -12.99 11.65
N LYS F 72 -26.88 -12.73 12.86
CA LYS F 72 -26.57 -11.50 13.58
C LYS F 72 -26.48 -11.82 15.06
N THR F 73 -25.30 -11.61 15.66
CA THR F 73 -25.08 -11.89 17.07
C THR F 73 -25.32 -10.60 17.85
N VAL F 74 -26.50 -10.48 18.44
CA VAL F 74 -26.87 -9.30 19.22
C VAL F 74 -26.45 -9.52 20.67
N ILE F 75 -25.70 -8.57 21.22
CA ILE F 75 -25.21 -8.63 22.59
C ILE F 75 -25.72 -7.40 23.33
N PRO F 76 -26.38 -7.56 24.48
CA PRO F 76 -26.72 -6.39 25.29
C PRO F 76 -25.59 -6.01 26.23
N SER F 77 -25.78 -4.95 27.02
CA SER F 77 -24.77 -4.56 27.99
C SER F 77 -24.62 -5.65 29.05
N PRO F 78 -23.39 -5.97 29.45
CA PRO F 78 -23.22 -6.99 30.49
C PRO F 78 -23.60 -6.45 31.86
N TYR F 79 -24.26 -7.31 32.64
CA TYR F 79 -24.70 -6.96 33.99
C TYR F 79 -23.50 -7.11 34.93
N VAL F 80 -22.92 -5.98 35.33
CA VAL F 80 -21.75 -5.97 36.20
C VAL F 80 -22.26 -5.70 37.61
N LYS F 81 -22.35 -6.77 38.41
CA LYS F 81 -22.83 -6.66 39.79
C LYS F 81 -21.63 -6.42 40.69
N CYS F 82 -21.56 -5.24 41.30
CA CYS F 82 -20.48 -4.89 42.20
C CYS F 82 -20.78 -5.38 43.61
N CYS F 83 -19.74 -5.84 44.30
CA CYS F 83 -19.86 -6.36 45.67
C CYS F 83 -20.93 -7.46 45.76
N GLY F 84 -21.09 -8.21 44.68
CA GLY F 84 -22.09 -9.25 44.62
C GLY F 84 -21.94 -10.07 43.36
N THR F 85 -22.59 -11.23 43.35
CA THR F 85 -22.48 -12.19 42.26
C THR F 85 -23.83 -12.37 41.59
N ALA F 86 -23.81 -12.47 40.26
CA ALA F 86 -25.02 -12.69 39.48
C ALA F 86 -25.14 -14.16 39.11
N GLU F 87 -26.30 -14.51 38.55
CA GLU F 87 -26.61 -15.87 38.13
C GLU F 87 -27.21 -15.85 36.74
N CYS F 88 -26.85 -16.85 35.93
CA CYS F 88 -27.39 -16.95 34.58
C CYS F 88 -28.82 -17.47 34.62
N LYS F 89 -29.67 -16.87 33.78
CA LYS F 89 -31.02 -17.35 33.55
C LYS F 89 -31.12 -17.82 32.10
N ASP F 90 -31.50 -19.08 31.91
CA ASP F 90 -31.55 -19.66 30.58
C ASP F 90 -32.85 -19.26 29.89
N LYS F 91 -32.73 -18.63 28.73
CA LYS F 91 -33.87 -18.26 27.90
C LYS F 91 -33.87 -19.09 26.62
N ASN F 92 -35.03 -19.10 25.95
CA ASN F 92 -35.15 -19.81 24.68
C ASN F 92 -34.87 -18.82 23.56
N LEU F 93 -33.60 -18.67 23.23
CA LEU F 93 -33.14 -17.85 22.12
C LEU F 93 -32.20 -18.66 21.26
N PRO F 94 -32.14 -18.38 19.95
CA PRO F 94 -31.28 -19.17 19.06
C PRO F 94 -29.83 -19.14 19.50
N ASP F 95 -29.32 -20.30 19.94
CA ASP F 95 -27.96 -20.45 20.46
C ASP F 95 -27.68 -19.44 21.57
N TYR F 96 -28.62 -19.34 22.51
CA TYR F 96 -28.47 -18.42 23.62
C TYR F 96 -27.28 -18.82 24.49
N SER F 97 -26.49 -17.83 24.88
CA SER F 97 -25.25 -18.06 25.62
C SER F 97 -25.16 -17.10 26.79
N CYS F 98 -24.91 -17.64 27.98
CA CYS F 98 -24.75 -16.85 29.20
C CYS F 98 -23.60 -17.41 30.02
N LYS F 99 -22.87 -16.52 30.68
CA LYS F 99 -21.80 -16.95 31.58
C LYS F 99 -21.50 -15.84 32.56
N VAL F 100 -21.23 -16.22 33.80
CA VAL F 100 -20.85 -15.29 34.87
C VAL F 100 -19.34 -15.39 35.06
N PHE F 101 -18.67 -14.24 34.99
CA PHE F 101 -17.23 -14.17 35.13
C PHE F 101 -16.88 -13.49 36.46
N THR F 102 -15.95 -14.09 37.20
CA THR F 102 -15.63 -13.65 38.55
C THR F 102 -14.22 -13.04 38.58
N GLY F 103 -14.00 -12.22 39.60
CA GLY F 103 -12.69 -11.61 39.82
C GLY F 103 -12.34 -10.52 38.84
N VAL F 104 -13.23 -9.54 38.68
CA VAL F 104 -13.03 -8.45 37.75
C VAL F 104 -12.85 -7.15 38.53
N TYR F 105 -12.42 -6.11 37.82
CA TYR F 105 -12.35 -4.77 38.36
C TYR F 105 -12.45 -3.79 37.20
N PRO F 106 -13.60 -3.71 36.53
CA PRO F 106 -13.68 -2.98 35.26
C PRO F 106 -13.51 -1.48 35.45
N PHE F 107 -13.22 -0.81 34.33
CA PHE F 107 -12.91 0.61 34.32
C PHE F 107 -13.71 1.31 33.24
N MET F 108 -14.49 2.30 33.62
CA MET F 108 -14.88 3.34 32.69
C MET F 108 -13.78 4.41 32.70
N TRP F 109 -13.90 5.39 31.80
CA TRP F 109 -12.86 6.41 31.71
C TRP F 109 -12.72 7.19 33.01
N GLY F 110 -13.83 7.40 33.72
CA GLY F 110 -13.81 8.19 34.92
C GLY F 110 -13.30 7.49 36.17
N GLY F 111 -12.81 6.26 36.04
CA GLY F 111 -12.28 5.51 37.16
C GLY F 111 -12.96 4.17 37.28
N ALA F 112 -12.79 3.55 38.45
CA ALA F 112 -13.34 2.22 38.68
C ALA F 112 -14.86 2.27 38.78
N TYR F 113 -15.52 1.23 38.26
CA TYR F 113 -16.97 1.14 38.33
C TYR F 113 -17.45 0.53 39.64
N CYS F 114 -16.70 -0.43 40.18
CA CYS F 114 -17.06 -1.08 41.44
C CYS F 114 -16.29 -0.47 42.61
N PHE F 115 -16.85 -0.64 43.80
CA PHE F 115 -16.22 -0.16 45.02
C PHE F 115 -15.36 -1.25 45.68
N CYS F 116 -15.92 -2.43 45.86
CA CYS F 116 -15.19 -3.51 46.52
C CYS F 116 -14.05 -4.01 45.64
N ASP F 117 -13.02 -4.56 46.29
CA ASP F 117 -11.95 -5.21 45.55
C ASP F 117 -12.34 -6.62 45.13
N ALA F 118 -13.08 -7.32 45.97
CA ALA F 118 -13.60 -8.65 45.69
C ALA F 118 -15.10 -8.57 45.40
N GLU F 119 -15.71 -9.73 45.21
CA GLU F 119 -17.15 -9.86 44.96
C GLU F 119 -17.59 -9.09 43.72
N ASN F 120 -16.67 -8.84 42.78
CA ASN F 120 -16.98 -8.19 41.52
C ASN F 120 -17.16 -9.25 40.45
N THR F 121 -18.35 -9.29 39.84
CA THR F 121 -18.68 -10.27 38.83
C THR F 121 -19.30 -9.60 37.61
N GLN F 122 -19.14 -10.23 36.46
CA GLN F 122 -19.71 -9.75 35.20
C GLN F 122 -20.47 -10.89 34.54
N LEU F 123 -21.74 -10.63 34.20
CA LEU F 123 -22.58 -11.60 33.52
C LEU F 123 -22.73 -11.19 32.07
N SER F 124 -22.30 -12.05 31.16
CA SER F 124 -22.34 -11.80 29.73
C SER F 124 -23.39 -12.69 29.08
N GLU F 125 -24.28 -12.10 28.29
CA GLU F 125 -25.29 -12.84 27.56
C GLU F 125 -25.34 -12.34 26.12
N ALA F 126 -25.76 -13.24 25.22
CA ALA F 126 -25.87 -12.93 23.80
C ALA F 126 -26.71 -14.01 23.13
N HIS F 127 -27.38 -13.62 22.05
CA HIS F 127 -28.22 -14.53 21.29
C HIS F 127 -27.95 -14.33 19.80
N VAL F 128 -28.54 -15.20 18.99
CA VAL F 128 -28.41 -15.16 17.54
C VAL F 128 -29.78 -14.94 16.93
N GLU F 129 -29.82 -14.16 15.85
CA GLU F 129 -31.07 -13.94 15.13
C GLU F 129 -30.73 -13.57 13.69
N LYS F 130 -31.74 -13.69 12.83
CA LYS F 130 -31.55 -13.36 11.43
C LYS F 130 -31.25 -11.87 11.26
N SER F 131 -30.16 -11.57 10.56
CA SER F 131 -29.84 -10.18 10.25
C SER F 131 -30.89 -9.59 9.32
N GLU F 132 -30.94 -8.26 9.31
CA GLU F 132 -31.86 -7.57 8.42
C GLU F 132 -31.44 -7.65 6.95
N SER F 133 -30.27 -8.22 6.67
CA SER F 133 -29.84 -8.48 5.30
C SER F 133 -30.57 -9.66 4.67
N CYS F 134 -31.29 -10.46 5.47
CA CYS F 134 -31.99 -11.63 4.93
C CYS F 134 -33.11 -11.24 3.98
N LYS F 135 -33.58 -10.00 4.01
CA LYS F 135 -34.61 -9.55 3.08
C LYS F 135 -34.06 -9.34 1.67
N THR F 136 -32.75 -9.19 1.52
CA THR F 136 -32.12 -9.07 0.21
C THR F 136 -31.08 -10.16 -0.04
N GLU F 137 -30.17 -10.38 0.89
CA GLU F 137 -29.08 -11.34 0.72
C GLU F 137 -29.43 -12.64 1.43
N PHE F 138 -29.84 -13.64 0.65
CA PHE F 138 -30.24 -14.93 1.21
C PHE F 138 -30.21 -15.96 0.11
N ALA F 139 -30.11 -17.23 0.52
CA ALA F 139 -30.15 -18.36 -0.39
C ALA F 139 -31.37 -19.21 -0.07
N SER F 140 -31.86 -19.92 -1.09
CA SER F 140 -33.03 -20.77 -0.97
C SER F 140 -32.66 -22.21 -1.29
N ALA F 141 -33.21 -23.15 -0.52
CA ALA F 141 -32.95 -24.57 -0.69
C ALA F 141 -34.25 -25.24 -1.13
N TYR F 142 -34.29 -25.71 -2.37
CA TYR F 142 -35.51 -26.23 -2.97
C TYR F 142 -35.40 -27.74 -3.23
N ARG F 143 -36.56 -28.35 -3.43
CA ARG F 143 -36.69 -29.72 -3.88
C ARG F 143 -37.16 -29.70 -5.33
N ALA F 144 -36.38 -30.30 -6.22
CA ALA F 144 -36.73 -30.38 -7.64
C ALA F 144 -37.10 -31.82 -7.99
N HIS F 145 -38.19 -31.99 -8.75
CA HIS F 145 -38.69 -33.31 -9.05
C HIS F 145 -39.69 -33.23 -10.20
N THR F 146 -39.53 -34.12 -11.19
CA THR F 146 -40.49 -34.33 -12.26
C THR F 146 -40.81 -33.01 -12.98
N ALA F 147 -39.79 -32.48 -13.65
CA ALA F 147 -39.90 -31.21 -14.34
C ALA F 147 -41.01 -31.25 -15.40
N SER F 148 -41.51 -30.07 -15.72
CA SER F 148 -42.52 -29.88 -16.76
C SER F 148 -41.87 -29.33 -18.03
N ALA F 149 -42.53 -29.55 -19.16
CA ALA F 149 -41.97 -29.25 -20.47
C ALA F 149 -42.57 -27.98 -21.05
N SER F 150 -41.82 -27.39 -21.99
CA SER F 150 -42.20 -26.18 -22.70
C SER F 150 -41.29 -26.02 -23.91
N ALA F 151 -41.87 -25.61 -25.04
CA ALA F 151 -41.09 -25.50 -26.26
C ALA F 151 -41.68 -24.42 -27.16
N LYS F 152 -40.79 -23.74 -27.89
CA LYS F 152 -41.16 -22.75 -28.88
C LYS F 152 -40.52 -23.14 -30.21
N LEU F 153 -41.32 -23.12 -31.28
CA LEU F 153 -40.93 -23.70 -32.55
C LEU F 153 -41.38 -22.82 -33.71
N ARG F 154 -40.55 -22.74 -34.75
CA ARG F 154 -40.89 -22.02 -35.97
C ARG F 154 -41.02 -23.01 -37.12
N VAL F 155 -42.04 -22.80 -37.96
CA VAL F 155 -42.33 -23.67 -39.09
C VAL F 155 -42.50 -22.81 -40.33
N LEU F 156 -41.78 -23.16 -41.39
CA LEU F 156 -41.93 -22.50 -42.70
C LEU F 156 -43.02 -23.22 -43.46
N TYR F 157 -44.24 -22.75 -43.32
CA TYR F 157 -45.43 -23.38 -43.89
C TYR F 157 -46.14 -22.38 -44.78
N GLN F 158 -46.34 -22.74 -46.05
CA GLN F 158 -46.93 -21.85 -47.04
C GLN F 158 -46.14 -20.56 -47.19
N GLY F 159 -44.81 -20.65 -47.10
CA GLY F 159 -43.95 -19.51 -47.25
C GLY F 159 -43.95 -18.53 -46.08
N ASN F 160 -44.69 -18.82 -45.01
CA ASN F 160 -44.77 -17.96 -43.85
C ASN F 160 -44.07 -18.61 -42.66
N ASN F 161 -43.32 -17.80 -41.91
CA ASN F 161 -42.63 -18.25 -40.70
C ASN F 161 -43.62 -18.15 -39.54
N ILE F 162 -44.26 -19.28 -39.20
CA ILE F 162 -45.27 -19.30 -38.15
C ILE F 162 -44.61 -19.67 -36.83
N THR F 163 -45.31 -19.38 -35.73
CA THR F 163 -44.81 -19.61 -34.38
C THR F 163 -45.67 -20.62 -33.64
N VAL F 164 -45.04 -21.44 -32.81
CA VAL F 164 -45.73 -22.47 -32.05
C VAL F 164 -45.15 -22.48 -30.64
N THR F 165 -46.03 -22.59 -29.64
CA THR F 165 -45.62 -22.69 -28.24
C THR F 165 -46.54 -23.67 -27.54
N ALA F 166 -45.98 -24.78 -27.04
CA ALA F 166 -46.81 -25.84 -26.50
C ALA F 166 -46.03 -26.64 -25.48
N TYR F 167 -46.77 -27.46 -24.72
CA TYR F 167 -46.18 -28.40 -23.79
C TYR F 167 -45.53 -29.55 -24.56
N ALA F 168 -44.32 -29.92 -24.18
CA ALA F 168 -43.57 -30.99 -24.86
C ALA F 168 -43.73 -32.31 -24.10
N ASN F 169 -44.97 -32.81 -24.09
CA ASN F 169 -45.26 -34.11 -23.52
C ASN F 169 -46.14 -34.98 -24.41
N GLY F 170 -46.46 -34.52 -25.62
CA GLY F 170 -47.28 -35.29 -26.52
C GLY F 170 -48.72 -35.45 -26.10
N ASP F 171 -49.21 -34.56 -25.24
CA ASP F 171 -50.57 -34.64 -24.71
C ASP F 171 -51.42 -33.44 -25.06
N HIS F 172 -50.85 -32.23 -25.03
CA HIS F 172 -51.57 -31.01 -25.34
C HIS F 172 -51.34 -30.60 -26.78
N ALA F 173 -52.41 -30.38 -27.51
CA ALA F 173 -52.35 -29.92 -28.90
C ALA F 173 -52.59 -28.42 -28.98
N VAL F 174 -52.08 -27.82 -30.04
CA VAL F 174 -52.17 -26.37 -30.25
C VAL F 174 -52.68 -26.13 -31.67
N THR F 175 -53.72 -25.32 -31.79
CA THR F 175 -54.31 -24.97 -33.07
C THR F 175 -53.75 -23.63 -33.55
N VAL F 176 -53.05 -23.64 -34.67
CA VAL F 176 -52.43 -22.44 -35.24
C VAL F 176 -52.53 -22.51 -36.75
N LYS F 177 -53.17 -21.50 -37.35
CA LYS F 177 -53.32 -21.41 -38.81
C LYS F 177 -53.91 -22.69 -39.40
N ASP F 178 -54.99 -23.16 -38.78
CA ASP F 178 -55.78 -24.31 -39.20
C ASP F 178 -55.00 -25.61 -39.12
N ALA F 179 -53.76 -25.59 -38.65
CA ALA F 179 -52.97 -26.79 -38.41
C ALA F 179 -52.96 -27.11 -36.93
N LYS F 180 -52.85 -28.40 -36.62
CA LYS F 180 -52.82 -28.88 -35.23
C LYS F 180 -51.46 -29.47 -34.93
N PHE F 181 -50.76 -28.90 -33.96
CA PHE F 181 -49.41 -29.30 -33.60
C PHE F 181 -49.42 -30.01 -32.26
N ILE F 182 -48.72 -31.13 -32.19
CA ILE F 182 -48.50 -31.86 -30.95
C ILE F 182 -47.00 -32.04 -30.77
N VAL F 183 -46.50 -31.72 -29.58
CA VAL F 183 -45.06 -31.75 -29.29
C VAL F 183 -44.83 -32.63 -28.08
N GLY F 184 -43.86 -33.52 -28.17
CA GLY F 184 -43.48 -34.38 -27.06
C GLY F 184 -43.92 -35.81 -27.25
N PRO F 185 -43.57 -36.68 -26.29
CA PRO F 185 -42.79 -36.38 -25.09
C PRO F 185 -41.28 -36.50 -25.30
N MET F 186 -40.50 -35.92 -24.39
CA MET F 186 -39.04 -35.96 -24.52
C MET F 186 -38.53 -37.38 -24.63
N SER F 187 -37.58 -37.59 -25.55
CA SER F 187 -37.01 -38.93 -25.72
C SER F 187 -36.20 -39.36 -24.50
N SER F 188 -35.62 -38.40 -23.77
CA SER F 188 -34.87 -38.67 -22.56
C SER F 188 -35.48 -37.91 -21.39
N ALA F 189 -35.62 -38.59 -20.26
CA ALA F 189 -36.20 -38.00 -19.07
C ALA F 189 -35.17 -37.34 -18.15
N TRP F 190 -33.92 -37.28 -18.58
CA TRP F 190 -32.87 -36.70 -17.74
C TRP F 190 -33.04 -35.19 -17.63
N THR F 191 -32.71 -34.66 -16.45
CA THR F 191 -32.80 -33.23 -16.16
C THR F 191 -31.54 -32.81 -15.40
N PRO F 192 -31.03 -31.61 -15.66
CA PRO F 192 -29.76 -31.19 -15.03
C PRO F 192 -29.87 -30.89 -13.54
N PHE F 193 -31.08 -30.87 -12.98
CA PHE F 193 -31.28 -30.49 -11.59
C PHE F 193 -31.30 -31.73 -10.70
N ASP F 194 -30.54 -31.69 -9.62
CA ASP F 194 -30.55 -32.78 -8.66
C ASP F 194 -31.88 -32.83 -7.92
N ASN F 195 -32.02 -33.81 -7.02
CA ASN F 195 -33.20 -33.90 -6.19
C ASN F 195 -33.27 -32.79 -5.15
N LYS F 196 -32.13 -32.17 -4.83
CA LYS F 196 -32.05 -31.07 -3.88
C LYS F 196 -31.20 -29.97 -4.49
N ILE F 197 -31.82 -28.82 -4.78
CA ILE F 197 -31.12 -27.71 -5.42
C ILE F 197 -31.11 -26.52 -4.47
N VAL F 198 -30.22 -25.57 -4.78
CA VAL F 198 -30.05 -24.34 -4.01
C VAL F 198 -29.94 -23.17 -4.98
N VAL F 199 -30.71 -22.12 -4.74
CA VAL F 199 -30.83 -21.01 -5.67
C VAL F 199 -30.41 -19.72 -4.98
N TYR F 200 -29.50 -18.98 -5.60
CA TYR F 200 -29.24 -17.59 -5.26
C TYR F 200 -30.17 -16.73 -6.11
N LYS F 201 -29.88 -15.43 -6.22
CA LYS F 201 -30.71 -14.57 -7.07
C LYS F 201 -30.36 -14.66 -8.55
N GLY F 202 -29.31 -15.38 -8.92
CA GLY F 202 -28.94 -15.47 -10.32
C GLY F 202 -28.37 -16.80 -10.77
N ASP F 203 -28.28 -17.76 -9.85
CA ASP F 203 -27.57 -19.00 -10.12
C ASP F 203 -28.28 -20.17 -9.46
N VAL F 204 -28.05 -21.37 -10.01
CA VAL F 204 -28.60 -22.61 -9.47
C VAL F 204 -27.45 -23.56 -9.19
N TYR F 205 -27.56 -24.32 -8.10
CA TYR F 205 -26.53 -25.25 -7.67
C TYR F 205 -27.15 -26.57 -7.25
N ASN F 206 -26.46 -27.66 -7.56
CA ASN F 206 -26.81 -28.98 -7.03
C ASN F 206 -26.14 -29.14 -5.68
N MET F 207 -26.92 -29.41 -4.64
CA MET F 207 -26.38 -29.47 -3.30
C MET F 207 -27.31 -30.27 -2.40
N ASP F 208 -26.77 -31.31 -1.76
CA ASP F 208 -27.49 -32.05 -0.72
C ASP F 208 -27.35 -31.26 0.57
N TYR F 209 -28.13 -30.18 0.67
CA TYR F 209 -28.06 -29.32 1.85
C TYR F 209 -28.48 -30.09 3.10
N PRO F 210 -27.88 -29.79 4.24
CA PRO F 210 -28.28 -30.45 5.49
C PRO F 210 -29.73 -30.14 5.81
N PRO F 211 -30.54 -31.16 6.10
CA PRO F 211 -31.96 -30.94 6.36
C PRO F 211 -32.19 -29.98 7.51
N PHE F 212 -33.42 -29.46 7.57
CA PHE F 212 -33.79 -28.43 8.53
C PHE F 212 -33.63 -28.93 9.97
N GLY F 213 -32.67 -28.38 10.70
CA GLY F 213 -32.43 -28.74 12.07
C GLY F 213 -31.15 -29.49 12.36
N ALA F 214 -30.21 -29.54 11.41
CA ALA F 214 -28.95 -30.24 11.64
C ALA F 214 -27.75 -29.47 11.05
N GLY F 215 -27.89 -28.17 10.84
CA GLY F 215 -26.81 -27.42 10.22
C GLY F 215 -25.55 -27.40 11.06
N ARG F 216 -24.41 -27.21 10.40
CA ARG F 216 -23.12 -27.24 11.07
C ARG F 216 -22.48 -25.85 11.05
N PRO F 217 -21.70 -25.53 12.09
CA PRO F 217 -21.04 -24.21 12.13
C PRO F 217 -20.06 -24.05 10.98
N GLY F 218 -20.05 -22.86 10.39
CA GLY F 218 -19.18 -22.55 9.28
C GLY F 218 -19.55 -23.18 7.95
N GLN F 219 -20.52 -24.09 7.93
CA GLN F 219 -21.02 -24.70 6.71
C GLN F 219 -22.28 -24.00 6.25
N PHE F 220 -22.75 -24.41 5.07
CA PHE F 220 -24.05 -23.97 4.60
C PHE F 220 -25.14 -24.50 5.54
N GLY F 221 -25.97 -23.59 6.04
CA GLY F 221 -26.98 -23.97 7.00
C GLY F 221 -26.60 -23.81 8.44
N ASP F 222 -25.56 -23.01 8.73
CA ASP F 222 -25.24 -22.70 10.13
C ASP F 222 -26.43 -22.03 10.82
N ILE F 223 -27.26 -21.34 10.05
CA ILE F 223 -28.55 -20.84 10.51
C ILE F 223 -29.58 -21.18 9.43
N GLN F 224 -30.73 -21.71 9.84
CA GLN F 224 -31.75 -22.18 8.92
C GLN F 224 -33.09 -21.57 9.27
N SER F 225 -33.80 -21.11 8.24
CA SER F 225 -35.09 -20.46 8.40
C SER F 225 -36.08 -20.99 7.38
N ARG F 226 -37.32 -21.22 7.84
CA ARG F 226 -38.36 -21.73 6.94
C ARG F 226 -38.74 -20.69 5.90
N THR F 227 -39.16 -19.51 6.35
CA THR F 227 -39.52 -18.43 5.45
C THR F 227 -38.63 -17.22 5.71
N PRO F 228 -38.39 -16.38 4.69
CA PRO F 228 -37.55 -15.18 4.91
C PRO F 228 -38.13 -14.19 5.90
N GLU F 229 -39.41 -14.29 6.24
CA GLU F 229 -40.07 -13.33 7.11
C GLU F 229 -40.47 -13.92 8.46
N SER F 230 -40.13 -15.18 8.72
CA SER F 230 -40.44 -15.78 10.01
C SER F 230 -39.59 -15.16 11.12
N LYS F 231 -39.99 -15.41 12.36
CA LYS F 231 -39.28 -14.92 13.53
C LYS F 231 -38.53 -16.01 14.28
N ASP F 232 -39.09 -17.21 14.37
CA ASP F 232 -38.43 -18.34 15.02
C ASP F 232 -37.62 -19.11 13.97
N VAL F 233 -36.33 -19.28 14.22
CA VAL F 233 -35.43 -19.93 13.28
C VAL F 233 -34.50 -20.86 14.05
N TYR F 234 -33.78 -21.69 13.29
CA TYR F 234 -32.76 -22.59 13.83
C TYR F 234 -31.38 -22.05 13.52
N ALA F 235 -30.48 -22.11 14.51
CA ALA F 235 -29.14 -21.57 14.33
C ALA F 235 -28.17 -22.36 15.18
N ASN F 236 -26.98 -22.61 14.62
CA ASN F 236 -25.90 -23.30 15.32
C ASN F 236 -24.60 -22.66 14.85
N THR F 237 -24.00 -21.83 15.71
CA THR F 237 -22.76 -21.14 15.37
C THR F 237 -21.66 -21.33 16.40
N GLN F 238 -21.89 -22.13 17.44
CA GLN F 238 -20.91 -22.39 18.49
C GLN F 238 -20.47 -21.08 19.16
N LEU F 239 -21.45 -20.42 19.77
CA LEU F 239 -21.23 -19.13 20.43
C LEU F 239 -20.77 -19.37 21.85
N VAL F 240 -19.51 -19.03 22.13
CA VAL F 240 -18.91 -19.20 23.44
C VAL F 240 -18.21 -17.90 23.83
N LEU F 241 -18.46 -17.44 25.06
CA LEU F 241 -17.91 -16.19 25.54
C LEU F 241 -16.68 -16.46 26.39
N GLN F 242 -15.61 -15.70 26.14
CA GLN F 242 -14.39 -15.80 26.92
C GLN F 242 -14.41 -14.79 28.06
N ARG F 243 -13.38 -14.86 28.91
CA ARG F 243 -13.27 -13.90 29.99
C ARG F 243 -12.94 -12.52 29.43
N PRO F 244 -13.60 -11.47 29.92
CA PRO F 244 -13.31 -10.12 29.43
C PRO F 244 -11.89 -9.70 29.80
N ALA F 245 -11.43 -8.64 29.13
CA ALA F 245 -10.09 -8.14 29.37
C ALA F 245 -9.94 -7.62 30.79
N ALA F 246 -8.70 -7.63 31.28
CA ALA F 246 -8.42 -7.17 32.63
C ALA F 246 -8.66 -5.66 32.71
N GLY F 247 -9.63 -5.26 33.53
CA GLY F 247 -9.93 -3.86 33.72
C GLY F 247 -10.54 -3.19 32.51
N THR F 248 -11.39 -3.90 31.77
CA THR F 248 -12.03 -3.36 30.59
C THR F 248 -13.46 -3.88 30.51
N VAL F 249 -14.31 -3.15 29.79
CA VAL F 249 -15.73 -3.46 29.70
C VAL F 249 -16.03 -3.79 28.24
N HIS F 250 -16.15 -5.08 27.94
CA HIS F 250 -16.59 -5.55 26.63
C HIS F 250 -17.16 -6.95 26.79
N VAL F 251 -17.56 -7.53 25.66
CA VAL F 251 -18.06 -8.91 25.65
C VAL F 251 -17.26 -9.71 24.62
N PRO F 252 -16.26 -10.49 25.05
CA PRO F 252 -15.48 -11.29 24.10
C PRO F 252 -16.15 -12.62 23.81
N TYR F 253 -16.08 -13.04 22.55
CA TYR F 253 -16.70 -14.29 22.13
C TYR F 253 -15.96 -14.86 20.93
N SER F 254 -16.02 -16.18 20.79
CA SER F 254 -15.60 -16.88 19.60
C SER F 254 -16.82 -17.52 18.95
N GLN F 255 -16.87 -17.47 17.62
CA GLN F 255 -18.06 -17.90 16.91
C GLN F 255 -17.69 -18.31 15.49
N ALA F 256 -18.44 -19.27 14.96
CA ALA F 256 -18.27 -19.65 13.56
C ALA F 256 -18.87 -18.56 12.67
N PRO F 257 -18.12 -18.04 11.70
CA PRO F 257 -18.65 -16.95 10.86
C PRO F 257 -19.83 -17.38 9.99
N SER F 258 -20.35 -16.44 9.20
CA SER F 258 -21.52 -16.68 8.36
C SER F 258 -21.30 -17.84 7.40
N GLY F 259 -22.05 -18.93 7.59
CA GLY F 259 -22.02 -20.00 6.63
C GLY F 259 -22.53 -19.58 5.26
N PHE F 260 -23.38 -18.55 5.23
CA PHE F 260 -23.81 -17.99 3.95
C PHE F 260 -22.66 -17.28 3.26
N LYS F 261 -21.96 -16.40 3.98
CA LYS F 261 -20.84 -15.67 3.38
C LYS F 261 -19.69 -16.61 3.04
N TYR F 262 -19.46 -17.63 3.88
CA TYR F 262 -18.47 -18.64 3.52
C TYR F 262 -18.86 -19.37 2.25
N TRP F 263 -20.15 -19.62 2.05
CA TRP F 263 -20.61 -20.23 0.80
C TRP F 263 -20.41 -19.30 -0.38
N LEU F 264 -20.46 -17.98 -0.15
CA LEU F 264 -20.25 -17.03 -1.23
C LEU F 264 -18.81 -17.07 -1.76
N LYS F 265 -17.87 -17.59 -0.98
CA LYS F 265 -16.49 -17.71 -1.43
C LYS F 265 -16.16 -19.12 -1.95
N GLU F 266 -16.87 -20.14 -1.49
CA GLU F 266 -16.59 -21.52 -1.88
C GLU F 266 -17.50 -22.03 -2.98
N ARG F 267 -18.41 -21.19 -3.49
CA ARG F 267 -19.42 -21.68 -4.43
C ARG F 267 -18.81 -21.94 -5.81
N GLY F 268 -17.93 -21.05 -6.28
CA GLY F 268 -17.41 -21.21 -7.63
C GLY F 268 -18.46 -20.89 -8.66
N ALA F 269 -18.43 -21.63 -9.77
CA ALA F 269 -19.39 -21.44 -10.85
C ALA F 269 -20.67 -22.22 -10.59
N SER F 270 -21.75 -21.75 -11.19
CA SER F 270 -23.07 -22.34 -11.01
C SER F 270 -23.27 -23.47 -12.02
N LEU F 271 -24.52 -23.96 -12.12
CA LEU F 271 -24.84 -24.93 -13.16
C LEU F 271 -24.77 -24.32 -14.55
N GLN F 272 -24.96 -23.00 -14.65
CA GLN F 272 -24.86 -22.33 -15.94
C GLN F 272 -23.52 -22.60 -16.60
N HIS F 273 -22.45 -22.59 -15.82
CA HIS F 273 -21.11 -22.82 -16.35
C HIS F 273 -20.69 -24.28 -16.32
N THR F 274 -21.44 -25.16 -15.64
CA THR F 274 -21.02 -26.54 -15.45
C THR F 274 -22.05 -27.56 -15.92
N ALA F 275 -23.17 -27.15 -16.51
CA ALA F 275 -24.19 -28.13 -16.86
C ALA F 275 -23.78 -28.91 -18.12
N PRO F 276 -24.11 -30.19 -18.19
CA PRO F 276 -23.86 -30.95 -19.41
C PRO F 276 -24.91 -30.63 -20.47
N PHE F 277 -24.68 -31.19 -21.67
CA PHE F 277 -25.62 -31.11 -22.79
C PHE F 277 -25.91 -29.66 -23.20
N GLY F 278 -24.95 -28.77 -22.97
CA GLY F 278 -25.11 -27.38 -23.39
C GLY F 278 -26.32 -26.69 -22.83
N CYS F 279 -26.79 -27.10 -21.65
CA CYS F 279 -27.94 -26.46 -21.04
C CYS F 279 -27.63 -25.02 -20.65
N GLN F 280 -28.66 -24.20 -20.65
CA GLN F 280 -28.59 -22.83 -20.15
C GLN F 280 -29.42 -22.71 -18.89
N ILE F 281 -29.08 -21.73 -18.05
CA ILE F 281 -29.66 -21.60 -16.71
C ILE F 281 -30.22 -20.19 -16.57
N ALA F 282 -31.45 -20.10 -16.05
CA ALA F 282 -32.08 -18.83 -15.75
C ALA F 282 -32.99 -19.01 -14.54
N THR F 283 -33.23 -17.92 -13.82
CA THR F 283 -34.01 -17.96 -12.59
C THR F 283 -35.31 -17.17 -12.75
N ASN F 284 -36.17 -17.32 -11.74
CA ASN F 284 -37.48 -16.66 -11.65
C ASN F 284 -38.33 -16.97 -12.87
N PRO F 285 -38.84 -18.21 -13.01
CA PRO F 285 -38.60 -19.33 -12.09
C PRO F 285 -37.36 -20.14 -12.48
N VAL F 286 -36.98 -21.10 -11.63
CA VAL F 286 -35.87 -21.98 -11.97
C VAL F 286 -36.22 -22.78 -13.22
N ARG F 287 -35.36 -22.70 -14.24
CA ARG F 287 -35.65 -23.33 -15.50
C ARG F 287 -34.36 -23.55 -16.28
N ALA F 288 -34.23 -24.73 -16.87
CA ALA F 288 -33.14 -25.02 -17.81
C ALA F 288 -33.66 -24.81 -19.22
N VAL F 289 -32.93 -24.04 -20.02
CA VAL F 289 -33.35 -23.66 -21.36
C VAL F 289 -32.38 -24.22 -22.37
N ASN F 290 -32.91 -24.74 -23.49
CA ASN F 290 -32.12 -25.24 -24.61
C ASN F 290 -31.23 -26.41 -24.22
N CYS F 291 -31.70 -27.25 -23.28
CA CYS F 291 -31.00 -28.48 -22.95
C CYS F 291 -31.01 -29.41 -24.16
N ALA F 292 -29.86 -29.54 -24.82
CA ALA F 292 -29.74 -30.39 -26.02
C ALA F 292 -29.56 -31.84 -25.57
N VAL F 293 -30.66 -32.57 -25.48
CA VAL F 293 -30.64 -33.95 -25.00
C VAL F 293 -31.68 -34.76 -25.77
N GLY F 294 -31.22 -35.79 -26.50
CA GLY F 294 -32.12 -36.69 -27.18
C GLY F 294 -32.87 -36.04 -28.33
N ASN F 295 -34.09 -36.53 -28.57
CA ASN F 295 -34.93 -36.01 -29.64
C ASN F 295 -36.35 -35.76 -29.10
N MET F 296 -37.26 -35.39 -29.98
CA MET F 296 -38.61 -35.03 -29.56
C MET F 296 -39.60 -35.20 -30.71
N PRO F 297 -40.73 -35.85 -30.48
CA PRO F 297 -41.72 -36.04 -31.55
C PRO F 297 -42.46 -34.76 -31.88
N ILE F 298 -42.89 -34.67 -33.14
CA ILE F 298 -43.70 -33.57 -33.63
C ILE F 298 -44.82 -34.14 -34.46
N SER F 299 -46.06 -33.77 -34.14
CA SER F 299 -47.26 -34.24 -34.85
C SER F 299 -47.98 -33.02 -35.42
N ILE F 300 -47.83 -32.80 -36.72
CA ILE F 300 -48.43 -31.66 -37.41
C ILE F 300 -49.55 -32.18 -38.29
N ASP F 301 -50.79 -31.90 -37.91
CA ASP F 301 -51.95 -32.23 -38.74
C ASP F 301 -52.25 -31.03 -39.63
N ILE F 302 -51.93 -31.15 -40.91
CA ILE F 302 -52.11 -30.06 -41.88
C ILE F 302 -53.50 -30.18 -42.49
N PRO F 303 -54.24 -29.07 -42.59
CA PRO F 303 -55.60 -29.14 -43.16
C PRO F 303 -55.57 -29.61 -44.61
N GLU F 304 -56.75 -30.00 -45.09
CA GLU F 304 -56.88 -30.56 -46.44
C GLU F 304 -56.82 -29.49 -47.52
N ALA F 305 -57.17 -28.25 -47.20
CA ALA F 305 -57.21 -27.20 -48.22
C ALA F 305 -55.81 -26.80 -48.68
N ALA F 306 -54.82 -26.83 -47.78
CA ALA F 306 -53.46 -26.44 -48.15
C ALA F 306 -52.85 -27.37 -49.16
N PHE F 307 -53.38 -28.57 -49.33
CA PHE F 307 -52.85 -29.51 -50.31
C PHE F 307 -53.20 -29.09 -51.72
N THR F 308 -52.30 -29.40 -52.66
CA THR F 308 -52.52 -29.16 -54.09
C THR F 308 -52.29 -30.48 -54.81
N ARG F 309 -53.36 -31.06 -55.34
CA ARG F 309 -53.27 -32.32 -56.05
C ARG F 309 -52.44 -32.16 -57.32
N VAL F 310 -52.16 -33.29 -57.98
CA VAL F 310 -51.46 -33.26 -59.25
C VAL F 310 -52.31 -32.62 -60.35
N VAL F 311 -53.64 -32.63 -60.17
CA VAL F 311 -54.53 -32.06 -61.18
C VAL F 311 -54.32 -30.56 -61.30
N ASP F 312 -54.55 -29.82 -60.21
CA ASP F 312 -54.45 -28.37 -60.21
C ASP F 312 -53.01 -27.86 -60.22
N ALA F 313 -52.02 -28.75 -60.12
CA ALA F 313 -50.62 -28.35 -60.06
C ALA F 313 -49.90 -28.73 -61.35
N PRO F 314 -48.84 -27.99 -61.71
CA PRO F 314 -48.08 -28.35 -62.90
C PRO F 314 -47.22 -29.58 -62.67
N SER F 315 -46.94 -30.30 -63.76
CA SER F 315 -46.02 -31.43 -63.76
C SER F 315 -44.83 -31.07 -64.64
N LEU F 316 -43.64 -31.04 -64.05
CA LEU F 316 -42.46 -30.51 -64.72
C LEU F 316 -41.74 -31.60 -65.53
N THR F 317 -41.05 -31.16 -66.58
CA THR F 317 -40.37 -32.06 -67.51
C THR F 317 -39.04 -31.44 -67.91
N ASP F 318 -38.21 -32.25 -68.57
CA ASP F 318 -36.96 -31.81 -69.18
C ASP F 318 -36.03 -31.14 -68.15
N MET F 319 -35.60 -31.95 -67.18
CA MET F 319 -34.75 -31.47 -66.10
C MET F 319 -33.35 -32.05 -66.22
N SER F 320 -32.34 -31.18 -66.14
N SER F 320 -32.34 -31.18 -66.14
CA SER F 320 -30.95 -31.60 -66.16
CA SER F 320 -30.94 -31.58 -66.17
C SER F 320 -30.19 -30.82 -65.10
C SER F 320 -30.21 -30.81 -65.08
N CYS F 321 -29.23 -31.47 -64.47
CA CYS F 321 -28.50 -30.90 -63.34
C CYS F 321 -27.03 -30.66 -63.70
N GLU F 322 -26.50 -29.56 -63.20
CA GLU F 322 -25.10 -29.20 -63.38
C GLU F 322 -24.61 -28.51 -62.11
N VAL F 323 -23.39 -28.84 -61.71
CA VAL F 323 -22.77 -28.23 -60.54
C VAL F 323 -21.61 -27.37 -61.02
N PRO F 324 -21.73 -26.04 -61.01
CA PRO F 324 -20.61 -25.19 -61.43
C PRO F 324 -19.48 -25.15 -60.42
N ALA F 325 -19.80 -25.24 -59.13
CA ALA F 325 -18.78 -25.21 -58.07
C ALA F 325 -19.41 -25.71 -56.78
N CYS F 326 -18.58 -26.35 -55.96
CA CYS F 326 -19.04 -26.85 -54.67
C CYS F 326 -17.92 -26.70 -53.64
N THR F 327 -18.30 -26.24 -52.45
CA THR F 327 -17.40 -26.17 -51.29
C THR F 327 -18.15 -26.75 -50.10
N HIS F 328 -17.71 -27.90 -49.60
CA HIS F 328 -18.42 -28.58 -48.53
C HIS F 328 -18.10 -27.94 -47.18
N SER F 329 -19.14 -27.76 -46.37
CA SER F 329 -19.04 -27.10 -45.07
C SER F 329 -20.35 -27.33 -44.32
N SER F 330 -20.50 -26.70 -43.17
CA SER F 330 -21.74 -26.79 -42.40
C SER F 330 -22.83 -25.88 -42.94
N ASP F 331 -22.47 -24.85 -43.70
CA ASP F 331 -23.46 -23.99 -44.35
C ASP F 331 -23.70 -24.48 -45.77
N PHE F 332 -24.65 -23.83 -46.46
CA PHE F 332 -25.00 -24.20 -47.83
C PHE F 332 -23.91 -23.69 -48.76
N GLY F 333 -22.81 -24.44 -48.81
CA GLY F 333 -21.65 -24.09 -49.61
C GLY F 333 -21.61 -24.65 -51.01
N GLY F 334 -22.70 -25.25 -51.48
CA GLY F 334 -22.76 -25.81 -52.82
C GLY F 334 -23.86 -25.18 -53.63
N VAL F 335 -23.60 -24.97 -54.92
CA VAL F 335 -24.56 -24.38 -55.85
C VAL F 335 -24.79 -25.36 -56.98
N ALA F 336 -26.06 -25.57 -57.34
CA ALA F 336 -26.43 -26.44 -58.45
C ALA F 336 -27.49 -25.74 -59.29
N ILE F 337 -27.38 -25.88 -60.61
CA ILE F 337 -28.28 -25.24 -61.56
C ILE F 337 -29.08 -26.32 -62.29
N ILE F 338 -30.38 -26.09 -62.42
CA ILE F 338 -31.28 -27.03 -63.06
C ILE F 338 -32.14 -26.29 -64.07
N LYS F 339 -32.20 -26.80 -65.30
CA LYS F 339 -33.10 -26.31 -66.33
C LYS F 339 -34.35 -27.19 -66.35
N TYR F 340 -35.51 -26.57 -66.54
CA TYR F 340 -36.78 -27.27 -66.49
C TYR F 340 -37.67 -26.86 -67.66
N ALA F 341 -38.79 -27.56 -67.79
CA ALA F 341 -39.80 -27.27 -68.81
C ALA F 341 -41.16 -27.55 -68.18
N ALA F 342 -41.80 -26.51 -67.65
CA ALA F 342 -43.04 -26.67 -66.91
C ALA F 342 -44.23 -26.71 -67.85
N SER F 343 -45.37 -27.13 -67.29
CA SER F 343 -46.64 -27.14 -68.02
C SER F 343 -47.42 -25.85 -67.84
N LYS F 344 -47.32 -25.22 -66.67
CA LYS F 344 -48.01 -23.96 -66.40
C LYS F 344 -47.29 -23.29 -65.23
N LYS F 345 -47.66 -22.02 -65.00
CA LYS F 345 -47.05 -21.25 -63.92
C LYS F 345 -47.65 -21.64 -62.58
N GLY F 346 -46.80 -21.92 -61.61
CA GLY F 346 -47.27 -22.30 -60.30
C GLY F 346 -46.12 -22.65 -59.38
N LYS F 347 -46.46 -22.93 -58.13
CA LYS F 347 -45.48 -23.30 -57.13
C LYS F 347 -45.28 -24.81 -57.12
N CYS F 348 -44.03 -25.22 -56.95
CA CYS F 348 -43.68 -26.62 -56.84
C CYS F 348 -42.45 -26.82 -55.94
N ALA F 349 -42.51 -27.89 -55.13
CA ALA F 349 -41.53 -28.13 -54.10
C ALA F 349 -40.20 -28.62 -54.68
N VAL F 350 -39.14 -28.40 -53.92
CA VAL F 350 -37.80 -28.88 -54.22
C VAL F 350 -37.25 -29.51 -52.95
N HIS F 351 -36.60 -30.67 -53.09
CA HIS F 351 -36.16 -31.42 -51.92
C HIS F 351 -34.98 -32.30 -52.31
N SER F 352 -34.19 -32.65 -51.30
CA SER F 352 -33.04 -33.54 -51.46
C SER F 352 -33.42 -34.95 -51.01
N MET F 353 -33.40 -35.89 -51.94
CA MET F 353 -33.79 -37.26 -51.63
C MET F 353 -32.66 -38.06 -50.98
N THR F 354 -31.45 -37.52 -50.91
CA THR F 354 -30.34 -38.16 -50.21
C THR F 354 -30.22 -37.53 -48.83
N ASN F 355 -30.25 -38.38 -47.79
CA ASN F 355 -30.28 -37.88 -46.42
C ASN F 355 -28.95 -37.30 -45.96
N ALA F 356 -27.87 -37.58 -46.66
CA ALA F 356 -26.56 -37.04 -46.29
C ALA F 356 -26.32 -35.63 -46.83
N VAL F 357 -27.23 -35.11 -47.65
CA VAL F 357 -27.13 -33.77 -48.20
C VAL F 357 -28.45 -33.05 -47.95
N THR F 358 -28.38 -31.74 -47.73
CA THR F 358 -29.56 -30.93 -47.47
C THR F 358 -29.60 -29.75 -48.44
N ILE F 359 -30.81 -29.32 -48.77
CA ILE F 359 -31.05 -28.18 -49.64
C ILE F 359 -31.78 -27.11 -48.84
N ARG F 360 -31.39 -25.85 -49.04
CA ARG F 360 -32.02 -24.75 -48.33
C ARG F 360 -33.45 -24.53 -48.78
N GLU F 361 -33.67 -24.49 -50.08
CA GLU F 361 -34.98 -24.19 -50.63
C GLU F 361 -35.96 -25.32 -50.38
N ALA F 362 -37.25 -24.98 -50.28
CA ALA F 362 -38.32 -25.94 -50.12
C ALA F 362 -39.32 -25.94 -51.26
N GLU F 363 -39.45 -24.84 -51.99
CA GLU F 363 -40.31 -24.77 -53.17
C GLU F 363 -39.89 -23.55 -53.98
N ILE F 364 -40.10 -23.62 -55.30
CA ILE F 364 -39.73 -22.55 -56.21
C ILE F 364 -40.86 -22.31 -57.20
N GLU F 365 -40.85 -21.11 -57.78
CA GLU F 365 -41.83 -20.70 -58.77
C GLU F 365 -41.36 -21.11 -60.16
N VAL F 366 -42.25 -21.75 -60.92
CA VAL F 366 -41.93 -22.26 -62.25
C VAL F 366 -42.94 -21.72 -63.25
N GLU F 367 -42.48 -21.54 -64.50
CA GLU F 367 -43.34 -21.14 -65.60
C GLU F 367 -42.61 -21.39 -66.91
N GLY F 368 -43.25 -22.14 -67.80
CA GLY F 368 -42.71 -22.42 -69.11
C GLY F 368 -41.34 -23.08 -69.03
N ASN F 369 -40.53 -22.84 -70.06
CA ASN F 369 -39.15 -23.32 -70.11
C ASN F 369 -38.24 -22.25 -69.51
N SER F 370 -37.50 -22.63 -68.48
CA SER F 370 -36.62 -21.69 -67.79
C SER F 370 -35.54 -22.49 -67.06
N GLN F 371 -34.82 -21.82 -66.16
CA GLN F 371 -33.75 -22.44 -65.39
C GLN F 371 -33.78 -21.87 -63.98
N LEU F 372 -33.02 -22.50 -63.08
CA LEU F 372 -33.09 -22.15 -61.66
C LEU F 372 -31.76 -22.46 -60.99
N GLN F 373 -31.60 -21.95 -59.77
CA GLN F 373 -30.41 -22.17 -58.95
C GLN F 373 -30.85 -22.46 -57.53
N ILE F 374 -30.22 -23.44 -56.89
CA ILE F 374 -30.50 -23.79 -55.51
C ILE F 374 -29.18 -23.95 -54.76
N SER F 375 -29.29 -23.99 -53.43
CA SER F 375 -28.14 -24.11 -52.55
C SER F 375 -28.23 -25.42 -51.77
N PHE F 376 -27.08 -26.03 -51.50
CA PHE F 376 -27.05 -27.28 -50.76
C PHE F 376 -25.80 -27.35 -49.89
N SER F 377 -25.91 -28.09 -48.79
CA SER F 377 -24.82 -28.35 -47.87
C SER F 377 -24.53 -29.84 -47.83
N THR F 378 -23.25 -30.20 -47.87
CA THR F 378 -22.84 -31.59 -47.84
C THR F 378 -21.52 -31.71 -47.09
N ALA F 379 -21.16 -32.94 -46.74
CA ALA F 379 -19.98 -33.22 -45.93
C ALA F 379 -18.90 -33.97 -46.70
N LEU F 380 -19.06 -34.16 -48.00
CA LEU F 380 -18.10 -34.89 -48.81
C LEU F 380 -17.56 -34.02 -49.92
N ALA F 381 -16.39 -34.40 -50.43
CA ALA F 381 -15.79 -33.72 -51.57
C ALA F 381 -16.22 -34.30 -52.91
N SER F 382 -16.75 -35.52 -52.91
CA SER F 382 -17.28 -36.17 -54.11
C SER F 382 -18.73 -36.57 -53.80
N ALA F 383 -19.68 -35.82 -54.34
CA ALA F 383 -21.08 -35.96 -53.98
C ALA F 383 -21.90 -36.43 -55.16
N GLU F 384 -22.73 -37.45 -54.93
CA GLU F 384 -23.75 -37.87 -55.88
C GLU F 384 -25.08 -37.90 -55.14
N PHE F 385 -26.01 -37.04 -55.54
CA PHE F 385 -27.26 -36.84 -54.83
C PHE F 385 -28.39 -36.67 -55.83
N ARG F 386 -29.62 -36.90 -55.36
CA ARG F 386 -30.80 -36.93 -56.20
C ARG F 386 -31.77 -35.85 -55.74
N VAL F 387 -32.15 -34.98 -56.67
CA VAL F 387 -33.00 -33.82 -56.39
C VAL F 387 -34.36 -34.05 -57.04
N GLN F 388 -35.42 -33.87 -56.26
CA GLN F 388 -36.79 -34.06 -56.73
C GLN F 388 -37.47 -32.70 -56.90
N VAL F 389 -38.23 -32.56 -57.98
CA VAL F 389 -38.98 -31.32 -58.25
C VAL F 389 -40.46 -31.68 -58.39
N CYS F 390 -41.17 -31.64 -57.27
CA CYS F 390 -42.63 -31.63 -57.15
C CYS F 390 -43.31 -32.94 -57.52
N SER F 391 -42.72 -33.75 -58.41
CA SER F 391 -42.98 -35.19 -58.43
C SER F 391 -41.83 -35.93 -59.12
N THR F 392 -40.84 -35.18 -59.61
CA THR F 392 -39.93 -35.67 -60.63
C THR F 392 -38.50 -35.43 -60.18
N GLN F 393 -37.70 -36.48 -60.19
CA GLN F 393 -36.34 -36.44 -59.67
C GLN F 393 -35.33 -36.33 -60.80
N VAL F 394 -34.11 -35.91 -60.42
CA VAL F 394 -32.99 -35.81 -61.34
C VAL F 394 -31.73 -36.14 -60.56
N HIS F 395 -30.58 -36.21 -61.23
CA HIS F 395 -29.33 -36.61 -60.61
C HIS F 395 -28.26 -35.54 -60.80
N CYS F 396 -27.44 -35.35 -59.77
CA CYS F 396 -26.37 -34.36 -59.77
C CYS F 396 -25.10 -35.00 -59.22
N ALA F 397 -23.98 -34.78 -59.90
CA ALA F 397 -22.67 -35.20 -59.44
C ALA F 397 -21.78 -33.97 -59.30
N ALA F 398 -21.02 -33.90 -58.20
CA ALA F 398 -20.29 -32.70 -57.87
C ALA F 398 -18.92 -33.04 -57.28
N GLU F 399 -17.93 -32.22 -57.60
CA GLU F 399 -16.61 -32.26 -56.98
C GLU F 399 -16.50 -31.05 -56.05
N CYS F 400 -16.50 -31.31 -54.75
CA CYS F 400 -16.52 -30.25 -53.75
C CYS F 400 -15.11 -29.98 -53.23
N HIS F 401 -14.83 -28.69 -52.97
CA HIS F 401 -13.58 -28.16 -52.48
C HIS F 401 -13.62 -28.00 -50.97
N PRO F 402 -12.51 -28.26 -50.27
CA PRO F 402 -12.50 -28.13 -48.81
C PRO F 402 -12.57 -26.67 -48.40
N PRO F 403 -13.05 -26.39 -47.18
CA PRO F 403 -13.05 -25.02 -46.68
C PRO F 403 -11.64 -24.61 -46.24
N LYS F 404 -11.51 -23.34 -45.85
CA LYS F 404 -10.24 -22.81 -45.39
C LYS F 404 -10.10 -22.79 -43.88
N ASP F 405 -11.21 -22.78 -43.14
CA ASP F 405 -11.20 -22.89 -41.69
C ASP F 405 -11.85 -24.21 -41.29
N HIS F 406 -11.33 -24.81 -40.22
CA HIS F 406 -11.75 -26.13 -39.80
C HIS F 406 -12.71 -26.12 -38.61
N ILE F 407 -12.85 -24.99 -37.92
CA ILE F 407 -13.77 -24.85 -36.81
C ILE F 407 -14.69 -23.65 -37.10
N VAL F 408 -15.97 -23.80 -36.77
CA VAL F 408 -16.96 -22.77 -37.02
C VAL F 408 -17.96 -22.75 -35.87
N ASN F 409 -18.87 -21.78 -35.91
CA ASN F 409 -19.80 -21.52 -34.81
C ASN F 409 -21.25 -21.80 -35.17
N TYR F 410 -21.48 -22.89 -35.91
CA TYR F 410 -22.83 -23.38 -36.17
C TYR F 410 -22.72 -24.84 -36.63
N PRO F 411 -23.75 -25.66 -36.36
CA PRO F 411 -23.75 -27.10 -36.71
C PRO F 411 -23.39 -27.40 -38.16
N GLY G 10 14.46 3.17 47.05
CA GLY G 10 13.97 4.26 47.89
C GLY G 10 13.83 3.86 49.34
N SER G 11 14.07 4.84 50.23
CA SER G 11 13.98 4.63 51.68
C SER G 11 13.06 5.71 52.25
N SER G 12 11.76 5.46 52.19
CA SER G 12 10.74 6.33 52.77
C SER G 12 9.68 5.47 53.46
N VAL G 13 10.15 4.56 54.33
CA VAL G 13 9.33 3.53 54.96
C VAL G 13 7.98 4.07 55.42
N VAL G 14 6.91 3.35 55.09
CA VAL G 14 5.54 3.81 55.32
C VAL G 14 4.90 3.05 56.48
N SER G 15 4.99 1.72 56.47
CA SER G 15 4.28 0.91 57.47
C SER G 15 5.13 -0.32 57.77
N GLU G 16 5.77 -0.31 58.94
CA GLU G 16 6.43 -1.50 59.47
C GLU G 16 5.41 -2.32 60.25
N SER G 17 5.15 -3.54 59.80
CA SER G 17 4.12 -4.39 60.37
C SER G 17 4.77 -5.59 61.07
N ALA G 18 3.91 -6.44 61.63
CA ALA G 18 4.36 -7.65 62.32
C ALA G 18 3.29 -8.72 62.14
N VAL G 19 3.62 -9.79 61.42
CA VAL G 19 2.68 -10.86 61.14
C VAL G 19 3.26 -12.17 61.66
N SER G 20 2.37 -13.06 62.10
CA SER G 20 2.76 -14.34 62.70
C SER G 20 1.73 -15.39 62.29
N TRP G 21 2.10 -16.23 61.33
CA TRP G 21 1.22 -17.27 60.79
C TRP G 21 1.69 -18.64 61.24
N GLU G 22 0.80 -19.62 61.06
CA GLU G 22 1.07 -21.00 61.44
C GLU G 22 2.08 -21.63 60.47
N ALA G 23 2.32 -22.92 60.66
CA ALA G 23 3.16 -23.70 59.75
C ALA G 23 2.26 -24.28 58.66
N GLY G 24 2.33 -23.71 57.46
CA GLY G 24 1.55 -24.21 56.34
C GLY G 24 0.19 -23.57 56.20
N ALA G 25 0.13 -22.24 56.33
CA ALA G 25 -1.09 -21.48 56.14
C ALA G 25 -0.86 -20.42 55.06
N ARG G 26 -1.97 -19.91 54.52
CA ARG G 26 -1.86 -18.88 53.48
C ARG G 26 -1.40 -17.57 54.09
N ALA G 27 -0.09 -17.32 54.04
CA ALA G 27 0.46 -16.07 54.52
C ALA G 27 0.25 -14.98 53.47
N VAL G 28 -0.28 -13.84 53.90
CA VAL G 28 -0.57 -12.72 53.02
C VAL G 28 0.06 -11.47 53.62
N LEU G 29 0.81 -10.74 52.79
CA LEU G 29 1.46 -9.49 53.20
C LEU G 29 0.78 -8.35 52.44
N ARG G 30 -0.09 -7.61 53.11
CA ARG G 30 -0.91 -6.60 52.45
C ARG G 30 -0.05 -5.41 52.03
N CYS G 31 0.32 -5.36 50.76
CA CYS G 31 0.98 -4.21 50.15
C CYS G 31 -0.02 -3.60 49.16
N GLN G 32 -0.80 -2.63 49.65
CA GLN G 32 -1.87 -2.03 48.88
C GLN G 32 -1.64 -0.53 48.78
N SER G 33 -1.60 -0.01 47.56
CA SER G 33 -1.37 1.41 47.34
C SER G 33 -2.10 1.90 46.11
N PRO G 34 -3.14 2.74 46.26
CA PRO G 34 -3.89 3.20 45.08
C PRO G 34 -3.16 4.24 44.25
N ARG G 35 -1.94 4.62 44.62
CA ARG G 35 -1.14 5.53 43.82
C ARG G 35 -0.41 4.83 42.68
N MET G 36 -0.54 3.51 42.56
CA MET G 36 0.13 2.73 41.54
C MET G 36 -0.83 2.16 40.50
N VAL G 37 -2.09 2.61 40.53
CA VAL G 37 -3.09 2.08 39.60
C VAL G 37 -2.66 2.36 38.17
N TRP G 38 -2.75 1.34 37.31
CA TRP G 38 -2.35 1.48 35.92
C TRP G 38 -3.14 0.49 35.06
N THR G 39 -3.98 1.00 34.17
CA THR G 39 -4.85 0.16 33.35
C THR G 39 -4.55 0.27 31.87
N GLN G 40 -4.62 1.46 31.29
CA GLN G 40 -4.44 1.71 29.87
C GLN G 40 -4.32 3.21 29.66
N ASP G 41 -3.50 3.60 28.69
CA ASP G 41 -3.08 4.98 28.56
C ASP G 41 -4.26 5.93 28.41
N ARG G 42 -4.24 7.02 29.19
CA ARG G 42 -5.22 8.09 29.05
C ARG G 42 -4.86 9.08 27.95
N LEU G 43 -3.77 8.81 27.21
CA LEU G 43 -3.44 9.49 25.95
C LEU G 43 -3.39 11.01 26.10
N HIS G 44 -2.60 11.48 27.07
CA HIS G 44 -2.12 12.86 27.14
C HIS G 44 -3.25 13.89 27.14
N ASP G 45 -4.50 13.48 27.38
CA ASP G 45 -5.60 14.43 27.41
C ASP G 45 -6.21 14.54 28.80
N ARG G 46 -6.68 13.43 29.36
CA ARG G 46 -7.22 13.40 30.71
C ARG G 46 -6.13 13.19 31.74
N GLN G 47 -4.87 13.24 31.31
CA GLN G 47 -3.74 13.12 32.24
C GLN G 47 -3.73 14.26 33.24
N ARG G 48 -3.80 15.50 32.75
CA ARG G 48 -3.84 16.68 33.60
C ARG G 48 -5.01 17.56 33.17
N VAL G 49 -5.85 17.94 34.14
CA VAL G 49 -6.98 18.83 33.91
C VAL G 49 -6.87 20.00 34.87
N LEU G 50 -7.57 21.08 34.52
CA LEU G 50 -7.59 22.31 35.30
C LEU G 50 -8.97 22.93 35.17
N HIS G 51 -9.59 23.24 36.30
CA HIS G 51 -10.95 23.78 36.27
C HIS G 51 -11.16 24.75 37.43
N TRP G 52 -11.98 25.77 37.18
CA TRP G 52 -12.32 26.80 38.15
C TRP G 52 -13.76 26.63 38.62
N ASP G 53 -14.00 26.95 39.90
CA ASP G 53 -15.31 26.86 40.51
C ASP G 53 -15.66 28.17 41.20
N LEU G 54 -16.93 28.30 41.58
CA LEU G 54 -17.47 29.57 42.06
C LEU G 54 -18.42 29.32 43.23
N ARG G 55 -18.59 30.35 44.06
CA ARG G 55 -19.58 30.33 45.13
C ARG G 55 -20.13 31.73 45.33
N GLY G 56 -21.45 31.84 45.53
CA GLY G 56 -22.13 33.11 45.62
C GLY G 56 -21.93 33.86 46.93
N PRO G 57 -22.48 33.32 48.03
CA PRO G 57 -23.38 32.16 48.08
C PRO G 57 -24.84 32.56 47.86
N GLY G 60 -22.81 26.86 49.61
CA GLY G 60 -22.56 26.80 48.18
C GLY G 60 -23.76 27.21 47.35
N PRO G 61 -24.07 26.45 46.29
CA PRO G 61 -23.26 25.30 45.86
C PRO G 61 -22.18 25.68 44.85
N ALA G 62 -21.10 24.91 44.80
CA ALA G 62 -19.98 25.19 43.91
C ALA G 62 -20.29 24.70 42.50
N ARG G 63 -20.24 25.62 41.53
CA ARG G 63 -20.49 25.28 40.14
C ARG G 63 -19.24 25.54 39.30
N ARG G 64 -19.11 24.75 38.23
CA ARG G 64 -17.92 24.76 37.39
C ARG G 64 -18.04 25.83 36.32
N LEU G 65 -16.99 26.64 36.19
CA LEU G 65 -17.00 27.73 35.22
C LEU G 65 -16.40 27.32 33.88
N LEU G 66 -15.18 26.77 33.90
CA LEU G 66 -14.53 26.33 32.68
C LEU G 66 -13.39 25.39 33.07
N ASP G 67 -13.01 24.53 32.12
CA ASP G 67 -11.92 23.59 32.34
C ASP G 67 -11.05 23.51 31.10
N LEU G 68 -9.79 23.12 31.31
CA LEU G 68 -8.80 23.06 30.24
C LEU G 68 -7.93 21.82 30.42
N TYR G 69 -7.81 21.02 29.38
CA TYR G 69 -7.00 19.82 29.40
C TYR G 69 -5.57 20.15 28.98
N SER G 70 -4.71 19.13 29.03
CA SER G 70 -3.29 19.32 28.76
C SER G 70 -2.99 19.60 27.29
N ALA G 71 -4.00 19.60 26.41
CA ALA G 71 -3.74 19.69 24.98
C ALA G 71 -4.37 20.91 24.32
N GLY G 72 -5.68 21.10 24.45
CA GLY G 72 -6.42 22.00 23.59
C GLY G 72 -6.86 23.28 24.28
N GLU G 73 -7.83 23.95 23.65
CA GLU G 73 -8.33 25.23 24.12
C GLU G 73 -9.31 24.99 25.27
N GLN G 74 -10.01 26.04 25.68
CA GLN G 74 -10.90 25.98 26.84
C GLN G 74 -12.29 25.51 26.44
N ARG G 75 -13.08 25.16 27.45
CA ARG G 75 -14.47 24.72 27.28
C ARG G 75 -15.31 25.52 28.27
N VAL G 76 -15.81 26.68 27.83
CA VAL G 76 -16.63 27.53 28.69
C VAL G 76 -18.02 26.89 28.80
N TYR G 77 -18.36 26.42 30.01
CA TYR G 77 -19.55 25.58 30.18
C TYR G 77 -20.83 26.39 29.95
N GLU G 78 -20.95 27.54 30.59
CA GLU G 78 -22.14 28.37 30.42
C GLU G 78 -22.02 29.18 29.15
N ALA G 79 -23.10 29.22 28.36
CA ALA G 79 -23.05 29.87 27.05
C ALA G 79 -22.83 31.37 27.18
N ARG G 80 -23.56 32.02 28.09
CA ARG G 80 -23.42 33.46 28.27
C ARG G 80 -22.01 33.86 28.68
N ASP G 81 -21.26 32.95 29.30
CA ASP G 81 -19.90 33.24 29.75
C ASP G 81 -18.86 33.07 28.65
N ARG G 82 -19.25 32.60 27.47
CA ARG G 82 -18.30 32.44 26.38
C ARG G 82 -17.78 33.79 25.93
N GLY G 83 -16.49 33.83 25.61
CA GLY G 83 -15.88 35.08 25.18
C GLY G 83 -15.78 36.14 26.25
N ARG G 84 -15.81 35.76 27.52
CA ARG G 84 -15.69 36.72 28.62
C ARG G 84 -14.59 36.27 29.57
N LEU G 85 -14.39 34.96 29.69
CA LEU G 85 -13.31 34.39 30.50
C LEU G 85 -12.23 33.87 29.57
N GLU G 86 -10.97 34.10 29.96
CA GLU G 86 -9.84 33.77 29.09
C GLU G 86 -8.62 33.51 29.94
N LEU G 87 -8.12 32.26 29.91
CA LEU G 87 -6.82 31.93 30.45
C LEU G 87 -5.89 31.59 29.30
N SER G 88 -4.62 31.95 29.47
CA SER G 88 -3.65 31.88 28.38
C SER G 88 -3.64 30.49 27.73
N ALA G 89 -4.02 30.44 26.46
CA ALA G 89 -4.06 29.16 25.74
C ALA G 89 -2.72 28.46 25.71
N SER G 90 -1.64 29.13 26.10
CA SER G 90 -0.33 28.53 26.29
C SER G 90 -0.08 28.17 27.76
N ALA G 91 -1.14 27.86 28.51
CA ALA G 91 -1.06 27.74 29.96
C ALA G 91 -0.10 26.64 30.42
N PHE G 92 -0.43 25.39 30.12
CA PHE G 92 0.36 24.28 30.63
C PHE G 92 1.80 24.32 30.13
N ASP G 93 2.02 24.88 28.94
CA ASP G 93 3.35 24.90 28.35
C ASP G 93 4.34 25.69 29.19
N ASP G 94 3.86 26.66 29.99
CA ASP G 94 4.74 27.43 30.86
C ASP G 94 4.17 27.66 32.25
N GLY G 95 2.99 27.16 32.57
CA GLY G 95 2.46 27.23 33.91
C GLY G 95 1.88 28.58 34.30
N ASN G 96 0.94 29.09 33.51
CA ASN G 96 0.23 30.33 33.81
C ASN G 96 -1.26 30.01 33.77
N PHE G 97 -1.78 29.52 34.89
CA PHE G 97 -3.17 29.12 35.01
C PHE G 97 -4.09 30.28 35.37
N SER G 98 -3.54 31.50 35.41
CA SER G 98 -4.30 32.65 35.88
C SER G 98 -5.49 32.92 34.99
N LEU G 99 -6.68 32.93 35.59
CA LEU G 99 -7.93 33.16 34.89
C LEU G 99 -8.22 34.66 34.82
N LEU G 100 -8.57 35.14 33.64
CA LEU G 100 -8.85 36.56 33.42
C LEU G 100 -10.31 36.76 33.06
N ILE G 101 -10.92 37.79 33.65
CA ILE G 101 -12.28 38.21 33.32
C ILE G 101 -12.19 39.59 32.68
N ARG G 102 -12.70 39.72 31.46
CA ARG G 102 -12.57 40.97 30.73
C ARG G 102 -13.50 42.04 31.29
N ALA G 103 -14.79 41.75 31.38
CA ALA G 103 -15.78 42.66 31.92
C ALA G 103 -16.41 42.02 33.14
N VAL G 104 -16.24 42.63 34.30
CA VAL G 104 -16.69 42.05 35.56
C VAL G 104 -18.13 42.51 35.79
N GLU G 105 -19.08 41.61 35.53
CA GLU G 105 -20.46 41.86 35.92
C GLU G 105 -20.61 41.67 37.43
N GLU G 106 -21.68 42.26 37.97
CA GLU G 106 -21.89 42.19 39.41
C GLU G 106 -22.12 40.76 39.90
N THR G 107 -22.61 39.89 39.03
CA THR G 107 -22.85 38.50 39.39
C THR G 107 -21.57 37.65 39.38
N ASP G 108 -20.41 38.27 39.18
CA ASP G 108 -19.15 37.55 39.14
C ASP G 108 -18.39 37.61 40.46
N ALA G 109 -18.98 38.23 41.49
CA ALA G 109 -18.34 38.25 42.80
C ALA G 109 -18.48 36.91 43.49
N GLY G 110 -17.55 36.63 44.40
CA GLY G 110 -17.62 35.41 45.17
C GLY G 110 -16.27 34.75 45.39
N LEU G 111 -16.27 33.43 45.57
CA LEU G 111 -15.08 32.66 45.88
C LEU G 111 -14.75 31.76 44.70
N TYR G 112 -13.61 32.01 44.06
CA TYR G 112 -13.14 31.20 42.95
C TYR G 112 -12.12 30.17 43.44
N THR G 113 -12.10 29.01 42.79
CA THR G 113 -11.26 27.89 43.20
C THR G 113 -10.48 27.40 42.00
N CYS G 114 -9.16 27.36 42.13
CA CYS G 114 -8.26 26.94 41.06
C CYS G 114 -7.83 25.50 41.31
N ASN G 115 -8.62 24.55 40.80
CA ASN G 115 -8.42 23.13 41.08
C ASN G 115 -7.64 22.46 39.97
N LEU G 116 -6.65 21.65 40.36
CA LEU G 116 -5.84 20.86 39.45
C LEU G 116 -6.03 19.38 39.72
N HIS G 117 -5.90 18.57 38.67
CA HIS G 117 -5.92 17.13 38.78
C HIS G 117 -4.83 16.55 37.91
N HIS G 118 -4.09 15.58 38.45
CA HIS G 118 -3.01 14.92 37.73
C HIS G 118 -3.28 13.44 37.63
N HIS G 119 -4.47 13.08 37.13
CA HIS G 119 -5.03 11.72 37.14
C HIS G 119 -3.99 10.62 36.97
N TYR G 120 -2.97 10.86 36.12
CA TYR G 120 -1.91 9.88 35.95
C TYR G 120 -1.19 9.60 37.27
N CYS G 121 -0.75 10.65 37.97
CA CYS G 121 0.02 10.48 39.19
C CYS G 121 -0.79 10.78 40.45
N HIS G 122 -2.11 10.95 40.35
CA HIS G 122 -2.99 11.09 41.50
C HIS G 122 -2.56 12.25 42.39
N LEU G 123 -2.59 13.45 41.82
CA LEU G 123 -2.21 14.67 42.53
C LEU G 123 -3.35 15.66 42.51
N TYR G 124 -3.33 16.57 43.50
CA TYR G 124 -4.34 17.60 43.63
C TYR G 124 -3.74 18.79 44.34
N GLU G 125 -3.89 19.97 43.75
CA GLU G 125 -3.40 21.21 44.35
C GLU G 125 -4.37 22.33 43.97
N SER G 126 -5.23 22.71 44.90
CA SER G 126 -6.16 23.81 44.68
C SER G 126 -5.73 25.02 45.49
N LEU G 127 -6.26 26.18 45.11
CA LEU G 127 -6.08 27.41 45.84
C LEU G 127 -7.27 28.31 45.59
N ALA G 128 -7.68 29.04 46.62
CA ALA G 128 -8.86 29.90 46.54
C ALA G 128 -8.45 31.35 46.39
N VAL G 129 -9.26 32.09 45.64
CA VAL G 129 -9.14 33.54 45.52
C VAL G 129 -10.54 34.13 45.54
N ARG G 130 -10.80 35.08 46.44
CA ARG G 130 -12.10 35.71 46.57
C ARG G 130 -12.15 37.01 45.77
N LEU G 131 -13.26 37.23 45.08
CA LEU G 131 -13.41 38.36 44.17
C LEU G 131 -14.52 39.26 44.69
N GLU G 132 -14.20 40.54 44.88
CA GLU G 132 -15.17 41.55 45.29
C GLU G 132 -15.38 42.53 44.15
N VAL G 133 -16.63 42.83 43.84
CA VAL G 133 -16.99 43.76 42.77
C VAL G 133 -17.46 45.04 43.44
N THR G 134 -16.56 46.01 43.55
CA THR G 134 -16.89 47.30 44.11
C THR G 134 -17.53 48.20 43.06
N ASP G 135 -18.58 48.91 43.45
CA ASP G 135 -19.29 49.79 42.52
C ASP G 135 -18.36 50.87 41.99
N GLY G 136 -17.81 51.68 42.89
CA GLY G 136 -16.76 52.61 42.52
C GLY G 136 -15.42 51.92 42.44
N PRO G 137 -14.39 52.70 42.18
CA PRO G 137 -13.02 52.17 42.16
C PRO G 137 -12.69 51.47 43.47
N PRO G 138 -11.68 50.58 43.46
CA PRO G 138 -11.51 49.63 44.57
C PRO G 138 -11.43 50.28 45.94
N ALA G 139 -11.91 49.53 46.94
CA ALA G 139 -11.62 49.79 48.34
C ALA G 139 -10.64 48.70 48.76
N THR G 140 -9.35 49.07 48.89
CA THR G 140 -8.20 48.23 49.26
C THR G 140 -8.23 46.88 48.52
N PRO G 141 -7.84 46.87 47.23
CA PRO G 141 -8.08 45.68 46.37
C PRO G 141 -7.50 44.35 46.86
N ALA G 142 -6.19 44.25 47.06
CA ALA G 142 -5.53 42.97 47.28
C ALA G 142 -4.83 42.94 48.64
N TYR G 143 -4.95 41.82 49.35
CA TYR G 143 -4.33 41.62 50.66
C TYR G 143 -4.44 40.14 51.03
N TRP G 144 -4.08 39.83 52.28
CA TRP G 144 -4.34 38.53 52.94
C TRP G 144 -3.57 37.38 52.28
N ASP G 145 -2.25 37.45 52.42
CA ASP G 145 -1.45 36.29 52.06
C ASP G 145 -1.55 35.17 53.09
N GLY G 146 -1.91 35.48 54.34
CA GLY G 146 -1.98 34.46 55.39
C GLY G 146 -3.03 33.39 55.15
N GLU G 147 -3.98 33.64 54.26
CA GLU G 147 -4.98 32.66 53.85
C GLU G 147 -5.36 33.01 52.41
N LYS G 148 -6.53 32.56 51.98
CA LYS G 148 -7.10 32.94 50.68
C LYS G 148 -6.87 34.41 50.38
N GLU G 149 -6.22 34.67 49.24
CA GLU G 149 -6.06 36.04 48.79
C GLU G 149 -7.36 36.53 48.16
N VAL G 150 -7.68 37.80 48.38
CA VAL G 150 -8.92 38.39 47.89
C VAL G 150 -8.59 39.66 47.13
N LEU G 151 -9.11 39.77 45.91
CA LEU G 151 -8.92 40.94 45.07
C LEU G 151 -10.26 41.65 44.88
N ALA G 152 -10.24 42.97 45.02
CA ALA G 152 -11.41 43.80 44.77
C ALA G 152 -11.16 44.63 43.52
N VAL G 153 -12.13 44.66 42.61
CA VAL G 153 -12.00 45.39 41.36
C VAL G 153 -13.33 46.05 41.03
N ALA G 154 -13.26 47.19 40.37
CA ALA G 154 -14.45 47.96 40.04
C ALA G 154 -15.25 47.27 38.94
N ARG G 155 -16.52 47.65 38.83
CA ARG G 155 -17.36 47.15 37.75
C ARG G 155 -16.83 47.65 36.41
N GLY G 156 -16.95 46.80 35.39
CA GLY G 156 -16.52 47.16 34.07
C GLY G 156 -15.05 46.84 33.82
N ALA G 157 -14.20 47.09 34.80
CA ALA G 157 -12.78 46.82 34.67
C ALA G 157 -12.51 45.32 34.61
N PRO G 158 -11.34 44.91 34.12
CA PRO G 158 -11.00 43.49 34.11
C PRO G 158 -10.41 43.03 35.43
N ALA G 159 -10.43 41.71 35.62
CA ALA G 159 -9.95 41.08 36.84
C ALA G 159 -9.02 39.93 36.50
N LEU G 160 -7.86 39.89 37.16
CA LEU G 160 -6.82 38.89 36.91
C LEU G 160 -6.61 38.09 38.19
N LEU G 161 -7.17 36.89 38.25
CA LEU G 161 -6.98 36.00 39.39
C LEU G 161 -5.73 35.16 39.16
N THR G 162 -4.74 35.33 40.04
CA THR G 162 -3.46 34.66 39.85
C THR G 162 -3.51 33.24 40.38
N CYS G 163 -3.12 32.29 39.53
CA CYS G 163 -2.97 30.89 39.92
C CYS G 163 -1.81 30.35 39.10
N VAL G 164 -0.66 30.12 39.75
CA VAL G 164 0.56 29.75 39.05
C VAL G 164 1.20 28.55 39.75
N ASN G 165 1.51 27.52 38.96
CA ASN G 165 2.30 26.39 39.43
C ASN G 165 3.27 26.03 38.31
N ARG G 166 4.55 26.33 38.53
CA ARG G 166 5.60 26.02 37.56
C ARG G 166 6.23 24.65 37.83
N GLY G 167 5.52 23.76 38.51
CA GLY G 167 6.09 22.48 38.87
C GLY G 167 6.35 21.61 37.65
N HIS G 168 7.39 20.79 37.76
CA HIS G 168 7.73 19.87 36.68
C HIS G 168 6.59 18.90 36.38
N VAL G 169 5.84 18.51 37.42
CA VAL G 169 4.78 17.52 37.24
C VAL G 169 3.64 18.10 36.41
N TRP G 170 3.48 19.42 36.41
CA TRP G 170 2.37 20.05 35.71
C TRP G 170 2.76 20.57 34.32
N THR G 171 3.83 21.35 34.24
CA THR G 171 4.25 21.94 32.97
C THR G 171 5.21 20.98 32.28
N ASP G 172 4.62 19.94 31.67
CA ASP G 172 5.42 18.92 30.98
C ASP G 172 4.56 18.32 29.87
N ARG G 173 4.77 18.79 28.64
CA ARG G 173 4.23 18.10 27.47
C ARG G 173 5.08 16.85 27.26
N HIS G 174 4.90 15.87 28.14
CA HIS G 174 5.96 14.91 28.44
C HIS G 174 5.38 13.54 28.80
N VAL G 175 6.15 12.76 29.57
CA VAL G 175 6.13 11.30 29.64
C VAL G 175 4.72 10.74 29.55
N GLU G 176 4.54 9.79 28.64
CA GLU G 176 3.23 9.23 28.32
C GLU G 176 2.93 8.05 29.24
N GLU G 177 2.76 8.38 30.52
CA GLU G 177 2.13 7.54 31.53
C GLU G 177 2.53 6.07 31.45
N ALA G 178 3.80 5.76 31.73
CA ALA G 178 4.27 4.38 31.71
C ALA G 178 5.44 4.23 32.69
N GLN G 179 5.94 2.99 32.81
CA GLN G 179 7.18 2.66 33.51
C GLN G 179 7.11 2.97 35.01
N GLN G 180 6.23 2.24 35.69
CA GLN G 180 6.33 2.04 37.13
C GLN G 180 7.17 0.79 37.40
N VAL G 181 7.42 0.49 38.68
CA VAL G 181 8.22 -0.68 39.05
C VAL G 181 7.98 -0.99 40.52
N VAL G 182 7.90 -2.28 40.84
CA VAL G 182 7.65 -2.75 42.20
C VAL G 182 8.56 -3.94 42.49
N HIS G 183 9.29 -3.88 43.60
CA HIS G 183 10.17 -4.95 44.04
C HIS G 183 9.64 -5.58 45.32
N TRP G 184 9.70 -6.90 45.40
CA TRP G 184 9.47 -7.64 46.63
C TRP G 184 10.79 -8.23 47.09
N ASP G 185 11.19 -7.91 48.31
CA ASP G 185 12.46 -8.37 48.87
C ASP G 185 12.23 -9.18 50.13
N ARG G 186 13.22 -10.01 50.45
CA ARG G 186 13.25 -10.75 51.71
C ARG G 186 14.64 -10.59 52.33
N GLN G 187 14.66 -10.55 53.66
CA GLN G 187 15.92 -10.46 54.41
C GLN G 187 15.92 -11.55 55.45
N PRO G 188 16.85 -12.50 55.39
CA PRO G 188 16.99 -13.45 56.49
C PRO G 188 17.36 -12.72 57.76
N PRO G 189 16.95 -13.23 58.93
CA PRO G 189 17.09 -12.45 60.17
C PRO G 189 18.54 -12.11 60.47
N GLY G 190 18.74 -10.93 61.05
CA GLY G 190 20.05 -10.46 61.42
C GLY G 190 20.88 -9.87 60.29
N VAL G 191 20.54 -10.18 59.04
CA VAL G 191 21.29 -9.64 57.90
C VAL G 191 21.19 -8.13 57.89
N PRO G 192 22.28 -7.38 57.64
CA PRO G 192 22.23 -5.92 57.78
C PRO G 192 21.38 -5.23 56.72
N HIS G 193 20.66 -6.01 55.91
CA HIS G 193 19.75 -5.52 54.87
C HIS G 193 20.53 -4.93 53.70
N ASP G 194 21.84 -4.80 53.85
CA ASP G 194 22.69 -4.33 52.76
C ASP G 194 22.91 -5.41 51.71
N ARG G 195 22.64 -6.67 52.05
CA ARG G 195 22.78 -7.80 51.13
C ARG G 195 21.49 -8.63 51.15
N ALA G 196 20.35 -7.95 51.05
CA ALA G 196 19.07 -8.63 51.05
C ALA G 196 18.87 -9.42 49.77
N ASP G 197 17.93 -10.37 49.82
CA ASP G 197 17.65 -11.26 48.71
C ASP G 197 16.45 -10.76 47.91
N ARG G 198 16.49 -11.01 46.60
CA ARG G 198 15.43 -10.59 45.70
C ARG G 198 14.39 -11.70 45.53
N LEU G 199 13.12 -11.30 45.52
CA LEU G 199 12.01 -12.25 45.47
C LEU G 199 11.16 -12.10 44.22
N LEU G 200 10.69 -10.90 43.89
CA LEU G 200 9.82 -10.70 42.76
C LEU G 200 10.02 -9.29 42.20
N ASP G 201 9.68 -9.14 40.92
CA ASP G 201 9.69 -7.85 40.26
C ASP G 201 8.39 -7.71 39.47
N LEU G 202 7.73 -6.56 39.62
CA LEU G 202 6.48 -6.27 38.95
C LEU G 202 6.61 -4.93 38.23
N TYR G 203 6.64 -4.97 36.90
CA TYR G 203 6.84 -3.77 36.11
C TYR G 203 5.52 -3.24 35.56
N ALA G 204 5.59 -2.10 34.87
CA ALA G 204 4.38 -1.42 34.42
C ALA G 204 3.68 -2.19 33.30
N SER G 205 4.40 -2.42 32.19
CA SER G 205 3.84 -3.19 31.09
C SER G 205 3.51 -4.63 31.50
N GLY G 206 4.08 -5.10 32.60
CA GLY G 206 3.89 -6.45 33.08
C GLY G 206 5.09 -7.28 32.72
N GLU G 207 6.01 -7.42 33.67
CA GLU G 207 7.24 -8.17 33.47
C GLU G 207 7.53 -9.01 34.70
N ARG G 208 6.51 -9.76 35.15
CA ARG G 208 6.63 -10.49 36.41
C ARG G 208 7.75 -11.50 36.30
N ARG G 209 8.88 -11.20 36.93
CA ARG G 209 10.12 -11.95 36.76
C ARG G 209 10.58 -12.46 38.13
N ALA G 210 10.38 -13.74 38.37
CA ALA G 210 10.76 -14.33 39.65
C ALA G 210 12.28 -14.45 39.76
N TYR G 211 12.76 -14.39 41.00
CA TYR G 211 14.19 -14.43 41.28
C TYR G 211 14.58 -15.54 42.26
N GLY G 212 13.67 -16.46 42.57
CA GLY G 212 13.92 -17.46 43.58
C GLY G 212 14.41 -18.78 43.03
N PRO G 213 14.79 -19.69 43.92
CA PRO G 213 15.08 -21.06 43.50
C PRO G 213 13.81 -21.78 43.08
N LEU G 214 14.01 -22.90 42.36
CA LEU G 214 12.92 -23.54 41.64
C LEU G 214 11.76 -23.91 42.56
N PHE G 215 12.02 -24.70 43.60
CA PHE G 215 10.95 -25.15 44.49
C PHE G 215 10.58 -24.09 45.54
N LEU G 216 11.00 -22.84 45.35
CA LEU G 216 10.51 -21.73 46.15
C LEU G 216 9.49 -20.88 45.40
N ARG G 217 9.73 -20.59 44.12
CA ARG G 217 8.78 -19.81 43.33
C ARG G 217 7.65 -20.73 42.83
N ASP G 218 7.11 -21.53 43.75
CA ASP G 218 5.92 -22.33 43.51
C ASP G 218 4.78 -21.95 44.44
N ARG G 219 5.10 -21.36 45.59
CA ARG G 219 4.10 -20.85 46.53
C ARG G 219 4.16 -19.34 46.70
N VAL G 220 5.31 -18.73 46.46
CA VAL G 220 5.49 -17.28 46.58
C VAL G 220 4.95 -16.66 45.29
N ALA G 221 3.71 -16.18 45.31
CA ALA G 221 3.07 -15.63 44.13
C ALA G 221 2.31 -14.38 44.50
N VAL G 222 2.73 -13.24 43.94
CA VAL G 222 1.91 -12.04 44.02
C VAL G 222 0.60 -12.30 43.30
N GLY G 223 -0.51 -11.90 43.93
CA GLY G 223 -1.81 -12.05 43.32
C GLY G 223 -1.84 -11.53 41.90
N ALA G 224 -2.30 -12.36 40.96
CA ALA G 224 -2.33 -11.94 39.57
C ALA G 224 -3.33 -10.81 39.37
N ASP G 225 -3.19 -10.12 38.23
CA ASP G 225 -4.03 -8.99 37.84
C ASP G 225 -3.86 -7.78 38.76
N ALA G 226 -2.87 -7.82 39.65
CA ALA G 226 -2.74 -6.81 40.70
C ALA G 226 -1.79 -5.68 40.28
N PHE G 227 -2.17 -5.01 39.21
CA PHE G 227 -1.62 -3.70 38.88
C PHE G 227 -2.71 -2.70 38.56
N GLU G 228 -3.95 -3.16 38.40
CA GLU G 228 -5.12 -2.30 38.29
C GLU G 228 -5.81 -2.12 39.64
N ARG G 229 -5.83 -3.17 40.47
CA ARG G 229 -6.33 -2.99 41.83
C ARG G 229 -5.34 -2.25 42.69
N GLY G 230 -4.05 -2.36 42.41
CA GLY G 230 -3.03 -1.83 43.29
C GLY G 230 -2.88 -2.66 44.56
N ASP G 231 -3.06 -3.97 44.46
CA ASP G 231 -3.05 -4.88 45.60
C ASP G 231 -1.90 -5.86 45.40
N PHE G 232 -0.69 -5.44 45.79
CA PHE G 232 0.52 -6.19 45.49
C PHE G 232 0.84 -7.22 46.57
N SER G 233 -0.18 -7.73 47.26
CA SER G 233 0.03 -8.62 48.40
C SER G 233 0.84 -9.85 48.00
N LEU G 234 1.83 -10.18 48.83
CA LEU G 234 2.62 -11.38 48.65
C LEU G 234 1.90 -12.56 49.31
N ARG G 235 1.71 -13.63 48.55
CA ARG G 235 1.03 -14.82 49.04
C ARG G 235 2.01 -15.99 49.09
N ILE G 236 1.89 -16.79 50.14
CA ILE G 236 2.72 -17.97 50.35
C ILE G 236 1.77 -19.12 50.71
N GLU G 237 1.59 -20.08 49.78
CA GLU G 237 0.53 -21.07 49.95
C GLU G 237 0.88 -22.08 51.05
N PRO G 238 1.92 -22.91 50.93
CA PRO G 238 2.45 -23.52 52.16
C PRO G 238 3.58 -22.71 52.73
N LEU G 239 3.55 -22.52 54.05
CA LEU G 239 4.51 -21.69 54.74
C LEU G 239 5.65 -22.57 55.25
N GLU G 240 6.88 -22.26 54.84
CA GLU G 240 8.06 -22.97 55.29
C GLU G 240 8.69 -22.23 56.47
N VAL G 241 9.19 -22.99 57.44
CA VAL G 241 9.71 -22.38 58.67
C VAL G 241 10.89 -21.47 58.35
N ALA G 242 11.72 -21.85 57.38
CA ALA G 242 12.89 -21.05 57.03
C ALA G 242 12.54 -19.72 56.37
N ASP G 243 11.26 -19.42 56.18
CA ASP G 243 10.84 -18.15 55.59
C ASP G 243 10.75 -17.02 56.60
N GLU G 244 11.08 -17.27 57.87
CA GLU G 244 11.04 -16.22 58.88
C GLU G 244 12.07 -15.15 58.56
N GLY G 245 11.59 -13.92 58.38
CA GLY G 245 12.48 -12.82 58.07
C GLY G 245 11.69 -11.54 57.87
N THR G 246 12.43 -10.47 57.58
CA THR G 246 11.85 -9.15 57.38
C THR G 246 11.66 -8.93 55.88
N TYR G 247 10.42 -9.10 55.43
CA TYR G 247 10.10 -8.89 54.02
C TYR G 247 9.86 -7.40 53.76
N SER G 248 9.95 -7.01 52.50
CA SER G 248 9.75 -5.60 52.14
C SER G 248 9.17 -5.50 50.75
N CYS G 249 8.03 -4.81 50.65
CA CYS G 249 7.38 -4.52 49.36
C CYS G 249 7.94 -3.21 48.81
N HIS G 250 9.18 -3.29 48.33
CA HIS G 250 9.90 -2.11 47.86
C HIS G 250 9.17 -1.48 46.67
N LEU G 251 8.60 -0.30 46.89
CA LEU G 251 7.84 0.41 45.88
C LEU G 251 8.68 1.50 45.22
N HIS G 252 8.42 1.72 43.94
CA HIS G 252 9.12 2.76 43.19
C HIS G 252 8.20 3.32 42.11
N HIS G 253 8.20 4.65 41.97
CA HIS G 253 7.59 5.29 40.82
C HIS G 253 8.26 6.66 40.68
N HIS G 254 9.23 6.76 39.78
CA HIS G 254 9.94 8.01 39.57
C HIS G 254 9.03 9.00 38.85
N TYR G 255 9.55 10.22 38.66
CA TYR G 255 8.85 11.32 38.00
C TYR G 255 7.68 11.80 38.86
N CYS G 256 7.38 11.09 39.94
CA CYS G 256 6.31 11.50 40.85
C CYS G 256 6.63 11.20 42.30
N GLY G 257 7.89 11.01 42.65
CA GLY G 257 8.32 10.86 44.03
C GLY G 257 7.60 9.78 44.82
N LEU G 258 7.76 8.52 44.39
CA LEU G 258 7.11 7.41 45.06
C LEU G 258 8.17 6.43 45.55
N HIS G 259 9.16 6.92 46.27
CA HIS G 259 10.13 5.99 46.82
C HIS G 259 9.64 5.46 48.16
N GLU G 260 8.41 4.94 48.18
CA GLU G 260 7.83 4.34 49.37
C GLU G 260 8.36 2.91 49.55
N ARG G 261 8.18 2.39 50.77
CA ARG G 261 8.68 1.06 51.10
C ARG G 261 7.89 0.50 52.27
N ARG G 262 7.12 -0.56 52.04
CA ARG G 262 6.37 -1.23 53.08
C ARG G 262 7.16 -2.44 53.57
N VAL G 263 7.26 -2.59 54.89
CA VAL G 263 8.03 -3.66 55.51
C VAL G 263 7.07 -4.63 56.17
N PHE G 264 7.56 -5.85 56.42
CA PHE G 264 6.80 -6.86 57.13
C PHE G 264 7.75 -7.71 57.94
N HIS G 265 7.36 -8.01 59.18
CA HIS G 265 8.10 -8.92 60.05
C HIS G 265 7.30 -10.20 60.19
N LEU G 266 7.80 -11.27 59.59
CA LEU G 266 7.08 -12.55 59.52
C LEU G 266 7.75 -13.55 60.47
N THR G 267 6.95 -14.10 61.37
CA THR G 267 7.38 -15.16 62.27
C THR G 267 6.42 -16.33 62.14
N VAL G 268 6.93 -17.54 62.33
CA VAL G 268 6.17 -18.76 62.06
C VAL G 268 6.24 -19.65 63.29
N ALA G 269 5.08 -20.21 63.67
CA ALA G 269 5.01 -21.11 64.80
C ALA G 269 3.85 -22.08 64.62
N GLY H 10 -50.28 4.76 -6.03
CA GLY H 10 -50.68 6.09 -6.47
C GLY H 10 -51.87 6.09 -7.41
N SER H 11 -52.86 6.94 -7.11
CA SER H 11 -54.08 7.04 -7.90
C SER H 11 -54.32 8.52 -8.21
N SER H 12 -53.70 8.99 -9.29
CA SER H 12 -53.89 10.35 -9.80
C SER H 12 -54.07 10.30 -11.31
N VAL H 13 -54.97 9.42 -11.77
CA VAL H 13 -55.14 9.15 -13.19
C VAL H 13 -55.36 10.43 -13.96
N VAL H 14 -54.65 10.59 -15.08
CA VAL H 14 -54.71 11.78 -15.91
C VAL H 14 -55.49 11.53 -17.19
N SER H 15 -55.02 10.60 -18.02
CA SER H 15 -55.62 10.32 -19.32
C SER H 15 -56.03 8.85 -19.37
N GLU H 16 -57.34 8.62 -19.49
CA GLU H 16 -57.88 7.27 -19.69
C GLU H 16 -58.27 7.13 -21.16
N SER H 17 -57.57 6.25 -21.87
CA SER H 17 -57.77 6.07 -23.31
C SER H 17 -58.36 4.70 -23.59
N ALA H 18 -58.81 4.53 -24.84
CA ALA H 18 -59.35 3.25 -25.30
C ALA H 18 -58.76 2.97 -26.68
N VAL H 19 -58.08 1.84 -26.81
CA VAL H 19 -57.40 1.48 -28.05
C VAL H 19 -57.96 0.14 -28.54
N SER H 20 -57.93 -0.05 -29.85
CA SER H 20 -58.38 -1.29 -30.47
C SER H 20 -57.55 -1.57 -31.71
N TRP H 21 -56.96 -2.76 -31.78
CA TRP H 21 -56.12 -3.15 -32.91
C TRP H 21 -56.58 -4.51 -33.42
N GLU H 22 -55.96 -4.95 -34.52
CA GLU H 22 -56.28 -6.23 -35.11
C GLU H 22 -55.70 -7.39 -34.30
N ALA H 23 -56.26 -8.58 -34.50
CA ALA H 23 -55.73 -9.77 -33.87
C ALA H 23 -54.39 -10.13 -34.50
N GLY H 24 -53.35 -10.18 -33.69
CA GLY H 24 -52.02 -10.42 -34.21
C GLY H 24 -51.35 -9.16 -34.76
N ALA H 25 -51.52 -8.03 -34.09
CA ALA H 25 -50.91 -6.77 -34.50
C ALA H 25 -50.09 -6.22 -33.34
N ARG H 26 -49.15 -5.34 -33.67
CA ARG H 26 -48.26 -4.75 -32.68
C ARG H 26 -49.04 -3.70 -31.89
N ALA H 27 -49.45 -4.05 -30.68
CA ALA H 27 -50.17 -3.13 -29.80
C ALA H 27 -49.17 -2.26 -29.06
N VAL H 28 -49.25 -0.95 -29.28
CA VAL H 28 -48.33 0.02 -28.67
C VAL H 28 -49.15 0.87 -27.70
N LEU H 29 -48.91 0.66 -26.39
CA LEU H 29 -49.56 1.43 -25.35
C LEU H 29 -48.62 2.56 -24.94
N ARG H 30 -48.79 3.72 -25.56
CA ARG H 30 -47.92 4.87 -25.32
C ARG H 30 -48.14 5.38 -23.91
N CYS H 31 -47.19 5.08 -23.02
CA CYS H 31 -47.16 5.60 -21.65
C CYS H 31 -45.89 6.44 -21.56
N GLN H 32 -46.00 7.71 -21.91
CA GLN H 32 -44.84 8.59 -22.04
C GLN H 32 -44.98 9.78 -21.10
N SER H 33 -43.92 10.03 -20.32
CA SER H 33 -43.86 11.14 -19.38
C SER H 33 -42.42 11.57 -19.18
N PRO H 34 -41.98 12.69 -19.76
CA PRO H 34 -40.58 13.11 -19.63
C PRO H 34 -40.19 13.57 -18.23
N ARG H 35 -41.09 13.51 -17.26
CA ARG H 35 -40.76 13.82 -15.87
C ARG H 35 -40.03 12.66 -15.19
N MET H 36 -39.88 11.52 -15.86
CA MET H 36 -39.15 10.37 -15.34
C MET H 36 -37.82 10.16 -16.04
N VAL H 37 -37.26 11.21 -16.65
CA VAL H 37 -35.99 11.09 -17.35
C VAL H 37 -34.88 10.90 -16.32
N TRP H 38 -34.00 9.93 -16.58
CA TRP H 38 -32.91 9.63 -15.67
C TRP H 38 -31.75 9.04 -16.46
N THR H 39 -30.62 9.75 -16.50
CA THR H 39 -29.47 9.35 -17.31
C THR H 39 -28.28 8.93 -16.46
N GLN H 40 -27.79 9.82 -15.60
CA GLN H 40 -26.65 9.55 -14.73
C GLN H 40 -26.54 10.68 -13.72
N ASP H 41 -25.89 10.40 -12.59
CA ASP H 41 -25.94 11.28 -11.43
C ASP H 41 -25.36 12.65 -11.75
N ARG H 42 -26.07 13.69 -11.31
CA ARG H 42 -25.56 15.06 -11.35
C ARG H 42 -24.62 15.37 -10.19
N LEU H 43 -24.51 14.46 -9.22
CA LEU H 43 -23.55 14.55 -8.11
C LEU H 43 -23.84 15.72 -7.19
N HIS H 44 -25.11 16.07 -7.01
CA HIS H 44 -25.55 17.05 -6.02
C HIS H 44 -24.97 18.44 -6.29
N ASP H 45 -24.24 18.60 -7.38
CA ASP H 45 -23.66 19.89 -7.75
C ASP H 45 -24.44 20.58 -8.86
N ARG H 46 -25.19 19.84 -9.67
CA ARG H 46 -26.15 20.41 -10.60
C ARG H 46 -27.57 19.95 -10.29
N GLN H 47 -27.77 19.32 -9.12
CA GLN H 47 -29.11 18.86 -8.75
C GLN H 47 -30.07 20.03 -8.56
N ARG H 48 -29.60 21.10 -7.94
CA ARG H 48 -30.40 22.29 -7.73
C ARG H 48 -29.55 23.52 -8.06
N VAL H 49 -30.15 24.50 -8.73
CA VAL H 49 -29.47 25.74 -9.09
C VAL H 49 -30.40 26.91 -8.81
N LEU H 50 -29.79 28.05 -8.50
CA LEU H 50 -30.51 29.30 -8.25
C LEU H 50 -29.75 30.43 -8.93
N HIS H 51 -30.49 31.37 -9.53
CA HIS H 51 -29.84 32.48 -10.21
C HIS H 51 -30.80 33.66 -10.29
N TRP H 52 -30.21 34.86 -10.35
CA TRP H 52 -30.94 36.11 -10.41
C TRP H 52 -30.72 36.77 -11.77
N ASP H 53 -31.79 37.37 -12.31
CA ASP H 53 -31.73 38.07 -13.57
C ASP H 53 -32.24 39.51 -13.39
N LEU H 54 -32.06 40.32 -14.43
CA LEU H 54 -32.35 41.74 -14.35
C LEU H 54 -33.08 42.18 -15.62
N ARG H 55 -33.85 43.26 -15.50
CA ARG H 55 -34.50 43.88 -16.64
C ARG H 55 -34.65 45.36 -16.38
N GLY H 56 -34.19 46.19 -17.32
CA GLY H 56 -34.14 47.61 -17.14
C GLY H 56 -35.48 48.32 -17.30
N PRO H 57 -36.05 48.30 -18.52
CA PRO H 57 -35.53 47.70 -19.76
C PRO H 57 -34.40 48.51 -20.39
N GLY H 60 -36.94 44.36 -22.18
CA GLY H 60 -35.75 43.56 -21.94
C GLY H 60 -34.47 44.33 -22.17
N PRO H 61 -33.36 43.61 -22.36
CA PRO H 61 -33.30 42.14 -22.32
C PRO H 61 -33.02 41.59 -20.92
N ALA H 62 -33.17 40.29 -20.75
CA ALA H 62 -32.90 39.64 -19.48
C ALA H 62 -31.44 39.20 -19.42
N ARG H 63 -30.73 39.63 -18.39
CA ARG H 63 -29.32 39.30 -18.22
C ARG H 63 -29.09 38.69 -16.85
N ARG H 64 -28.20 37.70 -16.80
CA ARG H 64 -27.91 36.98 -15.57
C ARG H 64 -26.90 37.75 -14.74
N LEU H 65 -27.10 37.76 -13.42
CA LEU H 65 -26.23 38.47 -12.49
C LEU H 65 -25.33 37.54 -11.69
N LEU H 66 -25.89 36.54 -11.03
CA LEU H 66 -25.11 35.62 -10.22
C LEU H 66 -25.94 34.37 -9.95
N ASP H 67 -25.24 33.28 -9.61
CA ASP H 67 -25.88 32.00 -9.41
C ASP H 67 -25.20 31.26 -8.25
N LEU H 68 -25.87 30.21 -7.78
CA LEU H 68 -25.36 29.40 -6.68
C LEU H 68 -25.88 27.98 -6.83
N TYR H 69 -24.98 27.02 -6.89
CA TYR H 69 -25.37 25.62 -6.96
C TYR H 69 -25.63 25.09 -5.55
N SER H 70 -26.16 23.87 -5.49
CA SER H 70 -26.55 23.26 -4.22
C SER H 70 -25.37 22.97 -3.29
N ALA H 71 -24.14 23.22 -3.72
CA ALA H 71 -22.96 22.87 -2.92
C ALA H 71 -22.14 24.07 -2.50
N GLY H 72 -21.67 24.89 -3.45
CA GLY H 72 -20.63 25.85 -3.18
C GLY H 72 -21.08 27.30 -3.22
N GLU H 73 -20.10 28.18 -2.99
CA GLU H 73 -20.31 29.62 -2.96
C GLU H 73 -20.71 30.13 -4.34
N GLN H 74 -21.18 31.38 -4.36
CA GLN H 74 -21.77 31.95 -5.56
C GLN H 74 -20.69 32.43 -6.53
N ARG H 75 -21.14 32.77 -7.74
CA ARG H 75 -20.27 33.31 -8.79
C ARG H 75 -20.90 34.57 -9.34
N VAL H 76 -20.20 35.69 -9.21
CA VAL H 76 -20.66 36.94 -9.79
C VAL H 76 -20.23 36.99 -11.25
N TYR H 77 -21.19 37.05 -12.16
CA TYR H 77 -20.87 37.00 -13.58
C TYR H 77 -20.24 38.30 -14.06
N GLU H 78 -20.58 39.42 -13.44
CA GLU H 78 -19.97 40.71 -13.76
C GLU H 78 -18.86 41.01 -12.76
N ALA H 79 -17.72 41.44 -13.27
CA ALA H 79 -16.55 41.67 -12.41
C ALA H 79 -16.75 42.89 -11.52
N ARG H 80 -17.15 44.03 -12.11
CA ARG H 80 -17.29 45.26 -11.34
C ARG H 80 -18.32 45.11 -10.22
N ASP H 81 -19.31 44.25 -10.41
CA ASP H 81 -20.35 44.02 -9.41
C ASP H 81 -19.91 43.07 -8.30
N ARG H 82 -18.63 42.66 -8.29
CA ARG H 82 -18.12 41.83 -7.20
C ARG H 82 -18.07 42.63 -5.90
N GLY H 83 -18.21 41.94 -4.78
CA GLY H 83 -18.23 42.61 -3.50
C GLY H 83 -19.44 43.49 -3.27
N ARG H 84 -20.45 43.44 -4.15
CA ARG H 84 -21.67 44.21 -3.98
C ARG H 84 -22.93 43.36 -3.84
N LEU H 85 -22.91 42.12 -4.32
CA LEU H 85 -24.00 41.17 -4.12
C LEU H 85 -23.52 40.04 -3.23
N GLU H 86 -24.45 39.50 -2.44
CA GLU H 86 -24.11 38.45 -1.49
C GLU H 86 -25.39 37.73 -1.07
N LEU H 87 -25.43 36.42 -1.27
CA LEU H 87 -26.50 35.59 -0.76
C LEU H 87 -26.07 34.93 0.54
N SER H 88 -27.05 34.46 1.30
CA SER H 88 -26.76 33.74 2.54
C SER H 88 -25.90 32.52 2.23
N ALA H 89 -24.72 32.46 2.85
CA ALA H 89 -23.81 31.33 2.65
C ALA H 89 -24.44 30.00 3.00
N SER H 90 -25.57 30.01 3.71
CA SER H 90 -26.31 28.80 4.02
C SER H 90 -27.68 28.86 3.36
N ALA H 91 -27.73 29.27 2.09
CA ALA H 91 -29.01 29.49 1.41
C ALA H 91 -29.86 28.23 1.36
N PHE H 92 -29.35 27.19 0.69
CA PHE H 92 -30.13 25.97 0.56
C PHE H 92 -30.29 25.23 1.89
N ASP H 93 -29.35 25.44 2.81
CA ASP H 93 -29.37 24.67 4.06
C ASP H 93 -30.61 24.97 4.88
N ASP H 94 -31.14 26.19 4.81
CA ASP H 94 -32.34 26.55 5.54
C ASP H 94 -33.40 27.26 4.69
N GLY H 95 -33.11 27.54 3.43
CA GLY H 95 -34.09 28.15 2.55
C GLY H 95 -34.15 29.67 2.62
N ASN H 96 -33.01 30.33 2.43
CA ASN H 96 -32.93 31.79 2.38
C ASN H 96 -32.22 32.16 1.08
N PHE H 97 -33.02 32.38 0.03
CA PHE H 97 -32.50 32.72 -1.29
C PHE H 97 -32.46 34.22 -1.53
N SER H 98 -32.71 35.02 -0.50
CA SER H 98 -32.83 36.47 -0.66
C SER H 98 -31.49 37.08 -1.08
N LEU H 99 -31.54 37.94 -2.09
CA LEU H 99 -30.35 38.61 -2.59
C LEU H 99 -30.16 39.96 -1.91
N LEU H 100 -28.92 40.25 -1.52
CA LEU H 100 -28.57 41.49 -0.86
C LEU H 100 -27.60 42.28 -1.72
N ILE H 101 -27.82 43.59 -1.80
CA ILE H 101 -26.94 44.51 -2.51
C ILE H 101 -26.35 45.47 -1.49
N ARG H 102 -25.02 45.64 -1.51
CA ARG H 102 -24.35 46.46 -0.50
C ARG H 102 -24.57 47.94 -0.75
N ALA H 103 -24.10 48.45 -1.89
CA ALA H 103 -24.23 49.86 -2.24
C ALA H 103 -25.09 49.95 -3.50
N VAL H 104 -26.32 50.45 -3.34
CA VAL H 104 -27.25 50.53 -4.47
C VAL H 104 -26.81 51.67 -5.38
N GLU H 105 -26.32 51.32 -6.56
CA GLU H 105 -26.06 52.31 -7.61
C GLU H 105 -27.31 52.50 -8.46
N GLU H 106 -27.38 53.64 -9.14
CA GLU H 106 -28.55 53.94 -9.97
C GLU H 106 -28.69 52.96 -11.12
N THR H 107 -27.61 52.31 -11.54
CA THR H 107 -27.65 51.33 -12.62
C THR H 107 -28.30 50.02 -12.20
N ASP H 108 -28.68 49.87 -10.93
CA ASP H 108 -29.22 48.61 -10.43
C ASP H 108 -30.73 48.55 -10.45
N ALA H 109 -31.42 49.66 -10.72
CA ALA H 109 -32.87 49.66 -10.74
C ALA H 109 -33.39 48.77 -11.87
N GLY H 110 -34.57 48.20 -11.65
CA GLY H 110 -35.19 47.36 -12.64
C GLY H 110 -36.01 46.27 -11.96
N LEU H 111 -36.17 45.15 -12.68
CA LEU H 111 -36.95 44.01 -12.22
C LEU H 111 -36.02 42.80 -12.09
N TYR H 112 -35.82 42.34 -10.86
CA TYR H 112 -35.01 41.16 -10.60
C TYR H 112 -35.90 39.92 -10.59
N THR H 113 -35.40 38.83 -11.14
CA THR H 113 -36.13 37.57 -11.21
C THR H 113 -35.35 36.51 -10.44
N CYS H 114 -36.00 35.90 -9.45
CA CYS H 114 -35.40 34.88 -8.59
C CYS H 114 -35.84 33.52 -9.12
N ASN H 115 -35.02 32.92 -9.97
CA ASN H 115 -35.36 31.67 -10.65
C ASN H 115 -34.71 30.48 -9.97
N LEU H 116 -35.46 29.38 -9.86
CA LEU H 116 -34.98 28.12 -9.34
C LEU H 116 -35.14 27.02 -10.38
N HIS H 117 -34.29 26.01 -10.30
CA HIS H 117 -34.41 24.81 -11.12
C HIS H 117 -34.07 23.59 -10.28
N HIS H 118 -34.81 22.52 -10.50
CA HIS H 118 -34.67 21.27 -9.75
C HIS H 118 -34.52 20.10 -10.74
N HIS H 119 -33.52 20.22 -11.61
CA HIS H 119 -33.27 19.30 -12.73
C HIS H 119 -33.54 17.84 -12.42
N TYR H 120 -33.29 17.42 -11.16
CA TYR H 120 -33.66 16.08 -10.73
C TYR H 120 -35.13 15.80 -11.03
N CYS H 121 -36.03 16.65 -10.54
CA CYS H 121 -37.46 16.45 -10.72
C CYS H 121 -38.11 17.50 -11.61
N HIS H 122 -37.30 18.28 -12.33
CA HIS H 122 -37.77 19.22 -13.34
C HIS H 122 -38.82 20.18 -12.76
N LEU H 123 -38.39 20.94 -11.74
CA LEU H 123 -39.26 21.90 -11.09
C LEU H 123 -38.85 23.32 -11.45
N TYR H 124 -39.78 24.25 -11.24
CA TYR H 124 -39.56 25.65 -11.58
C TYR H 124 -40.53 26.48 -10.75
N GLU H 125 -40.01 27.26 -9.80
CA GLU H 125 -40.83 28.16 -8.99
C GLU H 125 -40.07 29.47 -8.85
N SER H 126 -40.38 30.42 -9.72
CA SER H 126 -39.74 31.73 -9.72
C SER H 126 -40.73 32.82 -9.34
N LEU H 127 -40.19 33.98 -9.02
CA LEU H 127 -40.98 35.17 -8.76
C LEU H 127 -40.08 36.39 -8.96
N ALA H 128 -40.66 37.45 -9.53
CA ALA H 128 -39.91 38.66 -9.82
C ALA H 128 -40.14 39.71 -8.74
N VAL H 129 -39.13 40.54 -8.52
CA VAL H 129 -39.21 41.65 -7.57
C VAL H 129 -38.61 42.88 -8.24
N ARG H 130 -39.37 43.98 -8.25
CA ARG H 130 -38.93 45.22 -8.86
C ARG H 130 -38.29 46.13 -7.81
N LEU H 131 -37.30 46.91 -8.25
CA LEU H 131 -36.56 47.79 -7.35
C LEU H 131 -36.37 49.14 -8.03
N GLU H 132 -36.70 50.21 -7.31
CA GLU H 132 -36.50 51.57 -7.77
C GLU H 132 -35.48 52.27 -6.87
N VAL H 133 -34.65 53.10 -7.47
CA VAL H 133 -33.59 53.81 -6.76
C VAL H 133 -34.04 55.24 -6.54
N THR H 134 -34.40 55.58 -5.30
CA THR H 134 -34.79 56.92 -4.94
C THR H 134 -33.56 57.71 -4.48
N ASP H 135 -33.46 58.97 -4.93
CA ASP H 135 -32.33 59.80 -4.56
C ASP H 135 -32.32 60.12 -3.07
N GLY H 136 -33.46 60.04 -2.40
CA GLY H 136 -33.54 60.33 -0.99
C GLY H 136 -34.18 59.21 -0.19
N PRO H 137 -34.79 59.58 0.94
CA PRO H 137 -35.43 58.59 1.82
C PRO H 137 -36.57 57.86 1.12
N PRO H 138 -37.16 56.85 1.76
CA PRO H 138 -38.18 56.03 1.09
C PRO H 138 -39.25 56.81 0.35
N ALA H 139 -39.66 56.26 -0.79
CA ALA H 139 -40.54 56.90 -1.76
C ALA H 139 -41.60 55.90 -2.22
N THR H 140 -42.37 55.38 -1.23
CA THR H 140 -43.24 54.18 -1.14
C THR H 140 -42.39 52.90 -1.22
N PRO H 141 -41.64 52.60 -0.17
CA PRO H 141 -40.73 51.45 -0.18
C PRO H 141 -41.40 50.10 -0.41
N ALA H 142 -42.73 49.98 -0.33
CA ALA H 142 -43.38 48.68 -0.51
C ALA H 142 -44.86 48.87 -0.73
N TYR H 143 -45.40 48.17 -1.74
CA TYR H 143 -46.84 48.12 -2.03
C TYR H 143 -47.08 47.01 -3.05
N TRP H 144 -48.29 46.99 -3.62
CA TRP H 144 -48.70 46.06 -4.67
C TRP H 144 -48.67 44.61 -4.20
N ASP H 145 -49.56 44.32 -3.26
CA ASP H 145 -49.80 42.93 -2.86
C ASP H 145 -50.44 42.12 -3.99
N GLY H 146 -51.16 42.78 -4.89
CA GLY H 146 -51.93 42.05 -5.90
C GLY H 146 -51.08 41.30 -6.90
N GLU H 147 -49.89 41.79 -7.20
CA GLU H 147 -48.99 41.15 -8.15
C GLU H 147 -47.56 41.41 -7.70
N LYS H 148 -46.60 41.28 -8.62
CA LYS H 148 -45.18 41.40 -8.34
C LYS H 148 -44.88 42.56 -7.40
N GLU H 149 -44.07 42.29 -6.38
CA GLU H 149 -43.78 43.27 -5.34
C GLU H 149 -42.74 44.27 -5.82
N VAL H 150 -42.97 45.53 -5.49
CA VAL H 150 -42.10 46.63 -5.90
C VAL H 150 -41.59 47.34 -4.66
N LEU H 151 -40.28 47.62 -4.64
CA LEU H 151 -39.65 48.26 -3.51
C LEU H 151 -38.91 49.52 -3.96
N ALA H 152 -38.65 50.40 -3.00
CA ALA H 152 -37.90 51.62 -3.24
C ALA H 152 -36.77 51.70 -2.22
N VAL H 153 -35.54 51.84 -2.71
CA VAL H 153 -34.35 51.84 -1.87
C VAL H 153 -33.52 53.08 -2.20
N ALA H 154 -32.98 53.71 -1.17
CA ALA H 154 -32.17 54.91 -1.34
C ALA H 154 -30.79 54.55 -1.89
N ARG H 155 -30.18 55.52 -2.58
CA ARG H 155 -28.85 55.36 -3.13
C ARG H 155 -27.82 55.21 -2.01
N GLY H 156 -26.91 54.24 -2.18
CA GLY H 156 -25.89 53.94 -1.18
C GLY H 156 -26.36 53.01 -0.09
N ALA H 157 -27.64 53.08 0.28
CA ALA H 157 -28.19 52.19 1.29
C ALA H 157 -28.26 50.76 0.75
N PRO H 158 -28.31 49.77 1.63
CA PRO H 158 -28.47 48.38 1.17
C PRO H 158 -29.91 48.08 0.75
N ALA H 159 -30.04 47.02 -0.05
CA ALA H 159 -31.33 46.58 -0.56
C ALA H 159 -31.46 45.08 -0.37
N LEU H 160 -32.56 44.65 0.25
CA LEU H 160 -32.84 43.25 0.51
C LEU H 160 -34.05 42.84 -0.32
N LEU H 161 -33.82 42.05 -1.36
CA LEU H 161 -34.89 41.51 -2.19
C LEU H 161 -35.21 40.10 -1.72
N THR H 162 -36.44 39.90 -1.22
CA THR H 162 -36.79 38.68 -0.53
C THR H 162 -37.20 37.59 -1.53
N CYS H 163 -36.64 36.40 -1.35
CA CYS H 163 -37.00 35.23 -2.16
C CYS H 163 -36.77 34.01 -1.29
N VAL H 164 -37.85 33.35 -0.87
CA VAL H 164 -37.79 32.30 0.13
C VAL H 164 -38.65 31.12 -0.30
N ASN H 165 -38.14 29.90 -0.09
CA ASN H 165 -38.92 28.69 -0.23
C ASN H 165 -38.47 27.72 0.86
N ARG H 166 -39.44 27.14 1.59
CA ARG H 166 -39.15 26.22 2.68
C ARG H 166 -39.69 24.83 2.42
N GLY H 167 -39.98 24.49 1.16
CA GLY H 167 -40.46 23.16 0.85
C GLY H 167 -39.42 22.10 1.11
N HIS H 168 -39.91 20.85 1.26
CA HIS H 168 -39.01 19.74 1.50
C HIS H 168 -38.04 19.53 0.34
N VAL H 169 -38.47 19.85 -0.88
CA VAL H 169 -37.67 19.54 -2.06
C VAL H 169 -36.45 20.44 -2.16
N TRP H 170 -36.52 21.64 -1.58
CA TRP H 170 -35.45 22.63 -1.79
C TRP H 170 -34.40 22.59 -0.69
N THR H 171 -34.81 22.63 0.57
CA THR H 171 -33.87 22.61 1.69
C THR H 171 -33.62 21.16 2.09
N ASP H 172 -32.77 20.49 1.31
CA ASP H 172 -32.52 19.07 1.52
C ASP H 172 -31.11 18.74 1.05
N ARG H 173 -30.20 18.54 2.01
CA ARG H 173 -28.92 17.87 1.73
C ARG H 173 -29.19 16.37 1.83
N HIS H 174 -29.77 15.82 0.77
CA HIS H 174 -30.47 14.54 0.84
C HIS H 174 -30.31 13.82 -0.50
N VAL H 175 -31.24 12.91 -0.77
CA VAL H 175 -31.10 11.76 -1.66
C VAL H 175 -30.31 12.06 -2.92
N GLU H 176 -29.41 11.15 -3.28
CA GLU H 176 -28.46 11.34 -4.38
C GLU H 176 -29.07 10.81 -5.68
N GLU H 177 -29.98 11.60 -6.24
CA GLU H 177 -30.34 11.72 -7.65
C GLU H 177 -31.24 10.60 -8.20
N ALA H 178 -31.57 9.54 -7.45
CA ALA H 178 -32.28 8.44 -8.11
C ALA H 178 -33.00 7.54 -7.13
N GLN H 179 -34.33 7.48 -7.24
CA GLN H 179 -35.11 6.28 -6.91
C GLN H 179 -36.50 6.44 -7.53
N GLN H 180 -36.82 5.60 -8.50
CA GLN H 180 -38.12 5.61 -9.17
C GLN H 180 -38.66 4.18 -9.24
N VAL H 181 -39.91 4.07 -9.67
CA VAL H 181 -40.59 2.78 -9.76
C VAL H 181 -41.81 2.93 -10.67
N VAL H 182 -42.03 1.94 -11.53
CA VAL H 182 -43.12 1.95 -12.50
C VAL H 182 -43.70 0.55 -12.59
N HIS H 183 -45.03 0.45 -12.48
CA HIS H 183 -45.73 -0.83 -12.53
C HIS H 183 -46.63 -0.90 -13.76
N TRP H 184 -46.76 -2.12 -14.30
CA TRP H 184 -47.71 -2.43 -15.35
C TRP H 184 -48.66 -3.51 -14.84
N ASP H 185 -49.94 -3.18 -14.76
CA ASP H 185 -50.95 -4.09 -14.25
C ASP H 185 -51.98 -4.41 -15.32
N ARG H 186 -52.46 -5.64 -15.32
CA ARG H 186 -53.47 -6.11 -16.26
C ARG H 186 -54.76 -6.41 -15.51
N GLN H 187 -55.87 -5.91 -16.05
CA GLN H 187 -57.19 -6.11 -15.44
C GLN H 187 -58.18 -6.55 -16.51
N PRO H 188 -58.61 -7.80 -16.51
CA PRO H 188 -59.65 -8.22 -17.46
C PRO H 188 -60.98 -7.55 -17.14
N PRO H 189 -61.93 -7.54 -18.08
CA PRO H 189 -63.20 -6.84 -17.84
C PRO H 189 -63.94 -7.41 -16.63
N GLY H 190 -64.66 -6.51 -15.95
CA GLY H 190 -65.41 -6.87 -14.76
C GLY H 190 -64.60 -6.93 -13.48
N VAL H 191 -63.27 -6.93 -13.56
CA VAL H 191 -62.44 -7.00 -12.35
C VAL H 191 -62.47 -5.65 -11.63
N PRO H 192 -62.68 -5.63 -10.32
CA PRO H 192 -62.78 -4.34 -9.61
C PRO H 192 -61.44 -3.64 -9.37
N HIS H 193 -60.37 -4.17 -9.97
CA HIS H 193 -59.00 -3.64 -9.87
C HIS H 193 -58.43 -3.86 -8.46
N ASP H 194 -59.25 -4.38 -7.54
CA ASP H 194 -58.76 -4.61 -6.20
C ASP H 194 -57.77 -5.77 -6.15
N ARG H 195 -57.94 -6.76 -7.02
CA ARG H 195 -57.04 -7.90 -7.08
C ARG H 195 -56.41 -8.01 -8.47
N ALA H 196 -55.94 -6.88 -8.99
CA ALA H 196 -55.38 -6.83 -10.33
C ALA H 196 -54.17 -7.75 -10.44
N ASP H 197 -53.84 -8.09 -11.69
CA ASP H 197 -52.75 -9.02 -11.98
C ASP H 197 -51.44 -8.26 -12.15
N ARG H 198 -50.36 -8.83 -11.63
CA ARG H 198 -49.03 -8.23 -11.72
C ARG H 198 -48.34 -8.68 -13.00
N LEU H 199 -47.91 -7.72 -13.82
CA LEU H 199 -47.32 -8.01 -15.11
C LEU H 199 -45.86 -7.60 -15.19
N LEU H 200 -45.53 -6.34 -14.92
CA LEU H 200 -44.17 -5.85 -15.10
C LEU H 200 -43.81 -4.85 -14.01
N ASP H 201 -42.51 -4.79 -13.70
CA ASP H 201 -41.95 -3.78 -12.82
C ASP H 201 -40.76 -3.13 -13.53
N LEU H 202 -40.55 -1.84 -13.24
CA LEU H 202 -39.41 -1.09 -13.78
C LEU H 202 -38.88 -0.20 -12.67
N TYR H 203 -37.60 -0.36 -12.34
CA TYR H 203 -36.99 0.35 -11.23
C TYR H 203 -35.98 1.39 -11.74
N ALA H 204 -35.41 2.13 -10.79
CA ALA H 204 -34.47 3.20 -11.15
C ALA H 204 -33.17 2.62 -11.71
N SER H 205 -32.68 1.53 -11.12
CA SER H 205 -31.49 0.87 -11.63
C SER H 205 -31.82 -0.08 -12.78
N GLY H 206 -33.08 -0.46 -12.95
CA GLY H 206 -33.47 -1.32 -14.04
C GLY H 206 -33.67 -2.76 -13.62
N GLU H 207 -34.93 -3.17 -13.46
CA GLU H 207 -35.27 -4.55 -13.12
C GLU H 207 -36.53 -4.91 -13.89
N ARG H 208 -36.38 -5.56 -15.05
CA ARG H 208 -37.51 -5.99 -15.86
C ARG H 208 -38.10 -7.29 -15.29
N ARG H 209 -38.50 -7.22 -14.01
CA ARG H 209 -39.03 -8.37 -13.29
C ARG H 209 -40.46 -8.63 -13.76
N ALA H 210 -40.63 -9.63 -14.61
CA ALA H 210 -41.95 -9.99 -15.12
C ALA H 210 -42.56 -11.06 -14.22
N TYR H 211 -43.81 -10.83 -13.81
CA TYR H 211 -44.51 -11.73 -12.91
C TYR H 211 -45.45 -12.71 -13.60
N GLY H 212 -45.64 -12.56 -14.92
CA GLY H 212 -46.60 -13.37 -15.63
C GLY H 212 -46.09 -14.76 -15.93
N PRO H 213 -46.95 -15.57 -16.54
CA PRO H 213 -46.55 -16.93 -16.94
C PRO H 213 -45.53 -16.89 -18.07
N LEU H 214 -44.95 -18.06 -18.33
CA LEU H 214 -43.77 -18.14 -19.20
C LEU H 214 -44.09 -17.70 -20.62
N PHE H 215 -45.04 -18.37 -21.27
CA PHE H 215 -45.34 -18.03 -22.66
C PHE H 215 -46.10 -16.71 -22.80
N LEU H 216 -46.37 -16.00 -21.71
CA LEU H 216 -46.92 -14.66 -21.80
C LEU H 216 -45.83 -13.60 -21.92
N ARG H 217 -44.78 -13.71 -21.12
CA ARG H 217 -43.68 -12.75 -21.16
C ARG H 217 -42.71 -13.08 -22.29
N ASP H 218 -43.26 -13.28 -23.49
CA ASP H 218 -42.48 -13.39 -24.71
C ASP H 218 -42.79 -12.26 -25.69
N ARG H 219 -44.04 -11.81 -25.74
CA ARG H 219 -44.43 -10.64 -26.51
C ARG H 219 -44.62 -9.40 -25.65
N VAL H 220 -44.99 -9.57 -24.39
CA VAL H 220 -45.23 -8.47 -23.47
C VAL H 220 -43.87 -7.98 -22.98
N ALA H 221 -43.38 -6.88 -23.55
CA ALA H 221 -42.08 -6.35 -23.18
C ALA H 221 -42.04 -4.85 -23.46
N VAL H 222 -41.58 -4.08 -22.48
CA VAL H 222 -41.40 -2.65 -22.68
C VAL H 222 -40.21 -2.42 -23.61
N GLY H 223 -40.35 -1.46 -24.52
CA GLY H 223 -39.24 -1.05 -25.35
C GLY H 223 -38.08 -0.62 -24.48
N ALA H 224 -37.00 -1.41 -24.49
CA ALA H 224 -35.91 -1.22 -23.56
C ALA H 224 -35.20 0.11 -23.80
N ASP H 225 -34.26 0.42 -22.90
CA ASP H 225 -33.49 1.66 -22.86
C ASP H 225 -34.35 2.88 -22.57
N ALA H 226 -35.64 2.71 -22.33
CA ALA H 226 -36.57 3.83 -22.20
C ALA H 226 -36.76 4.26 -20.75
N PHE H 227 -35.65 4.48 -20.05
CA PHE H 227 -35.65 5.22 -18.81
C PHE H 227 -35.01 6.59 -18.98
N GLU H 228 -34.34 6.82 -20.11
CA GLU H 228 -33.72 8.08 -20.45
C GLU H 228 -34.47 8.83 -21.54
N ARG H 229 -35.29 8.14 -22.34
CA ARG H 229 -36.21 8.80 -23.26
C ARG H 229 -37.58 9.00 -22.64
N GLY H 230 -37.96 8.17 -21.67
CA GLY H 230 -39.26 8.27 -21.06
C GLY H 230 -40.39 7.67 -21.87
N ASP H 231 -40.08 6.76 -22.80
CA ASP H 231 -41.10 6.16 -23.66
C ASP H 231 -41.37 4.75 -23.12
N PHE H 232 -42.29 4.68 -22.15
CA PHE H 232 -42.56 3.45 -21.42
C PHE H 232 -43.57 2.57 -22.15
N SER H 233 -43.64 2.70 -23.48
CA SER H 233 -44.64 2.00 -24.28
C SER H 233 -44.56 0.49 -24.08
N LEU H 234 -45.70 -0.12 -23.75
CA LEU H 234 -45.80 -1.57 -23.65
C LEU H 234 -46.15 -2.14 -25.03
N ARG H 235 -45.35 -3.08 -25.50
CA ARG H 235 -45.50 -3.65 -26.82
C ARG H 235 -45.94 -5.10 -26.75
N ILE H 236 -46.76 -5.51 -27.73
CA ILE H 236 -47.31 -6.86 -27.83
C ILE H 236 -47.29 -7.24 -29.30
N GLU H 237 -46.42 -8.17 -29.69
CA GLU H 237 -46.28 -8.48 -31.12
C GLU H 237 -47.47 -9.31 -31.63
N PRO H 238 -47.74 -10.52 -31.12
CA PRO H 238 -49.02 -11.15 -31.46
C PRO H 238 -50.08 -10.83 -30.42
N LEU H 239 -51.28 -10.51 -30.90
CA LEU H 239 -52.39 -10.12 -30.02
C LEU H 239 -53.32 -11.31 -29.84
N GLU H 240 -53.29 -11.90 -28.65
CA GLU H 240 -54.29 -12.89 -28.26
C GLU H 240 -55.53 -12.17 -27.78
N VAL H 241 -56.71 -12.63 -28.24
CA VAL H 241 -57.95 -11.95 -27.90
C VAL H 241 -58.28 -12.09 -26.42
N ALA H 242 -57.71 -13.09 -25.74
CA ALA H 242 -57.93 -13.24 -24.31
C ALA H 242 -57.15 -12.23 -23.48
N ASP H 243 -56.43 -11.31 -24.11
CA ASP H 243 -55.65 -10.30 -23.42
C ASP H 243 -56.36 -8.96 -23.28
N GLU H 244 -57.59 -8.86 -23.79
CA GLU H 244 -58.33 -7.61 -23.71
C GLU H 244 -58.64 -7.26 -22.25
N GLY H 245 -58.63 -5.97 -21.95
CA GLY H 245 -58.93 -5.53 -20.60
C GLY H 245 -58.63 -4.05 -20.43
N THR H 246 -58.37 -3.67 -19.19
CA THR H 246 -58.08 -2.28 -18.81
C THR H 246 -56.67 -2.24 -18.23
N TYR H 247 -55.68 -2.06 -19.11
CA TYR H 247 -54.30 -1.98 -18.67
C TYR H 247 -54.04 -0.65 -17.98
N SER H 248 -53.16 -0.69 -16.97
CA SER H 248 -52.84 0.49 -16.17
C SER H 248 -51.32 0.66 -16.13
N CYS H 249 -50.85 1.83 -16.54
CA CYS H 249 -49.43 2.17 -16.46
C CYS H 249 -49.15 2.87 -15.14
N HIS H 250 -49.26 2.09 -14.06
CA HIS H 250 -49.10 2.62 -12.71
C HIS H 250 -47.71 3.22 -12.54
N LEU H 251 -47.67 4.51 -12.25
CA LEU H 251 -46.42 5.24 -12.02
C LEU H 251 -46.25 5.52 -10.53
N HIS H 252 -45.01 5.83 -10.15
CA HIS H 252 -44.70 6.19 -8.77
C HIS H 252 -43.33 6.84 -8.69
N HIS H 253 -43.25 8.00 -8.04
CA HIS H 253 -41.97 8.68 -7.81
C HIS H 253 -42.14 9.50 -6.54
N HIS H 254 -41.68 8.95 -5.41
CA HIS H 254 -41.77 9.65 -4.15
C HIS H 254 -40.82 10.84 -4.12
N TYR H 255 -40.95 11.66 -3.08
CA TYR H 255 -40.07 12.80 -2.83
C TYR H 255 -40.32 13.92 -3.84
N CYS H 256 -41.16 13.66 -4.84
CA CYS H 256 -41.48 14.69 -5.82
C CYS H 256 -42.95 14.66 -6.27
N GLY H 257 -43.82 13.95 -5.55
CA GLY H 257 -45.23 13.93 -5.85
C GLY H 257 -45.58 13.53 -7.28
N LEU H 258 -45.30 12.28 -7.63
CA LEU H 258 -45.60 11.74 -8.94
C LEU H 258 -46.33 10.41 -8.80
N HIS H 259 -47.43 10.42 -8.05
CA HIS H 259 -48.26 9.23 -7.95
C HIS H 259 -49.32 9.22 -9.05
N GLU H 260 -48.86 9.36 -10.30
CA GLU H 260 -49.75 9.38 -11.45
C GLU H 260 -50.15 7.96 -11.85
N ARG H 261 -50.99 7.86 -12.88
CA ARG H 261 -51.44 6.57 -13.39
C ARG H 261 -52.06 6.78 -14.76
N ARG H 262 -51.62 5.98 -15.73
CA ARG H 262 -52.16 6.00 -17.09
C ARG H 262 -52.94 4.70 -17.32
N VAL H 263 -54.19 4.84 -17.76
CA VAL H 263 -55.06 3.70 -17.98
C VAL H 263 -55.41 3.61 -19.46
N PHE H 264 -55.63 2.38 -19.93
CA PHE H 264 -55.94 2.14 -21.34
C PHE H 264 -56.91 0.98 -21.46
N HIS H 265 -57.93 1.15 -22.30
CA HIS H 265 -58.90 0.09 -22.60
C HIS H 265 -58.50 -0.54 -23.93
N LEU H 266 -57.92 -1.74 -23.86
CA LEU H 266 -57.45 -2.44 -25.05
C LEU H 266 -58.45 -3.51 -25.45
N THR H 267 -58.86 -3.47 -26.72
CA THR H 267 -59.79 -4.44 -27.28
C THR H 267 -59.27 -4.94 -28.62
N VAL H 268 -59.73 -6.12 -29.02
CA VAL H 268 -59.33 -6.74 -30.28
C VAL H 268 -60.58 -7.00 -31.11
N ALA H 269 -60.47 -6.78 -32.42
CA ALA H 269 -61.58 -7.02 -33.34
C ALA H 269 -61.18 -7.95 -34.47
N GLY I 10 27.87 26.88 -31.49
CA GLY I 10 27.86 28.19 -32.11
C GLY I 10 29.18 28.57 -32.75
N SER I 11 29.27 29.82 -33.22
CA SER I 11 30.48 30.34 -33.86
C SER I 11 30.83 31.67 -33.19
N SER I 12 31.54 31.59 -32.07
CA SER I 12 32.02 32.75 -31.33
C SER I 12 33.47 32.51 -30.89
N VAL I 13 34.31 32.10 -31.84
CA VAL I 13 35.69 31.68 -31.57
C VAL I 13 36.40 32.68 -30.68
N VAL I 14 36.93 32.19 -29.56
CA VAL I 14 37.57 33.03 -28.54
C VAL I 14 39.09 33.00 -28.68
N SER I 15 39.67 31.81 -28.78
CA SER I 15 41.11 31.65 -28.87
C SER I 15 41.45 30.46 -29.74
N GLU I 16 42.55 30.57 -30.47
CA GLU I 16 43.03 29.51 -31.36
C GLU I 16 44.44 29.11 -30.94
N SER I 17 44.69 27.81 -30.93
CA SER I 17 45.96 27.26 -30.46
C SER I 17 46.64 26.46 -31.57
N ALA I 18 47.87 26.04 -31.28
CA ALA I 18 48.64 25.23 -32.21
C ALA I 18 49.60 24.36 -31.41
N VAL I 19 49.44 23.04 -31.50
CA VAL I 19 50.20 22.10 -30.70
C VAL I 19 51.04 21.22 -31.63
N SER I 20 52.19 20.76 -31.11
CA SER I 20 53.09 19.90 -31.86
C SER I 20 53.59 18.80 -30.92
N TRP I 21 53.05 17.60 -31.08
CA TRP I 21 53.49 16.44 -30.31
C TRP I 21 54.16 15.43 -31.22
N GLU I 22 54.89 14.51 -30.59
CA GLU I 22 55.64 13.50 -31.31
C GLU I 22 54.72 12.39 -31.80
N ALA I 23 55.26 11.51 -32.65
CA ALA I 23 54.52 10.38 -33.19
C ALA I 23 54.41 9.30 -32.13
N GLY I 24 53.18 8.93 -31.77
CA GLY I 24 52.97 7.94 -30.73
C GLY I 24 53.09 8.47 -29.32
N ALA I 25 52.88 9.77 -29.12
CA ALA I 25 52.94 10.39 -27.80
C ALA I 25 51.55 10.83 -27.37
N ARG I 26 51.41 11.13 -26.08
CA ARG I 26 50.12 11.53 -25.52
C ARG I 26 49.79 12.95 -25.95
N ALA I 27 48.73 13.08 -26.75
CA ALA I 27 48.25 14.38 -27.19
C ALA I 27 47.00 14.76 -26.39
N VAL I 28 47.02 15.94 -25.80
CA VAL I 28 45.91 16.43 -24.98
C VAL I 28 45.57 17.84 -25.43
N LEU I 29 44.32 18.07 -25.83
CA LEU I 29 43.85 19.38 -26.26
C LEU I 29 43.02 19.97 -25.13
N ARG I 30 43.60 20.92 -24.40
CA ARG I 30 42.98 21.48 -23.21
C ARG I 30 41.79 22.36 -23.62
N CYS I 31 40.59 21.80 -23.51
CA CYS I 31 39.34 22.54 -23.68
C CYS I 31 38.65 22.56 -22.32
N GLN I 32 39.00 23.54 -21.49
CA GLN I 32 38.56 23.62 -20.11
C GLN I 32 37.74 24.89 -19.91
N SER I 33 36.52 24.72 -19.39
CA SER I 33 35.64 25.85 -19.14
C SER I 33 34.77 25.56 -17.92
N PRO I 34 34.93 26.34 -16.84
CA PRO I 34 34.12 26.09 -15.63
C PRO I 34 32.67 26.53 -15.73
N ARG I 35 32.29 27.22 -16.80
CA ARG I 35 30.89 27.62 -16.98
C ARG I 35 29.98 26.46 -17.39
N MET I 36 30.55 25.27 -17.61
CA MET I 36 29.77 24.10 -18.00
C MET I 36 29.64 23.07 -16.87
N VAL I 37 30.09 23.42 -15.67
CA VAL I 37 30.10 22.45 -14.56
C VAL I 37 28.67 22.11 -14.16
N TRP I 38 28.37 20.82 -14.15
CA TRP I 38 27.03 20.34 -13.79
C TRP I 38 27.16 19.01 -13.07
N THR I 39 26.74 18.96 -11.81
CA THR I 39 26.81 17.74 -11.01
C THR I 39 25.43 17.23 -10.61
N GLN I 40 24.63 18.06 -9.94
CA GLN I 40 23.36 17.62 -9.38
C GLN I 40 22.49 18.84 -9.11
N ASP I 41 21.17 18.65 -9.23
CA ASP I 41 20.24 19.75 -9.04
C ASP I 41 20.23 20.22 -7.59
N ARG I 42 20.34 21.53 -7.40
CA ARG I 42 20.05 22.13 -6.10
C ARG I 42 18.54 22.29 -5.88
N LEU I 43 17.75 21.79 -6.81
CA LEU I 43 16.28 21.82 -6.77
C LEU I 43 15.78 23.26 -6.67
N HIS I 44 16.24 24.10 -7.60
CA HIS I 44 15.61 25.39 -7.85
C HIS I 44 15.61 26.31 -6.63
N ASP I 45 16.22 25.86 -5.52
CA ASP I 45 16.24 26.64 -4.29
C ASP I 45 17.56 27.36 -4.05
N ARG I 46 18.66 26.81 -4.53
CA ARG I 46 19.96 27.50 -4.54
C ARG I 46 20.43 27.78 -5.96
N GLN I 47 19.57 27.56 -6.96
CA GLN I 47 19.90 27.89 -8.34
C GLN I 47 20.24 29.37 -8.49
N ARG I 48 19.32 30.24 -8.07
CA ARG I 48 19.53 31.68 -8.10
C ARG I 48 19.29 32.25 -6.71
N VAL I 49 20.18 33.14 -6.28
CA VAL I 49 20.06 33.81 -4.99
C VAL I 49 20.24 35.31 -5.21
N LEU I 50 19.73 36.09 -4.27
CA LEU I 50 19.83 37.55 -4.28
C LEU I 50 20.13 38.01 -2.86
N HIS I 51 20.95 39.06 -2.74
CA HIS I 51 21.26 39.59 -1.42
C HIS I 51 21.71 41.04 -1.52
N TRP I 52 21.38 41.81 -0.49
CA TRP I 52 21.80 43.20 -0.35
C TRP I 52 22.80 43.33 0.78
N ASP I 53 23.75 44.26 0.62
CA ASP I 53 24.74 44.55 1.64
C ASP I 53 24.72 46.03 1.98
N LEU I 54 25.27 46.37 3.14
CA LEU I 54 25.27 47.73 3.66
C LEU I 54 26.68 48.09 4.13
N ARG I 55 27.01 49.38 4.03
CA ARG I 55 28.28 49.90 4.51
C ARG I 55 28.04 51.14 5.34
N GLY I 56 28.87 51.32 6.37
CA GLY I 56 28.70 52.38 7.34
C GLY I 56 29.17 53.75 6.87
N PRO I 57 30.49 53.92 6.64
CA PRO I 57 31.58 52.94 6.73
C PRO I 57 31.94 52.55 8.16
N GLY I 60 35.11 48.94 4.67
CA GLY I 60 34.23 48.01 5.33
C GLY I 60 33.98 48.35 6.78
N PRO I 61 33.35 47.42 7.53
CA PRO I 61 32.89 46.13 7.01
C PRO I 61 31.48 46.19 6.41
N ALA I 62 31.25 45.38 5.39
CA ALA I 62 29.93 45.28 4.77
C ALA I 62 29.09 44.25 5.51
N ARG I 63 27.79 44.53 5.63
CA ARG I 63 26.88 43.69 6.39
C ARG I 63 25.72 43.24 5.51
N ARG I 64 25.34 41.98 5.64
CA ARG I 64 24.25 41.41 4.86
C ARG I 64 22.92 41.77 5.50
N LEU I 65 22.06 42.45 4.75
CA LEU I 65 20.77 42.90 5.28
C LEU I 65 19.70 41.83 5.14
N LEU I 66 19.59 41.22 3.96
CA LEU I 66 18.56 40.23 3.70
C LEU I 66 18.82 39.59 2.35
N ASP I 67 18.45 38.32 2.23
CA ASP I 67 18.65 37.56 1.00
C ASP I 67 17.33 36.97 0.52
N LEU I 68 17.33 36.54 -0.74
CA LEU I 68 16.14 35.99 -1.38
C LEU I 68 16.53 34.83 -2.27
N TYR I 69 15.78 33.73 -2.18
CA TYR I 69 15.94 32.59 -3.06
C TYR I 69 14.82 32.59 -4.10
N SER I 70 14.90 31.63 -5.02
CA SER I 70 13.94 31.53 -6.11
C SER I 70 12.66 30.79 -5.73
N ALA I 71 12.37 30.66 -4.43
CA ALA I 71 11.26 29.82 -3.98
C ALA I 71 10.11 30.63 -3.40
N GLY I 72 10.37 31.44 -2.37
CA GLY I 72 9.31 32.13 -1.65
C GLY I 72 9.79 33.40 -1.00
N GLU I 73 9.37 33.61 0.25
CA GLU I 73 9.63 34.86 0.94
C GLU I 73 11.11 35.00 1.29
N GLN I 74 11.45 36.12 1.91
CA GLN I 74 12.83 36.49 2.17
C GLN I 74 13.22 36.18 3.61
N ARG I 75 14.47 36.47 3.94
CA ARG I 75 15.01 36.26 5.28
C ARG I 75 15.85 37.47 5.64
N VAL I 76 15.45 38.19 6.68
CA VAL I 76 16.17 39.36 7.17
C VAL I 76 17.10 38.92 8.28
N TYR I 77 18.42 38.98 8.02
CA TYR I 77 19.40 38.48 8.98
C TYR I 77 19.38 39.25 10.29
N GLU I 78 18.92 40.49 10.28
CA GLU I 78 18.74 41.26 11.51
C GLU I 78 17.25 41.25 11.88
N ALA I 79 16.97 40.92 13.14
CA ALA I 79 15.58 40.81 13.59
C ALA I 79 14.92 42.17 13.77
N ARG I 80 15.69 43.19 14.16
CA ARG I 80 15.11 44.51 14.38
C ARG I 80 14.62 45.13 13.07
N ASP I 81 15.30 44.85 11.96
CA ASP I 81 14.92 45.39 10.66
C ASP I 81 13.75 44.65 10.03
N ARG I 82 13.26 43.57 10.66
CA ARG I 82 12.18 42.80 10.09
C ARG I 82 10.91 43.62 9.99
N GLY I 83 10.13 43.37 8.93
CA GLY I 83 8.89 44.08 8.68
C GLY I 83 9.04 45.49 8.17
N ARG I 84 10.23 46.08 8.27
CA ARG I 84 10.45 47.44 7.76
C ARG I 84 11.01 47.43 6.34
N LEU I 85 11.84 46.44 6.01
CA LEU I 85 12.32 46.27 4.64
C LEU I 85 11.42 45.28 3.92
N GLU I 86 11.16 45.55 2.65
CA GLU I 86 10.20 44.76 1.89
C GLU I 86 10.62 44.72 0.42
N LEU I 87 10.97 43.54 -0.06
CA LEU I 87 11.09 43.31 -1.50
C LEU I 87 9.78 42.71 -2.00
N SER I 88 9.61 42.75 -3.31
CA SER I 88 8.45 42.11 -3.92
C SER I 88 8.52 40.61 -3.69
N ALA I 89 7.61 40.07 -2.87
CA ALA I 89 7.59 38.63 -2.64
C ALA I 89 7.30 37.85 -3.91
N SER I 90 6.83 38.52 -4.96
CA SER I 90 6.61 37.92 -6.27
C SER I 90 7.55 38.55 -7.31
N ALA I 91 8.81 38.77 -6.92
CA ALA I 91 9.74 39.47 -7.79
C ALA I 91 10.17 38.61 -8.97
N PHE I 92 10.72 37.42 -8.70
CA PHE I 92 11.27 36.57 -9.74
C PHE I 92 10.22 36.19 -10.80
N ASP I 93 8.94 36.39 -10.50
CA ASP I 93 7.91 36.14 -11.51
C ASP I 93 7.93 37.20 -12.60
N ASP I 94 8.27 38.44 -12.24
CA ASP I 94 8.33 39.54 -13.21
C ASP I 94 9.60 40.38 -13.09
N GLY I 95 10.51 40.03 -12.19
CA GLY I 95 11.79 40.71 -12.09
C GLY I 95 11.73 42.13 -11.54
N ASN I 96 11.32 42.27 -10.29
CA ASN I 96 11.33 43.55 -9.59
C ASN I 96 12.02 43.33 -8.24
N PHE I 97 13.35 43.42 -8.24
CA PHE I 97 14.16 43.17 -7.06
C PHE I 97 14.38 44.43 -6.22
N SER I 98 13.52 45.43 -6.36
CA SER I 98 13.69 46.68 -5.63
C SER I 98 13.42 46.47 -4.14
N LEU I 99 14.05 47.31 -3.33
CA LEU I 99 13.95 47.25 -1.88
C LEU I 99 13.24 48.50 -1.37
N LEU I 100 12.16 48.30 -0.62
CA LEU I 100 11.38 49.39 -0.04
C LEU I 100 11.71 49.53 1.44
N ILE I 101 12.07 50.73 1.85
CA ILE I 101 12.33 51.05 3.25
C ILE I 101 11.18 51.95 3.71
N ARG I 102 10.23 51.37 4.43
CA ARG I 102 9.05 52.12 4.84
C ARG I 102 9.43 53.31 5.73
N ALA I 103 10.16 53.06 6.80
CA ALA I 103 10.58 54.09 7.74
C ALA I 103 12.09 54.21 7.69
N VAL I 104 12.59 55.25 7.03
CA VAL I 104 14.02 55.47 6.90
C VAL I 104 14.54 56.11 8.18
N GLU I 105 15.41 55.40 8.89
CA GLU I 105 16.09 55.92 10.06
C GLU I 105 17.51 56.35 9.69
N GLU I 106 18.10 57.19 10.54
CA GLU I 106 19.42 57.74 10.23
C GLU I 106 20.50 56.67 10.18
N THR I 107 20.28 55.52 10.83
CA THR I 107 21.24 54.42 10.75
C THR I 107 21.16 53.66 9.43
N ASP I 108 20.27 54.07 8.51
CA ASP I 108 20.18 53.47 7.19
C ASP I 108 21.07 54.17 6.17
N ALA I 109 21.77 55.22 6.57
CA ALA I 109 22.64 55.94 5.64
C ALA I 109 23.91 55.13 5.38
N GLY I 110 24.23 54.94 4.10
CA GLY I 110 25.42 54.19 3.75
C GLY I 110 25.44 53.85 2.27
N LEU I 111 26.01 52.69 1.97
CA LEU I 111 26.19 52.23 0.59
C LEU I 111 25.53 50.86 0.44
N TYR I 112 24.37 50.83 -0.20
CA TYR I 112 23.67 49.58 -0.48
C TYR I 112 24.14 49.02 -1.81
N THR I 113 24.10 47.69 -1.93
CA THR I 113 24.51 47.02 -3.16
C THR I 113 23.62 45.81 -3.40
N CYS I 114 23.09 45.73 -4.62
CA CYS I 114 22.20 44.64 -5.05
C CYS I 114 23.05 43.62 -5.80
N ASN I 115 23.24 42.44 -5.20
CA ASN I 115 24.10 41.40 -5.75
C ASN I 115 23.28 40.18 -6.14
N LEU I 116 23.56 39.63 -7.32
CA LEU I 116 22.83 38.49 -7.86
C LEU I 116 23.79 37.33 -8.13
N HIS I 117 23.24 36.11 -8.10
CA HIS I 117 24.00 34.91 -8.39
C HIS I 117 23.10 33.92 -9.13
N HIS I 118 23.70 33.20 -10.09
CA HIS I 118 22.99 32.31 -10.99
C HIS I 118 23.73 30.98 -11.10
N HIS I 119 23.99 30.34 -9.96
CA HIS I 119 24.82 29.14 -9.82
C HIS I 119 24.61 28.12 -10.93
N TYR I 120 23.42 28.08 -11.53
CA TYR I 120 23.19 27.29 -12.73
C TYR I 120 24.24 27.60 -13.79
N CYS I 121 24.30 28.86 -14.23
CA CYS I 121 25.19 29.27 -15.31
C CYS I 121 26.29 30.22 -14.85
N HIS I 122 26.44 30.41 -13.54
CA HIS I 122 27.58 31.13 -12.95
C HIS I 122 27.68 32.56 -13.47
N LEU I 123 26.64 33.33 -13.20
CA LEU I 123 26.56 34.73 -13.61
C LEU I 123 26.68 35.65 -12.40
N TYR I 124 26.82 36.94 -12.68
CA TYR I 124 26.98 37.95 -11.64
C TYR I 124 26.64 39.30 -12.25
N GLU I 125 25.64 39.99 -11.68
CA GLU I 125 25.24 41.32 -12.14
C GLU I 125 24.82 42.13 -10.91
N SER I 126 25.71 42.99 -10.45
CA SER I 126 25.47 43.80 -9.26
C SER I 126 25.28 45.27 -9.64
N LEU I 127 24.83 46.05 -8.66
CA LEU I 127 24.72 47.49 -8.81
C LEU I 127 24.75 48.12 -7.43
N ALA I 128 25.45 49.25 -7.31
CA ALA I 128 25.61 49.95 -6.05
C ALA I 128 24.74 51.18 -6.01
N VAL I 129 24.17 51.46 -4.83
CA VAL I 129 23.31 52.62 -4.62
C VAL I 129 23.59 53.18 -3.23
N ARG I 130 23.87 54.47 -3.16
CA ARG I 130 24.10 55.15 -1.90
C ARG I 130 22.80 55.80 -1.41
N LEU I 131 22.62 55.82 -0.11
CA LEU I 131 21.44 56.41 0.51
C LEU I 131 21.87 57.38 1.59
N GLU I 132 21.34 58.60 1.54
CA GLU I 132 21.62 59.63 2.54
C GLU I 132 20.32 60.01 3.24
N VAL I 133 20.42 60.24 4.54
CA VAL I 133 19.28 60.62 5.37
C VAL I 133 19.37 62.12 5.63
N THR I 134 18.50 62.88 4.99
CA THR I 134 18.41 64.32 5.23
C THR I 134 17.42 64.56 6.36
N ASP I 135 17.84 65.39 7.33
CA ASP I 135 16.98 65.66 8.48
C ASP I 135 15.71 66.39 8.08
N GLY I 136 15.75 67.14 6.97
CA GLY I 136 14.61 67.88 6.51
C GLY I 136 14.03 67.33 5.22
N PRO I 137 13.29 68.16 4.50
CA PRO I 137 12.67 67.74 3.24
C PRO I 137 13.71 67.36 2.20
N PRO I 138 13.28 66.87 1.02
CA PRO I 138 14.25 66.44 -0.01
C PRO I 138 15.34 67.46 -0.27
N ALA I 139 16.51 66.93 -0.67
CA ALA I 139 17.77 67.66 -0.72
C ALA I 139 18.47 67.38 -2.05
N THR I 140 17.77 67.65 -3.16
CA THR I 140 18.07 67.30 -4.56
C THR I 140 18.44 65.81 -4.61
N PRO I 141 17.42 64.94 -4.48
CA PRO I 141 17.68 63.54 -4.17
C PRO I 141 18.43 62.73 -5.22
N ALA I 142 17.92 62.66 -6.44
CA ALA I 142 18.38 61.68 -7.43
C ALA I 142 19.22 62.36 -8.50
N TYR I 143 20.37 61.78 -8.80
CA TYR I 143 21.29 62.29 -9.82
C TYR I 143 22.36 61.24 -10.08
N TRP I 144 23.37 61.61 -10.88
CA TRP I 144 24.57 60.81 -11.11
C TRP I 144 24.23 59.44 -11.73
N ASP I 145 23.73 59.51 -12.96
CA ASP I 145 23.46 58.28 -13.72
C ASP I 145 24.75 57.57 -14.13
N GLY I 146 25.75 58.34 -14.57
CA GLY I 146 26.99 57.77 -15.07
C GLY I 146 27.74 56.90 -14.08
N GLU I 147 27.37 56.94 -12.82
CA GLU I 147 27.97 56.09 -11.79
C GLU I 147 26.88 55.78 -10.76
N LYS I 148 27.29 55.38 -9.56
CA LYS I 148 26.34 55.01 -8.51
C LYS I 148 25.28 56.08 -8.31
N GLU I 149 24.03 55.65 -8.30
CA GLU I 149 22.90 56.55 -8.04
C GLU I 149 22.67 56.66 -6.54
N VAL I 150 22.53 57.90 -6.06
CA VAL I 150 22.32 58.16 -4.64
C VAL I 150 20.96 58.81 -4.47
N LEU I 151 20.21 58.35 -3.46
CA LEU I 151 18.90 58.90 -3.12
C LEU I 151 18.95 59.54 -1.75
N ALA I 152 18.46 60.77 -1.66
CA ALA I 152 18.30 61.46 -0.39
C ALA I 152 16.84 61.34 0.07
N VAL I 153 16.64 60.85 1.28
CA VAL I 153 15.32 60.59 1.83
C VAL I 153 15.21 61.22 3.20
N ALA I 154 14.05 61.80 3.49
CA ALA I 154 13.80 62.42 4.79
C ALA I 154 13.57 61.37 5.86
N ARG I 155 13.72 61.79 7.11
CA ARG I 155 13.56 60.90 8.25
C ARG I 155 12.13 60.37 8.32
N GLY I 156 11.99 59.05 8.24
CA GLY I 156 10.69 58.42 8.27
C GLY I 156 10.05 58.19 6.93
N ALA I 157 10.42 58.97 5.91
CA ALA I 157 9.83 58.82 4.59
C ALA I 157 10.27 57.52 3.95
N PRO I 158 9.46 56.97 3.03
CA PRO I 158 9.87 55.73 2.35
C PRO I 158 10.88 55.96 1.25
N ALA I 159 11.67 54.92 0.99
CA ALA I 159 12.72 54.94 -0.02
C ALA I 159 12.60 53.70 -0.90
N LEU I 160 12.65 53.90 -2.21
CA LEU I 160 12.51 52.82 -3.19
C LEU I 160 13.83 52.71 -3.96
N LEU I 161 14.66 51.75 -3.56
CA LEU I 161 15.97 51.54 -4.18
C LEU I 161 15.82 50.51 -5.29
N THR I 162 15.99 50.96 -6.53
CA THR I 162 15.63 50.13 -7.69
C THR I 162 16.76 49.16 -8.05
N CYS I 163 16.38 47.91 -8.28
CA CYS I 163 17.28 46.88 -8.80
C CYS I 163 16.42 45.94 -9.64
N VAL I 164 16.51 46.05 -10.96
CA VAL I 164 15.61 45.36 -11.87
C VAL I 164 16.42 44.71 -12.99
N ASN I 165 16.14 43.43 -13.24
CA ASN I 165 16.71 42.71 -14.38
C ASN I 165 15.60 41.87 -14.99
N ARG I 166 15.31 42.10 -16.27
CA ARG I 166 14.17 41.48 -16.94
C ARG I 166 14.58 40.37 -17.90
N GLY I 167 15.84 39.92 -17.86
CA GLY I 167 16.28 38.90 -18.77
C GLY I 167 15.64 37.55 -18.48
N HIS I 168 15.57 36.72 -19.53
CA HIS I 168 15.01 35.38 -19.38
C HIS I 168 15.83 34.53 -18.44
N VAL I 169 17.12 34.82 -18.30
CA VAL I 169 17.99 34.01 -17.45
C VAL I 169 17.58 34.12 -16.00
N TRP I 170 16.96 35.23 -15.60
CA TRP I 170 16.63 35.48 -14.20
C TRP I 170 15.17 35.18 -13.88
N THR I 171 14.23 35.81 -14.59
CA THR I 171 12.81 35.69 -14.28
C THR I 171 12.19 34.56 -15.10
N ASP I 172 12.51 33.33 -14.69
CA ASP I 172 12.01 32.14 -15.37
C ASP I 172 11.94 31.00 -14.37
N ARG I 173 10.74 30.74 -13.86
CA ARG I 173 10.46 29.51 -13.12
C ARG I 173 10.26 28.42 -14.17
N HIS I 174 11.35 27.80 -14.59
CA HIS I 174 11.40 27.08 -15.86
C HIS I 174 12.34 25.90 -15.71
N VAL I 175 12.85 25.41 -16.85
CA VAL I 175 13.53 24.12 -17.01
C VAL I 175 14.46 23.81 -15.84
N GLU I 176 14.41 22.56 -15.38
CA GLU I 176 15.00 22.18 -14.09
C GLU I 176 16.46 21.78 -14.26
N GLU I 177 17.32 22.80 -14.29
CA GLU I 177 18.73 22.79 -13.89
C GLU I 177 19.69 22.16 -14.91
N ALA I 178 19.25 21.56 -16.01
CA ALA I 178 20.19 20.75 -16.80
C ALA I 178 19.80 20.67 -18.27
N GLN I 179 20.65 21.25 -19.13
CA GLN I 179 20.75 20.86 -20.53
C GLN I 179 21.99 21.52 -21.12
N GLN I 180 22.97 20.69 -21.50
CA GLN I 180 24.20 21.14 -22.12
C GLN I 180 24.53 20.23 -23.29
N VAL I 181 25.53 20.65 -24.06
CA VAL I 181 26.00 19.89 -25.23
C VAL I 181 27.41 20.32 -25.60
N VAL I 182 28.29 19.34 -25.85
CA VAL I 182 29.66 19.58 -26.26
C VAL I 182 29.97 18.68 -27.45
N HIS I 183 30.35 19.29 -28.58
CA HIS I 183 30.75 18.57 -29.77
C HIS I 183 32.25 18.70 -29.99
N TRP I 184 32.86 17.65 -30.50
CA TRP I 184 34.27 17.65 -30.90
C TRP I 184 34.33 17.31 -32.38
N ASP I 185 34.73 18.29 -33.20
CA ASP I 185 34.76 18.13 -34.65
C ASP I 185 36.20 18.06 -35.14
N ARG I 186 36.36 17.44 -36.30
CA ARG I 186 37.67 17.22 -36.92
C ARG I 186 37.66 17.73 -38.35
N GLN I 187 38.78 18.30 -38.78
CA GLN I 187 38.94 18.79 -40.14
C GLN I 187 40.26 18.31 -40.71
N PRO I 188 40.25 17.39 -41.67
CA PRO I 188 41.49 17.06 -42.39
C PRO I 188 42.02 18.29 -43.13
N PRO I 189 43.29 18.29 -43.51
CA PRO I 189 43.89 19.51 -44.07
C PRO I 189 43.17 20.00 -45.31
N GLY I 190 42.96 21.32 -45.38
CA GLY I 190 42.35 21.96 -46.51
C GLY I 190 40.84 21.97 -46.54
N VAL I 191 40.18 21.28 -45.61
CA VAL I 191 38.72 21.19 -45.62
C VAL I 191 38.13 22.55 -45.26
N PRO I 192 37.11 23.02 -45.97
CA PRO I 192 36.53 24.34 -45.70
C PRO I 192 35.61 24.39 -44.49
N HIS I 193 35.62 23.37 -43.63
CA HIS I 193 34.91 23.36 -42.35
C HIS I 193 33.40 23.22 -42.55
N ASP I 194 32.95 23.25 -43.82
CA ASP I 194 31.52 23.18 -44.10
C ASP I 194 30.96 21.79 -43.79
N ARG I 195 31.74 20.75 -44.05
CA ARG I 195 31.34 19.37 -43.82
C ARG I 195 32.39 18.63 -43.01
N ALA I 196 32.83 19.25 -41.91
CA ALA I 196 33.87 18.68 -41.07
C ALA I 196 33.41 17.36 -40.44
N ASP I 197 34.38 16.53 -40.11
CA ASP I 197 34.10 15.23 -39.52
C ASP I 197 33.68 15.38 -38.06
N ARG I 198 32.71 14.55 -37.66
CA ARG I 198 32.22 14.52 -36.29
C ARG I 198 32.93 13.43 -35.51
N LEU I 199 33.39 13.75 -34.31
CA LEU I 199 34.19 12.82 -33.51
C LEU I 199 33.49 12.39 -32.23
N LEU I 200 33.06 13.33 -31.38
CA LEU I 200 32.52 12.99 -30.08
C LEU I 200 31.37 13.91 -29.70
N ASP I 201 30.42 13.37 -28.94
CA ASP I 201 29.32 14.11 -28.34
C ASP I 201 29.31 13.84 -26.84
N LEU I 202 29.07 14.90 -26.06
CA LEU I 202 28.95 14.78 -24.61
C LEU I 202 27.74 15.59 -24.18
N TYR I 203 26.79 14.92 -23.53
CA TYR I 203 25.52 15.53 -23.15
C TYR I 203 25.41 15.67 -21.63
N ALA I 204 24.40 16.42 -21.21
CA ALA I 204 24.23 16.74 -19.79
C ALA I 204 24.07 15.48 -18.95
N SER I 205 23.06 14.66 -19.28
CA SER I 205 22.88 13.39 -18.59
C SER I 205 23.95 12.38 -18.96
N GLY I 206 24.58 12.52 -20.13
CA GLY I 206 25.66 11.64 -20.53
C GLY I 206 25.32 10.75 -21.71
N GLU I 207 25.79 11.14 -22.89
CA GLU I 207 25.70 10.31 -24.10
C GLU I 207 27.03 10.43 -24.84
N ARG I 208 27.96 9.53 -24.53
CA ARG I 208 29.28 9.53 -25.16
C ARG I 208 29.17 8.93 -26.56
N ARG I 209 28.57 9.72 -27.45
CA ARG I 209 28.34 9.29 -28.83
C ARG I 209 29.65 9.40 -29.62
N ALA I 210 30.25 8.26 -29.92
CA ALA I 210 31.47 8.20 -30.71
C ALA I 210 31.10 7.95 -32.17
N TYR I 211 31.49 8.87 -33.05
CA TYR I 211 31.10 8.82 -34.45
C TYR I 211 32.21 8.30 -35.37
N GLY I 212 33.46 8.23 -34.91
CA GLY I 212 34.55 7.84 -35.76
C GLY I 212 34.55 6.34 -36.04
N PRO I 213 35.51 5.90 -36.84
CA PRO I 213 35.64 4.47 -37.12
C PRO I 213 36.06 3.71 -35.87
N LEU I 214 35.87 2.38 -35.93
CA LEU I 214 36.00 1.55 -34.74
C LEU I 214 37.40 1.60 -34.15
N PHE I 215 38.42 1.43 -34.98
CA PHE I 215 39.80 1.45 -34.49
C PHE I 215 40.35 2.87 -34.33
N LEU I 216 39.52 3.89 -34.52
CA LEU I 216 39.88 5.26 -34.13
C LEU I 216 39.32 5.63 -32.77
N ARG I 217 38.13 5.17 -32.43
CA ARG I 217 37.56 5.39 -31.10
C ARG I 217 38.04 4.32 -30.13
N ASP I 218 39.35 4.09 -30.13
CA ASP I 218 40.04 3.34 -29.10
C ASP I 218 41.14 4.14 -28.45
N ARG I 219 41.61 5.20 -29.10
CA ARG I 219 42.53 6.17 -28.52
C ARG I 219 41.90 7.53 -28.28
N VAL I 220 40.92 7.92 -29.10
CA VAL I 220 40.20 9.17 -28.92
C VAL I 220 39.21 8.97 -27.78
N ALA I 221 39.48 9.58 -26.63
CA ALA I 221 38.62 9.43 -25.47
C ALA I 221 38.72 10.69 -24.63
N VAL I 222 37.62 11.44 -24.55
CA VAL I 222 37.53 12.52 -23.58
C VAL I 222 37.69 11.93 -22.19
N GLY I 223 38.51 12.58 -21.37
CA GLY I 223 38.77 12.13 -20.02
C GLY I 223 37.51 11.71 -19.27
N ALA I 224 37.58 10.59 -18.56
CA ALA I 224 36.41 10.12 -17.82
C ALA I 224 36.00 11.13 -16.77
N ASP I 225 34.70 11.17 -16.49
CA ASP I 225 34.07 12.05 -15.50
C ASP I 225 34.11 13.52 -15.89
N ALA I 226 34.57 13.86 -17.09
CA ALA I 226 34.84 15.24 -17.46
C ALA I 226 33.56 15.96 -17.86
N PHE I 227 32.68 16.15 -16.87
CA PHE I 227 31.60 17.12 -16.99
C PHE I 227 31.34 17.85 -15.69
N GLU I 228 32.13 17.61 -14.65
CA GLU I 228 31.96 18.28 -13.37
C GLU I 228 33.20 19.04 -12.93
N ARG I 229 34.35 18.82 -13.57
CA ARG I 229 35.50 19.70 -13.43
C ARG I 229 35.52 20.78 -14.49
N GLY I 230 34.78 20.61 -15.58
CA GLY I 230 34.82 21.53 -16.69
C GLY I 230 36.00 21.37 -17.62
N ASP I 231 36.76 20.29 -17.49
CA ASP I 231 37.96 20.04 -18.28
C ASP I 231 37.65 18.93 -19.29
N PHE I 232 37.24 19.34 -20.49
CA PHE I 232 36.84 18.40 -21.54
C PHE I 232 38.00 18.03 -22.46
N SER I 233 39.22 18.02 -21.93
CA SER I 233 40.40 17.80 -22.77
C SER I 233 40.32 16.47 -23.50
N LEU I 234 40.56 16.51 -24.81
CA LEU I 234 40.56 15.31 -25.63
C LEU I 234 41.91 14.62 -25.53
N ARG I 235 41.89 13.30 -25.32
CA ARG I 235 43.11 12.52 -25.17
C ARG I 235 43.25 11.56 -26.35
N ILE I 236 44.48 11.46 -26.87
CA ILE I 236 44.83 10.54 -27.94
C ILE I 236 46.12 9.85 -27.52
N GLU I 237 46.05 8.54 -27.25
CA GLU I 237 47.20 7.87 -26.66
C GLU I 237 48.31 7.62 -27.70
N PRO I 238 48.06 6.92 -28.81
CA PRO I 238 49.03 6.97 -29.91
C PRO I 238 48.67 8.05 -30.93
N LEU I 239 49.70 8.72 -31.43
CA LEU I 239 49.53 9.79 -32.40
C LEU I 239 49.93 9.30 -33.78
N GLU I 240 48.94 9.14 -34.66
CA GLU I 240 49.21 8.85 -36.05
C GLU I 240 49.55 10.13 -36.79
N VAL I 241 50.44 10.01 -37.79
CA VAL I 241 50.81 11.17 -38.60
C VAL I 241 49.62 11.66 -39.41
N ALA I 242 48.70 10.77 -39.76
CA ALA I 242 47.50 11.14 -40.49
C ALA I 242 46.45 11.81 -39.63
N ASP I 243 46.65 11.86 -38.31
CA ASP I 243 45.70 12.50 -37.41
C ASP I 243 45.90 14.01 -37.31
N GLU I 244 46.87 14.58 -38.04
CA GLU I 244 47.07 16.01 -38.02
C GLU I 244 45.87 16.72 -38.65
N GLY I 245 45.57 17.90 -38.14
CA GLY I 245 44.47 18.69 -38.66
C GLY I 245 44.04 19.74 -37.67
N THR I 246 42.94 20.40 -38.00
CA THR I 246 42.37 21.47 -37.20
C THR I 246 41.13 20.92 -36.49
N TYR I 247 41.29 20.59 -35.21
CA TYR I 247 40.17 20.13 -34.41
C TYR I 247 39.46 21.33 -33.77
N SER I 248 38.17 21.17 -33.50
CA SER I 248 37.36 22.24 -32.93
C SER I 248 36.56 21.70 -31.76
N CYS I 249 36.76 22.29 -30.59
CA CYS I 249 36.00 21.95 -29.39
C CYS I 249 34.70 22.74 -29.40
N HIS I 250 33.73 22.23 -30.18
CA HIS I 250 32.46 22.92 -30.38
C HIS I 250 31.67 22.91 -29.08
N LEU I 251 31.58 24.07 -28.44
CA LEU I 251 30.81 24.25 -27.22
C LEU I 251 29.45 24.86 -27.53
N HIS I 252 28.47 24.53 -26.71
CA HIS I 252 27.12 25.04 -26.89
C HIS I 252 26.35 24.89 -25.58
N HIS I 253 25.79 25.99 -25.09
CA HIS I 253 24.91 25.95 -23.93
C HIS I 253 23.85 27.03 -24.16
N HIS I 254 22.74 26.64 -24.75
CA HIS I 254 21.63 27.56 -24.98
C HIS I 254 21.05 28.02 -23.65
N TYR I 255 20.19 29.04 -23.72
CA TYR I 255 19.50 29.63 -22.57
C TYR I 255 20.46 30.39 -21.66
N CYS I 256 21.78 30.36 -21.94
CA CYS I 256 22.75 31.08 -21.12
C CYS I 256 23.85 31.74 -21.94
N GLY I 257 23.78 31.72 -23.26
CA GLY I 257 24.77 32.39 -24.09
C GLY I 257 26.17 31.82 -23.99
N LEU I 258 26.32 30.56 -24.37
CA LEU I 258 27.62 29.88 -24.41
C LEU I 258 27.84 29.28 -25.79
N HIS I 259 27.70 30.09 -26.82
CA HIS I 259 27.99 29.58 -28.16
C HIS I 259 29.49 29.72 -28.43
N GLU I 260 30.30 29.18 -27.52
CA GLU I 260 31.75 29.25 -27.63
C GLU I 260 32.28 28.15 -28.56
N ARG I 261 33.53 28.32 -28.97
CA ARG I 261 34.22 27.30 -29.77
C ARG I 261 35.71 27.58 -29.73
N ARG I 262 36.49 26.61 -29.27
CA ARG I 262 37.95 26.69 -29.29
C ARG I 262 38.50 25.81 -30.41
N VAL I 263 39.59 26.28 -31.02
CA VAL I 263 40.20 25.60 -32.16
C VAL I 263 41.62 25.19 -31.77
N PHE I 264 42.09 24.10 -32.39
CA PHE I 264 43.43 23.59 -32.12
C PHE I 264 44.05 23.09 -33.42
N HIS I 265 45.33 23.41 -33.62
CA HIS I 265 46.10 22.97 -34.77
C HIS I 265 47.12 21.95 -34.29
N LEU I 266 46.91 20.69 -34.65
CA LEU I 266 47.76 19.58 -34.21
C LEU I 266 48.68 19.16 -35.33
N THR I 267 49.99 19.27 -35.10
CA THR I 267 51.01 18.84 -36.04
C THR I 267 51.92 17.82 -35.39
N VAL I 268 52.43 16.88 -36.20
CA VAL I 268 53.28 15.81 -35.72
C VAL I 268 54.54 15.77 -36.57
N ALA I 269 55.69 15.54 -35.92
CA ALA I 269 56.96 15.45 -36.63
C ALA I 269 57.76 14.25 -36.12
C1 NAG J . -7.89 -35.07 46.00
C2 NAG J . -9.36 -34.68 46.30
C3 NAG J . -10.26 -34.88 45.07
C4 NAG J . -9.65 -34.15 43.87
C5 NAG J . -8.24 -34.69 43.65
C6 NAG J . -7.55 -34.03 42.48
C7 NAG J . -9.45 -35.27 48.70
C8 NAG J . -10.10 -36.14 49.72
N2 NAG J . -9.88 -35.44 47.44
O3 NAG J . -11.53 -34.34 45.39
O4 NAG J . -10.34 -34.28 42.63
O5 NAG J . -7.46 -34.42 44.81
O6 NAG J . -7.56 -32.61 42.59
O7 NAG J . -8.59 -34.45 48.99
C1 NDG J . -11.71 -34.73 42.46
C2 NDG J . -11.76 -35.11 40.95
C3 NDG J . -12.81 -34.40 40.11
C4 NDG J . -14.10 -34.30 40.91
C5 NDG J . -13.79 -33.35 42.07
C6 NDG J . -14.98 -33.20 43.02
C7 NDG J . -9.57 -35.92 40.07
C8 NDG J . -8.35 -35.44 39.28
O5 NDG J . -12.67 -33.75 42.89
O3 NDG J . -13.02 -35.12 38.90
O4 NDG J . -15.05 -33.74 40.01
O6 NDG J . -16.20 -33.01 42.29
O7 NDG J . -9.68 -37.06 40.50
N2 NDG J . -10.49 -34.94 40.25
C1 NAG K . 54.54 -4.97 -21.56
C2 NAG K . 55.40 -4.58 -20.35
C3 NAG K . 55.12 -5.54 -19.19
C4 NAG K . 53.63 -5.65 -18.90
C5 NAG K . 52.84 -5.92 -20.18
C6 NAG K . 51.35 -5.80 -19.98
C7 NAG K . 57.41 -3.60 -21.38
C8 NAG K . 58.88 -3.76 -21.62
N2 NAG K . 56.82 -4.58 -20.69
O3 NAG K . 55.80 -5.06 -18.02
O4 NAG K . 53.37 -6.76 -18.05
O5 NAG K . 53.17 -4.96 -21.19
O6 NAG K . 51.03 -4.86 -18.97
O7 NAG K . 56.78 -2.63 -21.77
C1 NDG K . 53.23 -6.57 -16.60
C2 NDG K . 51.81 -7.12 -16.17
C3 NDG K . 51.28 -6.43 -14.91
C4 NDG K . 52.45 -6.10 -14.01
C5 NDG K . 53.24 -5.00 -14.70
C6 NDG K . 54.64 -4.78 -14.10
C7 NDG K . 50.34 -8.27 -17.80
C8 NDG K . 49.15 -8.04 -18.74
O5 NDG K . 53.40 -5.23 -16.13
O3 NDG K . 50.35 -7.30 -14.27
O4 NDG K . 51.88 -5.65 -12.78
O6 NDG K . 54.57 -4.08 -12.84
O7 NDG K . 50.90 -9.35 -17.69
N2 NDG K . 50.71 -7.14 -17.13
C1 NAG L . -38.03 -17.21 -42.31
C2 NAG L . -37.75 -15.99 -43.21
C3 NAG L . -36.25 -15.86 -43.53
C4 NAG L . -35.51 -15.74 -42.21
C5 NAG L . -35.69 -17.04 -41.43
C6 NAG L . -35.01 -17.01 -40.08
C7 NAG L . -39.70 -15.40 -44.59
C8 NAG L . -40.36 -15.56 -45.92
N2 NAG L . -38.53 -16.04 -44.44
O3 NAG L . -36.03 -14.72 -44.34
O4 NAG L . -34.17 -15.25 -42.29
O5 NAG L . -37.08 -17.24 -41.17
O6 NAG L . -34.94 -15.70 -39.55
O7 NAG L . -40.20 -14.73 -43.69
C1 NDG L . -33.21 -15.72 -43.27
C2 NDG L . -31.80 -15.71 -42.56
C3 NDG L . -30.93 -14.48 -42.85
C4 NDG L . -30.86 -14.24 -44.34
C5 NDG L . -32.29 -13.88 -44.75
C6 NDG L . -32.40 -13.61 -46.25
C7 NDG L . -31.83 -16.99 -40.42
C8 NDG L . -31.72 -16.79 -38.91
O5 NDG L . -33.22 -14.96 -44.51
O3 NDG L . -29.62 -14.70 -42.31
O4 NDG L . -29.96 -13.15 -44.51
O6 NDG L . -32.28 -12.23 -46.61
O7 NDG L . -31.99 -18.09 -40.95
N2 NDG L . -31.76 -15.82 -41.11
C1 NAG M . 14.99 -6.65 29.28
C2 NAG M . 15.65 -8.02 29.40
C3 NAG M . 16.78 -7.98 30.43
C4 NAG M . 17.77 -6.88 30.08
C5 NAG M . 17.04 -5.55 29.98
C6 NAG M . 17.94 -4.41 29.54
C7 NAG M . 14.11 -9.85 28.84
C8 NAG M . 13.13 -10.85 29.36
N2 NAG M . 14.68 -9.05 29.75
O3 NAG M . 17.44 -9.23 30.47
O4 NAG M . 18.78 -6.80 31.09
O5 NAG M . 15.99 -5.65 29.00
O6 NAG M . 17.23 -3.17 29.56
O7 NAG M . 14.38 -9.76 27.64
#